data_8VLS
#
_entry.id   8VLS
#
_cell.length_a   1.00
_cell.length_b   1.00
_cell.length_c   1.00
_cell.angle_alpha   90.00
_cell.angle_beta   90.00
_cell.angle_gamma   90.00
#
_symmetry.space_group_name_H-M   'P 1'
#
loop_
_entity.id
_entity.type
_entity.pdbx_description
1 polymer 'Transitional endoplasmic reticulum ATPase'
2 non-polymer (3R)-N-[2-(ethylsulfanyl)phenyl]-3-(1-oxo-1,3-dihydro-2H-isoindol-2-yl)butanamide
#
_entity_poly.entity_id   1
_entity_poly.type   'polypeptide(L)'
_entity_poly.pdbx_seq_one_letter_code
;MASGADSKGDDLSTAILKQKNRPNRLIVDEAINEDNSVVSLSQPKMDELQLFRGDTVLLKGKKRREAVCIVLSDDTCSDE
KIRMNRVVRNNLRVRLGDVISIQPCPDVKYGKRIHVLPIDDTVEGITGNLFEVYLKPYFLEAYRPIRKGDIFLVRGGMRA
VEFKVVETDPSPYCIVAPDTVIHCEGEPIKREDEEESLNEVGYDDIGGCRKQLAQIKEMVELPLRHPALFKAIGVKPPRG
ILLYGPPGTGKTLIARAVANETGAFFFLINGPEIMSKLAGESESNLRKAFEEAEKNAPAIIFIDELDAIAPKREKTHGEV
ERRIVSQLLTLMDGLKQRAHVIVMAATNRPNSIDPALRRFGRFDREVDIGIPDATGRLEILQIHTKNMKLADDVDLEQVA
NETHGHVGADLAALCSEAALQAIRKKMDLIDLEDETIDAEVMNSLAVTMDDFRWALSQSNPSALRETVVEVPQVTWEDIG
GLEDVKRELQELVQYPVEHPDKFLKFGMTPSKGVLFYGPPGCGKTLLAKAIANECQANFISIKGPELLTMWFGESEANVR
EIFDKARQAAPCVLFFDELDSIAKARGGNIGDGGGAADRVINQILTEMDGMSTKKNVFIIGATNRPDIIDPAILRPGRLD
QLIYIPLPDEKSRVAILKANLRKSPVAKDVDLEFLAKMTNGFSGADLTEICQRACKLAIRESIESEIRRERERQTNPSAM
EVEEDDPVPEIRRDHFEEAMRFARRSVSDNDIRKYEMFAQTLQQSRGFGSFRFPSGNQGGAGPSQGSGGGTGGSVYTEDN
DDDLYG
;
_entity_poly.pdbx_strand_id   A,B,C,D,E,F,G,H,I,J,K,L
#
loop_
_chem_comp.id
_chem_comp.type
_chem_comp.name
_chem_comp.formula
A1AC1 non-polymer (3R)-N-[2-(ethylsulfanyl)phenyl]-3-(1-oxo-1,3-dihydro-2H-isoindol-2-yl)butanamide 'C20 H22 N2 O2 S'
#
# COMPACT_ATOMS: atom_id res chain seq x y z
N GLU A 466 11.57 48.68 1.02
CA GLU A 466 10.13 48.55 1.10
C GLU A 466 9.52 48.42 -0.29
N THR A 467 8.19 48.42 -0.37
CA THR A 467 7.52 48.27 -1.65
C THR A 467 7.77 49.49 -2.52
N VAL A 468 7.96 49.26 -3.82
CA VAL A 468 8.14 50.31 -4.81
C VAL A 468 6.79 50.52 -5.47
N VAL A 469 6.24 51.72 -5.34
CA VAL A 469 4.95 52.05 -5.93
C VAL A 469 5.18 53.10 -7.01
N GLU A 470 5.38 52.67 -8.25
CA GLU A 470 5.75 53.58 -9.33
C GLU A 470 5.16 53.07 -10.63
N VAL A 471 4.91 54.00 -11.55
CA VAL A 471 4.33 53.69 -12.85
C VAL A 471 5.38 53.00 -13.72
N PRO A 472 5.12 51.77 -14.20
CA PRO A 472 6.14 51.09 -15.00
C PRO A 472 6.42 51.81 -16.31
N GLN A 473 7.66 51.64 -16.79
CA GLN A 473 8.08 52.23 -18.05
C GLN A 473 8.04 51.27 -19.22
N VAL A 474 8.05 49.96 -18.96
CA VAL A 474 7.87 49.01 -20.05
C VAL A 474 6.50 49.24 -20.70
N THR A 475 6.44 49.04 -22.01
CA THR A 475 5.24 49.31 -22.78
C THR A 475 4.79 48.05 -23.51
N TRP A 476 3.71 48.19 -24.28
CA TRP A 476 3.18 47.06 -25.03
C TRP A 476 4.16 46.59 -26.10
N GLU A 477 4.91 47.53 -26.68
CA GLU A 477 5.85 47.17 -27.75
C GLU A 477 6.93 46.20 -27.27
N ASP A 478 7.16 46.11 -25.96
CA ASP A 478 8.15 45.16 -25.45
C ASP A 478 7.69 43.73 -25.68
N ILE A 479 6.39 43.50 -25.77
CA ILE A 479 5.83 42.20 -26.12
C ILE A 479 4.90 42.42 -27.31
N GLY A 480 5.38 42.04 -28.51
CA GLY A 480 4.69 42.41 -29.72
C GLY A 480 3.34 41.74 -29.92
N GLY A 481 3.22 40.49 -29.51
CA GLY A 481 2.04 39.70 -29.77
C GLY A 481 0.99 39.82 -28.69
N LEU A 482 0.11 38.82 -28.64
CA LEU A 482 -0.93 38.74 -27.62
C LEU A 482 -1.85 39.96 -27.69
N GLU A 483 -2.31 40.27 -28.90
CA GLU A 483 -3.23 41.38 -29.08
C GLU A 483 -4.60 41.07 -28.49
N ASP A 484 -5.01 39.80 -28.54
CA ASP A 484 -6.31 39.43 -27.98
C ASP A 484 -6.34 39.67 -26.47
N VAL A 485 -5.34 39.15 -25.76
CA VAL A 485 -5.31 39.36 -24.31
C VAL A 485 -5.00 40.82 -24.01
N LYS A 486 -4.27 41.49 -24.89
CA LYS A 486 -4.03 42.92 -24.70
C LYS A 486 -5.35 43.70 -24.69
N ARG A 487 -6.22 43.43 -25.66
CA ARG A 487 -7.51 44.09 -25.69
C ARG A 487 -8.36 43.67 -24.50
N GLU A 488 -8.30 42.39 -24.13
CA GLU A 488 -9.09 41.92 -22.99
C GLU A 488 -8.67 42.62 -21.71
N LEU A 489 -7.37 42.86 -21.53
CA LEU A 489 -6.90 43.62 -20.39
C LEU A 489 -7.30 45.08 -20.49
N GLN A 490 -7.25 45.64 -21.70
CA GLN A 490 -7.64 47.04 -21.88
C GLN A 490 -9.08 47.25 -21.44
N GLU A 491 -9.96 46.31 -21.76
CA GLU A 491 -11.36 46.44 -21.38
C GLU A 491 -11.63 46.03 -19.94
N LEU A 492 -10.61 45.60 -19.20
CA LEU A 492 -10.78 45.22 -17.81
C LEU A 492 -10.21 46.23 -16.83
N VAL A 493 -9.26 47.05 -17.26
CA VAL A 493 -8.65 48.07 -16.40
C VAL A 493 -8.81 49.47 -16.98
N GLN A 494 -8.58 49.64 -18.28
CA GLN A 494 -8.63 50.98 -18.87
C GLN A 494 -10.07 51.47 -19.03
N TYR A 495 -11.03 50.56 -19.18
CA TYR A 495 -12.41 50.97 -19.43
C TYR A 495 -13.09 51.41 -18.15
N PRO A 496 -12.98 50.66 -17.04
CA PRO A 496 -13.59 51.14 -15.79
C PRO A 496 -13.05 52.49 -15.34
N VAL A 497 -11.80 52.79 -15.66
CA VAL A 497 -11.15 54.00 -15.17
C VAL A 497 -11.44 55.20 -16.07
N GLU A 498 -11.26 55.03 -17.38
CA GLU A 498 -11.49 56.15 -18.30
C GLU A 498 -12.97 56.51 -18.38
N HIS A 499 -13.86 55.51 -18.34
CA HIS A 499 -15.28 55.72 -18.61
C HIS A 499 -16.14 55.09 -17.51
N PRO A 500 -16.02 55.57 -16.27
CA PRO A 500 -16.98 55.13 -15.25
C PRO A 500 -18.40 55.53 -15.56
N ASP A 501 -18.59 56.65 -16.26
CA ASP A 501 -19.94 57.11 -16.60
C ASP A 501 -20.64 56.11 -17.51
N LYS A 502 -19.89 55.32 -18.26
CA LYS A 502 -20.49 54.23 -19.03
C LYS A 502 -20.84 53.05 -18.14
N PHE A 503 -20.05 52.78 -17.11
CA PHE A 503 -20.28 51.61 -16.28
C PHE A 503 -21.50 51.81 -15.38
N LEU A 504 -21.66 53.01 -14.81
CA LEU A 504 -22.85 53.23 -14.00
C LEU A 504 -24.10 53.43 -14.84
N LYS A 505 -23.95 53.59 -16.16
CA LYS A 505 -25.12 53.64 -17.04
C LYS A 505 -25.84 52.31 -17.06
N PHE A 506 -25.11 51.22 -17.29
CA PHE A 506 -25.68 49.89 -17.40
C PHE A 506 -25.73 49.15 -16.07
N GLY A 507 -25.30 49.79 -14.98
CA GLY A 507 -25.31 49.13 -13.69
C GLY A 507 -24.36 47.96 -13.58
N MET A 508 -23.41 47.84 -14.50
CA MET A 508 -22.44 46.75 -14.43
C MET A 508 -21.39 47.06 -13.38
N THR A 509 -21.04 46.04 -12.59
CA THR A 509 -19.97 46.17 -11.62
C THR A 509 -18.68 45.65 -12.25
N PRO A 510 -17.67 46.49 -12.47
CA PRO A 510 -16.45 45.99 -13.10
C PRO A 510 -15.77 44.94 -12.24
N SER A 511 -15.11 43.99 -12.90
CA SER A 511 -14.33 42.99 -12.19
C SER A 511 -13.06 43.62 -11.63
N LYS A 512 -12.66 43.18 -10.45
CA LYS A 512 -11.48 43.71 -9.77
C LYS A 512 -10.42 42.64 -9.57
N GLY A 513 -10.39 41.66 -10.46
CA GLY A 513 -9.42 40.58 -10.32
C GLY A 513 -9.18 39.82 -11.61
N VAL A 514 -7.94 39.39 -11.80
CA VAL A 514 -7.56 38.63 -12.98
C VAL A 514 -6.45 37.68 -12.57
N LEU A 515 -6.43 36.49 -13.18
CA LEU A 515 -5.42 35.47 -12.89
C LEU A 515 -4.71 35.12 -14.18
N PHE A 516 -3.43 35.47 -14.28
CA PHE A 516 -2.59 35.06 -15.38
C PHE A 516 -2.05 33.66 -15.10
N TYR A 517 -2.18 32.76 -16.07
CA TYR A 517 -1.59 31.43 -15.93
C TYR A 517 -0.99 31.02 -17.26
N GLY A 518 0.08 30.23 -17.17
CA GLY A 518 0.80 29.78 -18.34
C GLY A 518 2.19 29.32 -17.99
N PRO A 519 2.94 28.86 -19.00
CA PRO A 519 4.28 28.36 -18.74
C PRO A 519 5.23 29.45 -18.28
N PRO A 520 6.27 29.10 -17.53
CA PRO A 520 7.17 30.12 -16.99
C PRO A 520 7.88 30.90 -18.09
N GLY A 521 8.25 32.13 -17.77
CA GLY A 521 9.04 32.95 -18.67
C GLY A 521 8.31 33.36 -19.93
N CYS A 522 7.04 33.72 -19.83
CA CYS A 522 6.24 34.11 -20.97
C CYS A 522 5.87 35.58 -21.00
N GLY A 523 6.22 36.34 -19.96
CA GLY A 523 5.92 37.75 -19.92
C GLY A 523 4.71 38.13 -19.09
N LYS A 524 4.33 37.33 -18.10
CA LYS A 524 3.19 37.69 -17.27
C LYS A 524 3.48 38.95 -16.47
N THR A 525 4.65 39.02 -15.85
CA THR A 525 5.04 40.24 -15.15
C THR A 525 5.13 41.41 -16.11
N LEU A 526 5.71 41.17 -17.29
CA LEU A 526 5.77 42.23 -18.29
C LEU A 526 4.38 42.66 -18.71
N LEU A 527 3.44 41.72 -18.82
CA LEU A 527 2.07 42.08 -19.18
C LEU A 527 1.43 42.94 -18.10
N ALA A 528 1.63 42.59 -16.83
CA ALA A 528 1.07 43.39 -15.75
C ALA A 528 1.65 44.81 -15.77
N LYS A 529 2.96 44.91 -15.94
CA LYS A 529 3.59 46.22 -16.01
C LYS A 529 3.10 47.01 -17.22
N ALA A 530 2.91 46.34 -18.36
CA ALA A 530 2.45 47.03 -19.56
C ALA A 530 1.04 47.57 -19.38
N ILE A 531 0.14 46.77 -18.80
CA ILE A 531 -1.21 47.27 -18.60
C ILE A 531 -1.22 48.41 -17.58
N ALA A 532 -0.37 48.32 -16.56
CA ALA A 532 -0.26 49.44 -15.64
C ALA A 532 0.23 50.69 -16.35
N ASN A 533 1.20 50.54 -17.26
CA ASN A 533 1.72 51.68 -17.99
C ASN A 533 0.67 52.31 -18.90
N GLU A 534 -0.13 51.48 -19.57
CA GLU A 534 -1.11 52.01 -20.51
C GLU A 534 -2.12 52.90 -19.79
N CYS A 535 -2.56 52.48 -18.61
CA CYS A 535 -3.48 53.27 -17.81
C CYS A 535 -2.76 54.27 -16.93
N GLN A 536 -1.42 54.27 -16.91
CA GLN A 536 -0.65 55.15 -16.05
C GLN A 536 -1.02 54.96 -14.59
N ALA A 537 -1.31 53.70 -14.23
CA ALA A 537 -1.64 53.34 -12.87
C ALA A 537 -0.39 52.86 -12.15
N ASN A 538 -0.32 53.12 -10.84
CA ASN A 538 0.83 52.67 -10.08
C ASN A 538 0.89 51.15 -10.04
N PHE A 539 2.09 50.62 -9.93
CA PHE A 539 2.34 49.18 -9.94
C PHE A 539 2.97 48.77 -8.62
N ILE A 540 2.35 47.82 -7.94
CA ILE A 540 2.89 47.24 -6.72
C ILE A 540 3.09 45.75 -6.97
N SER A 541 4.30 45.26 -6.73
CA SER A 541 4.67 43.89 -7.05
C SER A 541 5.07 43.17 -5.77
N ILE A 542 4.34 42.10 -5.44
CA ILE A 542 4.65 41.23 -4.33
C ILE A 542 5.14 39.91 -4.89
N LYS A 543 6.29 39.46 -4.41
CA LYS A 543 6.94 38.27 -4.96
C LYS A 543 6.58 37.04 -4.15
N GLY A 544 6.87 35.87 -4.75
CA GLY A 544 6.65 34.61 -4.09
C GLY A 544 7.45 34.41 -2.82
N PRO A 545 8.75 34.74 -2.79
CA PRO A 545 9.48 34.65 -1.52
C PRO A 545 8.84 35.46 -0.41
N GLU A 546 8.30 36.65 -0.72
CA GLU A 546 7.63 37.43 0.30
C GLU A 546 6.39 36.69 0.82
N LEU A 547 5.62 36.10 -0.08
CA LEU A 547 4.44 35.35 0.31
C LEU A 547 4.83 34.18 1.21
N LEU A 548 5.88 33.46 0.83
CA LEU A 548 6.30 32.29 1.60
C LEU A 548 6.90 32.68 2.95
N THR A 549 7.55 33.85 3.05
CA THR A 549 8.03 34.26 4.35
C THR A 549 6.92 34.73 5.26
N MET A 550 5.87 35.35 4.72
CA MET A 550 4.69 35.58 5.54
C MET A 550 4.06 34.27 5.98
N TRP A 551 4.02 33.28 5.09
CA TRP A 551 3.44 31.98 5.45
C TRP A 551 4.25 31.33 6.57
N PHE A 552 5.56 31.21 6.39
CA PHE A 552 6.41 30.58 7.39
C PHE A 552 6.52 31.40 8.65
N GLY A 553 6.50 32.73 8.53
CA GLY A 553 6.58 33.61 9.68
C GLY A 553 5.44 33.39 10.65
N SER A 555 3.30 35.59 10.46
CA SER A 555 3.35 37.02 10.21
C SER A 555 2.57 37.37 8.96
N GLU A 556 1.31 36.94 8.92
CA GLU A 556 0.47 37.14 7.74
C GLU A 556 -0.30 38.46 7.76
N ALA A 557 -0.19 39.25 8.82
CA ALA A 557 -0.93 40.50 8.91
C ALA A 557 -0.31 41.61 8.08
N ASN A 558 0.85 41.36 7.45
CA ASN A 558 1.47 42.38 6.61
C ASN A 558 0.68 42.57 5.33
N VAL A 559 -0.14 41.59 4.97
CA VAL A 559 -0.98 41.66 3.78
C VAL A 559 -1.91 42.85 3.89
N ARG A 560 -2.43 43.10 5.09
CA ARG A 560 -3.36 44.19 5.29
C ARG A 560 -2.70 45.53 4.96
N GLU A 561 -1.46 45.72 5.41
CA GLU A 561 -0.79 46.99 5.12
C GLU A 561 -0.35 47.06 3.67
N ILE A 562 -0.08 45.91 3.04
CA ILE A 562 0.20 45.92 1.61
C ILE A 562 -1.02 46.43 0.85
N PHE A 563 -2.19 45.90 1.19
CA PHE A 563 -3.41 46.35 0.53
C PHE A 563 -3.70 47.82 0.86
N ASP A 564 -3.35 48.25 2.07
CA ASP A 564 -3.50 49.66 2.43
C ASP A 564 -2.63 50.54 1.56
N LYS A 565 -1.37 50.13 1.34
CA LYS A 565 -0.49 50.87 0.45
C LYS A 565 -1.08 50.95 -0.95
N ALA A 566 -1.64 49.84 -1.44
CA ALA A 566 -2.31 49.88 -2.72
C ALA A 566 -3.48 50.85 -2.71
N ARG A 567 -4.25 50.84 -1.61
CA ARG A 567 -5.42 51.72 -1.48
C ARG A 567 -5.02 53.18 -1.51
N GLN A 568 -3.86 53.53 -0.95
CA GLN A 568 -3.44 54.92 -0.94
C GLN A 568 -3.33 55.47 -2.36
N ALA A 569 -2.80 54.67 -3.28
CA ALA A 569 -2.77 55.04 -4.70
C ALA A 569 -4.00 54.43 -5.37
N ALA A 570 -4.98 55.28 -5.71
CA ALA A 570 -6.22 54.75 -6.26
C ALA A 570 -6.00 53.99 -7.56
N PRO A 571 -5.31 54.53 -8.56
CA PRO A 571 -5.07 53.75 -9.78
C PRO A 571 -3.88 52.82 -9.60
N CYS A 572 -4.13 51.65 -9.02
CA CYS A 572 -3.08 50.72 -8.66
C CYS A 572 -3.37 49.34 -9.24
N VAL A 573 -2.37 48.76 -9.88
CA VAL A 573 -2.43 47.38 -10.34
C VAL A 573 -1.62 46.57 -9.34
N LEU A 574 -2.29 46.06 -8.32
CA LEU A 574 -1.64 45.16 -7.38
C LEU A 574 -1.35 43.83 -8.06
N PHE A 575 -0.10 43.38 -7.97
CA PHE A 575 0.35 42.20 -8.70
C PHE A 575 0.97 41.21 -7.75
N PHE A 576 0.33 40.06 -7.58
CA PHE A 576 0.84 38.96 -6.76
C PHE A 576 1.49 37.95 -7.70
N ASP A 577 2.81 37.82 -7.60
CA ASP A 577 3.56 36.94 -8.48
C ASP A 577 3.71 35.56 -7.85
N GLU A 578 3.56 34.52 -8.67
CA GLU A 578 3.57 33.13 -8.24
C GLU A 578 2.85 32.96 -6.91
N LEU A 579 1.57 33.33 -6.86
CA LEU A 579 0.80 33.13 -5.64
C LEU A 579 0.53 31.65 -5.37
N ASP A 580 0.84 30.77 -6.31
CA ASP A 580 0.79 29.33 -6.05
C ASP A 580 1.96 28.85 -5.22
N SER A 581 2.87 29.74 -4.83
CA SER A 581 4.07 29.34 -4.12
C SER A 581 3.73 28.68 -2.79
N ILE A 582 2.71 29.18 -2.11
CA ILE A 582 2.35 28.61 -0.81
C ILE A 582 1.90 27.17 -0.98
N ALA A 583 1.06 26.91 -1.98
CA ALA A 583 0.59 25.54 -2.22
C ALA A 583 1.73 24.65 -2.69
N LYS A 584 2.66 25.20 -3.47
CA LYS A 584 3.83 24.43 -3.88
C LYS A 584 4.66 24.02 -2.67
N ALA A 585 4.88 24.94 -1.74
CA ALA A 585 5.66 24.65 -0.54
C ALA A 585 4.91 23.75 0.43
N ARG A 586 3.58 23.75 0.39
CA ARG A 586 2.78 22.90 1.26
C ARG A 586 2.58 21.50 0.70
N GLY A 587 3.00 21.26 -0.54
CA GLY A 587 2.86 19.95 -1.16
C GLY A 587 3.93 19.67 -2.18
N GLY A 594 -3.52 17.71 4.48
CA GLY A 594 -4.47 18.80 4.53
C GLY A 594 -5.00 19.18 3.15
N GLY A 595 -5.90 20.16 3.13
CA GLY A 595 -6.50 20.63 1.91
C GLY A 595 -5.94 21.98 1.48
N ALA A 596 -6.48 22.47 0.37
CA ALA A 596 -6.04 23.74 -0.22
C ALA A 596 -6.52 24.88 0.66
N ALA A 597 -5.63 25.40 1.51
CA ALA A 597 -5.92 26.54 2.35
C ALA A 597 -4.65 26.96 3.07
N ASP A 598 -4.53 28.27 3.32
CA ASP A 598 -3.36 28.82 3.97
C ASP A 598 -3.77 30.11 4.65
N ARG A 599 -3.19 30.37 5.82
CA ARG A 599 -3.58 31.56 6.58
C ARG A 599 -3.34 32.83 5.78
N VAL A 600 -2.19 32.91 5.10
CA VAL A 600 -1.90 34.09 4.29
C VAL A 600 -2.91 34.22 3.16
N ILE A 601 -3.24 33.10 2.50
CA ILE A 601 -4.18 33.16 1.39
C ILE A 601 -5.56 33.57 1.88
N ASN A 602 -5.99 33.05 3.02
CA ASN A 602 -7.30 33.43 3.53
C ASN A 602 -7.33 34.90 3.92
N GLN A 603 -6.24 35.41 4.50
CA GLN A 603 -6.21 36.83 4.83
C GLN A 603 -6.21 37.69 3.57
N ILE A 604 -5.52 37.23 2.53
CA ILE A 604 -5.59 37.91 1.25
C ILE A 604 -7.03 37.95 0.75
N LEU A 605 -7.75 36.83 0.88
CA LEU A 605 -9.14 36.79 0.44
C LEU A 605 -10.01 37.74 1.26
N THR A 606 -9.77 37.81 2.57
CA THR A 606 -10.51 38.73 3.41
C THR A 606 -10.27 40.17 2.96
N GLU A 607 -9.02 40.52 2.69
CA GLU A 607 -8.72 41.87 2.21
C GLU A 607 -9.35 42.12 0.85
N MET A 608 -9.37 41.11 -0.01
CA MET A 608 -9.98 41.25 -1.33
C MET A 608 -11.47 41.54 -1.20
N ASP A 609 -12.17 40.76 -0.39
CA ASP A 609 -13.59 40.99 -0.20
C ASP A 609 -13.85 42.36 0.43
N GLY A 610 -13.02 42.73 1.42
CA GLY A 610 -13.21 44.00 2.09
C GLY A 610 -13.02 45.20 1.19
N MET A 611 -12.25 45.07 0.11
CA MET A 611 -12.00 46.20 -0.77
C MET A 611 -13.32 46.76 -1.27
N SER A 612 -13.46 48.08 -1.19
CA SER A 612 -14.72 48.72 -1.54
C SER A 612 -15.13 48.43 -2.97
N THR A 613 -14.16 48.31 -3.87
CA THR A 613 -14.33 48.19 -5.32
C THR A 613 -14.68 49.54 -5.94
N LYS A 614 -14.95 50.58 -5.16
CA LYS A 614 -15.08 51.92 -5.71
C LYS A 614 -13.73 52.49 -6.10
N LYS A 615 -12.70 52.16 -5.33
CA LYS A 615 -11.34 52.55 -5.70
C LYS A 615 -10.95 51.89 -7.02
N ASN A 616 -9.92 52.43 -7.64
CA ASN A 616 -9.39 51.87 -8.88
C ASN A 616 -8.33 50.80 -8.62
N VAL A 617 -8.35 50.17 -7.45
CA VAL A 617 -7.37 49.12 -7.16
C VAL A 617 -7.80 47.85 -7.89
N PHE A 618 -6.92 47.36 -8.76
CA PHE A 618 -7.20 46.21 -9.60
C PHE A 618 -6.11 45.17 -9.36
N ILE A 619 -6.51 43.96 -9.01
CA ILE A 619 -5.57 42.92 -8.58
C ILE A 619 -5.30 41.98 -9.74
N ILE A 620 -4.03 41.64 -9.92
CA ILE A 620 -3.60 40.66 -10.91
C ILE A 620 -2.72 39.64 -10.22
N GLY A 621 -2.97 38.37 -10.49
CA GLY A 621 -2.16 37.31 -9.92
C GLY A 621 -1.63 36.38 -10.99
N ALA A 622 -0.31 36.18 -11.02
CA ALA A 622 0.33 35.34 -12.01
C ALA A 622 0.69 34.00 -11.40
N THR A 623 0.40 32.93 -12.12
CA THR A 623 0.62 31.58 -11.62
C THR A 623 1.19 30.72 -12.74
N ASN A 624 2.02 29.75 -12.37
CA ASN A 624 2.49 28.74 -13.29
C ASN A 624 1.78 27.40 -13.11
N ARG A 625 1.11 27.19 -11.99
CA ARG A 625 0.45 25.93 -11.66
C ARG A 625 -0.96 26.22 -11.18
N PRO A 626 -1.84 26.63 -12.09
CA PRO A 626 -3.23 26.92 -11.68
C PRO A 626 -3.96 25.70 -11.15
N ASP A 627 -3.47 24.51 -11.44
CA ASP A 627 -4.17 23.30 -11.00
C ASP A 627 -4.14 23.15 -9.48
N ILE A 628 -3.14 23.71 -8.82
CA ILE A 628 -3.01 23.58 -7.36
C ILE A 628 -3.48 24.82 -6.63
N ILE A 629 -3.87 25.87 -7.35
CA ILE A 629 -4.38 27.06 -6.68
C ILE A 629 -5.60 26.69 -5.84
N ASP A 630 -5.71 27.31 -4.68
CA ASP A 630 -6.87 27.08 -3.83
C ASP A 630 -8.12 27.56 -4.58
N PRO A 631 -9.17 26.75 -4.67
CA PRO A 631 -10.39 27.22 -5.35
C PRO A 631 -11.02 28.44 -4.71
N ALA A 632 -10.69 28.72 -3.44
CA ALA A 632 -11.24 29.89 -2.79
C ALA A 632 -10.94 31.16 -3.57
N ILE A 633 -9.76 31.24 -4.19
CA ILE A 633 -9.37 32.44 -4.90
C ILE A 633 -10.23 32.65 -6.14
N LEU A 634 -10.56 31.58 -6.86
CA LEU A 634 -11.25 31.68 -8.13
C LEU A 634 -12.75 31.73 -7.87
N ARG A 635 -13.31 32.93 -7.89
CA ARG A 635 -14.72 33.13 -7.56
C ARG A 635 -15.11 34.57 -7.83
N PRO A 636 -16.38 34.86 -8.14
CA PRO A 636 -16.77 36.26 -8.32
C PRO A 636 -16.45 37.09 -7.08
N GLY A 637 -16.04 38.32 -7.31
CA GLY A 637 -15.53 39.17 -6.25
C GLY A 637 -14.07 38.93 -5.93
N ARG A 638 -13.41 38.02 -6.64
CA ARG A 638 -12.01 37.70 -6.42
C ARG A 638 -11.39 37.52 -7.80
N LEU A 639 -10.23 36.88 -7.86
CA LEU A 639 -9.64 36.62 -9.17
C LEU A 639 -10.53 35.65 -9.92
N ASP A 640 -11.32 36.16 -10.86
CA ASP A 640 -12.30 35.37 -11.59
C ASP A 640 -11.95 35.22 -13.07
N GLN A 641 -11.51 36.29 -13.71
CA GLN A 641 -11.09 36.21 -15.10
C GLN A 641 -9.76 35.50 -15.18
N LEU A 642 -9.77 34.26 -15.65
CA LEU A 642 -8.55 33.49 -15.87
C LEU A 642 -8.11 33.68 -17.32
N ILE A 643 -6.88 34.16 -17.51
CA ILE A 643 -6.36 34.48 -18.82
C ILE A 643 -5.15 33.60 -19.08
N TYR A 644 -5.11 32.96 -20.26
CA TYR A 644 -4.03 32.08 -20.63
C TYR A 644 -2.99 32.85 -21.45
N ILE A 645 -1.74 32.74 -21.05
CA ILE A 645 -0.63 33.39 -21.75
C ILE A 645 0.26 32.30 -22.31
N PRO A 646 0.13 31.97 -23.59
CA PRO A 646 0.93 30.89 -24.18
C PRO A 646 2.33 31.37 -24.53
N LEU A 647 3.12 30.46 -25.08
CA LEU A 647 4.46 30.81 -25.50
C LEU A 647 4.42 31.81 -26.65
N PRO A 648 5.44 32.66 -26.78
CA PRO A 648 5.42 33.66 -27.85
C PRO A 648 5.35 33.03 -29.23
N ASP A 649 4.66 33.71 -30.14
CA ASP A 649 4.66 33.33 -31.54
C ASP A 649 5.75 34.12 -32.26
N GLU A 650 5.88 33.88 -33.58
CA GLU A 650 7.04 34.42 -34.30
C GLU A 650 7.09 35.93 -34.21
N LYS A 651 5.96 36.61 -34.40
CA LYS A 651 5.94 38.06 -34.30
C LYS A 651 6.27 38.50 -32.87
N SER A 652 5.68 37.83 -31.88
CA SER A 652 6.02 38.13 -30.50
C SER A 652 7.48 37.83 -30.22
N ARG A 653 8.02 36.77 -30.82
CA ARG A 653 9.42 36.43 -30.59
C ARG A 653 10.34 37.52 -31.13
N VAL A 654 10.06 38.02 -32.34
CA VAL A 654 10.91 39.05 -32.90
C VAL A 654 10.78 40.34 -32.09
N ALA A 655 9.56 40.63 -31.59
CA ALA A 655 9.42 41.80 -30.72
C ALA A 655 10.22 41.65 -29.44
N ILE A 656 10.19 40.46 -28.84
CA ILE A 656 10.94 40.22 -27.61
C ILE A 656 12.43 40.31 -27.86
N LEU A 657 12.89 39.90 -29.04
CA LEU A 657 14.29 40.07 -29.38
C LEU A 657 14.64 41.55 -29.54
N LYS A 658 13.85 42.27 -30.34
CA LYS A 658 14.12 43.68 -30.58
C LYS A 658 14.22 44.43 -29.26
N ALA A 659 13.21 44.29 -28.40
CA ALA A 659 13.40 44.67 -27.02
C ALA A 659 14.41 43.73 -26.39
N ASN A 660 15.17 44.23 -25.42
CA ASN A 660 16.13 43.40 -24.70
C ASN A 660 17.34 43.10 -25.58
N LEU A 661 17.27 43.41 -26.88
CA LEU A 661 18.46 43.40 -27.72
C LEU A 661 18.81 44.76 -28.27
N ARG A 662 17.84 45.66 -28.44
CA ARG A 662 18.12 46.95 -29.05
C ARG A 662 19.09 47.77 -28.22
N LYS A 663 19.16 47.53 -26.90
CA LYS A 663 20.09 48.27 -26.06
C LYS A 663 21.53 48.01 -26.52
N SER A 664 21.88 46.75 -26.72
CA SER A 664 23.23 46.41 -27.11
C SER A 664 23.49 46.85 -28.54
N PRO A 665 24.76 47.04 -28.91
CA PRO A 665 25.09 47.36 -30.30
C PRO A 665 25.12 46.13 -31.17
N VAL A 666 24.14 46.00 -32.06
CA VAL A 666 24.05 44.89 -33.00
C VAL A 666 24.11 45.46 -34.41
N ALA A 667 24.90 44.83 -35.27
CA ALA A 667 25.12 45.31 -36.62
C ALA A 667 25.33 44.09 -37.52
N LYS A 668 25.89 44.33 -38.71
CA LYS A 668 26.05 43.30 -39.72
C LYS A 668 24.68 42.94 -40.28
N ASP A 669 24.48 41.68 -40.65
CA ASP A 669 23.22 41.20 -41.20
C ASP A 669 22.53 40.25 -40.24
N VAL A 670 22.56 40.55 -38.96
CA VAL A 670 21.82 39.75 -37.98
C VAL A 670 20.33 39.91 -38.29
N ASP A 671 19.71 38.83 -38.74
CA ASP A 671 18.29 38.83 -39.10
C ASP A 671 17.53 38.32 -37.88
N LEU A 672 17.07 39.25 -37.05
CA LEU A 672 16.26 38.86 -35.91
C LEU A 672 14.99 38.13 -36.36
N GLU A 673 14.51 38.43 -37.56
CA GLU A 673 13.37 37.69 -38.10
C GLU A 673 13.74 36.22 -38.31
N PHE A 674 14.95 35.95 -38.79
CA PHE A 674 15.38 34.58 -38.96
C PHE A 674 15.44 33.84 -37.63
N LEU A 675 15.99 34.49 -36.60
CA LEU A 675 16.01 33.87 -35.27
C LEU A 675 14.60 33.62 -34.77
N ALA A 676 13.70 34.57 -34.98
CA ALA A 676 12.32 34.36 -34.57
C ALA A 676 11.72 33.16 -35.27
N LYS A 677 11.98 33.01 -36.57
CA LYS A 677 11.48 31.85 -37.30
C LYS A 677 12.04 30.56 -36.73
N MET A 678 13.35 30.53 -36.46
CA MET A 678 13.99 29.28 -36.04
C MET A 678 13.52 28.87 -34.64
N THR A 679 13.53 29.80 -33.70
CA THR A 679 13.10 29.52 -32.34
C THR A 679 11.59 29.42 -32.31
N ASN A 680 11.06 28.22 -32.14
CA ASN A 680 9.62 27.98 -32.20
C ASN A 680 9.02 27.61 -30.86
N GLY A 681 9.63 26.69 -30.13
CA GLY A 681 9.17 26.33 -28.81
C GLY A 681 9.79 27.15 -27.70
N PHE A 682 10.54 28.19 -28.03
CA PHE A 682 11.24 28.99 -27.05
C PHE A 682 10.28 29.96 -26.36
N SER A 683 10.65 30.33 -25.14
CA SER A 683 9.92 31.31 -24.34
C SER A 683 10.73 32.60 -24.28
N GLY A 684 10.16 33.61 -23.63
CA GLY A 684 10.88 34.86 -23.46
C GLY A 684 12.19 34.69 -22.73
N ALA A 685 12.20 33.84 -21.71
CA ALA A 685 13.42 33.61 -20.94
C ALA A 685 14.50 32.98 -21.81
N ASP A 686 14.12 32.07 -22.72
CA ASP A 686 15.11 31.44 -23.58
C ASP A 686 15.74 32.46 -24.52
N LEU A 687 14.93 33.35 -25.09
CA LEU A 687 15.49 34.39 -25.96
C LEU A 687 16.35 35.36 -25.17
N THR A 688 15.95 35.68 -23.94
CA THR A 688 16.79 36.51 -23.10
C THR A 688 18.15 35.85 -22.87
N GLU A 689 18.12 34.55 -22.57
CA GLU A 689 19.37 33.83 -22.34
C GLU A 689 20.24 33.82 -23.59
N ILE A 690 19.63 33.65 -24.77
CA ILE A 690 20.41 33.58 -25.98
C ILE A 690 21.05 34.93 -26.30
N CYS A 691 20.29 36.02 -26.13
CA CYS A 691 20.85 37.34 -26.35
C CYS A 691 21.97 37.64 -25.36
N GLN A 692 21.78 37.25 -24.10
CA GLN A 692 22.83 37.47 -23.11
C GLN A 692 24.08 36.66 -23.43
N ARG A 693 23.89 35.44 -23.93
CA ARG A 693 25.04 34.63 -24.32
C ARG A 693 25.79 35.28 -25.47
N ALA A 694 25.07 35.83 -26.45
CA ALA A 694 25.74 36.52 -27.55
C ALA A 694 26.51 37.73 -27.05
N CYS A 695 25.90 38.51 -26.16
CA CYS A 695 26.59 39.67 -25.60
C CYS A 695 27.84 39.24 -24.85
N LYS A 696 27.75 38.16 -24.07
CA LYS A 696 28.90 37.69 -23.31
C LYS A 696 30.01 37.21 -24.23
N LEU A 697 29.65 36.54 -25.33
CA LEU A 697 30.66 36.14 -26.29
C LEU A 697 31.36 37.34 -26.91
N ALA A 698 30.59 38.37 -27.26
CA ALA A 698 31.20 39.59 -27.79
C ALA A 698 32.13 40.22 -26.78
N ILE A 699 31.71 40.28 -25.51
CA ILE A 699 32.55 40.86 -24.47
C ILE A 699 33.84 40.08 -24.33
N ARG A 700 33.74 38.75 -24.34
CA ARG A 700 34.94 37.92 -24.22
C ARG A 700 35.89 38.17 -25.39
N GLU A 701 35.36 38.23 -26.60
CA GLU A 701 36.22 38.50 -27.76
C GLU A 701 36.89 39.85 -27.64
N SER A 702 36.13 40.88 -27.25
CA SER A 702 36.71 42.21 -27.11
C SER A 702 37.80 42.23 -26.05
N ILE A 703 37.57 41.59 -24.91
CA ILE A 703 38.57 41.55 -23.85
C ILE A 703 39.84 40.86 -24.37
N GLU A 704 39.67 39.70 -25.01
CA GLU A 704 40.84 39.01 -25.56
C GLU A 704 41.58 39.91 -26.53
N SER A 705 40.86 40.71 -27.31
CA SER A 705 41.50 41.64 -28.22
C SER A 705 42.31 42.68 -27.45
N GLU A 706 41.74 43.25 -26.39
CA GLU A 706 42.47 44.23 -25.60
C GLU A 706 43.68 43.60 -24.93
N ILE A 707 43.47 42.47 -24.25
CA ILE A 707 44.55 41.77 -23.57
C ILE A 707 45.36 40.97 -24.59
N PRO A 727 38.08 47.91 -30.53
CA PRO A 727 37.33 47.66 -31.76
C PRO A 727 36.13 46.77 -31.51
N VAL A 728 35.63 46.13 -32.56
CA VAL A 728 34.48 45.22 -32.49
C VAL A 728 33.39 45.84 -31.63
N PRO A 729 32.90 47.03 -31.96
CA PRO A 729 31.89 47.69 -31.12
C PRO A 729 30.47 47.20 -31.37
N GLU A 730 30.31 46.06 -32.03
CA GLU A 730 29.00 45.53 -32.37
C GLU A 730 29.03 44.01 -32.24
N ILE A 731 27.84 43.43 -32.00
CA ILE A 731 27.67 41.99 -31.89
C ILE A 731 27.50 41.44 -33.29
N ARG A 732 28.51 40.78 -33.82
CA ARG A 732 28.48 40.28 -35.18
C ARG A 732 27.57 39.05 -35.28
N ARG A 733 27.30 38.64 -36.52
CA ARG A 733 26.48 37.46 -36.74
C ARG A 733 27.13 36.22 -36.11
N ASP A 734 28.45 36.09 -36.27
CA ASP A 734 29.14 34.93 -35.73
C ASP A 734 28.80 34.71 -34.26
N HIS A 735 28.71 35.80 -33.48
CA HIS A 735 28.38 35.67 -32.07
C HIS A 735 27.01 35.02 -31.91
N PHE A 736 26.01 35.48 -32.66
CA PHE A 736 24.68 34.92 -32.53
C PHE A 736 24.62 33.47 -32.99
N GLU A 737 25.23 33.16 -34.12
CA GLU A 737 25.17 31.79 -34.63
C GLU A 737 26.03 30.83 -33.81
N GLU A 738 26.96 31.34 -33.01
CA GLU A 738 27.68 30.50 -32.07
C GLU A 738 26.93 30.35 -30.76
N ALA A 739 26.19 31.37 -30.34
CA ALA A 739 25.36 31.26 -29.16
C ALA A 739 24.13 30.40 -29.40
N MET A 740 23.68 30.29 -30.65
CA MET A 740 22.47 29.53 -30.93
C MET A 740 22.64 28.06 -30.55
N ARG A 741 23.80 27.48 -30.85
CA ARG A 741 23.96 26.04 -30.65
C ARG A 741 23.89 25.66 -29.18
N PHE A 742 24.04 26.62 -28.27
CA PHE A 742 23.80 26.39 -26.85
C PHE A 742 22.36 26.69 -26.45
N ALA A 743 21.54 27.14 -27.39
CA ALA A 743 20.16 27.50 -27.08
C ALA A 743 19.38 26.26 -26.64
N ARG A 744 18.61 26.42 -25.57
CA ARG A 744 17.83 25.34 -24.99
C ARG A 744 16.43 25.84 -24.68
N ARG A 745 15.45 24.95 -24.82
CA ARG A 745 14.07 25.27 -24.50
C ARG A 745 13.77 24.93 -23.05
N SER A 746 13.10 25.84 -22.36
CA SER A 746 12.87 25.68 -20.93
C SER A 746 11.62 24.85 -20.64
N VAL A 747 10.60 24.97 -21.48
CA VAL A 747 9.32 24.31 -21.26
C VAL A 747 9.20 23.15 -22.24
N SER A 748 9.08 21.94 -21.70
CA SER A 748 8.90 20.76 -22.53
C SER A 748 7.48 20.71 -23.07
N ASP A 749 7.32 20.08 -24.23
CA ASP A 749 6.02 20.06 -24.88
C ASP A 749 4.97 19.32 -24.06
N ASN A 750 5.39 18.50 -23.09
CA ASN A 750 4.42 17.89 -22.19
C ASN A 750 3.74 18.93 -21.32
N ASP A 751 4.52 19.86 -20.75
CA ASP A 751 3.94 20.94 -19.96
C ASP A 751 3.06 21.82 -20.83
N ILE A 752 3.49 22.09 -22.07
CA ILE A 752 2.66 22.88 -22.97
C ILE A 752 1.34 22.16 -23.22
N ARG A 753 1.38 20.85 -23.39
CA ARG A 753 0.16 20.08 -23.59
C ARG A 753 -0.74 20.19 -22.35
N LYS A 754 -0.16 20.11 -21.17
CA LYS A 754 -0.96 20.23 -19.96
C LYS A 754 -1.62 21.60 -19.85
N TYR A 755 -0.87 22.66 -20.16
CA TYR A 755 -1.45 24.00 -20.11
C TYR A 755 -2.56 24.15 -21.14
N GLU A 756 -2.37 23.59 -22.33
CA GLU A 756 -3.42 23.64 -23.33
C GLU A 756 -4.66 22.87 -22.88
N MET A 757 -4.46 21.74 -22.22
CA MET A 757 -5.58 20.98 -21.69
C MET A 757 -6.35 21.79 -20.66
N PHE A 758 -5.62 22.49 -19.77
CA PHE A 758 -6.28 23.36 -18.81
C PHE A 758 -7.06 24.46 -19.50
N ALA A 759 -6.44 25.12 -20.47
CA ALA A 759 -7.10 26.22 -21.17
C ALA A 759 -8.36 25.75 -21.87
N GLN A 760 -8.31 24.57 -22.49
CA GLN A 760 -9.51 24.02 -23.13
C GLN A 760 -10.56 23.69 -22.08
N THR A 761 -10.16 23.15 -20.93
CA THR A 761 -11.12 22.86 -19.88
C THR A 761 -11.81 24.13 -19.40
N LEU A 762 -11.12 25.27 -19.44
CA LEU A 762 -11.74 26.54 -19.09
C LEU A 762 -12.53 27.15 -20.22
N GLN A 763 -12.52 26.54 -21.40
CA GLN A 763 -13.28 27.06 -22.54
C GLN A 763 -14.75 27.22 -22.17
N GLY A 767 -20.93 23.18 -27.19
CA GLY A 767 -21.79 24.11 -26.48
C GLY A 767 -22.87 24.70 -27.37
N PHE A 768 -23.29 25.92 -27.04
CA PHE A 768 -24.34 26.58 -27.81
C PHE A 768 -23.88 26.88 -29.23
N GLY A 769 -22.72 27.51 -29.38
CA GLY A 769 -22.12 27.72 -30.68
C GLY A 769 -22.84 28.74 -31.51
N SER A 770 -24.12 28.47 -31.80
CA SER A 770 -24.96 29.37 -32.59
C SER A 770 -26.30 29.48 -31.88
N PHE A 771 -26.40 30.39 -30.93
CA PHE A 771 -27.63 30.69 -30.22
C PHE A 771 -28.23 31.96 -30.81
N ARG A 772 -29.48 31.88 -31.25
CA ARG A 772 -30.16 33.01 -31.85
C ARG A 772 -31.56 33.13 -31.26
N PHE A 773 -32.03 34.36 -31.15
CA PHE A 773 -33.37 34.60 -30.64
C PHE A 773 -34.40 34.15 -31.66
N PRO A 774 -35.63 33.85 -31.21
CA PRO A 774 -36.62 33.32 -32.15
C PRO A 774 -36.91 34.26 -33.31
N SER A 775 -36.81 35.57 -33.09
CA SER A 775 -37.05 36.53 -34.16
C SER A 775 -38.46 36.38 -34.74
N GLU B 466 -16.19 46.20 10.72
CA GLU B 466 -16.79 45.24 11.64
C GLU B 466 -18.04 44.61 11.02
N THR B 467 -18.76 43.84 11.81
CA THR B 467 -19.96 43.17 11.31
C THR B 467 -21.04 44.18 10.99
N VAL B 468 -21.73 43.97 9.89
CA VAL B 468 -22.87 44.79 9.47
C VAL B 468 -24.14 44.10 9.96
N VAL B 469 -24.92 44.81 10.77
CA VAL B 469 -26.16 44.27 11.30
C VAL B 469 -27.31 45.12 10.80
N GLU B 470 -27.91 44.72 9.67
CA GLU B 470 -28.92 45.54 9.03
C GLU B 470 -29.94 44.62 8.36
N VAL B 471 -31.18 45.12 8.23
CA VAL B 471 -32.25 44.38 7.60
C VAL B 471 -32.01 44.33 6.09
N PRO B 472 -31.92 43.15 5.48
CA PRO B 472 -31.64 43.09 4.04
C PRO B 472 -32.78 43.68 3.22
N GLN B 473 -32.42 44.20 2.06
CA GLN B 473 -33.39 44.78 1.14
C GLN B 473 -33.82 43.83 0.04
N VAL B 474 -33.02 42.80 -0.26
CA VAL B 474 -33.46 41.80 -1.23
C VAL B 474 -34.73 41.13 -0.72
N THR B 475 -35.61 40.79 -1.65
CA THR B 475 -36.91 40.22 -1.32
C THR B 475 -37.05 38.85 -1.95
N TRP B 476 -38.24 38.25 -1.76
CA TRP B 476 -38.49 36.93 -2.32
C TRP B 476 -38.53 36.96 -3.84
N GLU B 477 -39.01 38.05 -4.43
CA GLU B 477 -39.13 38.12 -5.88
C GLU B 477 -37.78 38.04 -6.58
N ASP B 478 -36.68 38.25 -5.87
CA ASP B 478 -35.37 38.12 -6.50
C ASP B 478 -35.14 36.69 -7.00
N ILE B 479 -35.72 35.71 -6.31
CA ILE B 479 -35.77 34.34 -6.80
C ILE B 479 -37.23 33.89 -6.78
N GLY B 480 -37.81 33.72 -7.97
CA GLY B 480 -39.23 33.46 -8.06
C GLY B 480 -39.66 32.06 -7.68
N GLY B 481 -38.73 31.11 -7.72
CA GLY B 481 -39.03 29.72 -7.42
C GLY B 481 -38.83 29.38 -5.96
N LEU B 482 -38.69 28.08 -5.71
CA LEU B 482 -38.43 27.58 -4.36
C LEU B 482 -39.55 28.03 -3.40
N GLU B 483 -40.77 28.06 -3.91
CA GLU B 483 -41.90 28.39 -3.05
C GLU B 483 -42.07 27.39 -1.93
N ASP B 484 -41.73 26.13 -2.17
CA ASP B 484 -41.85 25.11 -1.12
C ASP B 484 -40.91 25.43 0.05
N VAL B 485 -39.62 25.64 -0.24
CA VAL B 485 -38.69 25.96 0.82
C VAL B 485 -38.98 27.34 1.37
N LYS B 486 -39.54 28.24 0.55
CA LYS B 486 -39.95 29.53 1.06
C LYS B 486 -41.00 29.37 2.16
N ARG B 487 -42.01 28.54 1.91
CA ARG B 487 -43.02 28.29 2.93
C ARG B 487 -42.42 27.59 4.14
N GLU B 488 -41.52 26.64 3.91
CA GLU B 488 -40.89 25.94 5.02
C GLU B 488 -40.11 26.91 5.91
N LEU B 489 -39.40 27.85 5.30
CA LEU B 489 -38.70 28.88 6.07
C LEU B 489 -39.68 29.79 6.79
N GLN B 490 -40.77 30.15 6.12
CA GLN B 490 -41.77 31.01 6.75
C GLN B 490 -42.28 30.37 8.03
N GLU B 491 -42.58 29.07 8.00
CA GLU B 491 -43.07 28.39 9.18
C GLU B 491 -41.97 28.12 10.19
N LEU B 492 -40.72 28.43 9.88
CA LEU B 492 -39.61 28.16 10.78
C LEU B 492 -39.03 29.41 11.44
N VAL B 493 -39.25 30.59 10.86
CA VAL B 493 -38.76 31.85 11.43
C VAL B 493 -39.90 32.83 11.66
N GLN B 494 -40.79 32.97 10.68
CA GLN B 494 -41.86 33.96 10.80
C GLN B 494 -42.97 33.52 11.74
N TYR B 495 -43.12 32.22 11.97
CA TYR B 495 -44.20 31.75 12.81
C TYR B 495 -43.85 31.88 14.29
N PRO B 496 -42.66 31.47 14.72
CA PRO B 496 -42.29 31.69 16.13
C PRO B 496 -42.32 33.14 16.55
N VAL B 497 -42.05 34.06 15.63
CA VAL B 497 -41.91 35.48 15.99
C VAL B 497 -43.26 36.19 15.98
N GLU B 498 -44.06 36.01 14.92
CA GLU B 498 -45.35 36.67 14.85
C GLU B 498 -46.32 36.10 15.87
N HIS B 499 -46.27 34.79 16.12
CA HIS B 499 -47.27 34.11 16.95
C HIS B 499 -46.61 33.25 18.00
N PRO B 500 -45.86 33.86 18.92
CA PRO B 500 -45.34 33.08 20.07
C PRO B 500 -46.44 32.51 20.93
N ASP B 501 -47.58 33.20 21.04
CA ASP B 501 -48.68 32.72 21.87
C ASP B 501 -49.18 31.37 21.41
N LYS B 502 -49.22 31.15 20.09
CA LYS B 502 -49.60 29.84 19.58
C LYS B 502 -48.58 28.77 19.94
N PHE B 503 -47.30 29.12 19.87
CA PHE B 503 -46.27 28.14 20.20
C PHE B 503 -46.33 27.72 21.66
N LEU B 504 -46.56 28.68 22.56
CA LEU B 504 -46.67 28.31 23.97
C LEU B 504 -47.99 27.62 24.28
N LYS B 505 -48.97 27.68 23.37
CA LYS B 505 -50.22 26.96 23.58
C LYS B 505 -50.01 25.45 23.51
N PHE B 506 -49.28 24.98 22.50
CA PHE B 506 -49.05 23.55 22.30
C PHE B 506 -47.78 23.07 22.97
N GLY B 507 -47.03 23.94 23.64
CA GLY B 507 -45.78 23.54 24.24
C GLY B 507 -44.69 23.19 23.26
N MET B 508 -44.90 23.47 21.97
CA MET B 508 -43.88 23.20 20.97
C MET B 508 -42.71 24.16 21.16
N THR B 509 -41.50 23.61 21.09
CA THR B 509 -40.30 24.44 21.17
C THR B 509 -39.80 24.69 19.75
N PRO B 510 -39.80 25.93 19.26
CA PRO B 510 -39.35 26.17 17.89
C PRO B 510 -37.88 25.80 17.70
N SER B 511 -37.56 25.33 16.51
CA SER B 511 -36.18 25.06 16.16
C SER B 511 -35.42 26.36 15.94
N LYS B 512 -34.15 26.37 16.37
CA LYS B 512 -33.31 27.55 16.28
C LYS B 512 -32.17 27.38 15.28
N GLY B 513 -32.29 26.44 14.36
CA GLY B 513 -31.22 26.19 13.42
C GLY B 513 -31.67 25.51 12.15
N VAL B 514 -31.11 25.95 11.02
CA VAL B 514 -31.38 25.36 9.72
C VAL B 514 -30.08 25.32 8.93
N LEU B 515 -29.87 24.24 8.19
CA LEU B 515 -28.68 24.08 7.36
C LEU B 515 -29.10 24.05 5.90
N PHE B 516 -28.58 24.99 5.12
CA PHE B 516 -28.79 25.00 3.67
C PHE B 516 -27.66 24.24 3.00
N TYR B 517 -28.01 23.30 2.12
CA TYR B 517 -27.01 22.59 1.35
C TYR B 517 -27.48 22.48 -0.09
N GLY B 518 -26.52 22.48 -1.01
CA GLY B 518 -26.80 22.41 -2.42
C GLY B 518 -25.61 22.86 -3.24
N PRO B 519 -25.75 22.80 -4.57
CA PRO B 519 -24.63 23.18 -5.43
C PRO B 519 -24.32 24.66 -5.31
N PRO B 520 -23.08 25.07 -5.58
CA PRO B 520 -22.72 26.47 -5.42
C PRO B 520 -23.50 27.39 -6.35
N GLY B 521 -23.66 28.64 -5.91
CA GLY B 521 -24.29 29.65 -6.73
C GLY B 521 -25.76 29.42 -7.00
N CYS B 522 -26.50 28.98 -5.99
CA CYS B 522 -27.93 28.71 -6.14
C CYS B 522 -28.82 29.71 -5.41
N GLY B 523 -28.24 30.61 -4.64
CA GLY B 523 -29.01 31.60 -3.91
C GLY B 523 -29.23 31.30 -2.45
N LYS B 524 -28.31 30.57 -1.80
CA LYS B 524 -28.47 30.30 -0.38
C LYS B 524 -28.33 31.57 0.45
N THR B 525 -27.31 32.36 0.16
CA THR B 525 -27.17 33.66 0.84
C THR B 525 -28.37 34.54 0.54
N LEU B 526 -28.81 34.55 -0.71
CA LEU B 526 -29.99 35.32 -1.07
C LEU B 526 -31.22 34.83 -0.32
N LEU B 527 -31.34 33.51 -0.15
CA LEU B 527 -32.47 32.97 0.60
C LEU B 527 -32.43 33.43 2.06
N ALA B 528 -31.26 33.39 2.68
CA ALA B 528 -31.14 33.86 4.05
C ALA B 528 -31.52 35.33 4.17
N LYS B 529 -31.02 36.15 3.25
CA LYS B 529 -31.36 37.57 3.27
C LYS B 529 -32.85 37.78 3.05
N ALA B 530 -33.46 37.00 2.16
CA ALA B 530 -34.89 37.15 1.89
C ALA B 530 -35.72 36.80 3.10
N ILE B 531 -35.40 35.70 3.78
CA ILE B 531 -36.17 35.33 4.96
C ILE B 531 -35.97 36.37 6.05
N ALA B 532 -34.76 36.90 6.19
CA ALA B 532 -34.56 37.98 7.15
C ALA B 532 -35.40 39.20 6.79
N ASN B 533 -35.51 39.50 5.49
CA ASN B 533 -36.28 40.66 5.08
C ASN B 533 -37.77 40.48 5.34
N GLU B 534 -38.29 39.27 5.11
CA GLU B 534 -39.72 39.06 5.30
C GLU B 534 -40.14 39.32 6.73
N CYS B 535 -39.34 38.87 7.70
CA CYS B 535 -39.62 39.10 9.10
C CYS B 535 -39.02 40.41 9.61
N GLN B 536 -38.32 41.15 8.75
CA GLN B 536 -37.65 42.39 9.16
C GLN B 536 -36.69 42.15 10.31
N ALA B 537 -36.03 40.99 10.29
CA ALA B 537 -35.04 40.64 11.29
C ALA B 537 -33.65 41.06 10.81
N ASN B 538 -32.82 41.49 11.74
CA ASN B 538 -31.46 41.89 11.38
C ASN B 538 -30.69 40.69 10.83
N PHE B 539 -29.80 40.96 9.90
CA PHE B 539 -29.01 39.93 9.23
C PHE B 539 -27.54 40.13 9.57
N ILE B 540 -26.92 39.09 10.13
CA ILE B 540 -25.49 39.09 10.40
C ILE B 540 -24.88 37.97 9.57
N SER B 541 -23.90 38.32 8.74
CA SER B 541 -23.28 37.39 7.81
C SER B 541 -21.82 37.17 8.18
N ILE B 542 -21.46 35.92 8.43
CA ILE B 542 -20.08 35.53 8.71
C ILE B 542 -19.59 34.70 7.54
N LYS B 543 -18.44 35.07 6.99
CA LYS B 543 -17.94 34.45 5.78
C LYS B 543 -17.01 33.30 6.12
N GLY B 544 -16.74 32.46 5.11
CA GLY B 544 -15.80 31.36 5.25
C GLY B 544 -14.38 31.79 5.53
N PRO B 545 -13.84 32.78 4.83
CA PRO B 545 -12.50 33.27 5.19
C PRO B 545 -12.41 33.70 6.65
N GLU B 546 -13.47 34.31 7.19
CA GLU B 546 -13.45 34.70 8.59
C GLU B 546 -13.35 33.48 9.50
N LEU B 547 -14.12 32.43 9.19
CA LEU B 547 -14.05 31.20 9.96
C LEU B 547 -12.66 30.59 9.87
N LEU B 548 -12.09 30.54 8.67
CA LEU B 548 -10.77 29.94 8.51
C LEU B 548 -9.69 30.74 9.20
N THR B 549 -9.84 32.06 9.29
CA THR B 549 -8.82 32.85 9.99
C THR B 549 -8.96 32.69 11.51
N MET B 550 -10.18 32.57 12.03
CA MET B 550 -10.28 32.27 13.46
C MET B 550 -9.77 30.87 13.75
N TRP B 551 -9.91 29.94 12.79
CA TRP B 551 -9.36 28.60 12.97
C TRP B 551 -7.84 28.63 12.98
N PHE B 552 -7.24 29.26 11.96
CA PHE B 552 -5.79 29.31 11.87
C PHE B 552 -5.18 30.14 12.99
N GLY B 553 -5.84 31.23 13.37
CA GLY B 553 -5.36 32.07 14.45
C GLY B 553 -5.21 31.32 15.75
N SER B 555 -7.44 31.85 17.76
CA SER B 555 -8.25 33.03 18.06
C SER B 555 -9.73 32.72 17.82
N GLU B 556 -10.22 31.66 18.44
CA GLU B 556 -11.59 31.21 18.23
C GLU B 556 -12.59 31.84 19.19
N ALA B 557 -12.12 32.63 20.17
CA ALA B 557 -13.01 33.24 21.14
C ALA B 557 -13.84 34.38 20.54
N ASN B 558 -13.55 34.78 19.30
CA ASN B 558 -14.35 35.83 18.66
C ASN B 558 -15.77 35.36 18.39
N VAL B 559 -15.99 34.05 18.37
CA VAL B 559 -17.30 33.47 18.13
C VAL B 559 -18.26 33.96 19.21
N ARG B 560 -17.77 34.01 20.46
CA ARG B 560 -18.63 34.42 21.56
C ARG B 560 -19.12 35.84 21.37
N GLU B 561 -18.23 36.75 20.94
CA GLU B 561 -18.66 38.12 20.74
C GLU B 561 -19.54 38.26 19.50
N ILE B 562 -19.32 37.42 18.50
CA ILE B 562 -20.22 37.42 17.34
C ILE B 562 -21.63 37.05 17.79
N PHE B 563 -21.75 35.99 18.59
CA PHE B 563 -23.06 35.59 19.08
C PHE B 563 -23.64 36.64 20.01
N ASP B 564 -22.79 37.35 20.76
CA ASP B 564 -23.26 38.44 21.60
C ASP B 564 -23.86 39.56 20.75
N LYS B 565 -23.17 39.92 19.67
CA LYS B 565 -23.71 40.91 18.75
C LYS B 565 -25.06 40.48 18.21
N ALA B 566 -25.18 39.20 17.84
CA ALA B 566 -26.48 38.70 17.40
C ALA B 566 -27.52 38.80 18.50
N ARG B 567 -27.15 38.46 19.73
CA ARG B 567 -28.07 38.49 20.85
C ARG B 567 -28.55 39.91 21.15
N GLN B 568 -27.71 40.91 20.87
CA GLN B 568 -28.14 42.29 21.10
C GLN B 568 -29.37 42.63 20.29
N ALA B 569 -29.42 42.18 19.03
CA ALA B 569 -30.60 42.33 18.19
C ALA B 569 -31.44 41.07 18.31
N ALA B 570 -32.57 41.16 19.00
CA ALA B 570 -33.38 39.96 19.23
C ALA B 570 -33.86 39.32 17.94
N PRO B 571 -34.47 40.04 17.01
CA PRO B 571 -34.88 39.40 15.73
C PRO B 571 -33.71 39.35 14.75
N CYS B 572 -32.87 38.32 14.90
CA CYS B 572 -31.65 38.22 14.12
C CYS B 572 -31.58 36.87 13.43
N VAL B 573 -31.16 36.89 12.16
CA VAL B 573 -30.89 35.68 11.40
C VAL B 573 -29.36 35.60 11.27
N LEU B 574 -28.74 34.91 12.21
CA LEU B 574 -27.30 34.68 12.12
C LEU B 574 -27.02 33.70 10.99
N PHE B 575 -26.08 34.06 10.11
CA PHE B 575 -25.85 33.29 8.90
C PHE B 575 -24.36 32.96 8.79
N PHE B 576 -24.02 31.68 8.95
CA PHE B 576 -22.66 31.19 8.78
C PHE B 576 -22.55 30.63 7.37
N ASP B 577 -21.73 31.25 6.54
CA ASP B 577 -21.63 30.86 5.15
C ASP B 577 -20.43 29.95 4.95
N GLU B 578 -20.60 28.94 4.09
CA GLU B 578 -19.63 27.86 3.90
C GLU B 578 -18.95 27.48 5.22
N LEU B 579 -19.77 27.09 6.19
CA LEU B 579 -19.22 26.64 7.46
C LEU B 579 -18.46 25.32 7.32
N ASP B 580 -18.55 24.66 6.17
CA ASP B 580 -17.71 23.50 5.90
C ASP B 580 -16.30 23.89 5.50
N SER B 581 -15.98 25.17 5.49
CA SER B 581 -14.67 25.63 5.04
C SER B 581 -13.57 25.07 5.92
N ILE B 582 -13.81 24.98 7.22
CA ILE B 582 -12.79 24.46 8.13
C ILE B 582 -12.48 23.01 7.80
N ALA B 583 -13.52 22.20 7.59
CA ALA B 583 -13.30 20.80 7.25
C ALA B 583 -12.63 20.66 5.89
N LYS B 584 -12.99 21.53 4.94
CA LYS B 584 -12.33 21.51 3.64
C LYS B 584 -10.84 21.81 3.77
N ALA B 585 -10.49 22.80 4.59
CA ALA B 585 -9.10 23.17 4.79
C ALA B 585 -8.35 22.13 5.61
N ARG B 586 -9.04 21.36 6.42
CA ARG B 586 -8.42 20.31 7.23
C ARG B 586 -8.25 19.00 6.46
N GLY B 587 -8.79 18.90 5.26
CA GLY B 587 -8.65 17.69 4.46
C GLY B 587 -8.89 17.93 2.98
N GLY B 594 -7.38 12.00 11.86
CA GLY B 594 -8.10 13.09 12.47
C GLY B 594 -9.58 13.09 12.12
N GLY B 595 -10.43 13.17 13.14
CA GLY B 595 -11.87 13.14 12.96
C GLY B 595 -12.45 14.52 12.71
N ALA B 596 -13.76 14.54 12.50
CA ALA B 596 -14.49 15.77 12.23
C ALA B 596 -14.64 16.54 13.53
N ALA B 597 -13.76 17.50 13.76
CA ALA B 597 -13.81 18.34 14.96
C ALA B 597 -12.82 19.48 14.79
N ASP B 598 -13.25 20.68 15.16
CA ASP B 598 -12.42 21.86 15.04
C ASP B 598 -12.67 22.77 16.24
N ARG B 599 -11.63 23.51 16.62
CA ARG B 599 -11.75 24.38 17.79
C ARG B 599 -12.88 25.39 17.59
N VAL B 600 -12.90 26.06 16.45
CA VAL B 600 -13.92 27.05 16.18
C VAL B 600 -15.29 26.41 16.11
N ILE B 601 -15.39 25.23 15.48
CA ILE B 601 -16.68 24.57 15.36
C ILE B 601 -17.21 24.17 16.73
N ASN B 602 -16.34 23.62 17.59
CA ASN B 602 -16.81 23.23 18.91
C ASN B 602 -17.21 24.45 19.73
N GLN B 603 -16.47 25.55 19.61
CA GLN B 603 -16.87 26.74 20.35
C GLN B 603 -18.18 27.29 19.82
N ILE B 604 -18.41 27.21 18.51
CA ILE B 604 -19.70 27.59 17.95
C ILE B 604 -20.80 26.71 18.53
N LEU B 605 -20.54 25.41 18.64
CA LEU B 605 -21.55 24.52 19.22
C LEU B 605 -21.84 24.87 20.67
N THR B 606 -20.79 25.21 21.44
CA THR B 606 -20.99 25.61 22.83
C THR B 606 -21.85 26.86 22.90
N GLU B 607 -21.53 27.88 22.11
CA GLU B 607 -22.31 29.11 22.12
C GLU B 607 -23.74 28.87 21.63
N MET B 608 -23.92 27.93 20.72
CA MET B 608 -25.26 27.66 20.20
C MET B 608 -26.11 26.93 21.23
N ASP B 609 -25.52 25.96 21.93
CA ASP B 609 -26.23 25.29 23.02
C ASP B 609 -26.56 26.28 24.12
N GLY B 610 -25.62 27.17 24.44
CA GLY B 610 -25.85 28.14 25.51
C GLY B 610 -26.94 29.14 25.20
N MET B 611 -27.29 29.32 23.93
CA MET B 611 -28.31 30.28 23.58
C MET B 611 -29.62 29.92 24.28
N SER B 612 -30.24 30.92 24.91
CA SER B 612 -31.42 30.67 25.71
C SER B 612 -32.54 30.06 24.89
N THR B 613 -32.65 30.43 23.62
CA THR B 613 -33.72 30.10 22.70
C THR B 613 -34.97 30.93 23.00
N LYS B 614 -35.00 31.68 24.10
CA LYS B 614 -36.07 32.65 24.29
C LYS B 614 -35.87 33.87 23.39
N LYS B 615 -34.63 34.25 23.16
CA LYS B 615 -34.33 35.29 22.18
C LYS B 615 -34.76 34.83 20.80
N ASN B 616 -35.02 35.79 19.93
CA ASN B 616 -35.45 35.49 18.58
C ASN B 616 -34.28 35.26 17.64
N VAL B 617 -33.09 34.99 18.17
CA VAL B 617 -31.93 34.74 17.31
C VAL B 617 -32.06 33.35 16.70
N PHE B 618 -31.95 33.30 15.37
CA PHE B 618 -32.18 32.08 14.59
C PHE B 618 -31.00 31.89 13.66
N ILE B 619 -30.33 30.75 13.77
CA ILE B 619 -29.09 30.50 13.04
C ILE B 619 -29.41 29.82 11.72
N ILE B 620 -28.67 30.19 10.68
CA ILE B 620 -28.72 29.52 9.39
C ILE B 620 -27.30 29.27 8.93
N GLY B 621 -27.05 28.08 8.41
CA GLY B 621 -25.73 27.74 7.91
C GLY B 621 -25.78 27.17 6.52
N ALA B 622 -25.07 27.78 5.59
CA ALA B 622 -25.06 27.36 4.20
C ALA B 622 -23.81 26.55 3.92
N THR B 623 -23.98 25.41 3.25
CA THR B 623 -22.88 24.51 2.96
C THR B 623 -22.97 24.03 1.52
N ASN B 624 -21.82 23.76 0.92
CA ASN B 624 -21.76 23.13 -0.38
C ASN B 624 -21.40 21.66 -0.29
N ARG B 625 -20.80 21.22 0.82
CA ARG B 625 -20.34 19.85 0.99
C ARG B 625 -20.86 19.32 2.33
N PRO B 626 -22.15 19.04 2.42
CA PRO B 626 -22.70 18.53 3.68
C PRO B 626 -22.12 17.19 4.08
N ASP B 627 -21.53 16.45 3.15
CA ASP B 627 -20.98 15.13 3.45
C ASP B 627 -19.78 15.20 4.39
N ILE B 628 -19.09 16.34 4.45
CA ILE B 628 -17.92 16.47 5.32
C ILE B 628 -18.21 17.30 6.56
N ILE B 629 -19.42 17.84 6.70
CA ILE B 629 -19.78 18.57 7.90
C ILE B 629 -19.61 17.65 9.11
N ASP B 630 -19.11 18.20 10.20
CA ASP B 630 -19.01 17.44 11.43
C ASP B 630 -20.40 17.06 11.90
N PRO B 631 -20.67 15.78 12.19
CA PRO B 631 -22.00 15.40 12.67
C PRO B 631 -22.40 16.08 13.96
N ALA B 632 -21.44 16.63 14.71
CA ALA B 632 -21.77 17.33 15.95
C ALA B 632 -22.78 18.45 15.69
N ILE B 633 -22.71 19.08 14.52
CA ILE B 633 -23.62 20.17 14.20
C ILE B 633 -25.04 19.66 14.00
N LEU B 634 -25.19 18.52 13.33
CA LEU B 634 -26.51 18.02 12.96
C LEU B 634 -27.11 17.30 14.17
N ARG B 635 -27.99 17.98 14.90
CA ARG B 635 -28.57 17.43 16.11
C ARG B 635 -29.63 18.36 16.66
N PRO B 636 -30.62 17.86 17.40
CA PRO B 636 -31.59 18.77 18.01
C PRO B 636 -30.91 19.77 18.93
N GLY B 637 -31.44 20.99 18.95
CA GLY B 637 -30.80 22.10 19.62
C GLY B 637 -29.70 22.75 18.82
N ARG B 638 -29.47 22.30 17.59
CA ARG B 638 -28.43 22.83 16.72
C ARG B 638 -29.03 22.88 15.32
N LEU B 639 -28.16 22.98 14.30
CA LEU B 639 -28.66 22.93 12.94
C LEU B 639 -29.21 21.53 12.67
N ASP B 640 -30.53 21.40 12.68
CA ASP B 640 -31.19 20.11 12.51
C ASP B 640 -31.99 20.02 11.23
N GLN B 641 -32.73 21.07 10.87
CA GLN B 641 -33.47 21.09 9.62
C GLN B 641 -32.50 21.28 8.47
N LEU B 642 -32.25 20.22 7.71
CA LEU B 642 -31.44 20.31 6.50
C LEU B 642 -32.36 20.58 5.32
N ILE B 643 -32.12 21.68 4.62
CA ILE B 643 -32.93 22.09 3.48
C ILE B 643 -32.08 21.97 2.23
N TYR B 644 -32.64 21.35 1.20
CA TYR B 644 -31.95 21.19 -0.08
C TYR B 644 -32.37 22.30 -1.02
N ILE B 645 -31.38 23.00 -1.57
CA ILE B 645 -31.63 24.08 -2.53
C ILE B 645 -31.09 23.65 -3.88
N PRO B 646 -31.92 23.15 -4.78
CA PRO B 646 -31.43 22.69 -6.09
C PRO B 646 -31.20 23.86 -7.03
N LEU B 647 -30.81 23.52 -8.26
CA LEU B 647 -30.60 24.54 -9.28
C LEU B 647 -31.92 25.19 -9.65
N PRO B 648 -31.88 26.44 -10.14
CA PRO B 648 -33.12 27.13 -10.47
C PRO B 648 -33.92 26.41 -11.54
N ASP B 649 -35.25 26.52 -11.43
CA ASP B 649 -36.15 26.06 -12.47
C ASP B 649 -36.39 27.19 -13.47
N GLU B 650 -37.15 26.91 -14.53
CA GLU B 650 -37.32 27.89 -15.59
C GLU B 650 -37.96 29.17 -15.06
N LYS B 651 -39.01 29.05 -14.24
CA LYS B 651 -39.60 30.23 -13.62
C LYS B 651 -38.60 30.92 -12.71
N SER B 652 -37.89 30.14 -11.89
CA SER B 652 -36.84 30.72 -11.05
C SER B 652 -35.75 31.34 -11.90
N ARG B 653 -35.43 30.74 -13.05
CA ARG B 653 -34.39 31.29 -13.91
C ARG B 653 -34.80 32.64 -14.46
N VAL B 654 -36.04 32.75 -14.95
CA VAL B 654 -36.48 34.03 -15.49
C VAL B 654 -36.55 35.08 -14.39
N ALA B 655 -36.93 34.68 -13.17
CA ALA B 655 -36.93 35.62 -12.07
C ALA B 655 -35.52 36.09 -11.74
N ILE B 656 -34.56 35.17 -11.71
CA ILE B 656 -33.17 35.52 -11.43
C ILE B 656 -32.58 36.37 -12.53
N LEU B 657 -33.10 36.26 -13.74
CA LEU B 657 -32.66 37.16 -14.81
C LEU B 657 -33.25 38.55 -14.63
N LYS B 658 -34.57 38.63 -14.50
CA LYS B 658 -35.24 39.91 -14.33
C LYS B 658 -34.60 40.69 -13.18
N ALA B 659 -34.46 40.06 -12.03
CA ALA B 659 -33.64 40.62 -10.98
C ALA B 659 -32.17 40.47 -11.36
N ASN B 660 -31.40 41.53 -11.17
CA ASN B 660 -30.00 41.65 -11.55
C ASN B 660 -29.85 41.94 -13.05
N LEU B 661 -30.93 41.93 -13.83
CA LEU B 661 -30.89 42.49 -15.18
C LEU B 661 -31.74 43.73 -15.35
N ARG B 662 -32.82 43.86 -14.59
CA ARG B 662 -33.70 45.01 -14.74
C ARG B 662 -33.00 46.33 -14.41
N LYS B 663 -31.93 46.29 -13.62
CA LYS B 663 -31.21 47.52 -13.30
C LYS B 663 -30.63 48.15 -14.57
N SER B 664 -30.07 47.32 -15.45
CA SER B 664 -29.51 47.81 -16.69
C SER B 664 -30.61 48.14 -17.69
N PRO B 665 -30.30 48.94 -18.72
CA PRO B 665 -31.27 49.20 -19.78
C PRO B 665 -31.27 48.10 -20.82
N VAL B 666 -32.38 47.36 -20.90
CA VAL B 666 -32.56 46.29 -21.87
C VAL B 666 -33.80 46.60 -22.68
N ALA B 667 -33.70 46.44 -24.00
CA ALA B 667 -34.80 46.78 -24.90
C ALA B 667 -34.73 45.84 -26.09
N LYS B 668 -35.41 46.21 -27.18
CA LYS B 668 -35.52 45.37 -28.37
C LYS B 668 -36.42 44.18 -28.05
N ASP B 669 -36.07 42.99 -28.56
CA ASP B 669 -36.85 41.78 -28.36
C ASP B 669 -36.10 40.76 -27.52
N VAL B 670 -35.44 41.23 -26.45
CA VAL B 670 -34.79 40.31 -25.52
C VAL B 670 -35.88 39.52 -24.82
N ASP B 671 -35.99 38.24 -25.15
CA ASP B 671 -37.00 37.36 -24.56
C ASP B 671 -36.32 36.63 -23.40
N LEU B 672 -36.38 37.24 -22.21
CA LEU B 672 -35.83 36.61 -21.03
C LEU B 672 -36.46 35.25 -20.79
N GLU B 673 -37.73 35.08 -21.19
CA GLU B 673 -38.35 33.77 -21.08
C GLU B 673 -37.64 32.76 -21.97
N PHE B 674 -37.25 33.17 -23.18
CA PHE B 674 -36.52 32.26 -24.06
C PHE B 674 -35.18 31.88 -23.46
N LEU B 675 -34.47 32.85 -22.88
CA LEU B 675 -33.21 32.54 -22.22
C LEU B 675 -33.43 31.57 -21.07
N ALA B 676 -34.49 31.76 -20.29
CA ALA B 676 -34.80 30.82 -19.22
C ALA B 676 -35.04 29.43 -19.77
N LYS B 677 -35.75 29.32 -20.89
CA LYS B 677 -35.98 28.02 -21.51
C LYS B 677 -34.66 27.37 -21.91
N MET B 678 -33.78 28.14 -22.55
CA MET B 678 -32.53 27.58 -23.06
C MET B 678 -31.63 27.10 -21.93
N THR B 679 -31.38 27.96 -20.95
CA THR B 679 -30.48 27.63 -19.85
C THR B 679 -31.18 26.67 -18.91
N ASN B 680 -30.75 25.41 -18.89
CA ASN B 680 -31.40 24.36 -18.10
C ASN B 680 -30.59 23.93 -16.90
N GLY B 681 -29.32 23.57 -17.10
CA GLY B 681 -28.46 23.20 -16.02
C GLY B 681 -27.74 24.36 -15.37
N PHE B 682 -28.06 25.59 -15.77
CA PHE B 682 -27.38 26.76 -15.27
C PHE B 682 -27.81 27.08 -13.84
N SER B 683 -26.92 27.72 -13.10
CA SER B 683 -27.17 28.20 -11.76
C SER B 683 -27.33 29.71 -11.79
N GLY B 684 -27.61 30.29 -10.62
CA GLY B 684 -27.71 31.73 -10.54
C GLY B 684 -26.43 32.43 -10.97
N ALA B 685 -25.29 31.88 -10.58
CA ALA B 685 -24.01 32.49 -10.94
C ALA B 685 -23.82 32.50 -12.44
N ASP B 686 -24.22 31.42 -13.12
CA ASP B 686 -24.06 31.36 -14.57
C ASP B 686 -24.91 32.40 -15.27
N LEU B 687 -26.15 32.58 -14.83
CA LEU B 687 -27.00 33.60 -15.43
C LEU B 687 -26.48 35.00 -15.14
N THR B 688 -25.97 35.21 -13.92
CA THR B 688 -25.35 36.49 -13.60
C THR B 688 -24.17 36.76 -14.51
N GLU B 689 -23.36 35.73 -14.78
CA GLU B 689 -22.23 35.88 -15.68
C GLU B 689 -22.68 36.21 -17.09
N ILE B 690 -23.76 35.57 -17.55
CA ILE B 690 -24.27 35.87 -18.89
C ILE B 690 -24.70 37.34 -18.98
N CYS B 691 -25.45 37.80 -17.98
CA CYS B 691 -25.92 39.18 -17.99
C CYS B 691 -24.76 40.15 -17.92
N GLN B 692 -23.76 39.87 -17.10
CA GLN B 692 -22.60 40.74 -17.01
C GLN B 692 -21.83 40.77 -18.32
N ARG B 693 -21.70 39.62 -18.98
CA ARG B 693 -21.03 39.60 -20.27
C ARG B 693 -21.77 40.43 -21.29
N ALA B 694 -23.10 40.35 -21.31
CA ALA B 694 -23.88 41.17 -22.22
C ALA B 694 -23.69 42.65 -21.94
N CYS B 695 -23.71 43.04 -20.65
CA CYS B 695 -23.49 44.43 -20.30
C CYS B 695 -22.10 44.89 -20.73
N LYS B 696 -21.10 44.04 -20.54
CA LYS B 696 -19.73 44.40 -20.93
C LYS B 696 -19.62 44.57 -22.43
N LEU B 697 -20.28 43.70 -23.20
CA LEU B 697 -20.27 43.85 -24.64
C LEU B 697 -20.93 45.16 -25.07
N ALA B 698 -22.05 45.50 -24.44
CA ALA B 698 -22.70 46.78 -24.75
C ALA B 698 -21.79 47.94 -24.41
N ILE B 699 -21.12 47.88 -23.26
CA ILE B 699 -20.21 48.96 -22.88
C ILE B 699 -19.09 49.10 -23.88
N ARG B 700 -18.52 47.97 -24.30
CA ARG B 700 -17.44 48.01 -25.28
C ARG B 700 -17.91 48.65 -26.59
N GLU B 701 -19.09 48.24 -27.06
CA GLU B 701 -19.61 48.82 -28.31
C GLU B 701 -19.82 50.31 -28.16
N SER B 702 -20.42 50.75 -27.05
CA SER B 702 -20.66 52.18 -26.86
C SER B 702 -19.35 52.95 -26.81
N ILE B 703 -18.35 52.42 -26.12
CA ILE B 703 -17.06 53.10 -26.04
C ILE B 703 -16.45 53.23 -27.42
N GLU B 704 -16.43 52.13 -28.17
CA GLU B 704 -15.90 52.18 -29.53
C GLU B 704 -16.65 53.20 -30.37
N SER B 705 -17.96 53.32 -30.16
CA SER B 705 -18.73 54.32 -30.87
C SER B 705 -18.27 55.73 -30.51
N GLU B 706 -18.08 56.01 -29.22
CA GLU B 706 -17.60 57.31 -28.81
C GLU B 706 -16.19 57.56 -29.34
N ILE B 707 -15.30 56.61 -29.13
CA ILE B 707 -13.93 56.74 -29.61
C ILE B 707 -13.88 56.47 -31.11
N PRO B 727 -24.95 57.01 -28.16
CA PRO B 727 -26.12 56.24 -28.61
C PRO B 727 -26.15 54.85 -27.98
N VAL B 728 -26.90 53.93 -28.60
CA VAL B 728 -27.01 52.55 -28.13
C VAL B 728 -27.21 52.53 -26.62
N PRO B 729 -28.25 53.17 -26.09
CA PRO B 729 -28.41 53.26 -24.64
C PRO B 729 -29.10 52.05 -24.04
N GLU B 730 -29.17 50.97 -24.81
CA GLU B 730 -29.84 49.75 -24.40
C GLU B 730 -29.04 48.55 -24.85
N ILE B 731 -29.21 47.43 -24.13
CA ILE B 731 -28.54 46.17 -24.44
C ILE B 731 -29.40 45.47 -25.49
N ARG B 732 -28.93 45.45 -26.73
CA ARG B 732 -29.70 44.87 -27.82
C ARG B 732 -29.68 43.34 -27.74
N ARG B 733 -30.65 42.72 -28.41
CA ARG B 733 -30.73 41.27 -28.42
C ARG B 733 -29.48 40.66 -29.04
N ASP B 734 -28.81 41.39 -29.93
CA ASP B 734 -27.55 40.91 -30.49
C ASP B 734 -26.51 40.73 -29.39
N HIS B 735 -26.42 41.68 -28.46
CA HIS B 735 -25.46 41.55 -27.37
C HIS B 735 -25.69 40.27 -26.58
N PHE B 736 -26.95 40.00 -26.22
CA PHE B 736 -27.25 38.76 -25.51
C PHE B 736 -26.89 37.55 -26.37
N GLU B 737 -27.57 37.39 -27.50
CA GLU B 737 -27.34 36.20 -28.32
C GLU B 737 -25.88 36.01 -28.69
N GLU B 738 -25.05 37.06 -28.56
CA GLU B 738 -23.62 36.89 -28.73
C GLU B 738 -22.98 36.38 -27.45
N ALA B 739 -23.29 37.00 -26.32
CA ALA B 739 -22.70 36.57 -25.05
C ALA B 739 -23.11 35.15 -24.68
N MET B 740 -24.24 34.67 -25.21
CA MET B 740 -24.75 33.38 -24.80
C MET B 740 -23.82 32.25 -25.22
N ARG B 741 -23.09 32.41 -26.32
CA ARG B 741 -22.25 31.32 -26.81
C ARG B 741 -21.02 31.11 -25.94
N PHE B 742 -20.66 32.09 -25.11
CA PHE B 742 -19.64 31.89 -24.09
C PHE B 742 -20.22 31.36 -22.79
N ALA B 743 -21.54 31.18 -22.72
CA ALA B 743 -22.17 30.70 -21.51
C ALA B 743 -21.67 29.30 -21.16
N ARG B 744 -21.33 29.11 -19.89
CA ARG B 744 -20.79 27.85 -19.40
C ARG B 744 -21.51 27.46 -18.12
N ARG B 745 -21.71 26.16 -17.94
CA ARG B 745 -22.32 25.64 -16.72
C ARG B 745 -21.24 25.40 -15.66
N SER B 746 -21.56 25.80 -14.44
CA SER B 746 -20.60 25.72 -13.34
C SER B 746 -20.64 24.38 -12.61
N VAL B 747 -21.81 23.76 -12.51
CA VAL B 747 -21.99 22.51 -11.78
C VAL B 747 -22.19 21.39 -12.78
N SER B 748 -21.34 20.37 -12.69
CA SER B 748 -21.42 19.23 -13.59
C SER B 748 -22.53 18.28 -13.14
N ASP B 749 -22.99 17.46 -14.09
CA ASP B 749 -24.10 16.55 -13.80
C ASP B 749 -23.73 15.56 -12.70
N ASN B 750 -22.45 15.22 -12.56
CA ASN B 750 -22.04 14.32 -11.49
C ASN B 750 -22.30 14.94 -10.12
N ASP B 751 -21.95 16.21 -9.96
CA ASP B 751 -22.19 16.88 -8.69
C ASP B 751 -23.68 16.98 -8.40
N ILE B 752 -24.49 17.28 -9.40
CA ILE B 752 -25.93 17.33 -9.20
C ILE B 752 -26.44 15.97 -8.79
N ARG B 753 -25.92 14.90 -9.41
CA ARG B 753 -26.35 13.56 -9.03
C ARG B 753 -25.97 13.26 -7.58
N LYS B 754 -24.78 13.69 -7.16
CA LYS B 754 -24.36 13.46 -5.78
C LYS B 754 -25.26 14.21 -4.81
N TYR B 755 -25.60 15.45 -5.11
CA TYR B 755 -26.49 16.21 -4.25
C TYR B 755 -27.87 15.57 -4.18
N GLU B 756 -28.36 15.06 -5.31
CA GLU B 756 -29.64 14.37 -5.31
C GLU B 756 -29.58 13.11 -4.46
N MET B 757 -28.46 12.37 -4.54
CA MET B 757 -28.30 11.19 -3.70
C MET B 757 -28.34 11.56 -2.22
N PHE B 758 -27.66 12.64 -1.85
CA PHE B 758 -27.70 13.10 -0.47
C PHE B 758 -29.12 13.45 -0.05
N ALA B 759 -29.82 14.21 -0.88
CA ALA B 759 -31.17 14.63 -0.54
C ALA B 759 -32.09 13.44 -0.37
N GLN B 760 -31.95 12.44 -1.24
CA GLN B 760 -32.77 11.23 -1.10
C GLN B 760 -32.38 10.44 0.14
N THR B 761 -31.09 10.40 0.49
CA THR B 761 -30.68 9.72 1.71
C THR B 761 -31.26 10.40 2.94
N LEU B 762 -31.49 11.72 2.88
CA LEU B 762 -32.10 12.43 3.99
C LEU B 762 -33.63 12.35 4.00
N GLN B 763 -34.23 11.73 2.99
CA GLN B 763 -35.68 11.63 2.94
C GLN B 763 -36.19 10.80 4.12
N GLY B 767 -41.11 3.47 3.09
CA GLY B 767 -41.48 3.83 4.44
C GLY B 767 -42.95 3.58 4.75
N PHE B 768 -43.51 4.34 5.69
CA PHE B 768 -44.90 4.16 6.08
C PHE B 768 -45.83 4.49 4.91
N GLY B 769 -45.63 5.65 4.30
CA GLY B 769 -46.37 6.01 3.09
C GLY B 769 -47.83 6.32 3.36
N SER B 770 -48.56 5.34 3.90
CA SER B 770 -49.98 5.49 4.21
C SER B 770 -50.21 4.92 5.61
N PHE B 771 -50.01 5.75 6.61
CA PHE B 771 -50.29 5.39 7.99
C PHE B 771 -51.64 5.96 8.38
N ARG B 772 -52.47 5.14 9.03
CA ARG B 772 -53.79 5.57 9.44
C ARG B 772 -54.15 4.90 10.76
N PHE B 773 -54.89 5.62 11.59
CA PHE B 773 -55.32 5.07 12.85
C PHE B 773 -56.36 3.98 12.63
N PRO B 774 -56.53 3.06 13.58
CA PRO B 774 -57.47 1.95 13.36
C PRO B 774 -58.88 2.41 13.08
N SER B 775 -59.32 3.52 13.67
CA SER B 775 -60.65 4.07 13.43
C SER B 775 -61.71 3.03 13.78
N GLU C 466 -22.14 29.25 34.10
CA GLU C 466 -21.33 28.24 34.77
C GLU C 466 -22.13 26.95 34.92
N THR C 467 -21.56 26.00 35.66
CA THR C 467 -22.21 24.71 35.85
C THR C 467 -23.47 24.87 36.69
N VAL C 468 -24.52 24.14 36.31
CA VAL C 468 -25.77 24.12 37.04
C VAL C 468 -25.76 22.89 37.94
N VAL C 469 -25.85 23.11 39.25
CA VAL C 469 -25.87 22.02 40.21
C VAL C 469 -27.22 21.99 40.90
N GLU C 470 -28.14 21.20 40.36
CA GLU C 470 -29.51 21.19 40.85
C GLU C 470 -30.08 19.79 40.73
N VAL C 471 -31.04 19.47 41.60
CA VAL C 471 -31.71 18.17 41.60
C VAL C 471 -32.65 18.10 40.40
N PRO C 472 -32.49 17.13 39.50
CA PRO C 472 -33.37 17.07 38.33
C PRO C 472 -34.81 16.79 38.71
N GLN C 473 -35.72 17.27 37.86
CA GLN C 473 -37.14 17.07 38.06
C GLN C 473 -37.72 15.92 37.24
N VAL C 474 -37.04 15.52 36.16
CA VAL C 474 -37.49 14.35 35.42
C VAL C 474 -37.46 13.13 36.34
N THR C 475 -38.42 12.24 36.14
CA THR C 475 -38.58 11.06 36.99
C THR C 475 -38.46 9.79 36.13
N TRP C 476 -38.66 8.65 36.80
CA TRP C 476 -38.55 7.37 36.10
C TRP C 476 -39.67 7.19 35.08
N GLU C 477 -40.84 7.77 35.34
CA GLU C 477 -41.98 7.60 34.45
C GLU C 477 -41.75 8.20 33.07
N ASP C 478 -40.75 9.06 32.91
CA ASP C 478 -40.46 9.61 31.58
C ASP C 478 -39.92 8.54 30.65
N ILE C 479 -39.49 7.40 31.18
CA ILE C 479 -39.13 6.23 30.39
C ILE C 479 -39.67 5.01 31.14
N GLY C 480 -40.81 4.49 30.69
CA GLY C 480 -41.51 3.48 31.45
C GLY C 480 -40.82 2.13 31.49
N GLY C 481 -39.93 1.86 30.54
CA GLY C 481 -39.24 0.60 30.45
C GLY C 481 -37.93 0.59 31.20
N LEU C 482 -37.07 -0.35 30.83
CA LEU C 482 -35.74 -0.45 31.41
C LEU C 482 -35.81 -0.62 32.93
N GLU C 483 -36.70 -1.51 33.39
CA GLU C 483 -36.80 -1.77 34.82
C GLU C 483 -35.57 -2.49 35.34
N ASP C 484 -34.95 -3.34 34.51
CA ASP C 484 -33.75 -4.05 34.94
C ASP C 484 -32.63 -3.06 35.25
N VAL C 485 -32.32 -2.18 34.30
CA VAL C 485 -31.26 -1.21 34.54
C VAL C 485 -31.68 -0.21 35.60
N LYS C 486 -32.98 0.06 35.72
CA LYS C 486 -33.45 0.94 36.79
C LYS C 486 -33.09 0.36 38.15
N ARG C 487 -33.37 -0.93 38.35
CA ARG C 487 -33.02 -1.58 39.60
C ARG C 487 -31.50 -1.62 39.77
N GLU C 488 -30.77 -1.90 38.71
CA GLU C 488 -29.32 -1.96 38.80
C GLU C 488 -28.74 -0.61 39.24
N LEU C 489 -29.27 0.48 38.70
CA LEU C 489 -28.85 1.81 39.14
C LEU C 489 -29.27 2.07 40.58
N GLN C 490 -30.49 1.66 40.94
CA GLN C 490 -30.95 1.86 42.31
C GLN C 490 -30.00 1.21 43.30
N GLU C 491 -29.51 0.02 42.98
CA GLU C 491 -28.61 -0.68 43.87
C GLU C 491 -27.17 -0.23 43.74
N LEU C 492 -26.88 0.71 42.83
CA LEU C 492 -25.53 1.23 42.66
C LEU C 492 -25.37 2.64 43.19
N VAL C 493 -26.44 3.41 43.31
CA VAL C 493 -26.40 4.75 43.87
C VAL C 493 -27.28 4.87 45.11
N GLN C 494 -28.46 4.27 45.10
CA GLN C 494 -29.41 4.46 46.20
C GLN C 494 -29.06 3.63 47.42
N TYR C 495 -28.44 2.46 47.25
CA TYR C 495 -28.17 1.64 48.43
C TYR C 495 -26.94 2.14 49.18
N PRO C 496 -25.86 2.54 48.50
CA PRO C 496 -24.72 3.08 49.24
C PRO C 496 -25.06 4.30 50.07
N VAL C 497 -26.04 5.10 49.65
CA VAL C 497 -26.34 6.37 50.31
C VAL C 497 -27.35 6.19 51.43
N GLU C 498 -28.46 5.48 51.16
CA GLU C 498 -29.47 5.30 52.20
C GLU C 498 -28.99 4.34 53.29
N HIS C 499 -28.18 3.35 52.94
CA HIS C 499 -27.80 2.28 53.87
C HIS C 499 -26.30 2.07 53.87
N PRO C 500 -25.52 3.08 54.26
CA PRO C 500 -24.09 2.85 54.48
C PRO C 500 -23.81 1.87 55.62
N ASP C 501 -24.69 1.83 56.62
CA ASP C 501 -24.50 0.92 57.74
C ASP C 501 -24.54 -0.54 57.31
N LYS C 502 -25.18 -0.84 56.19
CA LYS C 502 -25.14 -2.19 55.65
C LYS C 502 -23.87 -2.42 54.83
N PHE C 503 -23.37 -1.38 54.18
CA PHE C 503 -22.18 -1.54 53.36
C PHE C 503 -20.94 -1.76 54.20
N LEU C 504 -20.81 -1.02 55.30
CA LEU C 504 -19.66 -1.25 56.17
C LEU C 504 -19.82 -2.49 57.03
N LYS C 505 -21.00 -3.11 57.06
CA LYS C 505 -21.17 -4.36 57.77
C LYS C 505 -20.43 -5.50 57.05
N PHE C 506 -20.56 -5.57 55.73
CA PHE C 506 -19.91 -6.60 54.94
C PHE C 506 -18.55 -6.17 54.41
N GLY C 507 -18.11 -4.95 54.73
CA GLY C 507 -16.83 -4.49 54.24
C GLY C 507 -16.75 -4.30 52.75
N MET C 508 -17.88 -4.22 52.06
CA MET C 508 -17.88 -4.02 50.62
C MET C 508 -17.66 -2.54 50.31
N THR C 509 -16.76 -2.27 49.36
CA THR C 509 -16.56 -0.90 48.89
C THR C 509 -17.48 -0.65 47.71
N PRO C 510 -18.42 0.29 47.81
CA PRO C 510 -19.33 0.53 46.69
C PRO C 510 -18.58 1.05 45.47
N SER C 511 -19.09 0.71 44.29
CA SER C 511 -18.54 1.23 43.06
C SER C 511 -18.90 2.71 42.91
N LYS C 512 -17.95 3.48 42.37
CA LYS C 512 -18.14 4.91 42.20
C LYS C 512 -18.24 5.33 40.74
N GLY C 513 -18.45 4.39 39.82
CA GLY C 513 -18.48 4.72 38.42
C GLY C 513 -19.32 3.78 37.59
N VAL C 514 -20.06 4.33 36.64
CA VAL C 514 -20.88 3.55 35.70
C VAL C 514 -20.75 4.17 34.33
N LEU C 515 -20.68 3.33 33.31
CA LEU C 515 -20.58 3.78 31.92
C LEU C 515 -21.82 3.34 31.17
N PHE C 516 -22.61 4.31 30.70
CA PHE C 516 -23.76 4.04 29.85
C PHE C 516 -23.29 3.99 28.40
N TYR C 517 -23.65 2.93 27.69
CA TYR C 517 -23.36 2.85 26.27
C TYR C 517 -24.57 2.32 25.53
N GLY C 518 -24.73 2.76 24.28
CA GLY C 518 -25.85 2.37 23.47
C GLY C 518 -26.05 3.32 22.32
N PRO C 519 -27.05 3.05 21.47
CA PRO C 519 -27.28 3.91 20.32
C PRO C 519 -27.75 5.29 20.75
N PRO C 520 -27.51 6.31 19.93
CA PRO C 520 -27.86 7.67 20.34
C PRO C 520 -29.37 7.86 20.49
N GLY C 521 -29.72 8.83 21.34
CA GLY C 521 -31.11 9.19 21.53
C GLY C 521 -31.95 8.12 22.18
N CYS C 522 -31.42 7.44 23.19
CA CYS C 522 -32.13 6.38 23.89
C CYS C 522 -32.49 6.75 25.33
N GLY C 523 -32.09 7.93 25.80
CA GLY C 523 -32.40 8.36 27.14
C GLY C 523 -31.30 8.16 28.16
N LYS C 524 -30.04 8.15 27.75
CA LYS C 524 -28.96 8.02 28.72
C LYS C 524 -28.90 9.21 29.65
N THR C 525 -28.97 10.42 29.07
CA THR C 525 -29.01 11.62 29.91
C THR C 525 -30.25 11.62 30.79
N LEU C 526 -31.39 11.22 30.23
CA LEU C 526 -32.61 11.13 31.02
C LEU C 526 -32.45 10.10 32.13
N LEU C 527 -31.76 8.99 31.86
CA LEU C 527 -31.53 8.00 32.91
C LEU C 527 -30.67 8.57 34.02
N ALA C 528 -29.62 9.30 33.68
CA ALA C 528 -28.77 9.91 34.71
C ALA C 528 -29.57 10.88 35.55
N LYS C 529 -30.37 11.73 34.90
CA LYS C 529 -31.20 12.68 35.64
C LYS C 529 -32.22 11.97 36.52
N ALA C 530 -32.80 10.88 36.02
CA ALA C 530 -33.79 10.15 36.80
C ALA C 530 -33.18 9.51 38.03
N ILE C 531 -32.01 8.90 37.89
CA ILE C 531 -31.38 8.30 39.06
C ILE C 531 -30.97 9.37 40.06
N ALA C 532 -30.51 10.52 39.56
CA ALA C 532 -30.22 11.62 40.47
C ALA C 532 -31.48 12.07 41.20
N ASN C 533 -32.60 12.13 40.49
CA ASN C 533 -33.86 12.55 41.13
C ASN C 533 -34.31 11.56 42.19
N GLU C 534 -34.18 10.26 41.91
CA GLU C 534 -34.65 9.26 42.88
C GLU C 534 -33.88 9.37 44.19
N CYS C 535 -32.57 9.58 44.12
CA CYS C 535 -31.76 9.77 45.31
C CYS C 535 -31.78 11.21 45.81
N GLN C 536 -32.42 12.13 45.06
CA GLN C 536 -32.42 13.55 45.41
C GLN C 536 -31.00 14.07 45.51
N ALA C 537 -30.13 13.57 44.65
CA ALA C 537 -28.74 13.98 44.58
C ALA C 537 -28.57 15.05 43.51
N ASN C 538 -27.68 16.00 43.75
CA ASN C 538 -27.44 17.05 42.79
C ASN C 538 -26.87 16.47 41.50
N PHE C 539 -27.22 17.07 40.38
CA PHE C 539 -26.82 16.62 39.06
C PHE C 539 -25.92 17.66 38.42
N ILE C 540 -24.72 17.25 38.03
CA ILE C 540 -23.78 18.10 37.31
C ILE C 540 -23.54 17.46 35.95
N SER C 541 -23.77 18.22 34.88
CA SER C 541 -23.69 17.71 33.52
C SER C 541 -22.58 18.41 32.78
N ILE C 542 -21.65 17.64 32.25
CA ILE C 542 -20.55 18.14 31.42
C ILE C 542 -20.77 17.62 30.01
N LYS C 543 -20.71 18.50 29.02
CA LYS C 543 -21.05 18.16 27.65
C LYS C 543 -19.81 17.79 26.85
N GLY C 544 -20.04 17.17 25.70
CA GLY C 544 -18.99 16.77 24.80
C GLY C 544 -18.18 17.93 24.25
N PRO C 545 -18.88 18.97 23.76
CA PRO C 545 -18.13 20.16 23.32
C PRO C 545 -17.28 20.76 24.42
N GLU C 546 -17.74 20.69 25.67
CA GLU C 546 -16.95 21.23 26.76
C GLU C 546 -15.67 20.42 26.93
N LEU C 547 -15.78 19.09 26.81
CA LEU C 547 -14.60 18.23 26.85
C LEU C 547 -13.66 18.55 25.70
N LEU C 548 -14.20 18.71 24.49
CA LEU C 548 -13.35 18.99 23.34
C LEU C 548 -12.67 20.34 23.46
N THR C 549 -13.30 21.31 24.13
CA THR C 549 -12.61 22.58 24.32
C THR C 549 -11.56 22.50 25.43
N MET C 550 -11.74 21.66 26.45
CA MET C 550 -10.61 21.40 27.33
C MET C 550 -9.46 20.78 26.54
N TRP C 551 -9.77 19.82 25.68
CA TRP C 551 -8.73 19.11 24.93
C TRP C 551 -7.98 20.06 24.01
N PHE C 552 -8.72 20.81 23.19
CA PHE C 552 -8.09 21.72 22.23
C PHE C 552 -7.36 22.85 22.92
N GLY C 553 -7.93 23.38 24.00
CA GLY C 553 -7.32 24.46 24.74
C GLY C 553 -5.92 24.13 25.20
N SER C 555 -5.94 23.74 28.19
CA SER C 555 -6.70 24.24 29.33
C SER C 555 -7.49 23.12 29.98
N GLU C 556 -6.78 22.04 30.34
CA GLU C 556 -7.40 20.84 30.88
C GLU C 556 -7.46 20.84 32.41
N ALA C 557 -6.97 21.89 33.07
CA ALA C 557 -7.00 21.93 34.53
C ALA C 557 -8.36 22.33 35.07
N ASN C 558 -9.32 22.64 34.20
CA ASN C 558 -10.66 22.97 34.67
C ASN C 558 -11.37 21.73 35.21
N VAL C 559 -10.89 20.55 34.85
CA VAL C 559 -11.46 19.29 35.31
C VAL C 559 -11.38 19.23 36.83
N ARG C 560 -10.26 19.68 37.38
CA ARG C 560 -10.07 19.62 38.82
C ARG C 560 -11.11 20.46 39.54
N GLU C 561 -11.39 21.66 39.03
CA GLU C 561 -12.40 22.49 39.67
C GLU C 561 -13.79 21.95 39.45
N ILE C 562 -14.03 21.28 38.31
CA ILE C 562 -15.32 20.63 38.11
C ILE C 562 -15.54 19.56 39.18
N PHE C 563 -14.52 18.74 39.40
CA PHE C 563 -14.64 17.70 40.42
C PHE C 563 -14.75 18.32 41.82
N ASP C 564 -14.11 19.47 42.03
CA ASP C 564 -14.25 20.16 43.30
C ASP C 564 -15.69 20.62 43.51
N LYS C 565 -16.31 21.19 42.47
CA LYS C 565 -17.70 21.58 42.54
C LYS C 565 -18.58 20.37 42.87
N ALA C 566 -18.30 19.23 42.24
CA ALA C 566 -19.03 18.01 42.60
C ALA C 566 -18.81 17.65 44.06
N ARG C 567 -17.57 17.79 44.55
CA ARG C 567 -17.26 17.48 45.93
C ARG C 567 -18.05 18.34 46.89
N GLN C 568 -18.22 19.63 46.58
CA GLN C 568 -18.95 20.52 47.48
C GLN C 568 -20.33 19.96 47.80
N ALA C 569 -21.02 19.39 46.81
CA ALA C 569 -22.29 18.73 47.04
C ALA C 569 -22.02 17.23 47.19
N ALA C 570 -22.15 16.73 48.42
CA ALA C 570 -21.81 15.33 48.66
C ALA C 570 -22.68 14.38 47.84
N PRO C 571 -24.00 14.48 47.84
CA PRO C 571 -24.81 13.59 46.99
C PRO C 571 -24.89 14.13 45.56
N CYS C 572 -23.86 13.81 44.77
CA CYS C 572 -23.72 14.35 43.42
C CYS C 572 -23.58 13.22 42.42
N VAL C 573 -24.36 13.29 41.35
CA VAL C 573 -24.22 12.40 40.21
C VAL C 573 -23.50 13.20 39.13
N LEU C 574 -22.17 13.11 39.13
CA LEU C 574 -21.39 13.73 38.07
C LEU C 574 -21.60 12.97 36.77
N PHE C 575 -21.98 13.69 35.71
CA PHE C 575 -22.37 13.06 34.45
C PHE C 575 -21.52 13.63 33.33
N PHE C 576 -20.66 12.79 32.74
CA PHE C 576 -19.85 13.15 31.59
C PHE C 576 -20.54 12.63 30.33
N ASP C 577 -21.09 13.53 29.53
CA ASP C 577 -21.83 13.15 28.34
C ASP C 577 -20.89 13.01 27.16
N GLU C 578 -21.11 11.97 26.37
CA GLU C 578 -20.27 11.64 25.20
C GLU C 578 -18.80 11.91 25.48
N LEU C 579 -18.29 11.26 26.51
CA LEU C 579 -16.88 11.39 26.83
C LEU C 579 -15.98 10.74 25.78
N ASP C 580 -16.57 9.99 24.83
CA ASP C 580 -15.80 9.49 23.70
C ASP C 580 -15.54 10.58 22.66
N SER C 581 -15.98 11.81 22.91
CA SER C 581 -15.84 12.87 21.92
C SER C 581 -14.37 13.17 21.65
N ILE C 582 -13.54 13.14 22.69
CA ILE C 582 -12.12 13.45 22.50
C ILE C 582 -11.49 12.42 21.57
N ALA C 583 -11.80 11.15 21.77
CA ALA C 583 -11.23 10.10 20.93
C ALA C 583 -11.81 10.13 19.53
N LYS C 584 -13.08 10.52 19.40
CA LYS C 584 -13.67 10.70 18.09
C LYS C 584 -12.97 11.81 17.32
N ALA C 585 -12.67 12.92 17.98
CA ALA C 585 -11.98 14.02 17.34
C ALA C 585 -10.51 13.73 17.07
N ARG C 586 -9.90 12.85 17.86
CA ARG C 586 -8.51 12.46 17.65
C ARG C 586 -8.35 11.43 16.54
N GLY C 587 -9.44 10.84 16.07
CA GLY C 587 -9.37 9.86 15.01
C GLY C 587 -10.64 9.77 14.19
N GLY C 594 -0.62 6.75 17.03
CA GLY C 594 -1.11 7.31 18.28
C GLY C 594 -2.17 6.44 18.93
N GLY C 595 -2.01 6.18 20.22
CA GLY C 595 -2.93 5.34 20.95
C GLY C 595 -4.02 6.13 21.65
N ALA C 596 -4.89 5.39 22.33
CA ALA C 596 -6.03 5.98 23.03
C ALA C 596 -5.53 6.67 24.30
N ALA C 597 -5.35 7.98 24.24
CA ALA C 597 -4.91 8.75 25.40
C ALA C 597 -5.04 10.23 25.08
N ASP C 598 -5.56 11.00 26.04
CA ASP C 598 -5.66 12.43 25.92
C ASP C 598 -5.39 13.06 27.28
N ARG C 599 -4.68 14.19 27.28
CA ARG C 599 -4.33 14.83 28.55
C ARG C 599 -5.56 15.04 29.41
N VAL C 600 -6.67 15.44 28.81
CA VAL C 600 -7.91 15.62 29.57
C VAL C 600 -8.36 14.29 30.16
N ILE C 601 -8.26 13.21 29.39
CA ILE C 601 -8.65 11.90 29.90
C ILE C 601 -7.80 11.53 31.10
N ASN C 602 -6.48 11.72 31.00
CA ASN C 602 -5.62 11.30 32.09
C ASN C 602 -5.87 12.15 33.33
N GLN C 603 -6.14 13.45 33.16
CA GLN C 603 -6.42 14.26 34.34
C GLN C 603 -7.76 13.88 34.95
N ILE C 604 -8.75 13.54 34.12
CA ILE C 604 -10.00 13.03 34.66
C ILE C 604 -9.74 11.77 35.48
N LEU C 605 -8.89 10.88 34.96
CA LEU C 605 -8.57 9.65 35.68
C LEU C 605 -7.85 9.95 36.99
N THR C 606 -6.93 10.90 36.97
CA THR C 606 -6.23 11.29 38.20
C THR C 606 -7.21 11.81 39.23
N GLU C 607 -8.11 12.71 38.82
CA GLU C 607 -9.09 13.25 39.75
C GLU C 607 -10.03 12.16 40.26
N MET C 608 -10.38 11.20 39.39
CA MET C 608 -11.29 10.15 39.79
C MET C 608 -10.64 9.21 40.79
N ASP C 609 -9.38 8.84 40.57
CA ASP C 609 -8.67 8.02 41.54
C ASP C 609 -8.49 8.78 42.85
N GLY C 610 -8.20 10.07 42.77
CA GLY C 610 -8.01 10.86 43.98
C GLY C 610 -9.26 11.00 44.82
N MET C 611 -10.43 10.81 44.23
CA MET C 611 -11.66 10.93 45.00
C MET C 611 -11.62 9.99 46.19
N SER C 612 -11.94 10.52 47.37
CA SER C 612 -11.82 9.73 48.59
C SER C 612 -12.69 8.48 48.54
N THR C 613 -13.83 8.54 47.85
CA THR C 613 -14.87 7.54 47.80
C THR C 613 -15.70 7.53 49.08
N LYS C 614 -15.31 8.27 50.11
CA LYS C 614 -16.18 8.44 51.27
C LYS C 614 -17.32 9.39 50.94
N LYS C 615 -17.05 10.40 50.12
CA LYS C 615 -18.11 11.27 49.64
C LYS C 615 -19.10 10.48 48.79
N ASN C 616 -20.30 11.03 48.65
CA ASN C 616 -21.34 10.42 47.85
C ASN C 616 -21.29 10.84 46.39
N VAL C 617 -20.13 11.30 45.91
CA VAL C 617 -20.01 11.70 44.51
C VAL C 617 -19.90 10.45 43.65
N PHE C 618 -20.81 10.31 42.69
CA PHE C 618 -20.93 9.13 41.86
C PHE C 618 -20.87 9.56 40.40
N ILE C 619 -19.94 8.98 39.65
CA ILE C 619 -19.67 9.40 38.28
C ILE C 619 -20.43 8.50 37.33
N ILE C 620 -21.07 9.11 36.33
CA ILE C 620 -21.72 8.38 35.25
C ILE C 620 -21.23 8.97 33.93
N GLY C 621 -20.83 8.10 33.02
CA GLY C 621 -20.38 8.54 31.71
C GLY C 621 -21.14 7.86 30.59
N ALA C 622 -21.72 8.66 29.71
CA ALA C 622 -22.51 8.15 28.59
C ALA C 622 -21.68 8.18 27.32
N THR C 623 -21.82 7.14 26.49
CA THR C 623 -21.05 7.04 25.28
C THR C 623 -21.88 6.35 24.22
N ASN C 624 -21.69 6.76 22.96
CA ASN C 624 -22.28 6.07 21.83
C ASN C 624 -21.31 5.12 21.16
N ARG C 625 -20.02 5.25 21.42
CA ARG C 625 -18.97 4.46 20.74
C ARG C 625 -18.03 3.89 21.79
N PRO C 626 -18.48 2.91 22.56
CA PRO C 626 -17.62 2.34 23.61
C PRO C 626 -16.37 1.67 23.08
N ASP C 627 -16.34 1.30 21.80
CA ASP C 627 -15.20 0.58 21.26
C ASP C 627 -13.93 1.44 21.26
N ILE C 628 -14.07 2.75 21.04
CA ILE C 628 -12.91 3.63 20.95
C ILE C 628 -12.55 4.26 22.29
N ILE C 629 -13.31 3.98 23.36
CA ILE C 629 -12.95 4.49 24.67
C ILE C 629 -11.58 3.96 25.06
N ASP C 630 -10.78 4.81 25.70
CA ASP C 630 -9.50 4.37 26.23
C ASP C 630 -9.75 3.31 27.31
N PRO C 631 -9.10 2.15 27.23
CA PRO C 631 -9.33 1.13 28.28
C PRO C 631 -8.96 1.59 29.67
N ALA C 632 -8.12 2.63 29.80
CA ALA C 632 -7.76 3.11 31.13
C ALA C 632 -9.00 3.47 31.93
N ILE C 633 -10.03 3.99 31.26
CA ILE C 633 -11.27 4.32 31.96
C ILE C 633 -11.93 3.07 32.51
N LEU C 634 -11.88 1.97 31.75
CA LEU C 634 -12.54 0.72 32.15
C LEU C 634 -11.61 -0.06 33.06
N ARG C 635 -11.56 0.38 34.32
CA ARG C 635 -10.70 -0.24 35.33
C ARG C 635 -11.44 -0.18 36.66
N PRO C 636 -11.17 -1.12 37.57
CA PRO C 636 -11.71 -0.98 38.92
C PRO C 636 -11.23 0.31 39.56
N GLY C 637 -12.10 0.92 40.36
CA GLY C 637 -11.85 2.25 40.87
C GLY C 637 -12.18 3.36 39.90
N ARG C 638 -12.72 3.03 38.74
CA ARG C 638 -13.08 3.99 37.71
C ARG C 638 -14.42 3.53 37.13
N LEU C 639 -14.77 4.05 35.96
CA LEU C 639 -15.98 3.56 35.31
C LEU C 639 -15.78 2.09 34.97
N ASP C 640 -16.41 1.20 35.74
CA ASP C 640 -16.25 -0.24 35.58
C ASP C 640 -17.54 -0.95 35.22
N GLN C 641 -18.66 -0.50 35.75
CA GLN C 641 -19.96 -1.09 35.42
C GLN C 641 -20.39 -0.59 34.05
N LEU C 642 -20.20 -1.41 33.03
CA LEU C 642 -20.71 -1.12 31.70
C LEU C 642 -22.18 -1.52 31.66
N ILE C 643 -23.05 -0.58 31.29
CA ILE C 643 -24.48 -0.81 31.24
C ILE C 643 -24.96 -0.51 29.83
N TYR C 644 -25.71 -1.44 29.25
CA TYR C 644 -26.22 -1.30 27.90
C TYR C 644 -27.63 -0.73 27.94
N ILE C 645 -27.86 0.34 27.21
CA ILE C 645 -29.18 0.95 27.12
C ILE C 645 -29.70 0.72 25.69
N PRO C 646 -30.56 -0.27 25.46
CA PRO C 646 -31.02 -0.56 24.11
C PRO C 646 -32.11 0.41 23.67
N LEU C 647 -32.61 0.19 22.46
CA LEU C 647 -33.69 1.00 21.93
C LEU C 647 -34.96 0.76 22.73
N PRO C 648 -35.84 1.76 22.83
CA PRO C 648 -37.04 1.59 23.63
C PRO C 648 -37.91 0.43 23.15
N ASP C 649 -38.57 -0.22 24.10
CA ASP C 649 -39.57 -1.24 23.80
C ASP C 649 -40.94 -0.58 23.71
N GLU C 650 -41.96 -1.37 23.38
CA GLU C 650 -43.29 -0.81 23.12
C GLU C 650 -43.83 -0.08 24.34
N LYS C 651 -43.70 -0.68 25.53
CA LYS C 651 -44.14 0.00 26.73
C LYS C 651 -43.30 1.25 26.99
N SER C 652 -41.99 1.14 26.80
CA SER C 652 -41.13 2.30 26.93
C SER C 652 -41.48 3.35 25.88
N ARG C 653 -41.83 2.91 24.67
CA ARG C 653 -42.19 3.86 23.62
C ARG C 653 -43.44 4.65 23.99
N VAL C 654 -44.47 3.95 24.48
CA VAL C 654 -45.70 4.65 24.84
C VAL C 654 -45.45 5.58 26.01
N ALA C 655 -44.59 5.18 26.95
CA ALA C 655 -44.25 6.07 28.06
C ALA C 655 -43.53 7.31 27.56
N ILE C 656 -42.58 7.13 26.62
CA ILE C 656 -41.83 8.26 26.09
C ILE C 656 -42.75 9.18 25.30
N LEU C 657 -43.77 8.65 24.66
CA LEU C 657 -44.75 9.49 23.99
C LEU C 657 -45.59 10.26 25.01
N LYS C 658 -46.14 9.56 26.00
CA LYS C 658 -46.96 10.20 27.01
C LYS C 658 -46.22 11.37 27.64
N ALA C 659 -45.01 11.11 28.13
CA ALA C 659 -44.09 12.20 28.41
C ALA C 659 -43.70 12.85 27.09
N ASN C 660 -43.47 14.17 27.13
CA ASN C 660 -43.07 14.91 25.95
C ASN C 660 -44.22 15.07 24.98
N LEU C 661 -45.37 14.43 25.24
CA LEU C 661 -46.59 14.76 24.52
C LEU C 661 -47.72 15.25 25.42
N ARG C 662 -47.74 14.85 26.69
CA ARG C 662 -48.83 15.25 27.57
C ARG C 662 -48.90 16.76 27.74
N LYS C 663 -47.77 17.45 27.58
CA LYS C 663 -47.78 18.90 27.69
C LYS C 663 -48.71 19.52 26.64
N SER C 664 -48.59 19.06 25.39
CA SER C 664 -49.43 19.60 24.34
C SER C 664 -50.87 19.13 24.51
N PRO C 665 -51.85 19.85 23.94
CA PRO C 665 -53.24 19.37 23.98
C PRO C 665 -53.49 18.36 22.87
N VAL C 666 -53.75 17.12 23.27
CA VAL C 666 -54.08 16.04 22.35
C VAL C 666 -55.46 15.51 22.71
N ALA C 667 -56.31 15.35 21.71
CA ALA C 667 -57.69 14.91 21.93
C ALA C 667 -58.07 13.99 20.78
N LYS C 668 -59.37 13.76 20.61
CA LYS C 668 -59.88 12.81 19.62
C LYS C 668 -59.54 11.40 20.07
N ASP C 669 -59.27 10.51 19.12
CA ASP C 669 -58.92 9.13 19.42
C ASP C 669 -57.48 8.83 19.01
N VAL C 670 -56.57 9.76 19.32
CA VAL C 670 -55.15 9.51 19.12
C VAL C 670 -54.75 8.38 20.05
N ASP C 671 -54.42 7.22 19.47
CA ASP C 671 -54.05 6.04 20.24
C ASP C 671 -52.52 6.00 20.33
N LEU C 672 -51.99 6.57 21.40
CA LEU C 672 -50.55 6.51 21.61
C LEU C 672 -50.07 5.08 21.66
N GLU C 673 -50.91 4.15 22.14
CA GLU C 673 -50.55 2.74 22.12
C GLU C 673 -50.35 2.24 20.72
N PHE C 674 -51.22 2.65 19.78
CA PHE C 674 -51.07 2.22 18.40
C PHE C 674 -49.75 2.73 17.80
N LEU C 675 -49.41 3.99 18.08
CA LEU C 675 -48.12 4.50 17.63
C LEU C 675 -46.97 3.71 18.24
N ALA C 676 -47.08 3.36 19.52
CA ALA C 676 -46.06 2.55 20.14
C ALA C 676 -45.91 1.22 19.42
N LYS C 677 -47.02 0.58 19.06
CA LYS C 677 -46.94 -0.65 18.29
C LYS C 677 -46.23 -0.43 16.96
N MET C 678 -46.65 0.58 16.22
CA MET C 678 -46.15 0.75 14.85
C MET C 678 -44.67 1.10 14.83
N THR C 679 -44.24 2.01 15.70
CA THR C 679 -42.84 2.41 15.75
C THR C 679 -42.06 1.35 16.53
N ASN C 680 -41.22 0.59 15.82
CA ASN C 680 -40.50 -0.53 16.41
C ASN C 680 -39.01 -0.28 16.53
N GLY C 681 -38.37 0.15 15.45
CA GLY C 681 -36.96 0.47 15.49
C GLY C 681 -36.65 1.90 15.86
N PHE C 682 -37.66 2.66 16.29
CA PHE C 682 -37.49 4.06 16.61
C PHE C 682 -36.83 4.24 17.97
N SER C 683 -36.10 5.34 18.10
CA SER C 683 -35.49 5.72 19.36
C SER C 683 -36.31 6.84 20.00
N GLY C 684 -35.89 7.28 21.18
CA GLY C 684 -36.57 8.38 21.82
C GLY C 684 -36.52 9.65 20.99
N ALA C 685 -35.40 9.91 20.34
CA ALA C 685 -35.28 11.11 19.51
C ALA C 685 -36.26 11.07 18.35
N ASP C 686 -36.46 9.90 17.75
CA ASP C 686 -37.40 9.80 16.64
C ASP C 686 -38.83 10.10 17.09
N LEU C 687 -39.24 9.56 18.23
CA LEU C 687 -40.57 9.86 18.75
C LEU C 687 -40.71 11.32 19.13
N THR C 688 -39.66 11.90 19.71
CA THR C 688 -39.69 13.33 19.99
C THR C 688 -39.88 14.13 18.72
N GLU C 689 -39.16 13.76 17.66
CA GLU C 689 -39.27 14.47 16.39
C GLU C 689 -40.67 14.34 15.81
N ILE C 690 -41.27 13.15 15.92
CA ILE C 690 -42.60 12.96 15.34
C ILE C 690 -43.64 13.77 16.10
N CYS C 691 -43.52 13.81 17.43
CA CYS C 691 -44.44 14.63 18.22
C CYS C 691 -44.27 16.10 17.88
N GLN C 692 -43.02 16.55 17.72
CA GLN C 692 -42.79 17.94 17.35
C GLN C 692 -43.39 18.24 15.99
N ARG C 693 -43.27 17.31 15.05
CA ARG C 693 -43.84 17.51 13.72
C ARG C 693 -45.36 17.64 13.80
N ALA C 694 -46.00 16.79 14.61
CA ALA C 694 -47.45 16.89 14.77
C ALA C 694 -47.84 18.23 15.37
N CYS C 695 -47.12 18.67 16.40
CA CYS C 695 -47.41 19.97 17.00
C CYS C 695 -47.24 21.09 15.98
N LYS C 696 -46.19 21.03 15.17
CA LYS C 696 -45.95 22.06 14.18
C LYS C 696 -47.04 22.08 13.12
N LEU C 697 -47.52 20.89 12.72
CA LEU C 697 -48.63 20.85 11.77
C LEU C 697 -49.88 21.47 12.37
N ALA C 698 -50.17 21.18 13.64
CA ALA C 698 -51.32 21.79 14.29
C ALA C 698 -51.16 23.31 14.35
N ILE C 699 -49.97 23.78 14.67
CA ILE C 699 -49.73 25.23 14.74
C ILE C 699 -49.95 25.87 13.38
N ARG C 700 -49.44 25.23 12.32
CA ARG C 700 -49.62 25.78 10.99
C ARG C 700 -51.10 25.85 10.63
N GLU C 701 -51.86 24.79 10.93
CA GLU C 701 -53.29 24.81 10.63
C GLU C 701 -53.99 25.92 11.40
N SER C 702 -53.67 26.08 12.68
CA SER C 702 -54.31 27.11 13.47
C SER C 702 -53.98 28.50 12.95
N ILE C 703 -52.72 28.72 12.58
CA ILE C 703 -52.33 30.02 12.04
C ILE C 703 -53.08 30.31 10.75
N GLU C 704 -53.10 29.34 9.85
CA GLU C 704 -53.84 29.52 8.60
C GLU C 704 -55.31 29.83 8.88
N SER C 705 -55.88 29.20 9.90
CA SER C 705 -57.26 29.49 10.28
C SER C 705 -57.40 30.94 10.74
N GLU C 706 -56.49 31.41 11.59
CA GLU C 706 -56.56 32.80 12.03
C GLU C 706 -56.35 33.75 10.87
N ILE C 707 -55.31 33.54 10.08
CA ILE C 707 -55.02 34.39 8.94
C ILE C 707 -55.92 33.99 7.77
N PRO C 727 -59.78 28.41 17.25
CA PRO C 727 -60.32 27.06 17.45
C PRO C 727 -59.23 26.00 17.37
N VAL C 728 -59.60 24.76 17.08
CA VAL C 728 -58.67 23.64 16.95
C VAL C 728 -57.65 23.68 18.09
N PRO C 729 -58.10 23.64 19.34
CA PRO C 729 -57.16 23.77 20.46
C PRO C 729 -56.51 22.44 20.83
N GLU C 730 -56.60 21.46 19.95
CA GLU C 730 -56.10 20.13 20.20
C GLU C 730 -55.45 19.58 18.94
N ILE C 731 -54.54 18.63 19.12
CA ILE C 731 -53.86 17.97 18.02
C ILE C 731 -54.70 16.76 17.62
N ARG C 732 -55.29 16.82 16.43
CA ARG C 732 -56.20 15.79 15.98
C ARG C 732 -55.44 14.59 15.43
N ARG C 733 -56.18 13.51 15.17
CA ARG C 733 -55.56 12.31 14.61
C ARG C 733 -54.96 12.58 13.25
N ASP C 734 -55.61 13.41 12.44
CA ASP C 734 -55.09 13.73 11.13
C ASP C 734 -53.66 14.26 11.23
N HIS C 735 -53.39 15.10 12.22
CA HIS C 735 -52.05 15.64 12.37
C HIS C 735 -51.03 14.53 12.59
N PHE C 736 -51.32 13.62 13.52
CA PHE C 736 -50.37 12.55 13.81
C PHE C 736 -50.19 11.63 12.61
N GLU C 737 -51.27 11.26 11.95
CA GLU C 737 -51.16 10.32 10.85
C GLU C 737 -50.60 10.96 9.60
N GLU C 738 -50.57 12.29 9.53
CA GLU C 738 -49.87 12.98 8.47
C GLU C 738 -48.40 13.17 8.81
N ALA C 739 -48.08 13.35 10.09
CA ALA C 739 -46.69 13.43 10.51
C ALA C 739 -45.99 12.09 10.46
N MET C 740 -46.75 10.99 10.55
CA MET C 740 -46.12 9.66 10.58
C MET C 740 -45.37 9.38 9.28
N ARG C 741 -45.95 9.72 8.14
CA ARG C 741 -45.33 9.34 6.87
C ARG C 741 -43.97 10.00 6.67
N PHE C 742 -43.65 11.04 7.42
CA PHE C 742 -42.31 11.61 7.43
C PHE C 742 -41.44 11.03 8.54
N ALA C 743 -41.96 10.09 9.32
CA ALA C 743 -41.20 9.50 10.40
C ALA C 743 -40.03 8.69 9.85
N ARG C 744 -38.86 8.87 10.46
CA ARG C 744 -37.63 8.23 10.02
C ARG C 744 -36.90 7.67 11.23
N ARG C 745 -36.22 6.54 11.03
CA ARG C 745 -35.42 5.92 12.07
C ARG C 745 -33.99 6.44 12.01
N SER C 746 -33.44 6.77 13.18
CA SER C 746 -32.12 7.38 13.24
C SER C 746 -31.01 6.36 13.23
N VAL C 747 -31.24 5.19 13.84
CA VAL C 747 -30.21 4.16 14.00
C VAL C 747 -30.53 3.02 13.05
N SER C 748 -29.59 2.73 12.16
CA SER C 748 -29.74 1.61 11.24
C SER C 748 -29.51 0.30 11.97
N ASP C 749 -30.16 -0.76 11.48
CA ASP C 749 -30.06 -2.05 12.17
C ASP C 749 -28.65 -2.60 12.18
N ASN C 750 -27.77 -2.11 11.31
CA ASN C 750 -26.37 -2.51 11.38
C ASN C 750 -25.72 -1.99 12.66
N ASP C 751 -25.98 -0.74 13.01
CA ASP C 751 -25.45 -0.20 14.26
C ASP C 751 -26.06 -0.92 15.46
N ILE C 752 -27.34 -1.24 15.39
CA ILE C 752 -27.96 -2.02 16.47
C ILE C 752 -27.28 -3.37 16.60
N ARG C 753 -26.97 -4.01 15.47
CA ARG C 753 -26.28 -5.28 15.52
C ARG C 753 -24.91 -5.15 16.15
N LYS C 754 -24.19 -4.07 15.81
CA LYS C 754 -22.88 -3.85 16.40
C LYS C 754 -22.97 -3.65 17.91
N TYR C 755 -23.95 -2.86 18.36
CA TYR C 755 -24.13 -2.66 19.79
C TYR C 755 -24.48 -3.96 20.49
N GLU C 756 -25.31 -4.79 19.87
CA GLU C 756 -25.64 -6.08 20.45
C GLU C 756 -24.42 -6.98 20.53
N MET C 757 -23.57 -6.94 19.50
CA MET C 757 -22.33 -7.71 19.55
C MET C 757 -21.46 -7.26 20.71
N PHE C 758 -21.34 -5.95 20.90
CA PHE C 758 -20.57 -5.44 22.04
C PHE C 758 -21.16 -5.91 23.37
N ALA C 759 -22.48 -5.80 23.51
CA ALA C 759 -23.12 -6.20 24.75
C ALA C 759 -22.91 -7.68 25.04
N GLN C 760 -23.01 -8.51 24.01
CA GLN C 760 -22.77 -9.94 24.19
C GLN C 760 -21.31 -10.21 24.54
N THR C 761 -20.38 -9.48 23.92
CA THR C 761 -18.97 -9.66 24.25
C THR C 761 -18.70 -9.29 25.70
N LEU C 762 -19.40 -8.31 26.23
CA LEU C 762 -19.26 -7.97 27.65
C LEU C 762 -20.01 -8.92 28.56
N GLN C 763 -20.83 -9.81 28.02
CA GLN C 763 -21.58 -10.75 28.84
C GLN C 763 -20.65 -11.77 29.48
N GLY C 767 -20.39 -20.59 29.60
CA GLY C 767 -19.73 -20.35 30.87
C GLY C 767 -20.13 -21.34 31.94
N PHE C 768 -20.09 -20.89 33.19
CA PHE C 768 -20.43 -21.78 34.31
C PHE C 768 -21.88 -22.22 34.24
N GLY C 769 -22.80 -21.26 34.08
CA GLY C 769 -24.20 -21.57 33.88
C GLY C 769 -24.87 -22.07 35.14
N SER C 770 -24.49 -23.26 35.59
CA SER C 770 -25.05 -23.88 36.79
C SER C 770 -23.88 -24.33 37.66
N PHE C 771 -23.38 -23.40 38.48
CA PHE C 771 -22.35 -23.70 39.45
C PHE C 771 -23.02 -23.93 40.79
N ARG C 772 -22.68 -25.05 41.43
CA ARG C 772 -23.27 -25.42 42.71
C ARG C 772 -22.19 -25.98 43.61
N PHE C 773 -22.34 -25.72 44.91
CA PHE C 773 -21.40 -26.24 45.88
C PHE C 773 -21.57 -27.75 46.01
N PRO C 774 -20.53 -28.45 46.47
CA PRO C 774 -20.62 -29.93 46.56
C PRO C 774 -21.76 -30.40 47.43
N SER C 775 -22.10 -29.65 48.47
CA SER C 775 -23.20 -30.01 49.36
C SER C 775 -22.97 -31.39 49.98
N GLU D 466 -0.40 14.91 47.87
CA GLU D 466 0.97 14.63 47.43
C GLU D 466 1.29 13.16 47.59
N THR D 467 2.54 12.79 47.38
CA THR D 467 2.95 11.39 47.46
C THR D 467 2.84 10.89 48.89
N VAL D 468 2.34 9.67 49.04
CA VAL D 468 2.25 9.00 50.33
C VAL D 468 3.48 8.11 50.47
N VAL D 469 4.20 8.26 51.58
CA VAL D 469 5.43 7.53 51.81
C VAL D 469 5.29 6.85 53.16
N GLU D 470 4.85 5.59 53.15
CA GLU D 470 4.65 4.84 54.38
C GLU D 470 4.93 3.37 54.12
N VAL D 471 5.11 2.63 55.21
CA VAL D 471 5.37 1.20 55.16
C VAL D 471 4.06 0.46 54.89
N PRO D 472 3.95 -0.31 53.82
CA PRO D 472 2.68 -0.98 53.54
C PRO D 472 2.33 -2.00 54.61
N GLN D 473 1.03 -2.20 54.81
CA GLN D 473 0.52 -3.15 55.79
C GLN D 473 0.19 -4.51 55.19
N VAL D 474 -0.03 -4.58 53.87
CA VAL D 474 -0.23 -5.87 53.23
C VAL D 474 1.02 -6.72 53.40
N THR D 475 0.83 -8.03 53.50
CA THR D 475 1.92 -8.96 53.76
C THR D 475 1.93 -10.04 52.68
N TRP D 476 2.87 -10.97 52.82
CA TRP D 476 2.98 -12.07 51.86
C TRP D 476 1.74 -12.95 51.90
N GLU D 477 1.15 -13.13 53.09
CA GLU D 477 -0.01 -13.99 53.22
C GLU D 477 -1.18 -13.53 52.35
N ASP D 478 -1.22 -12.25 51.97
CA ASP D 478 -2.28 -11.77 51.10
C ASP D 478 -2.17 -12.38 49.71
N ILE D 479 -1.01 -12.89 49.34
CA ILE D 479 -0.81 -13.61 48.08
C ILE D 479 -0.07 -14.89 48.43
N GLY D 480 -0.80 -16.00 48.50
CA GLY D 480 -0.23 -17.21 49.06
C GLY D 480 0.90 -17.79 48.24
N GLY D 481 0.77 -17.79 46.92
CA GLY D 481 1.71 -18.45 46.04
C GLY D 481 2.90 -17.58 45.69
N LEU D 482 3.52 -17.92 44.55
CA LEU D 482 4.67 -17.17 44.05
C LEU D 482 5.81 -17.18 45.07
N GLU D 483 6.02 -18.33 45.70
CA GLU D 483 7.12 -18.46 46.66
C GLU D 483 8.47 -18.31 45.97
N ASP D 484 8.59 -18.76 44.73
CA ASP D 484 9.85 -18.63 44.01
C ASP D 484 10.21 -17.16 43.81
N VAL D 485 9.29 -16.38 43.25
CA VAL D 485 9.57 -14.96 43.06
C VAL D 485 9.63 -14.25 44.40
N LYS D 486 8.93 -14.76 45.41
CA LYS D 486 9.04 -14.18 46.75
C LYS D 486 10.47 -14.28 47.25
N ARG D 487 11.07 -15.47 47.13
CA ARG D 487 12.46 -15.64 47.54
C ARG D 487 13.39 -14.79 46.67
N GLU D 488 13.13 -14.74 45.37
CA GLU D 488 13.98 -13.94 44.49
C GLU D 488 13.95 -12.47 44.88
N LEU D 489 12.77 -11.95 45.25
CA LEU D 489 12.68 -10.58 45.72
C LEU D 489 13.35 -10.42 47.07
N GLN D 490 13.22 -11.42 47.94
CA GLN D 490 13.87 -11.34 49.24
C GLN D 490 15.38 -11.19 49.09
N GLU D 491 15.98 -11.95 48.17
CA GLU D 491 17.42 -11.86 47.97
C GLU D 491 17.83 -10.65 47.15
N LEU D 492 16.89 -9.83 46.69
CA LEU D 492 17.22 -8.65 45.91
C LEU D 492 17.05 -7.35 46.68
N VAL D 493 16.25 -7.35 47.75
CA VAL D 493 16.03 -6.17 48.57
C VAL D 493 16.40 -6.42 50.02
N GLN D 494 15.98 -7.56 50.57
CA GLN D 494 16.23 -7.81 51.99
C GLN D 494 17.68 -8.17 52.26
N TYR D 495 18.39 -8.74 51.28
CA TYR D 495 19.75 -9.18 51.51
C TYR D 495 20.73 -8.02 51.48
N PRO D 496 20.65 -7.12 50.49
CA PRO D 496 21.54 -5.95 50.52
C PRO D 496 21.38 -5.11 51.77
N VAL D 497 20.17 -5.05 52.33
CA VAL D 497 19.90 -4.15 53.44
C VAL D 497 20.30 -4.78 54.77
N GLU D 498 19.91 -6.04 54.99
CA GLU D 498 20.21 -6.69 56.25
C GLU D 498 21.69 -7.01 56.38
N HIS D 499 22.33 -7.39 55.28
CA HIS D 499 23.71 -7.90 55.30
C HIS D 499 24.57 -7.20 54.27
N PRO D 500 24.76 -5.88 54.40
CA PRO D 500 25.75 -5.20 53.56
C PRO D 500 27.16 -5.71 53.81
N ASP D 501 27.46 -6.12 55.04
CA ASP D 501 28.80 -6.59 55.39
C ASP D 501 29.18 -7.85 54.61
N LYS D 502 28.20 -8.56 54.06
CA LYS D 502 28.49 -9.70 53.19
C LYS D 502 28.57 -9.29 51.74
N PHE D 503 27.90 -8.21 51.35
CA PHE D 503 27.97 -7.75 49.97
C PHE D 503 29.32 -7.10 49.70
N LEU D 504 29.84 -6.31 50.64
CA LEU D 504 31.17 -5.75 50.42
C LEU D 504 32.27 -6.78 50.62
N LYS D 505 31.93 -7.96 51.14
CA LYS D 505 32.92 -9.03 51.26
C LYS D 505 33.35 -9.52 49.88
N PHE D 506 32.39 -9.84 49.02
CA PHE D 506 32.67 -10.39 47.71
C PHE D 506 32.76 -9.33 46.62
N GLY D 507 32.65 -8.05 46.97
CA GLY D 507 32.64 -7.01 45.97
C GLY D 507 31.40 -7.00 45.12
N MET D 508 30.40 -7.81 45.44
CA MET D 508 29.15 -7.81 44.70
C MET D 508 28.45 -6.46 44.83
N THR D 509 27.99 -5.95 43.69
CA THR D 509 27.21 -4.72 43.67
C THR D 509 25.74 -5.09 43.54
N PRO D 510 24.90 -4.86 44.55
CA PRO D 510 23.50 -5.25 44.43
C PRO D 510 22.80 -4.53 43.29
N SER D 511 21.88 -5.23 42.64
CA SER D 511 21.05 -4.61 41.61
C SER D 511 20.06 -3.66 42.26
N LYS D 512 19.83 -2.52 41.61
CA LYS D 512 18.95 -1.49 42.12
C LYS D 512 17.65 -1.38 41.33
N GLY D 513 17.33 -2.34 40.49
CA GLY D 513 16.14 -2.26 39.65
C GLY D 513 15.56 -3.61 39.38
N VAL D 514 14.25 -3.64 39.19
CA VAL D 514 13.51 -4.86 38.87
C VAL D 514 12.29 -4.47 38.05
N LEU D 515 11.93 -5.32 37.10
CA LEU D 515 10.78 -5.08 36.23
C LEU D 515 9.81 -6.25 36.37
N PHE D 516 8.65 -5.97 36.95
CA PHE D 516 7.55 -6.92 37.01
C PHE D 516 6.78 -6.87 35.70
N TYR D 517 6.54 -8.02 35.09
CA TYR D 517 5.71 -8.08 33.90
C TYR D 517 4.82 -9.31 33.96
N GLY D 518 3.63 -9.19 33.37
CA GLY D 518 2.66 -10.25 33.37
C GLY D 518 1.28 -9.74 33.06
N PRO D 519 0.30 -10.63 33.02
CA PRO D 519 -1.06 -10.22 32.68
C PRO D 519 -1.63 -9.31 33.75
N PRO D 520 -2.59 -8.45 33.39
CA PRO D 520 -3.12 -7.49 34.38
C PRO D 520 -3.86 -8.19 35.51
N GLY D 521 -3.90 -7.52 36.66
CA GLY D 521 -4.62 -8.02 37.80
C GLY D 521 -4.06 -9.27 38.42
N CYS D 522 -2.74 -9.37 38.52
CA CYS D 522 -2.08 -10.54 39.07
C CYS D 522 -1.43 -10.30 40.41
N GLY D 523 -1.43 -9.07 40.91
CA GLY D 523 -0.83 -8.75 42.19
C GLY D 523 0.55 -8.15 42.12
N LYS D 524 0.90 -7.47 41.04
CA LYS D 524 2.22 -6.85 40.95
C LYS D 524 2.36 -5.73 41.99
N THR D 525 1.35 -4.86 42.07
CA THR D 525 1.37 -3.83 43.11
C THR D 525 1.38 -4.46 44.49
N LEU D 526 0.57 -5.50 44.68
CA LEU D 526 0.56 -6.20 45.95
C LEU D 526 1.93 -6.80 46.25
N LEU D 527 2.61 -7.33 45.23
CA LEU D 527 3.94 -7.87 45.44
C LEU D 527 4.92 -6.79 45.87
N ALA D 528 4.88 -5.63 45.21
CA ALA D 528 5.76 -4.54 45.60
C ALA D 528 5.51 -4.11 47.04
N LYS D 529 4.23 -3.96 47.40
CA LYS D 529 3.91 -3.58 48.77
C LYS D 529 4.36 -4.65 49.76
N ALA D 530 4.20 -5.92 49.40
CA ALA D 530 4.59 -7.00 50.30
C ALA D 530 6.10 -7.01 50.53
N ILE D 531 6.89 -6.84 49.47
CA ILE D 531 8.33 -6.82 49.65
C ILE D 531 8.75 -5.60 50.46
N ALA D 532 8.08 -4.47 50.25
CA ALA D 532 8.37 -3.31 51.08
C ALA D 532 8.05 -3.58 52.54
N ASN D 533 6.95 -4.29 52.79
CA ASN D 533 6.56 -4.59 54.17
C ASN D 533 7.55 -5.55 54.83
N GLU D 534 8.04 -6.53 54.09
CA GLU D 534 8.94 -7.52 54.69
C GLU D 534 10.21 -6.86 55.20
N CYS D 535 10.75 -5.90 54.45
CA CYS D 535 11.93 -5.17 54.85
C CYS D 535 11.61 -3.89 55.62
N GLN D 536 10.32 -3.61 55.84
CA GLN D 536 9.91 -2.39 56.56
C GLN D 536 10.48 -1.16 55.88
N ALA D 537 10.50 -1.17 54.56
CA ALA D 537 10.97 -0.06 53.75
C ALA D 537 9.80 0.78 53.29
N ASN D 538 10.01 2.09 53.25
CA ASN D 538 8.94 2.98 52.80
C ASN D 538 8.58 2.69 51.35
N PHE D 539 7.29 2.86 51.03
CA PHE D 539 6.76 2.57 49.71
C PHE D 539 6.28 3.87 49.07
N ILE D 540 6.80 4.16 47.88
CA ILE D 540 6.34 5.29 47.09
C ILE D 540 5.79 4.76 45.77
N SER D 541 4.56 5.11 45.46
CA SER D 541 3.86 4.59 44.29
C SER D 541 3.55 5.72 43.34
N ILE D 542 4.06 5.63 42.12
CA ILE D 542 3.77 6.58 41.05
C ILE D 542 2.87 5.87 40.04
N LYS D 543 1.74 6.48 39.71
CA LYS D 543 0.74 5.84 38.89
C LYS D 543 0.94 6.20 37.42
N GLY D 544 0.28 5.43 36.56
CA GLY D 544 0.34 5.65 35.13
C GLY D 544 -0.24 6.99 34.71
N PRO D 545 -1.42 7.36 35.21
CA PRO D 545 -1.96 8.68 34.86
C PRO D 545 -1.06 9.83 35.23
N GLU D 546 -0.39 9.75 36.40
CA GLU D 546 0.54 10.80 36.78
C GLU D 546 1.70 10.88 35.79
N LEU D 547 2.21 9.72 35.38
CA LEU D 547 3.30 9.71 34.41
C LEU D 547 2.86 10.29 33.08
N LEU D 548 1.66 9.94 32.63
CA LEU D 548 1.17 10.45 31.35
C LEU D 548 0.88 11.93 31.42
N THR D 549 0.50 12.47 32.58
CA THR D 549 0.28 13.92 32.66
C THR D 549 1.61 14.66 32.69
N MET D 550 2.62 14.11 33.37
CA MET D 550 3.93 14.78 33.28
C MET D 550 4.59 14.56 31.93
N TRP D 551 4.07 13.62 31.13
CA TRP D 551 4.51 13.50 29.75
C TRP D 551 3.82 14.53 28.86
N PHE D 552 2.49 14.55 28.89
CA PHE D 552 1.74 15.49 28.06
C PHE D 552 2.06 16.93 28.44
N GLY D 553 2.20 17.21 29.73
CA GLY D 553 2.54 18.54 30.20
C GLY D 553 3.82 19.05 29.60
N SER D 555 6.28 18.88 31.42
CA SER D 555 6.50 19.01 32.86
C SER D 555 7.14 17.75 33.41
N GLU D 556 8.22 17.32 32.76
CA GLU D 556 8.90 16.07 33.12
C GLU D 556 9.93 16.24 34.22
N ALA D 557 10.16 17.46 34.69
CA ALA D 557 11.15 17.69 35.74
C ALA D 557 10.64 17.30 37.12
N ASN D 558 9.39 16.85 37.22
CA ASN D 558 8.85 16.46 38.52
C ASN D 558 9.48 15.14 39.00
N VAL D 559 10.01 14.37 38.06
CA VAL D 559 10.66 13.10 38.36
C VAL D 559 11.84 13.35 39.29
N ARG D 560 12.50 14.49 39.10
CA ARG D 560 13.66 14.82 39.94
C ARG D 560 13.27 14.85 41.41
N GLU D 561 12.20 15.59 41.75
CA GLU D 561 11.83 15.67 43.16
C GLU D 561 11.16 14.39 43.62
N ILE D 562 10.56 13.61 42.71
CA ILE D 562 10.05 12.30 43.12
C ILE D 562 11.20 11.43 43.61
N PHE D 563 12.29 11.38 42.83
CA PHE D 563 13.45 10.60 43.24
C PHE D 563 14.09 11.20 44.48
N ASP D 564 14.03 12.53 44.63
CA ASP D 564 14.55 13.15 45.84
C ASP D 564 13.76 12.71 47.07
N LYS D 565 12.44 12.67 46.95
CA LYS D 565 11.60 12.17 48.04
C LYS D 565 11.97 10.74 48.38
N ALA D 566 12.17 9.90 47.36
CA ALA D 566 12.62 8.54 47.61
C ALA D 566 13.96 8.54 48.33
N ARG D 567 14.87 9.42 47.92
CA ARG D 567 16.20 9.49 48.52
C ARG D 567 16.12 9.89 49.99
N GLN D 568 15.19 10.76 50.35
CA GLN D 568 15.09 11.19 51.74
C GLN D 568 14.87 10.01 52.67
N ALA D 569 14.02 9.07 52.26
CA ALA D 569 13.82 7.82 52.99
C ALA D 569 14.75 6.78 52.40
N ALA D 570 15.81 6.45 53.13
CA ALA D 570 16.81 5.53 52.58
C ALA D 570 16.22 4.16 52.25
N PRO D 571 15.50 3.50 53.14
CA PRO D 571 14.90 2.20 52.77
C PRO D 571 13.58 2.40 52.03
N CYS D 572 13.69 2.64 50.72
CA CYS D 572 12.53 3.00 49.90
C CYS D 572 12.42 2.07 48.72
N VAL D 573 11.22 1.54 48.51
CA VAL D 573 10.90 0.77 47.31
C VAL D 573 10.11 1.70 46.39
N LEU D 574 10.82 2.42 45.53
CA LEU D 574 10.15 3.24 44.53
C LEU D 574 9.47 2.34 43.51
N PHE D 575 8.20 2.60 43.24
CA PHE D 575 7.38 1.71 42.42
C PHE D 575 6.72 2.53 41.32
N PHE D 576 7.15 2.31 40.08
CA PHE D 576 6.52 2.92 38.90
C PHE D 576 5.54 1.92 38.33
N ASP D 577 4.26 2.27 38.30
CA ASP D 577 3.21 1.38 37.85
C ASP D 577 2.83 1.71 36.42
N GLU D 578 2.65 0.67 35.61
CA GLU D 578 2.37 0.77 34.17
C GLU D 578 3.21 1.88 33.53
N LEU D 579 4.53 1.71 33.63
CA LEU D 579 5.43 2.64 32.96
C LEU D 579 5.48 2.43 31.46
N ASP D 580 4.74 1.44 30.93
CA ASP D 580 4.53 1.32 29.50
C ASP D 580 3.43 2.25 29.01
N SER D 581 2.88 3.09 29.90
CA SER D 581 1.77 3.95 29.52
C SER D 581 2.17 4.91 28.41
N ILE D 582 3.42 5.38 28.42
CA ILE D 582 3.86 6.32 27.39
C ILE D 582 3.85 5.63 26.04
N ALA D 583 4.42 4.42 25.97
CA ALA D 583 4.45 3.68 24.73
C ALA D 583 3.03 3.38 24.24
N LYS D 584 2.13 3.06 25.17
CA LYS D 584 0.73 2.86 24.79
C LYS D 584 0.12 4.14 24.23
N ALA D 585 0.40 5.28 24.84
CA ALA D 585 -0.19 6.55 24.43
C ALA D 585 0.40 7.10 23.14
N ARG D 586 1.61 6.68 22.78
CA ARG D 586 2.23 7.13 21.53
C ARG D 586 2.23 6.04 20.47
N GLY D 587 1.41 5.00 20.65
CA GLY D 587 1.32 3.92 19.68
C GLY D 587 -0.01 3.22 19.71
N GLY D 594 8.49 7.18 14.65
CA GLY D 594 9.25 7.45 15.86
C GLY D 594 9.57 6.19 16.64
N GLY D 595 10.71 6.21 17.34
CA GLY D 595 11.15 5.08 18.12
C GLY D 595 10.74 5.17 19.58
N ALA D 596 11.08 4.12 20.32
CA ALA D 596 10.75 4.03 21.74
C ALA D 596 11.64 5.00 22.52
N ALA D 597 11.13 6.19 22.80
CA ALA D 597 11.86 7.17 23.58
C ALA D 597 10.92 8.32 23.93
N ASP D 598 10.98 8.77 25.17
CA ASP D 598 10.13 9.86 25.64
C ASP D 598 10.89 10.66 26.68
N ARG D 599 10.70 11.98 26.66
CA ARG D 599 11.45 12.85 27.56
C ARG D 599 11.34 12.39 29.01
N VAL D 600 10.14 11.98 29.42
CA VAL D 600 9.98 11.51 30.80
C VAL D 600 10.80 10.25 31.02
N ILE D 601 10.80 9.33 30.05
CA ILE D 601 11.58 8.10 30.21
C ILE D 601 13.06 8.42 30.32
N ASN D 602 13.56 9.32 29.47
CA ASN D 602 14.98 9.61 29.50
C ASN D 602 15.37 10.31 30.80
N GLN D 603 14.50 11.19 31.32
CA GLN D 603 14.81 11.84 32.57
C GLN D 603 14.76 10.85 33.73
N ILE D 604 13.84 9.90 33.69
CA ILE D 604 13.84 8.83 34.68
C ILE D 604 15.14 8.06 34.61
N LEU D 605 15.62 7.77 33.40
CA LEU D 605 16.88 7.05 33.25
C LEU D 605 18.05 7.86 33.78
N THR D 606 18.05 9.17 33.53
CA THR D 606 19.10 10.03 34.07
C THR D 606 19.10 10.00 35.59
N GLU D 607 17.93 10.11 36.20
CA GLU D 607 17.84 10.04 37.66
C GLU D 607 18.24 8.66 38.17
N MET D 608 17.96 7.62 37.40
CA MET D 608 18.34 6.27 37.80
C MET D 608 19.85 6.11 37.81
N ASP D 609 20.50 6.53 36.74
CA ASP D 609 21.97 6.45 36.69
C ASP D 609 22.59 7.32 37.76
N GLY D 610 22.04 8.51 37.98
CA GLY D 610 22.60 9.41 38.97
C GLY D 610 22.51 8.88 40.39
N MET D 611 21.57 7.99 40.67
CA MET D 611 21.43 7.46 42.02
C MET D 611 22.74 6.83 42.47
N SER D 612 23.18 7.20 43.67
CA SER D 612 24.49 6.75 44.15
C SER D 612 24.58 5.23 44.20
N THR D 613 23.48 4.56 44.48
CA THR D 613 23.38 3.13 44.73
C THR D 613 23.91 2.77 46.11
N LYS D 614 24.52 3.71 46.84
CA LYS D 614 24.85 3.46 48.24
C LYS D 614 23.61 3.51 49.12
N LYS D 615 22.65 4.38 48.77
CA LYS D 615 21.38 4.41 49.47
C LYS D 615 20.65 3.09 49.28
N ASN D 616 19.63 2.88 50.11
CA ASN D 616 18.80 1.70 50.01
C ASN D 616 17.59 1.91 49.12
N VAL D 617 17.68 2.85 48.17
CA VAL D 617 16.56 3.09 47.26
C VAL D 617 16.57 2.02 46.19
N PHE D 618 15.47 1.28 46.10
CA PHE D 618 15.34 0.16 45.19
C PHE D 618 14.11 0.39 44.32
N ILE D 619 14.28 0.34 43.01
CA ILE D 619 13.23 0.70 42.07
C ILE D 619 12.57 -0.56 41.54
N ILE D 620 11.24 -0.54 41.48
CA ILE D 620 10.47 -1.62 40.89
C ILE D 620 9.51 -1.01 39.88
N GLY D 621 9.43 -1.62 38.71
CA GLY D 621 8.53 -1.15 37.68
C GLY D 621 7.63 -2.26 37.17
N ALA D 622 6.32 -2.05 37.20
CA ALA D 622 5.35 -3.03 36.77
C ALA D 622 4.83 -2.68 35.40
N THR D 623 4.67 -3.69 34.55
CA THR D 623 4.25 -3.47 33.17
C THR D 623 3.38 -4.63 32.73
N ASN D 624 2.35 -4.33 31.93
CA ASN D 624 1.55 -5.37 31.28
C ASN D 624 2.01 -5.66 29.87
N ARG D 625 2.80 -4.77 29.26
CA ARG D 625 3.21 -4.90 27.87
C ARG D 625 4.72 -4.68 27.77
N PRO D 626 5.50 -5.64 28.25
CA PRO D 626 6.97 -5.49 28.18
C PRO D 626 7.49 -5.42 26.76
N ASP D 627 6.71 -5.86 25.77
CA ASP D 627 7.20 -5.89 24.39
C ASP D 627 7.40 -4.50 23.84
N ILE D 628 6.65 -3.50 24.34
CA ILE D 628 6.76 -2.13 23.84
C ILE D 628 7.60 -1.24 24.74
N ILE D 629 8.13 -1.77 25.84
CA ILE D 629 9.00 -0.98 26.70
C ILE D 629 10.21 -0.52 25.89
N ASP D 630 10.66 0.69 26.15
CA ASP D 630 11.87 1.19 25.52
C ASP D 630 13.05 0.35 25.98
N PRO D 631 13.85 -0.20 25.07
CA PRO D 631 15.01 -0.99 25.50
C PRO D 631 15.99 -0.21 26.36
N ALA D 632 15.94 1.12 26.32
CA ALA D 632 16.82 1.93 27.16
C ALA D 632 16.68 1.55 28.62
N ILE D 633 15.47 1.23 29.06
CA ILE D 633 15.23 0.93 30.47
C ILE D 633 15.92 -0.37 30.87
N LEU D 634 15.90 -1.37 29.99
CA LEU D 634 16.37 -2.71 30.35
C LEU D 634 17.87 -2.78 30.06
N ARG D 635 18.67 -2.68 31.12
CA ARG D 635 20.13 -2.66 30.98
C ARG D 635 20.75 -2.66 32.37
N PRO D 636 21.98 -3.15 32.53
CA PRO D 636 22.62 -3.07 33.84
C PRO D 636 22.71 -1.63 34.33
N GLY D 637 22.53 -1.46 35.64
CA GLY D 637 22.40 -0.15 36.24
C GLY D 637 21.01 0.42 36.17
N ARG D 638 20.06 -0.32 35.61
CA ARG D 638 18.67 0.12 35.47
C ARG D 638 17.81 -1.08 35.79
N LEU D 639 16.54 -1.04 35.38
CA LEU D 639 15.68 -2.20 35.57
C LEU D 639 16.22 -3.34 34.71
N ASP D 640 16.91 -4.29 35.33
CA ASP D 640 17.55 -5.37 34.60
C ASP D 640 16.96 -6.74 34.94
N GLN D 641 16.64 -6.99 36.20
CA GLN D 641 16.01 -8.25 36.58
C GLN D 641 14.54 -8.20 36.16
N LEU D 642 14.22 -8.92 35.08
CA LEU D 642 12.85 -9.05 34.62
C LEU D 642 12.23 -10.28 35.26
N ILE D 643 11.13 -10.09 35.97
CA ILE D 643 10.48 -11.15 36.72
C ILE D 643 9.07 -11.33 36.17
N TYR D 644 8.70 -12.58 35.90
CA TYR D 644 7.40 -12.91 35.34
C TYR D 644 6.43 -13.28 36.45
N ILE D 645 5.27 -12.64 36.46
CA ILE D 645 4.24 -12.93 37.45
C ILE D 645 3.05 -13.54 36.73
N PRO D 646 2.89 -14.86 36.73
CA PRO D 646 1.78 -15.49 36.01
C PRO D 646 0.48 -15.39 36.79
N LEU D 647 -0.57 -15.97 36.21
CA LEU D 647 -1.86 -16.00 36.87
C LEU D 647 -1.78 -16.86 38.14
N PRO D 648 -2.61 -16.56 39.14
CA PRO D 648 -2.55 -17.34 40.37
C PRO D 648 -2.85 -18.81 40.14
N ASP D 649 -2.19 -19.66 40.92
CA ASP D 649 -2.49 -21.07 40.96
C ASP D 649 -3.50 -21.35 42.08
N GLU D 650 -3.89 -22.62 42.23
CA GLU D 650 -5.00 -22.93 43.13
C GLU D 650 -4.71 -22.48 44.56
N LYS D 651 -3.50 -22.74 45.05
CA LYS D 651 -3.15 -22.30 46.40
C LYS D 651 -3.14 -20.78 46.48
N SER D 652 -2.56 -20.13 45.48
CA SER D 652 -2.59 -18.67 45.44
C SER D 652 -4.01 -18.16 45.31
N ARG D 653 -4.86 -18.86 44.56
CA ARG D 653 -6.25 -18.43 44.42
C ARG D 653 -6.97 -18.48 45.75
N VAL D 654 -6.81 -19.57 46.50
CA VAL D 654 -7.49 -19.67 47.79
C VAL D 654 -6.94 -18.63 48.76
N ALA D 655 -5.65 -18.35 48.69
CA ALA D 655 -5.09 -17.29 49.54
C ALA D 655 -5.69 -15.93 49.19
N ILE D 656 -5.82 -15.65 47.88
CA ILE D 656 -6.38 -14.37 47.44
C ILE D 656 -7.84 -14.26 47.84
N LEU D 657 -8.56 -15.38 47.87
CA LEU D 657 -9.94 -15.36 48.35
C LEU D 657 -9.99 -15.10 49.85
N LYS D 658 -9.20 -15.85 50.61
CA LYS D 658 -9.19 -15.69 52.06
C LYS D 658 -8.91 -14.24 52.43
N ALA D 659 -7.84 -13.68 51.90
CA ALA D 659 -7.70 -12.23 51.89
C ALA D 659 -8.78 -11.66 50.99
N ASN D 660 -9.24 -10.45 51.31
CA ASN D 660 -10.22 -9.77 50.49
C ASN D 660 -11.60 -10.42 50.67
N LEU D 661 -11.67 -11.57 51.34
CA LEU D 661 -12.95 -12.11 51.77
C LEU D 661 -13.09 -12.22 53.27
N ARG D 662 -11.98 -12.40 53.99
CA ARG D 662 -12.07 -12.61 55.43
C ARG D 662 -12.70 -11.41 56.14
N LYS D 663 -12.59 -10.22 55.57
CA LYS D 663 -13.20 -9.04 56.19
C LYS D 663 -14.71 -9.23 56.30
N SER D 664 -15.34 -9.62 55.19
CA SER D 664 -16.78 -9.78 55.19
C SER D 664 -17.18 -11.00 56.03
N PRO D 665 -18.42 -11.04 56.53
CA PRO D 665 -18.87 -12.22 57.28
C PRO D 665 -19.33 -13.32 56.34
N VAL D 666 -18.61 -14.44 56.33
CA VAL D 666 -18.94 -15.60 55.52
C VAL D 666 -19.15 -16.78 56.45
N ALA D 667 -20.17 -17.58 56.17
CA ALA D 667 -20.54 -18.69 57.04
C ALA D 667 -21.10 -19.81 56.17
N LYS D 668 -21.83 -20.74 56.79
CA LYS D 668 -22.34 -21.92 56.10
C LYS D 668 -21.19 -22.84 55.72
N ASP D 669 -21.27 -23.47 54.56
CA ASP D 669 -20.18 -24.34 54.10
C ASP D 669 -19.59 -23.78 52.81
N VAL D 670 -19.35 -22.47 52.76
CA VAL D 670 -18.67 -21.88 51.62
C VAL D 670 -17.25 -22.44 51.59
N ASP D 671 -16.97 -23.31 50.62
CA ASP D 671 -15.66 -23.93 50.50
C ASP D 671 -14.83 -23.09 49.55
N LEU D 672 -14.04 -22.18 50.13
CA LEU D 672 -13.15 -21.37 49.31
C LEU D 672 -12.19 -22.26 48.53
N GLU D 673 -11.86 -23.44 49.05
CA GLU D 673 -11.03 -24.37 48.30
C GLU D 673 -11.73 -24.83 47.04
N PHE D 674 -13.05 -25.08 47.13
CA PHE D 674 -13.78 -25.48 45.94
C PHE D 674 -13.78 -24.38 44.88
N LEU D 675 -13.99 -23.13 45.30
CA LEU D 675 -13.92 -22.03 44.36
C LEU D 675 -12.55 -21.92 43.74
N ALA D 676 -11.50 -22.07 44.55
CA ALA D 676 -10.15 -22.04 44.02
C ALA D 676 -9.95 -23.12 42.96
N LYS D 677 -10.45 -24.33 43.24
CA LYS D 677 -10.34 -25.40 42.26
C LYS D 677 -11.07 -25.06 40.97
N MET D 678 -12.29 -24.53 41.09
CA MET D 678 -13.11 -24.29 39.90
C MET D 678 -12.55 -23.16 39.05
N THR D 679 -12.16 -22.06 39.68
CA THR D 679 -11.59 -20.92 38.96
C THR D 679 -10.14 -21.23 38.62
N ASN D 680 -9.87 -21.46 37.34
CA ASN D 680 -8.55 -21.89 36.88
C ASN D 680 -7.83 -20.82 36.08
N GLY D 681 -8.48 -20.23 35.09
CA GLY D 681 -7.90 -19.16 34.32
C GLY D 681 -8.12 -17.78 34.90
N PHE D 682 -8.69 -17.69 36.10
CA PHE D 682 -9.01 -16.43 36.71
C PHE D 682 -7.76 -15.75 37.27
N SER D 683 -7.84 -14.43 37.37
CA SER D 683 -6.80 -13.61 37.98
C SER D 683 -7.31 -13.06 39.31
N GLY D 684 -6.45 -12.33 40.01
CA GLY D 684 -6.85 -11.74 41.27
C GLY D 684 -8.05 -10.81 41.12
N ALA D 685 -8.06 -10.03 40.04
CA ALA D 685 -9.17 -9.12 39.81
C ALA D 685 -10.48 -9.87 39.62
N ASP D 686 -10.43 -11.00 38.92
CA ASP D 686 -11.65 -11.77 38.70
C ASP D 686 -12.21 -12.32 40.01
N LEU D 687 -11.33 -12.86 40.87
CA LEU D 687 -11.79 -13.34 42.17
C LEU D 687 -12.31 -12.20 43.02
N THR D 688 -11.66 -11.04 42.96
CA THR D 688 -12.16 -9.89 43.67
C THR D 688 -13.55 -9.51 43.20
N GLU D 689 -13.78 -9.55 41.89
CA GLU D 689 -15.10 -9.27 41.35
C GLU D 689 -16.13 -10.28 41.85
N ILE D 690 -15.74 -11.56 41.90
CA ILE D 690 -16.66 -12.58 42.40
C ILE D 690 -17.07 -12.26 43.84
N CYS D 691 -16.07 -11.97 44.69
CA CYS D 691 -16.36 -11.68 46.09
C CYS D 691 -17.21 -10.44 46.25
N GLN D 692 -16.92 -9.39 45.47
CA GLN D 692 -17.71 -8.18 45.53
C GLN D 692 -19.14 -8.43 45.10
N ARG D 693 -19.32 -9.24 44.05
CA ARG D 693 -20.67 -9.56 43.60
C ARG D 693 -21.44 -10.32 44.68
N ALA D 694 -20.78 -11.26 45.35
CA ALA D 694 -21.44 -11.99 46.43
C ALA D 694 -21.84 -11.06 47.56
N CYS D 695 -20.93 -10.16 47.96
CA CYS D 695 -21.26 -9.20 49.01
C CYS D 695 -22.42 -8.31 48.59
N LYS D 696 -22.43 -7.87 47.34
CA LYS D 696 -23.51 -7.01 46.87
C LYS D 696 -24.84 -7.74 46.85
N LEU D 697 -24.83 -9.02 46.46
CA LEU D 697 -26.06 -9.81 46.52
C LEU D 697 -26.57 -9.93 47.95
N ALA D 698 -25.66 -10.19 48.89
CA ALA D 698 -26.06 -10.28 50.29
C ALA D 698 -26.64 -8.96 50.77
N ILE D 699 -26.01 -7.85 50.41
CA ILE D 699 -26.50 -6.54 50.82
C ILE D 699 -27.89 -6.29 50.25
N ARG D 700 -28.09 -6.63 48.98
CA ARG D 700 -29.40 -6.44 48.36
C ARG D 700 -30.45 -7.27 49.08
N GLU D 701 -30.15 -8.53 49.38
CA GLU D 701 -31.12 -9.37 50.06
C GLU D 701 -31.45 -8.81 51.45
N SER D 702 -30.43 -8.37 52.18
CA SER D 702 -30.67 -7.82 53.51
C SER D 702 -31.53 -6.55 53.43
N ILE D 703 -31.25 -5.69 52.45
CA ILE D 703 -32.05 -4.47 52.30
C ILE D 703 -33.50 -4.83 52.01
N GLU D 704 -33.71 -5.75 51.06
CA GLU D 704 -35.07 -6.15 50.74
C GLU D 704 -35.78 -6.72 51.97
N SER D 705 -35.06 -7.48 52.80
CA SER D 705 -35.64 -7.99 54.03
C SER D 705 -36.03 -6.86 54.96
N GLU D 706 -35.15 -5.87 55.13
CA GLU D 706 -35.48 -4.74 55.99
C GLU D 706 -36.65 -3.94 55.42
N ILE D 707 -36.59 -3.60 54.15
CA ILE D 707 -37.65 -2.86 53.50
C ILE D 707 -38.81 -3.80 53.18
N PRO D 727 -31.19 -9.50 60.21
CA PRO D 727 -30.74 -10.89 60.16
C PRO D 727 -29.77 -11.14 59.00
N VAL D 728 -29.61 -12.40 58.62
CA VAL D 728 -28.74 -12.80 57.52
C VAL D 728 -27.42 -12.04 57.61
N PRO D 729 -26.67 -12.16 58.71
CA PRO D 729 -25.45 -11.38 58.87
C PRO D 729 -24.25 -12.04 58.23
N GLU D 730 -24.49 -13.03 57.37
CA GLU D 730 -23.44 -13.81 56.75
C GLU D 730 -23.76 -14.01 55.27
N ILE D 731 -22.71 -14.18 54.48
CA ILE D 731 -22.84 -14.43 53.05
C ILE D 731 -23.00 -15.93 52.87
N ARG D 732 -24.20 -16.37 52.50
CA ARG D 732 -24.50 -17.79 52.41
C ARG D 732 -23.90 -18.39 51.13
N ARG D 733 -23.99 -19.72 51.05
CA ARG D 733 -23.50 -20.41 49.85
C ARG D 733 -24.32 -20.02 48.63
N ASP D 734 -25.62 -19.79 48.81
CA ASP D 734 -26.45 -19.38 47.68
C ASP D 734 -25.92 -18.11 47.04
N HIS D 735 -25.46 -17.16 47.85
CA HIS D 735 -24.93 -15.92 47.29
C HIS D 735 -23.73 -16.19 46.41
N PHE D 736 -22.77 -16.99 46.90
CA PHE D 736 -21.57 -17.27 46.11
C PHE D 736 -21.91 -18.04 44.84
N GLU D 737 -22.76 -19.05 44.94
CA GLU D 737 -23.05 -19.88 43.78
C GLU D 737 -23.97 -19.18 42.79
N GLU D 738 -24.64 -18.11 43.21
CA GLU D 738 -25.36 -17.26 42.27
C GLU D 738 -24.46 -16.20 41.66
N ALA D 739 -23.45 -15.74 42.40
CA ALA D 739 -22.52 -14.77 41.85
C ALA D 739 -21.55 -15.43 40.87
N MET D 740 -21.29 -16.72 41.04
CA MET D 740 -20.31 -17.39 40.19
C MET D 740 -20.74 -17.40 38.73
N ARG D 741 -22.02 -17.62 38.46
CA ARG D 741 -22.46 -17.75 37.08
C ARG D 741 -22.26 -16.48 36.28
N PHE D 742 -22.05 -15.34 36.94
CA PHE D 742 -21.63 -14.12 36.27
C PHE D 742 -20.12 -13.97 36.21
N ALA D 743 -19.38 -14.93 36.75
CA ALA D 743 -17.93 -14.85 36.76
C ALA D 743 -17.37 -14.88 35.35
N ARG D 744 -16.40 -14.01 35.09
CA ARG D 744 -15.79 -13.87 33.78
C ARG D 744 -14.28 -13.78 33.94
N ARG D 745 -13.55 -14.34 32.98
CA ARG D 745 -12.10 -14.27 32.96
C ARG D 745 -11.65 -13.03 32.20
N SER D 746 -10.72 -12.29 32.80
CA SER D 746 -10.28 -11.02 32.21
C SER D 746 -9.23 -11.22 31.13
N VAL D 747 -8.36 -12.22 31.28
CA VAL D 747 -7.24 -12.43 30.37
C VAL D 747 -7.54 -13.64 29.52
N SER D 748 -7.59 -13.44 28.20
CA SER D 748 -7.82 -14.54 27.27
C SER D 748 -6.55 -15.37 27.13
N ASP D 749 -6.72 -16.66 26.84
CA ASP D 749 -5.58 -17.56 26.78
C ASP D 749 -4.60 -17.18 25.68
N ASN D 750 -5.02 -16.38 24.70
CA ASN D 750 -4.06 -15.87 23.72
C ASN D 750 -3.04 -14.96 24.37
N ASP D 751 -3.50 -14.04 25.23
CA ASP D 751 -2.57 -13.17 25.94
C ASP D 751 -1.67 -13.97 26.87
N ILE D 752 -2.23 -14.99 27.52
CA ILE D 752 -1.41 -15.84 28.38
C ILE D 752 -0.33 -16.52 27.54
N ARG D 753 -0.69 -16.99 26.34
CA ARG D 753 0.29 -17.62 25.48
C ARG D 753 1.38 -16.63 25.08
N LYS D 754 1.00 -15.39 24.79
CA LYS D 754 1.99 -14.38 24.44
C LYS D 754 2.93 -14.10 25.60
N TYR D 755 2.40 -13.99 26.81
CA TYR D 755 3.25 -13.75 27.97
C TYR D 755 4.19 -14.94 28.20
N GLU D 756 3.68 -16.15 28.01
CA GLU D 756 4.54 -17.33 28.15
C GLU D 756 5.64 -17.34 27.11
N MET D 757 5.33 -16.94 25.88
CA MET D 757 6.35 -16.84 24.85
C MET D 757 7.42 -15.84 25.24
N PHE D 758 7.01 -14.69 25.77
CA PHE D 758 7.98 -13.70 26.24
C PHE D 758 8.86 -14.27 27.35
N ALA D 759 8.24 -14.93 28.32
CA ALA D 759 9.00 -15.49 29.44
C ALA D 759 10.01 -16.52 28.95
N GLN D 760 9.59 -17.37 28.02
CA GLN D 760 10.50 -18.36 27.45
C GLN D 760 11.63 -17.68 26.70
N THR D 761 11.32 -16.62 25.94
CA THR D 761 12.37 -15.89 25.24
C THR D 761 13.38 -15.29 26.19
N LEU D 762 12.96 -14.91 27.39
CA LEU D 762 13.88 -14.41 28.40
C LEU D 762 14.59 -15.52 29.16
N GLN D 763 14.22 -16.79 28.93
CA GLN D 763 14.87 -17.91 29.59
C GLN D 763 16.38 -17.86 29.38
N GLY D 767 20.64 -24.91 25.87
CA GLY D 767 21.77 -24.20 26.42
C GLY D 767 22.81 -25.12 27.03
N PHE D 768 23.53 -24.60 28.04
CA PHE D 768 24.58 -25.38 28.68
C PHE D 768 23.98 -26.58 29.42
N GLY D 769 22.96 -26.35 30.23
CA GLY D 769 22.24 -27.43 30.87
C GLY D 769 23.03 -28.08 31.98
N SER D 770 24.10 -28.79 31.62
CA SER D 770 24.98 -29.48 32.56
C SER D 770 26.41 -29.06 32.25
N PHE D 771 26.83 -27.94 32.82
CA PHE D 771 28.20 -27.46 32.71
C PHE D 771 28.94 -27.88 33.97
N ARG D 772 30.09 -28.53 33.80
CA ARG D 772 30.89 -28.98 34.93
C ARG D 772 32.35 -28.69 34.65
N PHE D 773 33.09 -28.42 35.73
CA PHE D 773 34.51 -28.16 35.61
C PHE D 773 35.24 -29.45 35.28
N PRO D 774 36.43 -29.35 34.67
CA PRO D 774 37.13 -30.58 34.25
C PRO D 774 37.41 -31.54 35.40
N SER D 775 37.63 -31.02 36.60
CA SER D 775 37.89 -31.87 37.76
C SER D 775 39.12 -32.74 37.54
N GLU E 466 27.29 17.54 38.20
CA GLU E 466 27.79 18.01 36.92
C GLU E 466 28.77 17.01 36.33
N THR E 467 29.40 17.38 35.21
CA THR E 467 30.35 16.49 34.57
C THR E 467 31.58 16.29 35.42
N VAL E 468 32.06 15.06 35.47
CA VAL E 468 33.29 14.71 36.18
C VAL E 468 34.41 14.62 35.17
N VAL E 469 35.51 15.31 35.44
CA VAL E 469 36.65 15.39 34.53
C VAL E 469 37.86 14.85 35.30
N GLU E 470 38.12 13.56 35.15
CA GLU E 470 39.18 12.90 35.90
C GLU E 470 39.87 11.88 35.01
N VAL E 471 41.13 11.61 35.32
CA VAL E 471 41.92 10.60 34.61
C VAL E 471 41.44 9.22 35.00
N PRO E 472 40.98 8.40 34.05
CA PRO E 472 40.46 7.08 34.43
C PRO E 472 41.55 6.19 35.02
N GLN E 473 41.11 5.29 35.90
CA GLN E 473 42.01 4.34 36.55
C GLN E 473 42.03 2.98 35.88
N VAL E 474 40.96 2.60 35.17
CA VAL E 474 40.98 1.36 34.41
C VAL E 474 42.12 1.40 33.40
N THR E 475 42.81 0.28 33.27
CA THR E 475 43.98 0.17 32.39
C THR E 475 43.67 -0.76 31.23
N TRP E 476 44.67 -0.92 30.36
CA TRP E 476 44.50 -1.83 29.22
C TRP E 476 44.31 -3.26 29.67
N GLU E 477 44.96 -3.66 30.76
CA GLU E 477 44.88 -5.05 31.20
C GLU E 477 43.46 -5.45 31.58
N ASP E 478 42.59 -4.49 31.87
CA ASP E 478 41.21 -4.84 32.18
C ASP E 478 40.51 -5.44 30.96
N ILE E 479 41.06 -5.26 29.77
CA ILE E 479 40.63 -5.96 28.58
C ILE E 479 41.88 -6.44 27.85
N GLY E 480 42.12 -7.75 27.87
CA GLY E 480 43.42 -8.26 27.47
C GLY E 480 43.66 -8.31 25.97
N GLY E 481 42.59 -8.36 25.18
CA GLY E 481 42.71 -8.50 23.75
C GLY E 481 42.73 -7.18 23.02
N LEU E 482 42.39 -7.25 21.73
CA LEU E 482 42.28 -6.06 20.89
C LEU E 482 43.58 -5.27 20.87
N GLU E 483 44.70 -5.99 20.79
CA GLU E 483 46.00 -5.32 20.68
C GLU E 483 46.13 -4.55 19.38
N ASP E 484 45.44 -4.99 18.32
CA ASP E 484 45.49 -4.26 17.06
C ASP E 484 44.88 -2.87 17.22
N VAL E 485 43.65 -2.80 17.75
CA VAL E 485 43.04 -1.49 17.96
C VAL E 485 43.74 -0.76 19.10
N LYS E 486 44.37 -1.50 20.02
CA LYS E 486 45.20 -0.85 21.03
C LYS E 486 46.27 0.00 20.37
N ARG E 487 47.03 -0.61 19.45
CA ARG E 487 48.08 0.12 18.75
C ARG E 487 47.49 1.23 17.88
N GLU E 488 46.36 0.95 17.23
CA GLU E 488 45.72 1.95 16.39
C GLU E 488 45.36 3.19 17.21
N LEU E 489 44.84 2.99 18.42
CA LEU E 489 44.52 4.12 19.29
C LEU E 489 45.78 4.79 19.79
N GLN E 490 46.81 4.01 20.11
CA GLN E 490 48.07 4.61 20.57
C GLN E 490 48.61 5.58 19.53
N GLU E 491 48.58 5.19 18.26
CA GLU E 491 49.09 6.06 17.22
C GLU E 491 48.12 7.18 16.86
N LEU E 492 46.94 7.23 17.47
CA LEU E 492 45.96 8.26 17.16
C LEU E 492 45.81 9.29 18.27
N VAL E 493 46.17 8.94 19.51
CA VAL E 493 46.10 9.87 20.63
C VAL E 493 47.46 10.05 21.30
N GLN E 494 48.20 8.96 21.50
CA GLN E 494 49.46 9.06 22.23
C GLN E 494 50.56 9.69 21.39
N TYR E 495 50.52 9.51 20.07
CA TYR E 495 51.60 10.00 19.23
C TYR E 495 51.51 11.51 19.01
N PRO E 496 50.33 12.06 18.71
CA PRO E 496 50.23 13.51 18.58
C PRO E 496 50.62 14.26 19.84
N VAL E 497 50.42 13.65 21.01
CA VAL E 497 50.64 14.35 22.27
C VAL E 497 52.09 14.27 22.71
N GLU E 498 52.68 13.07 22.68
CA GLU E 498 54.06 12.92 23.13
C GLU E 498 55.05 13.49 22.12
N HIS E 499 54.76 13.43 20.83
CA HIS E 499 55.71 13.79 19.79
C HIS E 499 55.06 14.73 18.78
N PRO E 500 54.64 15.93 19.21
CA PRO E 500 54.22 16.95 18.25
C PRO E 500 55.33 17.37 17.31
N ASP E 501 56.57 17.35 17.79
CA ASP E 501 57.72 17.75 16.97
C ASP E 501 57.90 16.84 15.77
N LYS E 502 57.34 15.63 15.81
CA LYS E 502 57.39 14.76 14.66
C LYS E 502 56.22 15.02 13.72
N PHE E 503 55.09 15.47 14.26
CA PHE E 503 53.94 15.77 13.40
C PHE E 503 54.17 17.04 12.60
N LEU E 504 54.78 18.05 13.22
CA LEU E 504 55.06 19.26 12.47
C LEU E 504 56.22 19.09 11.51
N LYS E 505 56.97 18.00 11.61
CA LYS E 505 58.06 17.75 10.68
C LYS E 505 57.52 17.39 9.30
N PHE E 506 56.56 16.48 9.25
CA PHE E 506 55.99 16.01 7.99
C PHE E 506 54.76 16.79 7.56
N GLY E 507 54.35 17.80 8.31
CA GLY E 507 53.13 18.51 7.99
C GLY E 507 51.88 17.71 8.21
N MET E 508 51.99 16.53 8.80
CA MET E 508 50.82 15.72 9.10
C MET E 508 49.92 16.45 10.09
N THR E 509 48.63 16.46 9.79
CA THR E 509 47.63 17.01 10.70
C THR E 509 46.95 15.85 11.42
N PRO E 510 47.14 15.69 12.73
CA PRO E 510 46.53 14.55 13.42
C PRO E 510 45.00 14.60 13.33
N SER E 511 44.40 13.42 13.27
CA SER E 511 42.95 13.32 13.34
C SER E 511 42.47 13.58 14.76
N LYS E 512 41.31 14.22 14.87
CA LYS E 512 40.74 14.59 16.15
C LYS E 512 39.38 13.91 16.36
N GLY E 513 39.19 12.73 15.79
CA GLY E 513 37.92 12.05 15.92
C GLY E 513 37.99 10.58 15.57
N VAL E 514 37.39 9.74 16.41
CA VAL E 514 37.31 8.31 16.19
C VAL E 514 35.91 7.85 16.56
N LEU E 515 35.35 6.95 15.78
CA LEU E 515 34.02 6.39 16.03
C LEU E 515 34.17 4.90 16.33
N PHE E 516 33.79 4.50 17.53
CA PHE E 516 33.74 3.09 17.90
C PHE E 516 32.38 2.51 17.54
N TYR E 517 32.37 1.39 16.84
CA TYR E 517 31.12 0.71 16.55
C TYR E 517 31.30 -0.79 16.75
N GLY E 518 30.22 -1.44 17.15
CA GLY E 518 30.23 -2.85 17.41
C GLY E 518 29.05 -3.28 18.27
N PRO E 519 28.94 -4.56 18.56
CA PRO E 519 27.82 -5.06 19.34
C PRO E 519 27.87 -4.53 20.77
N PRO E 520 26.73 -4.44 21.44
CA PRO E 520 26.71 -3.87 22.79
C PRO E 520 27.50 -4.71 23.78
N GLY E 521 28.00 -4.04 24.83
CA GLY E 521 28.69 -4.73 25.91
C GLY E 521 30.01 -5.34 25.50
N CYS E 522 30.79 -4.64 24.68
CA CYS E 522 32.08 -5.15 24.22
C CYS E 522 33.26 -4.43 24.82
N GLY E 523 33.05 -3.36 25.58
CA GLY E 523 34.12 -2.60 26.18
C GLY E 523 34.51 -1.33 25.46
N LYS E 524 33.58 -0.70 24.74
CA LYS E 524 33.91 0.55 24.06
C LYS E 524 34.19 1.64 25.07
N THR E 525 33.34 1.78 26.09
CA THR E 525 33.61 2.74 27.15
C THR E 525 34.91 2.40 27.87
N LEU E 526 35.12 1.12 28.13
CA LEU E 526 36.38 0.70 28.75
C LEU E 526 37.56 1.04 27.87
N LEU E 527 37.42 0.88 26.56
CA LEU E 527 38.50 1.24 25.65
C LEU E 527 38.81 2.73 25.71
N ALA E 528 37.77 3.57 25.71
CA ALA E 528 37.99 5.01 25.79
C ALA E 528 38.69 5.37 27.10
N LYS E 529 38.23 4.79 28.20
CA LYS E 529 38.86 5.07 29.49
C LYS E 529 40.31 4.59 29.50
N ALA E 530 40.57 3.43 28.91
CA ALA E 530 41.93 2.90 28.89
C ALA E 530 42.87 3.79 28.08
N ILE E 531 42.43 4.24 26.91
CA ILE E 531 43.29 5.10 26.11
C ILE E 531 43.51 6.43 26.82
N ALA E 532 42.48 6.95 27.49
CA ALA E 532 42.69 8.15 28.30
C ALA E 532 43.70 7.90 29.40
N ASN E 533 43.65 6.73 30.02
CA ASN E 533 44.57 6.42 31.10
C ASN E 533 46.01 6.33 30.61
N GLU E 534 46.23 5.72 29.44
CA GLU E 534 47.60 5.55 28.96
C GLU E 534 48.27 6.89 28.73
N CYS E 535 47.55 7.85 28.17
CA CYS E 535 48.09 9.19 27.95
C CYS E 535 47.91 10.09 29.16
N GLN E 536 47.26 9.60 30.22
CA GLN E 536 46.97 10.41 31.40
C GLN E 536 46.20 11.66 31.03
N ALA E 537 45.27 11.51 30.09
CA ALA E 537 44.42 12.60 29.63
C ALA E 537 43.09 12.56 30.36
N ASN E 538 42.54 13.73 30.66
CA ASN E 538 41.27 13.78 31.35
C ASN E 538 40.17 13.15 30.50
N PHE E 539 39.22 12.50 31.15
CA PHE E 539 38.13 11.81 30.48
C PHE E 539 36.82 12.48 30.82
N ILE E 540 36.08 12.90 29.79
CA ILE E 540 34.75 13.47 29.96
C ILE E 540 33.79 12.56 29.22
N SER E 541 32.76 12.10 29.94
CA SER E 541 31.81 11.11 29.42
C SER E 541 30.42 11.73 29.36
N ILE E 542 29.84 11.78 28.16
CA ILE E 542 28.48 12.24 27.94
C ILE E 542 27.62 11.05 27.58
N LYS E 543 26.50 10.88 28.26
CA LYS E 543 25.67 9.70 28.10
C LYS E 543 24.58 9.94 27.06
N GLY E 544 23.98 8.85 26.62
CA GLY E 544 22.89 8.90 25.67
C GLY E 544 21.67 9.62 26.21
N PRO E 545 21.26 9.31 27.44
CA PRO E 545 20.15 10.06 28.04
C PRO E 545 20.39 11.56 28.06
N GLU E 546 21.63 11.98 28.31
CA GLU E 546 21.94 13.42 28.28
C GLU E 546 21.73 13.98 26.88
N LEU E 547 22.18 13.26 25.86
CA LEU E 547 21.98 13.70 24.48
C LEU E 547 20.49 13.81 24.17
N LEU E 548 19.72 12.82 24.58
CA LEU E 548 18.29 12.79 24.26
C LEU E 548 17.53 13.86 25.03
N THR E 549 17.97 14.22 26.24
CA THR E 549 17.30 15.31 26.94
C THR E 549 17.65 16.65 26.34
N MET E 550 18.88 16.81 25.83
CA MET E 550 19.17 18.02 25.06
C MET E 550 18.30 18.09 23.81
N TRP E 551 18.13 16.94 23.13
CA TRP E 551 17.30 16.92 21.93
C TRP E 551 15.86 17.27 22.25
N PHE E 552 15.27 16.59 23.23
CA PHE E 552 13.87 16.82 23.57
C PHE E 552 13.67 18.21 24.17
N GLY E 553 14.63 18.68 24.96
CA GLY E 553 14.55 19.99 25.56
C GLY E 553 14.39 21.09 24.53
N SER E 555 17.03 22.55 24.09
CA SER E 555 18.11 22.99 24.96
C SER E 555 19.43 22.38 24.50
N GLU E 556 19.77 22.61 23.23
CA GLU E 556 20.95 22.02 22.63
C GLU E 556 22.20 22.88 22.80
N ALA E 557 22.09 24.07 23.39
CA ALA E 557 23.24 24.94 23.55
C ALA E 557 24.16 24.51 24.70
N ASN E 558 23.80 23.46 25.42
CA ASN E 558 24.67 22.97 26.49
C ASN E 558 25.91 22.30 25.92
N VAL E 559 25.85 21.88 24.67
CA VAL E 559 26.96 21.24 23.98
C VAL E 559 28.14 22.21 23.95
N ARG E 560 27.85 23.49 23.77
CA ARG E 560 28.90 24.50 23.71
C ARG E 560 29.71 24.49 25.01
N GLU E 561 29.02 24.49 26.15
CA GLU E 561 29.74 24.52 27.41
C GLU E 561 30.39 23.18 27.72
N ILE E 562 29.82 22.08 27.22
CA ILE E 562 30.50 20.79 27.36
C ILE E 562 31.84 20.82 26.65
N PHE E 563 31.85 21.31 25.42
CA PHE E 563 33.10 21.40 24.68
C PHE E 563 34.05 22.40 25.32
N ASP E 564 33.50 23.47 25.92
CA ASP E 564 34.35 24.40 26.65
C ASP E 564 35.02 23.74 27.84
N LYS E 565 34.27 22.93 28.58
CA LYS E 565 34.85 22.18 29.69
C LYS E 565 35.96 21.28 29.19
N ALA E 566 35.73 20.61 28.06
CA ALA E 566 36.81 19.80 27.47
C ALA E 566 38.00 20.66 27.12
N ARG E 567 37.77 21.84 26.56
CA ARG E 567 38.84 22.75 26.18
C ARG E 567 39.69 23.15 27.39
N GLN E 568 39.05 23.39 28.54
CA GLN E 568 39.79 23.80 29.71
C GLN E 568 40.91 22.81 30.03
N ALA E 569 40.63 21.52 29.93
CA ALA E 569 41.65 20.49 30.08
C ALA E 569 42.19 20.14 28.70
N ALA E 570 43.42 20.56 28.41
CA ALA E 570 43.97 20.35 27.08
C ALA E 570 44.07 18.87 26.73
N PRO E 571 44.65 18.00 27.57
CA PRO E 571 44.68 16.57 27.22
C PRO E 571 43.38 15.89 27.64
N CYS E 572 42.38 16.00 26.77
CA CYS E 572 41.03 15.52 27.08
C CYS E 572 40.56 14.56 26.01
N VAL E 573 39.99 13.43 26.46
CA VAL E 573 39.34 12.48 25.56
C VAL E 573 37.85 12.66 25.79
N LEU E 574 37.24 13.53 24.98
CA LEU E 574 35.79 13.68 25.03
C LEU E 574 35.13 12.45 24.45
N PHE E 575 34.17 11.89 25.18
CA PHE E 575 33.57 10.61 24.83
C PHE E 575 32.05 10.76 24.79
N PHE E 576 31.49 10.70 23.58
CA PHE E 576 30.04 10.71 23.38
C PHE E 576 29.57 9.27 23.24
N ASP E 577 28.76 8.81 24.18
CA ASP E 577 28.35 7.41 24.20
C ASP E 577 26.95 7.27 23.63
N GLU E 578 26.74 6.20 22.87
CA GLU E 578 25.54 5.98 22.07
C GLU E 578 25.05 7.29 21.46
N LEU E 579 25.92 7.91 20.67
CA LEU E 579 25.52 9.12 19.96
C LEU E 579 24.47 8.85 18.89
N ASP E 580 24.21 7.57 18.57
CA ASP E 580 23.10 7.23 17.69
C ASP E 580 21.76 7.26 18.41
N SER E 581 21.75 7.68 19.68
CA SER E 581 20.51 7.65 20.45
C SER E 581 19.44 8.54 19.84
N ILE E 582 19.83 9.70 19.32
CA ILE E 582 18.84 10.60 18.73
C ILE E 582 18.22 9.96 17.50
N ALA E 583 19.04 9.39 16.63
CA ALA E 583 18.53 8.75 15.43
C ALA E 583 17.63 7.57 15.79
N LYS E 584 18.00 6.83 16.84
CA LYS E 584 17.13 5.76 17.32
C LYS E 584 15.79 6.30 17.81
N ALA E 585 15.82 7.42 18.53
CA ALA E 585 14.61 7.99 19.10
C ALA E 585 13.71 8.65 18.07
N ARG E 586 14.25 9.02 16.90
CA ARG E 586 13.44 9.57 15.82
C ARG E 586 13.23 8.55 14.71
N GLY E 587 13.24 7.27 15.06
CA GLY E 587 13.03 6.21 14.09
C GLY E 587 12.80 4.86 14.73
N GLY E 594 11.65 12.46 7.22
CA GLY E 594 12.79 13.27 7.57
C GLY E 594 14.09 12.52 7.49
N GLY E 595 15.16 13.22 7.12
CA GLY E 595 16.47 12.63 6.99
C GLY E 595 17.26 12.65 8.29
N ALA E 596 18.44 12.05 8.22
CA ALA E 596 19.33 11.96 9.39
C ALA E 596 19.90 13.34 9.69
N ALA E 597 19.32 14.02 10.67
CA ALA E 597 19.80 15.33 11.10
C ALA E 597 19.06 15.71 12.37
N ASP E 598 19.78 16.34 13.30
CA ASP E 598 19.20 16.71 14.58
C ASP E 598 19.84 18.00 15.05
N ARG E 599 19.08 18.77 15.83
CA ARG E 599 19.58 20.05 16.32
C ARG E 599 20.85 19.85 17.13
N VAL E 600 20.81 18.91 18.07
CA VAL E 600 21.98 18.65 18.92
C VAL E 600 23.13 18.14 18.08
N ILE E 601 22.85 17.25 17.13
CA ILE E 601 23.93 16.70 16.30
C ILE E 601 24.57 17.80 15.47
N ASN E 602 23.77 18.68 14.87
CA ASN E 602 24.34 19.75 14.07
C ASN E 602 25.15 20.71 14.93
N GLN E 603 24.67 21.01 16.14
CA GLN E 603 25.44 21.89 17.00
C GLN E 603 26.74 21.22 17.45
N ILE E 604 26.70 19.92 17.68
CA ILE E 604 27.92 19.20 17.98
C ILE E 604 28.90 19.29 16.81
N LEU E 605 28.39 19.17 15.58
CA LEU E 605 29.25 19.29 14.42
C LEU E 605 29.85 20.68 14.32
N THR E 606 29.05 21.71 14.59
CA THR E 606 29.56 23.08 14.58
C THR E 606 30.69 23.26 15.60
N GLU E 607 30.45 22.84 16.84
CA GLU E 607 31.47 22.97 17.87
C GLU E 607 32.69 22.10 17.55
N MET E 608 32.49 21.00 16.84
CA MET E 608 33.61 20.12 16.49
C MET E 608 34.47 20.75 15.42
N ASP E 609 33.85 21.31 14.39
CA ASP E 609 34.62 22.02 13.36
C ASP E 609 35.32 23.23 13.94
N GLY E 610 34.65 23.96 14.85
CA GLY E 610 35.25 25.12 15.44
C GLY E 610 36.47 24.84 16.28
N MET E 611 36.64 23.61 16.74
CA MET E 611 37.79 23.27 17.56
C MET E 611 39.08 23.58 16.80
N SER E 612 40.00 24.27 17.48
CA SER E 612 41.23 24.72 16.83
C SER E 612 42.05 23.53 16.32
N THR E 613 41.97 22.39 17.02
CA THR E 613 42.77 21.21 16.71
C THR E 613 44.21 21.41 17.16
N LYS E 614 44.56 22.62 17.61
CA LYS E 614 45.85 22.82 18.27
C LYS E 614 45.81 22.27 19.69
N LYS E 615 44.67 22.43 20.37
CA LYS E 615 44.48 21.79 21.66
C LYS E 615 44.61 20.28 21.51
N ASN E 616 44.77 19.61 22.65
CA ASN E 616 44.88 18.16 22.67
C ASN E 616 43.55 17.47 22.88
N VAL E 617 42.44 18.19 22.74
CA VAL E 617 41.12 17.59 22.90
C VAL E 617 40.87 16.63 21.75
N PHE E 618 40.50 15.39 22.09
CA PHE E 618 40.32 14.32 21.12
C PHE E 618 38.97 13.68 21.37
N ILE E 619 38.13 13.62 20.34
CA ILE E 619 36.75 13.16 20.47
C ILE E 619 36.66 11.69 20.11
N ILE E 620 35.95 10.93 20.92
CA ILE E 620 35.63 9.54 20.63
C ILE E 620 34.14 9.36 20.77
N GLY E 621 33.52 8.70 19.80
CA GLY E 621 32.09 8.43 19.85
C GLY E 621 31.79 6.97 19.67
N ALA E 622 31.10 6.38 20.65
CA ALA E 622 30.76 4.96 20.61
C ALA E 622 29.34 4.79 20.13
N THR E 623 29.13 3.86 19.20
CA THR E 623 27.83 3.63 18.61
C THR E 623 27.57 2.13 18.53
N ASN E 624 26.29 1.76 18.64
CA ASN E 624 25.86 0.39 18.42
C ASN E 624 25.23 0.19 17.04
N ARG E 625 24.74 1.27 16.42
CA ARG E 625 24.04 1.20 15.14
C ARG E 625 24.64 2.22 14.20
N PRO E 626 25.84 1.96 13.68
CA PRO E 626 26.45 2.92 12.75
C PRO E 626 25.66 3.11 11.47
N ASP E 627 24.77 2.18 11.14
CA ASP E 627 24.03 2.27 9.88
C ASP E 627 23.07 3.46 9.89
N ILE E 628 22.61 3.89 11.07
CA ILE E 628 21.66 5.00 11.17
C ILE E 628 22.34 6.30 11.57
N ILE E 629 23.65 6.28 11.83
CA ILE E 629 24.34 7.52 12.13
C ILE E 629 24.19 8.48 10.97
N ASP E 630 24.01 9.76 11.28
CA ASP E 630 23.95 10.78 10.25
C ASP E 630 25.30 10.83 9.52
N PRO E 631 25.32 10.76 8.19
CA PRO E 631 26.61 10.83 7.49
C PRO E 631 27.37 12.12 7.72
N ALA E 632 26.69 13.17 8.20
CA ALA E 632 27.37 14.43 8.46
C ALA E 632 28.54 14.24 9.42
N ILE E 633 28.42 13.28 10.34
CA ILE E 633 29.48 13.05 11.32
C ILE E 633 30.71 12.43 10.64
N LEU E 634 30.51 11.49 9.73
CA LEU E 634 31.62 10.73 9.13
C LEU E 634 32.24 11.57 8.04
N ARG E 635 33.37 12.20 8.34
CA ARG E 635 33.98 13.11 7.38
C ARG E 635 35.31 13.64 7.92
N PRO E 636 36.25 14.03 7.08
CA PRO E 636 37.48 14.62 7.60
C PRO E 636 37.18 15.85 8.43
N GLY E 637 37.97 16.03 9.48
CA GLY E 637 37.72 17.06 10.45
C GLY E 637 36.67 16.70 11.48
N ARG E 638 36.14 15.48 11.42
CA ARG E 638 35.11 15.00 12.34
C ARG E 638 35.45 13.56 12.66
N LEU E 639 34.48 12.82 13.19
CA LEU E 639 34.71 11.40 13.44
C LEU E 639 34.90 10.70 12.11
N ASP E 640 36.13 10.39 11.74
CA ASP E 640 36.46 9.79 10.46
C ASP E 640 37.04 8.40 10.57
N GLN E 641 37.82 8.12 11.61
CA GLN E 641 38.35 6.79 11.82
C GLN E 641 37.25 5.92 12.42
N LEU E 642 36.70 5.02 11.61
CA LEU E 642 35.74 4.03 12.09
C LEU E 642 36.51 2.81 12.58
N ILE E 643 36.35 2.47 13.85
CA ILE E 643 37.03 1.35 14.46
C ILE E 643 36.00 0.31 14.84
N TYR E 644 36.23 -0.94 14.46
CA TYR E 644 35.32 -2.03 14.77
C TYR E 644 35.82 -2.76 16.01
N ILE E 645 34.92 -2.93 16.98
CA ILE E 645 35.22 -3.63 18.22
C ILE E 645 34.37 -4.88 18.28
N PRO E 646 34.92 -6.04 17.92
CA PRO E 646 34.15 -7.27 17.91
C PRO E 646 34.01 -7.86 19.32
N LEU E 647 33.34 -9.00 19.38
CA LEU E 647 33.18 -9.68 20.65
C LEU E 647 34.54 -10.18 21.15
N PRO E 648 34.70 -10.31 22.47
CA PRO E 648 35.99 -10.77 23.00
C PRO E 648 36.35 -12.16 22.49
N ASP E 649 37.66 -12.37 22.32
CA ASP E 649 38.19 -13.69 22.03
C ASP E 649 38.63 -14.35 23.34
N GLU E 650 39.13 -15.58 23.24
CA GLU E 650 39.38 -16.37 24.45
C GLU E 650 40.33 -15.66 25.40
N LYS E 651 41.44 -15.12 24.85
CA LYS E 651 42.36 -14.39 25.71
C LYS E 651 41.70 -13.14 26.29
N SER E 652 40.95 -12.41 25.47
CA SER E 652 40.23 -11.26 25.97
C SER E 652 39.18 -11.69 27.00
N ARG E 653 38.54 -12.83 26.78
CA ARG E 653 37.53 -13.29 27.73
C ARG E 653 38.15 -13.61 29.08
N VAL E 654 39.28 -14.30 29.08
CA VAL E 654 39.91 -14.62 30.36
C VAL E 654 40.40 -13.36 31.05
N ALA E 655 40.88 -12.39 30.27
CA ALA E 655 41.28 -11.11 30.88
C ALA E 655 40.09 -10.40 31.50
N ILE E 656 38.95 -10.40 30.79
CA ILE E 656 37.76 -9.72 31.30
C ILE E 656 37.23 -10.43 32.53
N LEU E 657 37.41 -11.75 32.62
CA LEU E 657 37.03 -12.46 33.84
C LEU E 657 37.97 -12.11 34.98
N LYS E 658 39.28 -12.19 34.74
CA LYS E 658 40.26 -11.87 35.78
C LYS E 658 39.98 -10.50 36.36
N ALA E 659 39.89 -9.48 35.50
CA ALA E 659 39.28 -8.24 35.93
C ALA E 659 37.81 -8.49 36.21
N ASN E 660 37.26 -7.73 37.15
CA ASN E 660 35.84 -7.83 37.48
C ASN E 660 35.56 -9.13 38.25
N LEU E 661 36.53 -10.03 38.32
CA LEU E 661 36.43 -11.16 39.23
C LEU E 661 37.48 -11.17 40.32
N ARG E 662 38.67 -10.62 40.07
CA ARG E 662 39.74 -10.68 41.04
C ARG E 662 39.39 -9.94 42.33
N LYS E 663 38.46 -8.98 42.28
CA LYS E 663 38.05 -8.29 43.49
C LYS E 663 37.44 -9.27 44.49
N SER E 664 36.56 -10.14 44.02
CA SER E 664 35.92 -11.09 44.91
C SER E 664 36.90 -12.18 45.33
N PRO E 665 36.63 -12.87 46.43
CA PRO E 665 37.47 -14.01 46.83
C PRO E 665 37.08 -15.27 46.07
N VAL E 666 37.95 -15.71 45.16
CA VAL E 666 37.75 -16.92 44.39
C VAL E 666 38.86 -17.89 44.73
N ALA E 667 38.50 -19.15 44.96
CA ALA E 667 39.47 -20.16 45.38
C ALA E 667 39.04 -21.49 44.79
N LYS E 668 39.56 -22.58 45.34
CA LYS E 668 39.34 -23.93 44.81
C LYS E 668 40.03 -24.06 43.46
N ASP E 669 39.43 -24.79 42.53
CA ASP E 669 40.00 -25.02 41.22
C ASP E 669 39.15 -24.37 40.14
N VAL E 670 38.69 -23.14 40.39
CA VAL E 670 37.99 -22.38 39.36
C VAL E 670 38.98 -22.10 38.23
N ASP E 671 38.75 -22.71 37.07
CA ASP E 671 39.61 -22.54 35.91
C ASP E 671 38.99 -21.47 35.02
N LEU E 672 39.37 -20.21 35.27
CA LEU E 672 38.88 -19.13 34.44
C LEU E 672 39.25 -19.36 32.98
N GLU E 673 40.35 -20.05 32.72
CA GLU E 673 40.69 -20.41 31.35
C GLU E 673 39.64 -21.33 30.75
N PHE E 674 39.16 -22.30 31.53
CA PHE E 674 38.11 -23.18 31.02
C PHE E 674 36.83 -22.41 30.73
N LEU E 675 36.48 -21.47 31.61
CA LEU E 675 35.30 -20.65 31.35
C LEU E 675 35.48 -19.83 30.08
N ALA E 676 36.68 -19.29 29.88
CA ALA E 676 36.95 -18.55 28.64
C ALA E 676 36.78 -19.45 27.43
N LYS E 677 37.26 -20.69 27.52
CA LYS E 677 37.09 -21.63 26.42
C LYS E 677 35.62 -21.87 26.14
N MET E 678 34.83 -22.12 27.19
CA MET E 678 33.42 -22.47 26.99
C MET E 678 32.63 -21.32 26.40
N THR E 679 32.74 -20.13 26.99
CA THR E 679 31.99 -18.97 26.53
C THR E 679 32.62 -18.45 25.26
N ASN E 680 31.96 -18.67 24.12
CA ASN E 680 32.51 -18.31 22.81
C ASN E 680 31.83 -17.10 22.19
N GLY E 681 30.51 -17.10 22.11
CA GLY E 681 29.77 -15.97 21.60
C GLY E 681 29.42 -14.93 22.63
N PHE E 682 29.93 -15.07 23.85
CA PHE E 682 29.59 -14.17 24.93
C PHE E 682 30.33 -12.84 24.78
N SER E 683 29.73 -11.80 25.33
CA SER E 683 30.31 -10.46 25.38
C SER E 683 30.78 -10.16 26.79
N GLY E 684 31.33 -8.96 26.98
CA GLY E 684 31.76 -8.56 28.31
C GLY E 684 30.62 -8.53 29.30
N ALA E 685 29.45 -8.05 28.86
CA ALA E 685 28.30 -7.98 29.76
C ALA E 685 27.86 -9.36 30.19
N ASP E 686 27.92 -10.34 29.28
CA ASP E 686 27.51 -11.69 29.64
C ASP E 686 28.43 -12.30 30.69
N LEU E 687 29.75 -12.15 30.52
CA LEU E 687 30.68 -12.65 31.52
C LEU E 687 30.51 -11.91 32.84
N THR E 688 30.25 -10.61 32.78
CA THR E 688 29.98 -9.86 34.00
C THR E 688 28.75 -10.41 34.71
N GLU E 689 27.70 -10.74 33.95
CA GLU E 689 26.51 -11.32 34.55
C GLU E 689 26.81 -12.67 35.16
N ILE E 690 27.66 -13.48 34.52
CA ILE E 690 28.01 -14.78 35.06
C ILE E 690 28.71 -14.61 36.41
N CYS E 691 29.70 -13.72 36.46
CA CYS E 691 30.42 -13.49 37.72
C CYS E 691 29.48 -12.93 38.78
N GLN E 692 28.57 -12.03 38.38
CA GLN E 692 27.60 -11.47 39.30
C GLN E 692 26.73 -12.57 39.89
N ARG E 693 26.26 -13.48 39.06
CA ARG E 693 25.43 -14.57 39.54
C ARG E 693 26.19 -15.48 40.49
N ALA E 694 27.46 -15.76 40.18
CA ALA E 694 28.26 -16.60 41.07
C ALA E 694 28.41 -15.93 42.44
N CYS E 695 28.72 -14.64 42.44
CA CYS E 695 28.86 -13.92 43.70
C CYS E 695 27.55 -13.92 44.48
N LYS E 696 26.43 -13.72 43.78
CA LYS E 696 25.13 -13.70 44.45
C LYS E 696 24.80 -15.07 45.04
N LEU E 697 25.13 -16.14 44.33
CA LEU E 697 24.91 -17.48 44.88
C LEU E 697 25.75 -17.70 46.12
N ALA E 698 27.01 -17.28 46.09
CA ALA E 698 27.87 -17.42 47.27
C ALA E 698 27.30 -16.63 48.44
N ILE E 699 26.82 -15.42 48.18
CA ILE E 699 26.25 -14.60 49.25
C ILE E 699 25.02 -15.28 49.83
N ARG E 700 24.16 -15.82 48.97
CA ARG E 700 22.97 -16.52 49.45
C ARG E 700 23.34 -17.71 50.32
N GLU E 701 24.32 -18.50 49.88
CA GLU E 701 24.74 -19.65 50.67
C GLU E 701 25.29 -19.21 52.03
N SER E 702 26.13 -18.17 52.04
CA SER E 702 26.69 -17.71 53.30
C SER E 702 25.61 -17.22 54.23
N ILE E 703 24.64 -16.46 53.71
CA ILE E 703 23.55 -15.96 54.56
C ILE E 703 22.77 -17.12 55.13
N GLU E 704 22.41 -18.09 54.28
CA GLU E 704 21.68 -19.26 54.77
C GLU E 704 22.46 -19.98 55.85
N SER E 705 23.79 -20.04 55.71
CA SER E 705 24.62 -20.66 56.72
C SER E 705 24.54 -19.89 58.04
N GLU E 706 24.64 -18.56 57.97
CA GLU E 706 24.53 -17.76 59.20
C GLU E 706 23.14 -17.88 59.81
N ILE E 707 22.10 -17.70 59.00
CA ILE E 707 20.73 -17.81 59.47
C ILE E 707 20.36 -19.29 59.62
N PRO E 727 31.57 -18.70 57.55
CA PRO E 727 32.58 -19.47 56.83
C PRO E 727 32.52 -19.22 55.33
N VAL E 728 33.05 -20.14 54.53
CA VAL E 728 32.98 -20.10 53.07
C VAL E 728 33.30 -18.71 52.57
N PRO E 729 34.51 -18.19 52.84
CA PRO E 729 34.84 -16.84 52.40
C PRO E 729 35.35 -16.78 50.97
N GLU E 730 35.11 -17.85 50.21
CA GLU E 730 35.56 -17.97 48.84
C GLU E 730 34.43 -18.49 47.97
N ILE E 731 34.48 -18.13 46.69
CA ILE E 731 33.49 -18.58 45.72
C ILE E 731 33.95 -19.93 45.18
N ARG E 732 33.28 -21.01 45.59
CA ARG E 732 33.68 -22.35 45.20
C ARG E 732 33.36 -22.62 43.74
N ARG E 733 33.99 -23.65 43.20
CA ARG E 733 33.74 -24.01 41.80
C ARG E 733 32.29 -24.41 41.58
N ASP E 734 31.63 -24.93 42.62
CA ASP E 734 30.22 -25.27 42.50
C ASP E 734 29.40 -24.03 42.18
N HIS E 735 29.69 -22.91 42.85
CA HIS E 735 28.94 -21.69 42.59
C HIS E 735 29.03 -21.31 41.12
N PHE E 736 30.24 -21.31 40.56
CA PHE E 736 30.38 -20.99 39.14
C PHE E 736 29.63 -22.00 38.28
N GLU E 737 30.05 -23.26 38.33
CA GLU E 737 29.45 -24.27 37.46
C GLU E 737 27.94 -24.35 37.61
N GLU E 738 27.38 -23.81 38.68
CA GLU E 738 25.94 -23.70 38.81
C GLU E 738 25.41 -22.44 38.12
N ALA E 739 26.07 -21.30 38.33
CA ALA E 739 25.65 -20.08 37.67
C ALA E 739 25.77 -20.16 36.17
N MET E 740 26.64 -21.04 35.67
CA MET E 740 26.89 -21.10 34.23
C MET E 740 25.65 -21.49 33.47
N ARG E 741 24.88 -22.45 33.98
CA ARG E 741 23.75 -22.96 33.21
C ARG E 741 22.65 -21.92 33.00
N PHE E 742 22.67 -20.83 33.76
CA PHE E 742 21.80 -19.69 33.49
C PHE E 742 22.46 -18.68 32.55
N ALA E 743 23.69 -18.92 32.14
CA ALA E 743 24.39 -17.98 31.26
C ALA E 743 23.66 -17.88 29.93
N ARG E 744 23.51 -16.66 29.45
CA ARG E 744 22.78 -16.36 28.22
C ARG E 744 23.60 -15.41 27.38
N ARG E 745 23.57 -15.62 26.07
CA ARG E 745 24.24 -14.72 25.14
C ARG E 745 23.34 -13.54 24.80
N SER E 746 23.92 -12.34 24.81
CA SER E 746 23.17 -11.12 24.59
C SER E 746 23.03 -10.76 23.12
N VAL E 747 24.05 -11.05 22.31
CA VAL E 747 24.07 -10.66 20.90
C VAL E 747 23.85 -11.92 20.07
N SER E 748 22.78 -11.91 19.28
CA SER E 748 22.51 -13.03 18.40
C SER E 748 23.44 -13.01 17.19
N ASP E 749 23.71 -14.20 16.65
CA ASP E 749 24.68 -14.30 15.56
C ASP E 749 24.24 -13.54 14.32
N ASN E 750 22.93 -13.24 14.19
CA ASN E 750 22.49 -12.40 13.08
C ASN E 750 23.04 -10.98 13.21
N ASP E 751 22.99 -10.42 14.44
CA ASP E 751 23.57 -9.10 14.66
C ASP E 751 25.07 -9.12 14.43
N ILE E 752 25.75 -10.18 14.85
CA ILE E 752 27.18 -10.29 14.60
C ILE E 752 27.44 -10.33 13.11
N ARG E 753 26.62 -11.06 12.37
CA ARG E 753 26.79 -11.12 10.92
C ARG E 753 26.60 -9.73 10.30
N LYS E 754 25.62 -8.97 10.79
CA LYS E 754 25.39 -7.63 10.27
C LYS E 754 26.58 -6.72 10.55
N TYR E 755 27.13 -6.80 11.77
CA TYR E 755 28.29 -5.98 12.10
C TYR E 755 29.48 -6.36 11.23
N GLU E 756 29.66 -7.66 10.99
CA GLU E 756 30.74 -8.11 10.11
C GLU E 756 30.55 -7.59 8.70
N MET E 757 29.31 -7.58 8.22
CA MET E 757 29.03 -7.04 6.89
C MET E 757 29.40 -5.55 6.83
N PHE E 758 29.04 -4.80 7.87
CA PHE E 758 29.41 -3.39 7.91
C PHE E 758 30.92 -3.22 7.90
N ALA E 759 31.62 -3.99 8.73
CA ALA E 759 33.07 -3.87 8.80
C ALA E 759 33.71 -4.18 7.46
N GLN E 760 33.22 -5.21 6.78
CA GLN E 760 33.75 -5.55 5.46
C GLN E 760 33.44 -4.45 4.45
N THR E 761 32.25 -3.86 4.53
CA THR E 761 31.91 -2.76 3.63
C THR E 761 32.83 -1.57 3.84
N LEU E 762 33.31 -1.37 5.07
CA LEU E 762 34.26 -0.28 5.34
C LEU E 762 35.69 -0.64 4.99
N GLN E 763 35.98 -1.89 4.63
CA GLN E 763 37.33 -2.28 4.27
C GLN E 763 37.82 -1.50 3.06
N GLY E 767 40.84 -5.19 -4.37
CA GLY E 767 41.47 -3.89 -4.53
C GLY E 767 42.88 -3.99 -5.09
N PHE E 768 43.73 -3.04 -4.70
CA PHE E 768 45.11 -3.02 -5.20
C PHE E 768 45.88 -4.25 -4.71
N GLY E 769 45.84 -4.50 -3.41
CA GLY E 769 46.42 -5.71 -2.85
C GLY E 769 47.93 -5.71 -2.87
N SER E 770 48.52 -5.59 -4.06
CA SER E 770 49.97 -5.56 -4.23
C SER E 770 50.29 -4.44 -5.21
N PHE E 771 50.45 -3.24 -4.67
CA PHE E 771 50.87 -2.08 -5.44
C PHE E 771 52.37 -1.87 -5.23
N ARG E 772 53.09 -1.64 -6.33
CA ARG E 772 54.52 -1.44 -6.25
C ARG E 772 54.94 -0.42 -7.30
N PHE E 773 55.95 0.37 -6.96
CA PHE E 773 56.47 1.36 -7.88
C PHE E 773 57.20 0.67 -9.03
N PRO E 774 57.32 1.33 -10.19
CA PRO E 774 57.96 0.66 -11.34
C PRO E 774 59.38 0.21 -11.05
N SER E 775 60.11 0.94 -10.22
CA SER E 775 61.48 0.55 -9.85
C SER E 775 62.35 0.43 -11.09
N GLU F 466 33.29 34.38 14.68
CA GLU F 466 32.39 34.93 13.67
C GLU F 466 32.92 34.64 12.27
N THR F 467 32.27 35.21 11.26
CA THR F 467 32.68 34.97 9.89
C THR F 467 34.07 35.52 9.63
N VAL F 468 34.87 34.77 8.89
CA VAL F 468 36.20 35.19 8.46
C VAL F 468 36.08 35.74 7.06
N VAL F 469 36.46 37.00 6.89
CA VAL F 469 36.40 37.66 5.60
C VAL F 469 37.81 38.02 5.15
N GLU F 470 38.44 37.12 4.39
CA GLU F 470 39.83 37.29 4.02
C GLU F 470 40.05 36.71 2.63
N VAL F 471 41.03 37.27 1.93
CA VAL F 471 41.39 36.82 0.59
C VAL F 471 42.07 35.46 0.69
N PRO F 472 41.55 34.40 0.06
CA PRO F 472 42.18 33.08 0.19
C PRO F 472 43.57 33.06 -0.42
N GLN F 473 44.42 32.20 0.15
CA GLN F 473 45.79 32.02 -0.33
C GLN F 473 45.95 30.85 -1.28
N VAL F 474 45.04 29.87 -1.24
CA VAL F 474 45.09 28.79 -2.21
C VAL F 474 44.95 29.36 -3.60
N THR F 475 45.71 28.81 -4.54
CA THR F 475 45.75 29.29 -5.92
C THR F 475 45.19 28.24 -6.86
N TRP F 476 45.17 28.59 -8.15
CA TRP F 476 44.66 27.66 -9.17
C TRP F 476 45.52 26.41 -9.26
N GLU F 477 46.82 26.54 -9.03
CA GLU F 477 47.73 25.41 -9.19
C GLU F 477 47.45 24.28 -8.22
N ASP F 478 46.68 24.53 -7.15
CA ASP F 478 46.36 23.46 -6.21
C ASP F 478 45.53 22.37 -6.89
N ILE F 479 44.80 22.73 -7.95
CA ILE F 479 44.14 21.77 -8.81
C ILE F 479 44.52 22.11 -10.25
N GLY F 480 45.34 21.26 -10.86
CA GLY F 480 45.92 21.58 -12.15
C GLY F 480 44.97 21.48 -13.32
N GLY F 481 43.89 20.73 -13.17
CA GLY F 481 42.95 20.51 -14.25
C GLY F 481 41.81 21.50 -14.25
N LEU F 482 40.74 21.13 -14.94
CA LEU F 482 39.52 21.93 -14.99
C LEU F 482 39.82 23.32 -15.56
N GLU F 483 40.50 23.35 -16.71
CA GLU F 483 40.77 24.62 -17.36
C GLU F 483 39.51 25.21 -17.98
N ASP F 484 38.58 24.35 -18.41
CA ASP F 484 37.33 24.84 -18.99
C ASP F 484 36.55 25.63 -17.94
N VAL F 485 36.32 25.02 -16.76
CA VAL F 485 35.60 25.72 -15.72
C VAL F 485 36.44 26.85 -15.16
N LYS F 486 37.77 26.71 -15.21
CA LYS F 486 38.65 27.83 -14.84
C LYS F 486 38.30 29.06 -15.66
N ARG F 487 38.28 28.92 -16.98
CA ARG F 487 37.96 30.04 -17.85
C ARG F 487 36.53 30.51 -17.65
N GLU F 488 35.60 29.57 -17.48
CA GLU F 488 34.20 29.95 -17.31
C GLU F 488 34.01 30.80 -16.05
N LEU F 489 34.71 30.44 -14.96
CA LEU F 489 34.67 31.25 -13.75
C LEU F 489 35.37 32.58 -13.95
N GLN F 490 36.51 32.57 -14.66
CA GLN F 490 37.22 33.81 -14.91
C GLN F 490 36.32 34.82 -15.62
N GLU F 491 35.52 34.36 -16.57
CA GLU F 491 34.65 35.26 -17.31
C GLU F 491 33.35 35.56 -16.58
N LEU F 492 33.13 34.98 -15.41
CA LEU F 492 31.93 35.25 -14.63
C LEU F 492 32.18 36.13 -13.42
N VAL F 493 33.42 36.21 -12.93
CA VAL F 493 33.78 37.05 -11.81
C VAL F 493 34.87 38.05 -12.16
N GLN F 494 35.91 37.61 -12.86
CA GLN F 494 37.03 38.50 -13.15
C GLN F 494 36.70 39.50 -14.25
N TYR F 495 35.76 39.19 -15.14
CA TYR F 495 35.46 40.08 -16.25
C TYR F 495 34.56 41.23 -15.81
N PRO F 496 33.48 40.97 -15.06
CA PRO F 496 32.66 42.09 -14.59
C PRO F 496 33.42 43.08 -13.74
N VAL F 497 34.44 42.62 -13.01
CA VAL F 497 35.13 43.48 -12.04
C VAL F 497 36.26 44.27 -12.70
N GLU F 498 37.10 43.60 -13.49
CA GLU F 498 38.22 44.31 -14.13
C GLU F 498 37.73 45.23 -15.23
N HIS F 499 36.68 44.84 -15.96
CA HIS F 499 36.24 45.56 -17.15
C HIS F 499 34.74 45.84 -17.09
N PRO F 500 34.29 46.63 -16.12
CA PRO F 500 32.89 47.09 -16.15
C PRO F 500 32.59 47.97 -17.35
N ASP F 501 33.58 48.72 -17.83
CA ASP F 501 33.36 49.60 -18.97
C ASP F 501 33.01 48.81 -20.22
N LYS F 502 33.45 47.57 -20.30
CA LYS F 502 33.03 46.71 -21.41
C LYS F 502 31.63 46.17 -21.20
N PHE F 503 31.22 45.97 -19.95
CA PHE F 503 29.89 45.41 -19.69
C PHE F 503 28.81 46.43 -19.93
N LEU F 504 29.02 47.68 -19.50
CA LEU F 504 28.02 48.69 -19.77
C LEU F 504 28.03 49.15 -21.22
N LYS F 505 29.03 48.73 -22.00
CA LYS F 505 29.03 49.03 -23.43
C LYS F 505 27.89 48.30 -24.14
N PHE F 506 27.78 46.99 -23.91
CA PHE F 506 26.78 46.16 -24.55
C PHE F 506 25.50 46.05 -23.75
N GLY F 507 25.39 46.73 -22.61
CA GLY F 507 24.20 46.65 -21.80
C GLY F 507 23.97 45.31 -21.17
N MET F 508 24.95 44.41 -21.21
CA MET F 508 24.80 43.12 -20.57
C MET F 508 24.79 43.27 -19.05
N THR F 509 23.91 42.53 -18.39
CA THR F 509 23.89 42.48 -16.94
C THR F 509 24.65 41.25 -16.49
N PRO F 510 25.78 41.38 -15.81
CA PRO F 510 26.53 40.19 -15.39
C PRO F 510 25.71 39.33 -14.44
N SER F 511 25.93 38.02 -14.54
CA SER F 511 25.29 37.09 -13.61
C SER F 511 25.93 37.22 -12.24
N LYS F 512 25.12 37.06 -11.20
CA LYS F 512 25.57 37.20 -9.82
C LYS F 512 25.37 35.90 -9.04
N GLY F 513 25.42 34.76 -9.72
CA GLY F 513 25.20 33.49 -9.07
C GLY F 513 25.68 32.31 -9.87
N VAL F 514 26.31 31.36 -9.18
CA VAL F 514 26.78 30.12 -9.80
C VAL F 514 26.53 28.99 -8.82
N LEU F 515 26.14 27.83 -9.34
CA LEU F 515 25.91 26.64 -8.52
C LEU F 515 26.90 25.56 -8.95
N PHE F 516 27.79 25.19 -8.04
CA PHE F 516 28.69 24.07 -8.25
C PHE F 516 27.98 22.79 -7.83
N TYR F 517 28.01 21.78 -8.70
CA TYR F 517 27.47 20.47 -8.33
C TYR F 517 28.41 19.39 -8.84
N GLY F 518 28.44 18.28 -8.10
CA GLY F 518 29.30 17.17 -8.43
C GLY F 518 29.51 16.27 -7.23
N PRO F 519 30.27 15.19 -7.42
CA PRO F 519 30.49 14.24 -6.33
C PRO F 519 31.32 14.88 -5.23
N PRO F 520 31.20 14.37 -3.99
CA PRO F 520 31.92 14.97 -2.87
C PRO F 520 33.42 14.87 -3.03
N GLY F 521 34.12 15.81 -2.41
CA GLY F 521 35.57 15.79 -2.38
C GLY F 521 36.23 16.01 -3.73
N CYS F 522 35.72 16.93 -4.52
CA CYS F 522 36.26 17.21 -5.84
C CYS F 522 36.93 18.57 -5.95
N GLY F 523 36.90 19.36 -4.89
CA GLY F 523 37.52 20.67 -4.89
C GLY F 523 36.59 21.83 -5.16
N LYS F 524 35.30 21.70 -4.86
CA LYS F 524 34.38 22.81 -5.07
C LYS F 524 34.73 23.99 -4.17
N THR F 525 34.96 23.72 -2.88
CA THR F 525 35.40 24.76 -1.98
C THR F 525 36.74 25.34 -2.44
N LEU F 526 37.66 24.46 -2.85
CA LEU F 526 38.94 24.93 -3.36
C LEU F 526 38.76 25.78 -4.60
N LEU F 527 37.81 25.41 -5.46
CA LEU F 527 37.53 26.23 -6.64
C LEU F 527 37.03 27.61 -6.26
N ALA F 528 36.11 27.69 -5.30
CA ALA F 528 35.61 28.98 -4.86
C ALA F 528 36.74 29.84 -4.30
N LYS F 529 37.58 29.23 -3.46
CA LYS F 529 38.70 29.98 -2.90
C LYS F 529 39.67 30.42 -3.99
N ALA F 530 39.91 29.56 -4.98
CA ALA F 530 40.84 29.90 -6.04
C ALA F 530 40.32 31.06 -6.88
N ILE F 531 39.04 31.06 -7.22
CA ILE F 531 38.49 32.16 -8.01
C ILE F 531 38.51 33.44 -7.19
N ALA F 532 38.24 33.34 -5.89
CA ALA F 532 38.36 34.51 -5.04
C ALA F 532 39.79 35.04 -5.03
N ASN F 533 40.77 34.13 -5.01
CA ASN F 533 42.17 34.55 -4.98
C ASN F 533 42.58 35.21 -6.29
N GLU F 534 42.11 34.70 -7.42
CA GLU F 534 42.52 35.27 -8.70
C GLU F 534 42.11 36.73 -8.81
N CYS F 535 40.90 37.06 -8.37
CA CYS F 535 40.42 38.43 -8.40
C CYS F 535 40.75 39.19 -7.12
N GLN F 536 41.43 38.56 -6.17
CA GLN F 536 41.77 39.20 -4.89
C GLN F 536 40.51 39.72 -4.21
N ALA F 537 39.43 38.97 -4.33
CA ALA F 537 38.17 39.29 -3.69
C ALA F 537 38.05 38.57 -2.36
N ASN F 538 37.40 39.21 -1.40
CA ASN F 538 37.22 38.59 -0.09
C ASN F 538 36.35 37.34 -0.21
N PHE F 539 36.57 36.40 0.69
CA PHE F 539 35.88 35.12 0.67
C PHE F 539 35.14 34.94 1.99
N ILE F 540 33.83 34.74 1.90
CA ILE F 540 32.99 34.43 3.06
C ILE F 540 32.40 33.05 2.85
N SER F 541 32.57 32.17 3.83
CA SER F 541 32.18 30.78 3.73
C SER F 541 31.14 30.46 4.79
N ILE F 542 29.96 30.03 4.36
CA ILE F 542 28.90 29.58 5.24
C ILE F 542 28.74 28.08 5.06
N LYS F 543 28.75 27.34 6.17
CA LYS F 543 28.78 25.89 6.12
C LYS F 543 27.37 25.32 6.26
N GLY F 544 27.26 24.03 5.96
CA GLY F 544 26.01 23.32 6.06
C GLY F 544 25.46 23.26 7.47
N PRO F 545 26.31 22.93 8.45
CA PRO F 545 25.82 22.93 9.84
C PRO F 545 25.25 24.26 10.26
N GLU F 546 25.86 25.37 9.85
CA GLU F 546 25.31 26.67 10.20
C GLU F 546 23.96 26.91 9.51
N LEU F 547 23.82 26.47 8.26
CA LEU F 547 22.54 26.61 7.58
C LEU F 547 21.47 25.80 8.30
N LEU F 548 21.81 24.59 8.71
CA LEU F 548 20.85 23.76 9.43
C LEU F 548 20.54 24.32 10.81
N THR F 549 21.48 25.06 11.42
CA THR F 549 21.14 25.68 12.69
C THR F 549 20.27 26.91 12.51
N MET F 550 20.42 27.65 11.42
CA MET F 550 19.42 28.68 11.12
C MET F 550 18.06 28.03 10.90
N TRP F 551 18.02 26.91 10.16
CA TRP F 551 16.75 26.26 9.88
C TRP F 551 16.08 25.76 11.15
N PHE F 552 16.81 24.98 11.95
CA PHE F 552 16.23 24.40 13.16
C PHE F 552 15.88 25.48 14.18
N GLY F 553 16.72 26.50 14.31
CA GLY F 553 16.48 27.57 15.26
C GLY F 553 15.13 28.23 15.04
N SER F 555 15.49 30.94 13.77
CA SER F 555 16.51 31.99 13.84
C SER F 555 17.16 32.19 12.47
N GLU F 556 16.32 32.44 11.46
CA GLU F 556 16.78 32.54 10.08
C GLU F 556 17.08 33.97 9.66
N ALA F 557 16.97 34.95 10.57
CA ALA F 557 17.25 36.33 10.21
C ALA F 557 18.74 36.65 10.20
N ASN F 558 19.58 35.69 10.59
CA ASN F 558 21.03 35.92 10.55
C ASN F 558 21.52 35.99 9.10
N VAL F 559 20.74 35.46 8.16
CA VAL F 559 21.10 35.48 6.75
C VAL F 559 21.25 36.92 6.30
N ARG F 560 20.37 37.80 6.77
CA ARG F 560 20.42 39.21 6.37
C ARG F 560 21.74 39.84 6.79
N GLU F 561 22.16 39.58 8.03
CA GLU F 561 23.43 40.16 8.48
C GLU F 561 24.61 39.50 7.79
N ILE F 562 24.50 38.24 7.40
CA ILE F 562 25.56 37.61 6.62
C ILE F 562 25.72 38.33 5.29
N PHE F 563 24.60 38.57 4.60
CA PHE F 563 24.66 39.27 3.34
C PHE F 563 25.14 40.71 3.53
N ASP F 564 24.82 41.31 4.67
CA ASP F 564 25.33 42.64 4.96
C ASP F 564 26.85 42.63 5.12
N LYS F 565 27.37 41.64 5.84
CA LYS F 565 28.81 41.47 5.94
C LYS F 565 29.44 41.36 4.57
N ALA F 566 28.81 40.56 3.69
CA ALA F 566 29.31 40.48 2.31
C ALA F 566 29.26 41.83 1.62
N ARG F 567 28.18 42.59 1.83
CA ARG F 567 28.03 43.89 1.21
C ARG F 567 29.15 44.84 1.63
N GLN F 568 29.55 44.80 2.90
CA GLN F 568 30.60 45.69 3.37
C GLN F 568 31.85 45.57 2.51
N ALA F 569 32.24 44.35 2.15
CA ALA F 569 33.35 44.12 1.24
C ALA F 569 32.78 43.96 -0.17
N ALA F 570 32.98 44.98 -1.01
CA ALA F 570 32.39 44.95 -2.34
C ALA F 570 32.88 43.77 -3.15
N PRO F 571 34.18 43.52 -3.30
CA PRO F 571 34.63 42.34 -4.06
C PRO F 571 34.60 41.08 -3.19
N CYS F 572 33.43 40.47 -3.10
CA CYS F 572 33.22 39.34 -2.20
C CYS F 572 32.64 38.16 -2.97
N VAL F 573 33.22 36.99 -2.76
CA VAL F 573 32.68 35.73 -3.27
C VAL F 573 31.98 35.06 -2.09
N LEU F 574 30.69 35.34 -1.92
CA LEU F 574 29.92 34.65 -0.91
C LEU F 574 29.73 33.19 -1.32
N PHE F 575 30.06 32.28 -0.41
CA PHE F 575 30.08 30.85 -0.72
C PHE F 575 29.20 30.10 0.26
N PHE F 576 28.12 29.51 -0.24
CA PHE F 576 27.23 28.67 0.55
C PHE F 576 27.57 27.22 0.28
N ASP F 577 28.13 26.54 1.27
CA ASP F 577 28.56 25.16 1.11
C ASP F 577 27.44 24.21 1.49
N GLU F 578 27.27 23.17 0.68
CA GLU F 578 26.20 22.18 0.84
C GLU F 578 24.89 22.85 1.27
N LEU F 579 24.44 23.79 0.43
CA LEU F 579 23.17 24.44 0.71
C LEU F 579 21.99 23.51 0.52
N ASP F 580 22.19 22.32 -0.03
CA ASP F 580 21.13 21.32 -0.07
C ASP F 580 20.97 20.58 1.25
N SER F 581 21.73 20.96 2.27
CA SER F 581 21.64 20.29 3.56
C SER F 581 20.25 20.44 4.16
N ILE F 582 19.60 21.58 3.93
CA ILE F 582 18.26 21.80 4.47
C ILE F 582 17.29 20.77 3.89
N ALA F 583 17.36 20.55 2.58
CA ALA F 583 16.45 19.60 1.94
C ALA F 583 16.84 18.17 2.28
N LYS F 584 18.13 17.92 2.49
CA LYS F 584 18.55 16.59 2.94
C LYS F 584 17.97 16.27 4.32
N ALA F 585 18.02 17.24 5.23
CA ALA F 585 17.49 17.06 6.57
C ALA F 585 15.97 17.08 6.61
N ARG F 586 15.31 17.73 5.66
CA ARG F 586 13.86 17.76 5.61
C ARG F 586 13.27 16.51 4.95
N GLY F 587 14.09 15.71 4.28
CA GLY F 587 13.60 14.51 3.64
C GLY F 587 14.64 13.39 3.62
N GLY F 594 4.89 17.66 1.49
CA GLY F 594 5.76 18.80 1.70
C GLY F 594 6.71 19.01 0.54
N GLY F 595 6.66 20.21 -0.04
CA GLY F 595 7.48 20.55 -1.18
C GLY F 595 8.83 21.14 -0.78
N ALA F 596 9.64 21.41 -1.81
CA ALA F 596 10.97 21.95 -1.60
C ALA F 596 10.86 23.43 -1.24
N ALA F 597 10.92 23.73 0.06
CA ALA F 597 10.88 25.11 0.52
C ALA F 597 11.19 25.13 2.01
N ASP F 598 12.03 26.09 2.43
CA ASP F 598 12.36 26.28 3.82
C ASP F 598 12.52 27.77 4.09
N ARG F 599 12.11 28.20 5.27
CA ARG F 599 12.14 29.64 5.59
C ARG F 599 13.53 30.22 5.33
N VAL F 600 14.58 29.47 5.68
CA VAL F 600 15.93 29.96 5.43
C VAL F 600 16.17 30.13 3.95
N ILE F 601 15.70 29.16 3.14
CA ILE F 601 15.88 29.26 1.69
C ILE F 601 15.18 30.50 1.15
N ASN F 602 13.94 30.72 1.59
CA ASN F 602 13.19 31.86 1.06
C ASN F 602 13.82 33.17 1.48
N GLN F 603 14.34 33.27 2.70
CA GLN F 603 15.00 34.51 3.10
C GLN F 603 16.30 34.70 2.35
N ILE F 604 17.03 33.62 2.07
CA ILE F 604 18.21 33.74 1.25
C ILE F 604 17.84 34.26 -0.13
N LEU F 605 16.73 33.76 -0.69
CA LEU F 605 16.30 34.22 -2.01
C LEU F 605 15.89 35.69 -1.96
N THR F 606 15.20 36.10 -0.89
CA THR F 606 14.82 37.49 -0.75
C THR F 606 16.05 38.39 -0.69
N GLU F 607 17.03 38.01 0.12
CA GLU F 607 18.25 38.80 0.22
C GLU F 607 19.00 38.82 -1.11
N MET F 608 18.98 37.70 -1.84
CA MET F 608 19.69 37.62 -3.10
C MET F 608 19.04 38.51 -4.15
N ASP F 609 17.71 38.49 -4.23
CA ASP F 609 17.02 39.38 -5.15
C ASP F 609 17.24 40.84 -4.76
N GLY F 610 17.22 41.13 -3.46
CA GLY F 610 17.42 42.49 -3.01
C GLY F 610 18.79 43.04 -3.31
N MET F 611 19.79 42.19 -3.52
CA MET F 611 21.13 42.67 -3.82
C MET F 611 21.09 43.57 -5.05
N SER F 612 21.71 44.74 -4.95
CA SER F 612 21.64 45.73 -6.02
C SER F 612 22.23 45.19 -7.31
N THR F 613 23.21 44.30 -7.21
CA THR F 613 23.92 43.77 -8.36
C THR F 613 24.91 44.80 -8.90
N LYS F 614 24.86 46.02 -8.38
CA LYS F 614 25.91 46.99 -8.69
C LYS F 614 27.18 46.70 -7.90
N LYS F 615 27.03 46.21 -6.67
CA LYS F 615 28.17 45.76 -5.90
C LYS F 615 28.83 44.58 -6.60
N ASN F 616 30.06 44.27 -6.18
CA ASN F 616 30.79 43.13 -6.71
C ASN F 616 30.57 41.87 -5.89
N VAL F 617 29.43 41.76 -5.20
CA VAL F 617 29.13 40.57 -4.42
C VAL F 617 28.65 39.48 -5.36
N PHE F 618 29.37 38.36 -5.37
CA PHE F 618 29.10 37.26 -6.28
C PHE F 618 28.89 36.00 -5.45
N ILE F 619 27.76 35.35 -5.65
CA ILE F 619 27.35 34.22 -4.81
C ILE F 619 27.70 32.92 -5.52
N ILE F 620 28.29 31.99 -4.78
CA ILE F 620 28.57 30.65 -5.28
C ILE F 620 28.02 29.65 -4.29
N GLY F 621 27.28 28.67 -4.79
CA GLY F 621 26.71 27.64 -3.93
C GLY F 621 27.10 26.26 -4.40
N ALA F 622 27.75 25.49 -3.52
CA ALA F 622 28.22 24.15 -3.85
C ALA F 622 27.26 23.12 -3.27
N THR F 623 26.91 22.12 -4.07
CA THR F 623 25.98 21.08 -3.65
C THR F 623 26.46 19.73 -4.17
N ASN F 624 26.12 18.68 -3.44
CA ASN F 624 26.37 17.32 -3.89
C ASN F 624 25.13 16.66 -4.47
N ARG F 625 23.95 17.19 -4.19
CA ARG F 625 22.68 16.58 -4.59
C ARG F 625 21.81 17.64 -5.24
N PRO F 626 22.15 18.08 -6.45
CA PRO F 626 21.34 19.11 -7.12
C PRO F 626 19.93 18.66 -7.43
N ASP F 627 19.68 17.34 -7.43
CA ASP F 627 18.36 16.84 -7.77
C ASP F 627 17.30 17.20 -6.74
N ILE F 628 17.71 17.53 -5.50
CA ILE F 628 16.76 17.88 -4.45
C ILE F 628 16.78 19.37 -4.14
N ILE F 629 17.60 20.16 -4.84
CA ILE F 629 17.59 21.60 -4.64
C ILE F 629 16.20 22.15 -4.95
N ASP F 630 15.78 23.15 -4.18
CA ASP F 630 14.54 23.84 -4.48
C ASP F 630 14.66 24.53 -5.84
N PRO F 631 13.74 24.30 -6.77
CA PRO F 631 13.87 24.95 -8.08
C PRO F 631 13.85 26.46 -8.01
N ALA F 632 13.31 27.04 -6.94
CA ALA F 632 13.30 28.50 -6.82
C ALA F 632 14.69 29.08 -6.92
N ILE F 633 15.70 28.37 -6.42
CA ILE F 633 17.07 28.85 -6.51
C ILE F 633 17.52 28.94 -7.96
N LEU F 634 17.11 27.98 -8.79
CA LEU F 634 17.54 27.91 -10.18
C LEU F 634 16.65 28.79 -11.04
N ARG F 635 16.84 30.10 -10.89
CA ARG F 635 16.08 31.10 -11.61
C ARG F 635 17.03 32.20 -12.04
N PRO F 636 16.74 32.91 -13.13
CA PRO F 636 17.53 34.09 -13.47
C PRO F 636 17.46 35.11 -12.34
N GLY F 637 18.57 35.81 -12.13
CA GLY F 637 18.71 36.66 -10.97
C GLY F 637 19.11 35.94 -9.70
N ARG F 638 19.35 34.64 -9.79
CA ARG F 638 19.74 33.82 -8.65
C ARG F 638 20.82 32.88 -9.14
N LEU F 639 21.08 31.80 -8.39
CA LEU F 639 22.02 30.81 -8.88
C LEU F 639 21.46 30.19 -10.15
N ASP F 640 22.00 30.59 -11.30
CA ASP F 640 21.49 30.16 -12.59
C ASP F 640 22.51 29.36 -13.39
N GLN F 641 23.78 29.74 -13.32
CA GLN F 641 24.83 29.00 -14.02
C GLN F 641 25.15 27.74 -13.23
N LEU F 642 24.71 26.60 -13.74
CA LEU F 642 25.05 25.31 -13.16
C LEU F 642 26.37 24.83 -13.76
N ILE F 643 27.35 24.58 -12.91
CA ILE F 643 28.68 24.14 -13.35
C ILE F 643 28.92 22.75 -12.78
N TYR F 644 29.32 21.82 -13.63
CA TYR F 644 29.61 20.46 -13.21
C TYR F 644 31.10 20.31 -12.93
N ILE F 645 31.42 19.81 -11.75
CA ILE F 645 32.81 19.56 -11.37
C ILE F 645 33.01 18.06 -11.28
N PRO F 646 33.58 17.42 -12.29
CA PRO F 646 33.74 15.97 -12.27
C PRO F 646 34.92 15.54 -11.41
N LEU F 647 35.14 14.23 -11.36
CA LEU F 647 36.27 13.70 -10.62
C LEU F 647 37.57 14.13 -11.29
N PRO F 648 38.65 14.26 -10.52
CA PRO F 648 39.91 14.72 -11.11
C PRO F 648 40.41 13.76 -12.19
N ASP F 649 41.08 14.33 -13.18
CA ASP F 649 41.76 13.55 -14.21
C ASP F 649 43.23 13.38 -13.82
N GLU F 650 43.99 12.68 -14.66
CA GLU F 650 45.35 12.31 -14.28
C GLU F 650 46.21 13.54 -14.01
N LYS F 651 46.14 14.55 -14.87
CA LYS F 651 46.91 15.77 -14.63
C LYS F 651 46.41 16.47 -13.37
N SER F 652 45.09 16.56 -13.21
CA SER F 652 44.54 17.14 -12.00
C SER F 652 44.93 16.31 -10.78
N ARG F 653 44.97 14.98 -10.92
CA ARG F 653 45.35 14.13 -9.79
C ARG F 653 46.78 14.39 -9.38
N VAL F 654 47.71 14.48 -10.33
CA VAL F 654 49.10 14.72 -9.97
C VAL F 654 49.25 16.10 -9.37
N ALA F 655 48.50 17.09 -9.87
CA ALA F 655 48.55 18.41 -9.27
C ALA F 655 48.05 18.39 -7.83
N ILE F 656 46.95 17.66 -7.58
CA ILE F 656 46.40 17.58 -6.23
C ILE F 656 47.35 16.85 -5.30
N LEU F 657 48.10 15.87 -5.82
CA LEU F 657 49.13 15.22 -5.01
C LEU F 657 50.26 16.19 -4.69
N LYS F 658 50.80 16.86 -5.72
CA LYS F 658 51.90 17.78 -5.52
C LYS F 658 51.54 18.81 -4.46
N ALA F 659 50.40 19.47 -4.63
CA ALA F 659 49.82 20.20 -3.51
C ALA F 659 49.40 19.19 -2.44
N ASN F 660 49.49 19.60 -1.18
CA ASN F 660 49.05 18.75 -0.08
C ASN F 660 50.06 17.62 0.15
N LEU F 661 51.02 17.42 -0.77
CA LEU F 661 52.14 16.54 -0.49
C LEU F 661 53.48 17.25 -0.48
N ARG F 662 53.60 18.38 -1.18
CA ARG F 662 54.88 19.07 -1.22
C ARG F 662 55.31 19.54 0.16
N LYS F 663 54.37 19.84 1.05
CA LYS F 663 54.72 20.27 2.40
C LYS F 663 55.55 19.21 3.11
N SER F 664 55.11 17.96 3.05
CA SER F 664 55.85 16.89 3.70
C SER F 664 57.17 16.63 2.96
N PRO F 665 58.17 16.08 3.64
CA PRO F 665 59.42 15.72 2.96
C PRO F 665 59.28 14.38 2.25
N VAL F 666 59.30 14.41 0.92
CA VAL F 666 59.22 13.22 0.09
C VAL F 666 60.47 13.16 -0.77
N ALA F 667 61.09 12.00 -0.85
CA ALA F 667 62.32 11.82 -1.61
C ALA F 667 62.33 10.41 -2.18
N LYS F 668 63.50 9.93 -2.55
CA LYS F 668 63.65 8.64 -3.24
C LYS F 668 63.08 8.76 -4.65
N ASP F 669 62.43 7.71 -5.14
CA ASP F 669 61.85 7.69 -6.48
C ASP F 669 60.33 7.65 -6.40
N VAL F 670 59.74 8.39 -5.47
CA VAL F 670 58.29 8.48 -5.39
C VAL F 670 57.81 9.17 -6.66
N ASP F 671 57.18 8.41 -7.55
CA ASP F 671 56.68 8.94 -8.82
C ASP F 671 55.23 9.31 -8.63
N LEU F 672 54.99 10.57 -8.29
CA LEU F 672 53.61 11.05 -8.16
C LEU F 672 52.85 10.86 -9.45
N GLU F 673 53.54 10.89 -10.60
CA GLU F 673 52.89 10.63 -11.86
C GLU F 673 52.37 9.20 -11.92
N PHE F 674 53.13 8.25 -11.40
CA PHE F 674 52.65 6.86 -11.38
C PHE F 674 51.41 6.72 -10.53
N LEU F 675 51.39 7.36 -9.35
CA LEU F 675 50.20 7.32 -8.52
C LEU F 675 49.02 7.95 -9.23
N ALA F 676 49.26 9.08 -9.92
CA ALA F 676 48.18 9.70 -10.68
C ALA F 676 47.62 8.75 -11.73
N LYS F 677 48.51 8.04 -12.43
CA LYS F 677 48.06 7.06 -13.40
C LYS F 677 47.21 5.98 -12.74
N MET F 678 47.71 5.41 -11.65
CA MET F 678 47.03 4.26 -11.04
C MET F 678 45.68 4.63 -10.46
N THR F 679 45.61 5.75 -9.75
CA THR F 679 44.36 6.20 -9.15
C THR F 679 43.51 6.85 -10.23
N ASN F 680 42.42 6.18 -10.62
CA ASN F 680 41.58 6.64 -11.72
C ASN F 680 40.21 7.13 -11.26
N GLY F 681 39.50 6.36 -10.46
CA GLY F 681 38.23 6.76 -9.93
C GLY F 681 38.32 7.53 -8.63
N PHE F 682 39.52 7.87 -8.19
CA PHE F 682 39.71 8.54 -6.92
C PHE F 682 39.34 10.01 -7.02
N SER F 683 38.92 10.57 -5.90
CA SER F 683 38.61 11.98 -5.78
C SER F 683 39.75 12.68 -5.03
N GLY F 684 39.61 13.99 -4.86
CA GLY F 684 40.61 14.73 -4.10
C GLY F 684 40.71 14.23 -2.66
N ALA F 685 39.58 13.90 -2.05
CA ALA F 685 39.59 13.42 -0.68
C ALA F 685 40.33 12.09 -0.57
N ASP F 686 40.18 11.21 -1.56
CA ASP F 686 40.87 9.93 -1.50
C ASP F 686 42.38 10.10 -1.58
N LEU F 687 42.85 10.99 -2.47
CA LEU F 687 44.28 11.25 -2.54
C LEU F 687 44.79 11.92 -1.28
N THR F 688 43.99 12.82 -0.71
CA THR F 688 44.36 13.42 0.56
C THR F 688 44.52 12.35 1.62
N GLU F 689 43.58 11.41 1.68
CA GLU F 689 43.65 10.34 2.68
C GLU F 689 44.86 9.46 2.45
N ILE F 690 45.22 9.21 1.19
CA ILE F 690 46.36 8.33 0.93
C ILE F 690 47.66 9.01 1.34
N CYS F 691 47.81 10.30 1.02
CA CYS F 691 48.99 11.03 1.47
C CYS F 691 49.03 11.10 3.00
N GLN F 692 47.87 11.28 3.62
CA GLN F 692 47.79 11.29 5.07
C GLN F 692 48.28 9.97 5.65
N ARG F 693 47.85 8.86 5.06
CA ARG F 693 48.27 7.56 5.54
C ARG F 693 49.77 7.35 5.37
N ALA F 694 50.32 7.80 4.25
CA ALA F 694 51.77 7.68 4.05
C ALA F 694 52.53 8.48 5.09
N CYS F 695 52.09 9.71 5.36
CA CYS F 695 52.74 10.51 6.39
C CYS F 695 52.64 9.84 7.75
N LYS F 696 51.47 9.29 8.08
CA LYS F 696 51.30 8.64 9.36
C LYS F 696 52.19 7.41 9.49
N LEU F 697 52.34 6.65 8.42
CA LEU F 697 53.24 5.50 8.44
C LEU F 697 54.68 5.94 8.67
N ALA F 698 55.10 7.01 8.00
CA ALA F 698 56.45 7.52 8.21
C ALA F 698 56.65 7.96 9.65
N ILE F 699 55.65 8.66 10.21
CA ILE F 699 55.75 9.11 11.59
C ILE F 699 55.86 7.92 12.53
N ARG F 700 55.05 6.89 12.32
CA ARG F 700 55.11 5.72 13.17
C ARG F 700 56.48 5.05 13.10
N GLU F 701 57.02 4.90 11.89
CA GLU F 701 58.34 4.29 11.75
C GLU F 701 59.40 5.13 12.46
N SER F 702 59.36 6.44 12.30
CA SER F 702 60.35 7.28 12.95
C SER F 702 60.25 7.20 14.46
N ILE F 703 59.03 7.19 14.99
CA ILE F 703 58.86 7.07 16.44
C ILE F 703 59.42 5.74 16.93
N GLU F 704 59.07 4.65 16.24
CA GLU F 704 59.62 3.35 16.63
C GLU F 704 61.15 3.37 16.60
N SER F 705 61.72 4.08 15.63
CA SER F 705 63.17 4.21 15.58
C SER F 705 63.70 4.94 16.80
N GLU F 706 63.06 6.05 17.18
CA GLU F 706 63.50 6.78 18.36
C GLU F 706 63.33 5.94 19.62
N ILE F 707 62.15 5.36 19.79
CA ILE F 707 61.87 4.52 20.95
C ILE F 707 62.48 3.14 20.74
N PRO F 727 66.59 9.97 12.20
CA PRO F 727 66.85 9.71 10.79
C PRO F 727 65.57 9.66 9.96
N VAL F 728 65.62 9.06 8.79
CA VAL F 728 64.47 8.92 7.89
C VAL F 728 63.70 10.24 7.85
N PRO F 729 64.31 11.33 7.41
CA PRO F 729 63.63 12.61 7.41
C PRO F 729 62.77 12.82 6.18
N GLU F 730 62.51 11.74 5.44
CA GLU F 730 61.71 11.81 4.22
C GLU F 730 60.83 10.58 4.15
N ILE F 731 59.76 10.68 3.37
CA ILE F 731 58.81 9.59 3.20
C ILE F 731 59.32 8.67 2.11
N ARG F 732 59.75 7.47 2.49
CA ARG F 732 60.28 6.51 1.53
C ARG F 732 59.19 6.04 0.59
N ARG F 733 59.61 5.46 -0.54
CA ARG F 733 58.64 4.85 -1.45
C ARG F 733 57.85 3.77 -0.74
N ASP F 734 58.52 2.96 0.08
CA ASP F 734 57.85 1.88 0.78
C ASP F 734 56.62 2.38 1.53
N HIS F 735 56.71 3.56 2.14
CA HIS F 735 55.55 4.10 2.83
C HIS F 735 54.37 4.27 1.88
N PHE F 736 54.62 4.85 0.70
CA PHE F 736 53.55 5.09 -0.26
C PHE F 736 52.97 3.78 -0.77
N GLU F 737 53.84 2.84 -1.17
CA GLU F 737 53.34 1.59 -1.72
C GLU F 737 52.70 0.70 -0.67
N GLU F 738 52.97 0.95 0.61
CA GLU F 738 52.22 0.27 1.66
C GLU F 738 50.89 0.93 1.93
N ALA F 739 50.84 2.27 1.92
CA ALA F 739 49.59 2.97 2.11
C ALA F 739 48.64 2.77 0.95
N MET F 740 49.16 2.45 -0.25
CA MET F 740 48.29 2.35 -1.42
C MET F 740 47.27 1.23 -1.24
N ARG F 741 47.68 0.08 -0.72
CA ARG F 741 46.77 -1.06 -0.67
C ARG F 741 45.60 -0.84 0.29
N PHE F 742 45.65 0.18 1.13
CA PHE F 742 44.50 0.58 1.91
C PHE F 742 43.69 1.67 1.22
N ALA F 743 44.10 2.09 0.03
CA ALA F 743 43.39 3.14 -0.68
C ALA F 743 42.00 2.68 -1.09
N ARG F 744 41.02 3.56 -0.92
CA ARG F 744 39.63 3.25 -1.21
C ARG F 744 39.01 4.43 -1.95
N ARG F 745 38.09 4.12 -2.85
CA ARG F 745 37.36 5.13 -3.59
C ARG F 745 36.08 5.52 -2.84
N SER F 746 35.83 6.82 -2.75
CA SER F 746 34.71 7.31 -1.96
C SER F 746 33.41 7.31 -2.76
N VAL F 747 33.49 7.56 -4.06
CA VAL F 747 32.30 7.69 -4.91
C VAL F 747 32.19 6.44 -5.78
N SER F 748 31.08 5.74 -5.65
CA SER F 748 30.82 4.57 -6.50
C SER F 748 30.44 5.00 -7.90
N ASP F 749 30.74 4.15 -8.88
CA ASP F 749 30.49 4.52 -10.26
C ASP F 749 29.02 4.72 -10.55
N ASN F 750 28.13 4.19 -9.71
CA ASN F 750 26.71 4.48 -9.86
C ASN F 750 26.42 5.95 -9.62
N ASP F 751 27.01 6.52 -8.56
CA ASP F 751 26.84 7.94 -8.31
C ASP F 751 27.45 8.77 -9.43
N ILE F 752 28.60 8.35 -9.95
CA ILE F 752 29.21 9.06 -11.06
C ILE F 752 28.27 9.02 -12.27
N ARG F 753 27.65 7.86 -12.51
CA ARG F 753 26.72 7.76 -13.62
C ARG F 753 25.53 8.70 -13.43
N LYS F 754 25.03 8.78 -12.20
CA LYS F 754 23.91 9.68 -11.92
C LYS F 754 24.30 11.14 -12.16
N TYR F 755 25.49 11.53 -11.71
CA TYR F 755 25.94 12.90 -11.92
C TYR F 755 26.10 13.19 -13.41
N GLU F 756 26.63 12.22 -14.16
CA GLU F 756 26.79 12.40 -15.60
C GLU F 756 25.44 12.52 -16.28
N MET F 757 24.45 11.74 -15.84
CA MET F 757 23.11 11.87 -16.39
C MET F 757 22.53 13.25 -16.12
N PHE F 758 22.73 13.76 -14.91
CA PHE F 758 22.28 15.12 -14.60
C PHE F 758 22.96 16.14 -15.50
N ALA F 759 24.28 16.03 -15.64
CA ALA F 759 25.02 16.99 -16.46
C ALA F 759 24.55 16.95 -17.91
N GLN F 760 24.30 15.76 -18.44
CA GLN F 760 23.80 15.64 -19.80
C GLN F 760 22.40 16.23 -19.92
N THR F 761 21.56 16.01 -18.91
CA THR F 761 20.23 16.60 -18.92
C THR F 761 20.29 18.12 -18.94
N LEU F 762 21.30 18.70 -18.29
CA LEU F 762 21.48 20.15 -18.34
C LEU F 762 22.17 20.62 -19.61
N GLN F 763 22.65 19.70 -20.45
CA GLN F 763 23.30 20.06 -21.70
C GLN F 763 22.38 20.95 -22.54
N GLY F 767 20.18 18.85 -30.98
CA GLY F 767 19.68 20.22 -31.04
C GLY F 767 20.07 20.92 -32.32
N PHE F 768 20.33 22.24 -32.22
CA PHE F 768 20.67 23.02 -33.40
C PHE F 768 21.98 22.55 -34.01
N GLY F 769 23.03 22.46 -33.19
CA GLY F 769 24.29 21.90 -33.63
C GLY F 769 25.03 22.81 -34.59
N SER F 770 24.48 22.99 -35.79
CA SER F 770 25.08 23.82 -36.83
C SER F 770 24.00 24.80 -37.29
N PHE F 771 23.88 25.92 -36.58
CA PHE F 771 22.99 27.00 -36.97
C PHE F 771 23.79 28.06 -37.69
N ARG F 772 23.32 28.45 -38.88
CA ARG F 772 24.02 29.46 -39.67
C ARG F 772 22.99 30.44 -40.24
N PHE F 773 23.40 31.69 -40.37
CA PHE F 773 22.54 32.69 -40.95
C PHE F 773 22.39 32.44 -42.45
N PRO F 774 21.32 32.94 -43.05
CA PRO F 774 21.10 32.66 -44.48
C PRO F 774 22.24 33.14 -45.36
N SER F 775 22.90 34.24 -44.99
CA SER F 775 24.02 34.75 -45.77
C SER F 775 23.62 35.05 -47.20
N GLU G 466 -24.45 -16.03 -40.64
CA GLU G 466 -23.11 -15.63 -41.03
C GLU G 466 -23.07 -14.12 -41.29
N THR G 467 -21.93 -13.63 -41.76
CA THR G 467 -21.78 -12.20 -42.02
C THR G 467 -22.68 -11.77 -43.16
N VAL G 468 -23.27 -10.59 -43.00
CA VAL G 468 -24.09 -9.97 -44.03
C VAL G 468 -23.23 -8.99 -44.81
N VAL G 469 -23.09 -9.22 -46.11
CA VAL G 469 -22.29 -8.35 -46.96
C VAL G 469 -23.20 -7.68 -47.97
N GLU G 470 -23.69 -6.48 -47.64
CA GLU G 470 -24.68 -5.81 -48.45
C GLU G 470 -24.46 -4.32 -48.37
N VAL G 471 -24.87 -3.61 -49.43
CA VAL G 471 -24.75 -2.16 -49.50
C VAL G 471 -25.78 -1.53 -48.57
N PRO G 472 -25.37 -0.72 -47.59
CA PRO G 472 -26.36 -0.13 -46.67
C PRO G 472 -27.31 0.82 -47.38
N GLN G 473 -28.52 0.92 -46.83
CA GLN G 473 -29.55 1.79 -47.37
C GLN G 473 -29.63 3.14 -46.67
N VAL G 474 -29.09 3.26 -45.45
CA VAL G 474 -29.03 4.54 -44.79
C VAL G 474 -28.13 5.49 -45.58
N THR G 475 -28.45 6.78 -45.53
CA THR G 475 -27.75 7.79 -46.31
C THR G 475 -27.27 8.89 -45.39
N TRP G 476 -26.61 9.89 -45.99
CA TRP G 476 -26.12 11.02 -45.21
C TRP G 476 -27.28 11.81 -44.61
N GLU G 477 -28.39 11.92 -45.33
CA GLU G 477 -29.53 12.69 -44.83
C GLU G 477 -30.05 12.15 -43.52
N ASP G 478 -29.76 10.88 -43.20
CA ASP G 478 -30.20 10.32 -41.93
C ASP G 478 -29.59 11.08 -40.76
N ILE G 479 -28.32 11.44 -40.86
CA ILE G 479 -27.64 12.28 -39.87
C ILE G 479 -27.25 13.57 -40.56
N GLY G 480 -27.88 14.68 -40.16
CA GLY G 480 -27.79 15.90 -40.94
C GLY G 480 -26.49 16.65 -40.79
N GLY G 481 -25.86 16.56 -39.64
CA GLY G 481 -24.68 17.35 -39.33
C GLY G 481 -23.40 16.65 -39.75
N LEU G 482 -22.30 17.09 -39.13
CA LEU G 482 -21.00 16.49 -39.36
C LEU G 482 -20.59 16.58 -40.83
N GLU G 483 -20.80 17.75 -41.43
CA GLU G 483 -20.39 17.95 -42.82
C GLU G 483 -18.88 17.90 -42.98
N ASP G 484 -18.14 18.38 -41.97
CA ASP G 484 -16.69 18.34 -42.04
C ASP G 484 -16.18 16.90 -42.11
N VAL G 485 -16.62 16.05 -41.17
CA VAL G 485 -16.19 14.67 -41.19
C VAL G 485 -16.78 13.95 -42.38
N LYS G 486 -17.95 14.38 -42.86
CA LYS G 486 -18.51 13.79 -44.07
C LYS G 486 -17.57 14.01 -45.25
N ARG G 487 -17.10 15.24 -45.42
CA ARG G 487 -16.15 15.51 -46.50
C ARG G 487 -14.85 14.74 -46.30
N GLU G 488 -14.38 14.68 -45.05
CA GLU G 488 -13.14 13.96 -44.77
C GLU G 488 -13.28 12.49 -45.16
N LEU G 489 -14.38 11.86 -44.79
CA LEU G 489 -14.60 10.46 -45.14
C LEU G 489 -14.76 10.31 -46.65
N GLN G 490 -15.38 11.30 -47.29
CA GLN G 490 -15.50 11.25 -48.75
C GLN G 490 -14.14 11.21 -49.41
N GLU G 491 -13.20 12.01 -48.92
CA GLU G 491 -11.87 12.03 -49.50
C GLU G 491 -10.97 10.89 -49.02
N LEU G 492 -11.42 10.08 -48.07
CA LEU G 492 -10.66 8.91 -47.64
C LEU G 492 -11.11 7.63 -48.32
N VAL G 493 -12.36 7.55 -48.77
CA VAL G 493 -12.89 6.35 -49.40
C VAL G 493 -13.37 6.60 -50.83
N GLN G 494 -14.07 7.72 -51.06
CA GLN G 494 -14.64 7.95 -52.37
C GLN G 494 -13.62 8.39 -53.40
N TYR G 495 -12.57 9.10 -53.00
CA TYR G 495 -11.61 9.60 -53.96
C TYR G 495 -10.66 8.50 -54.42
N PRO G 496 -10.14 7.66 -53.53
CA PRO G 496 -9.29 6.56 -54.00
C PRO G 496 -10.00 5.62 -54.96
N VAL G 497 -11.32 5.51 -54.87
CA VAL G 497 -12.07 4.54 -55.65
C VAL G 497 -12.49 5.12 -56.99
N GLU G 498 -13.09 6.32 -56.98
CA GLU G 498 -13.54 6.91 -58.24
C GLU G 498 -12.40 7.38 -59.11
N HIS G 499 -11.31 7.85 -58.51
CA HIS G 499 -10.21 8.49 -59.25
C HIS G 499 -8.87 7.91 -58.83
N PRO G 500 -8.65 6.62 -59.07
CA PRO G 500 -7.29 6.08 -58.90
C PRO G 500 -6.28 6.70 -59.84
N ASP G 501 -6.73 7.15 -61.02
CA ASP G 501 -5.82 7.74 -61.99
C ASP G 501 -5.21 9.04 -61.47
N LYS G 502 -5.86 9.68 -60.50
CA LYS G 502 -5.26 10.84 -59.86
C LYS G 502 -4.30 10.43 -58.75
N PHE G 503 -4.56 9.30 -58.11
CA PHE G 503 -3.68 8.87 -57.02
C PHE G 503 -2.36 8.36 -57.55
N LEU G 504 -2.37 7.64 -58.68
CA LEU G 504 -1.11 7.19 -59.24
C LEU G 504 -0.34 8.32 -59.90
N LYS G 505 -0.97 9.47 -60.13
CA LYS G 505 -0.26 10.61 -60.69
C LYS G 505 0.78 11.15 -59.72
N PHE G 506 0.38 11.39 -58.47
CA PHE G 506 1.26 11.99 -57.48
C PHE G 506 1.98 10.96 -56.63
N GLY G 507 1.83 9.67 -56.93
CA GLY G 507 2.43 8.66 -56.09
C GLY G 507 1.84 8.57 -54.70
N MET G 508 0.73 9.25 -54.46
CA MET G 508 0.08 9.19 -53.16
C MET G 508 -0.52 7.81 -52.94
N THR G 509 -0.17 7.20 -51.81
CA THR G 509 -0.77 5.93 -51.42
C THR G 509 -1.95 6.19 -50.51
N PRO G 510 -3.17 5.80 -50.89
CA PRO G 510 -4.33 6.09 -50.04
C PRO G 510 -4.23 5.38 -48.70
N SER G 511 -4.79 6.01 -47.67
CA SER G 511 -4.89 5.37 -46.37
C SER G 511 -5.97 4.30 -46.40
N LYS G 512 -5.72 3.20 -45.69
CA LYS G 512 -6.64 2.06 -45.66
C LYS G 512 -7.24 1.85 -44.28
N GLY G 513 -7.27 2.87 -43.45
CA GLY G 513 -7.80 2.71 -42.11
C GLY G 513 -8.20 4.02 -41.45
N VAL G 514 -9.33 3.99 -40.75
CA VAL G 514 -9.83 5.15 -40.02
C VAL G 514 -10.40 4.66 -38.69
N LEU G 515 -10.16 5.41 -37.63
CA LEU G 515 -10.66 5.07 -36.30
C LEU G 515 -11.64 6.14 -35.87
N PHE G 516 -12.91 5.75 -35.73
CA PHE G 516 -13.93 6.62 -35.17
C PHE G 516 -13.90 6.53 -33.65
N TYR G 517 -13.87 7.68 -32.98
CA TYR G 517 -13.94 7.68 -31.53
C TYR G 517 -14.82 8.84 -31.07
N GLY G 518 -15.49 8.63 -29.94
CA GLY G 518 -16.38 9.61 -29.39
C GLY G 518 -17.34 9.01 -28.40
N PRO G 519 -18.23 9.82 -27.84
CA PRO G 519 -19.16 9.31 -26.84
C PRO G 519 -20.14 8.32 -27.46
N PRO G 520 -20.68 7.40 -26.66
CA PRO G 520 -21.57 6.38 -27.22
C PRO G 520 -22.84 6.96 -27.79
N GLY G 521 -23.42 6.26 -28.76
CA GLY G 521 -24.69 6.64 -29.33
C GLY G 521 -24.66 7.93 -30.11
N CYS G 522 -23.64 8.16 -30.92
CA CYS G 522 -23.50 9.38 -31.70
C CYS G 522 -23.60 9.15 -33.20
N GLY G 523 -23.76 7.90 -33.63
CA GLY G 523 -23.90 7.59 -35.03
C GLY G 523 -22.65 7.12 -35.74
N LYS G 524 -21.70 6.51 -35.01
CA LYS G 524 -20.51 6.01 -35.67
C LYS G 524 -20.84 4.89 -36.64
N THR G 525 -21.68 3.94 -36.20
CA THR G 525 -22.14 2.90 -37.11
C THR G 525 -22.92 3.50 -38.26
N LEU G 526 -23.76 4.49 -37.95
CA LEU G 526 -24.50 5.18 -39.01
C LEU G 526 -23.56 5.84 -39.99
N LEU G 527 -22.48 6.45 -39.49
CA LEU G 527 -21.51 7.08 -40.39
C LEU G 527 -20.84 6.05 -41.29
N ALA G 528 -20.45 4.91 -40.72
CA ALA G 528 -19.81 3.87 -41.53
C ALA G 528 -20.77 3.40 -42.62
N LYS G 529 -22.02 3.14 -42.26
CA LYS G 529 -22.99 2.71 -43.25
C LYS G 529 -23.23 3.79 -44.30
N ALA G 530 -23.27 5.05 -43.89
CA ALA G 530 -23.51 6.13 -44.82
C ALA G 530 -22.37 6.26 -45.83
N ILE G 531 -21.12 6.17 -45.36
CA ILE G 531 -20.00 6.27 -46.29
C ILE G 531 -19.98 5.07 -47.22
N ALA G 532 -20.33 3.88 -46.70
CA ALA G 532 -20.43 2.73 -47.58
C ALA G 532 -21.50 2.94 -48.64
N ASN G 533 -22.63 3.54 -48.25
CA ASN G 533 -23.71 3.79 -49.21
C ASN G 533 -23.28 4.79 -50.27
N GLU G 534 -22.57 5.85 -49.88
CA GLU G 534 -22.19 6.87 -50.85
C GLU G 534 -21.29 6.29 -51.93
N CYS G 535 -20.35 5.44 -51.55
CA CYS G 535 -19.49 4.77 -52.51
C CYS G 535 -20.12 3.51 -53.08
N GLN G 536 -21.29 3.11 -52.59
CA GLN G 536 -21.93 1.87 -53.01
C GLN G 536 -21.01 0.67 -52.79
N ALA G 537 -20.26 0.72 -51.70
CA ALA G 537 -19.36 -0.35 -51.31
C ALA G 537 -20.05 -1.28 -50.33
N ASN G 538 -19.74 -2.56 -50.42
CA ASN G 538 -20.33 -3.52 -49.49
C ASN G 538 -19.89 -3.22 -48.07
N PHE G 539 -20.80 -3.48 -47.12
CA PHE G 539 -20.56 -3.20 -45.72
C PHE G 539 -20.53 -4.50 -44.94
N ILE G 540 -19.43 -4.75 -44.22
CA ILE G 540 -19.30 -5.90 -43.35
C ILE G 540 -19.12 -5.38 -41.93
N SER G 541 -19.97 -5.83 -41.02
CA SER G 541 -20.00 -5.33 -39.65
C SER G 541 -19.66 -6.45 -38.70
N ILE G 542 -18.60 -6.27 -37.91
CA ILE G 542 -18.18 -7.20 -36.88
C ILE G 542 -18.43 -6.55 -35.54
N LYS G 543 -19.10 -7.27 -34.64
CA LYS G 543 -19.54 -6.70 -33.38
C LYS G 543 -18.54 -6.97 -32.27
N GLY G 544 -18.71 -6.24 -31.17
CA GLY G 544 -17.88 -6.41 -30.00
C GLY G 544 -18.01 -7.78 -29.36
N PRO G 545 -19.24 -8.26 -29.18
CA PRO G 545 -19.39 -9.63 -28.64
C PRO G 545 -18.70 -10.68 -29.50
N GLU G 546 -18.71 -10.52 -30.82
CA GLU G 546 -18.01 -11.47 -31.68
C GLU G 546 -16.51 -11.42 -31.43
N LEU G 547 -15.97 -10.22 -31.25
CA LEU G 547 -14.55 -10.09 -30.92
C LEU G 547 -14.24 -10.73 -29.58
N LEU G 548 -15.08 -10.50 -28.58
CA LEU G 548 -14.82 -11.07 -27.26
C LEU G 548 -14.97 -12.59 -27.27
N THR G 549 -15.82 -13.15 -28.15
CA THR G 549 -15.92 -14.60 -28.22
C THR G 549 -14.75 -15.21 -28.97
N MET G 550 -14.22 -14.55 -30.01
CA MET G 550 -13.02 -15.12 -30.60
C MET G 550 -11.78 -14.76 -29.79
N TRP G 551 -11.91 -13.93 -28.76
CA TRP G 551 -10.84 -13.76 -27.77
C TRP G 551 -10.90 -14.84 -26.70
N PHE G 552 -12.03 -14.95 -26.02
CA PHE G 552 -12.19 -15.98 -24.99
C PHE G 552 -12.04 -17.37 -25.57
N GLY G 553 -12.61 -17.61 -26.75
CA GLY G 553 -12.52 -18.90 -27.39
C GLY G 553 -11.09 -19.33 -27.61
N SER G 555 -9.81 -19.27 -30.35
CA SER G 555 -10.46 -19.43 -31.64
C SER G 555 -10.40 -18.11 -32.41
N GLU G 556 -9.21 -17.52 -32.50
CA GLU G 556 -9.03 -16.23 -33.13
C GLU G 556 -8.71 -16.32 -34.61
N ALA G 557 -8.64 -17.52 -35.18
CA ALA G 557 -8.27 -17.66 -36.58
C ALA G 557 -9.40 -17.26 -37.52
N ASN G 558 -10.60 -17.03 -36.98
CA ASN G 558 -11.73 -16.66 -37.83
C ASN G 558 -11.58 -15.23 -38.37
N VAL G 559 -10.68 -14.45 -37.79
CA VAL G 559 -10.42 -13.11 -38.31
C VAL G 559 -9.92 -13.20 -39.75
N ARG G 560 -9.12 -14.22 -40.05
CA ARG G 560 -8.64 -14.41 -41.41
C ARG G 560 -9.80 -14.71 -42.35
N GLU G 561 -10.77 -15.51 -41.90
CA GLU G 561 -11.96 -15.76 -42.70
C GLU G 561 -12.72 -14.46 -42.95
N ILE G 562 -12.84 -13.63 -41.93
CA ILE G 562 -13.56 -12.37 -42.08
C ILE G 562 -12.88 -11.49 -43.12
N PHE G 563 -11.56 -11.37 -43.01
CA PHE G 563 -10.83 -10.52 -43.95
C PHE G 563 -10.89 -11.10 -45.35
N ASP G 564 -10.90 -12.43 -45.47
CA ASP G 564 -11.07 -13.04 -46.79
C ASP G 564 -12.43 -12.70 -47.39
N LYS G 565 -13.49 -12.77 -46.57
CA LYS G 565 -14.81 -12.38 -47.04
C LYS G 565 -14.80 -10.95 -47.52
N ALA G 566 -14.15 -10.06 -46.77
CA ALA G 566 -14.02 -8.68 -47.23
C ALA G 566 -13.26 -8.59 -48.55
N ARG G 567 -12.19 -9.38 -48.68
CA ARG G 567 -11.39 -9.37 -49.91
C ARG G 567 -12.22 -9.78 -51.11
N GLN G 568 -13.14 -10.74 -50.93
CA GLN G 568 -13.96 -11.18 -52.05
C GLN G 568 -14.70 -10.02 -52.69
N ALA G 569 -15.26 -9.13 -51.87
CA ALA G 569 -15.90 -7.92 -52.37
C ALA G 569 -14.88 -6.79 -52.36
N ALA G 570 -14.42 -6.38 -53.54
CA ALA G 570 -13.37 -5.37 -53.61
C ALA G 570 -13.80 -4.05 -52.97
N PRO G 571 -14.95 -3.46 -53.31
CA PRO G 571 -15.36 -2.23 -52.63
C PRO G 571 -16.05 -2.53 -51.30
N CYS G 572 -15.25 -2.72 -50.27
CA CYS G 572 -15.73 -3.16 -48.97
C CYS G 572 -15.30 -2.17 -47.89
N VAL G 573 -16.24 -1.80 -47.04
CA VAL G 573 -15.95 -1.01 -45.85
C VAL G 573 -16.05 -1.97 -44.67
N LEU G 574 -14.93 -2.57 -44.31
CA LEU G 574 -14.90 -3.43 -43.13
C LEU G 574 -15.00 -2.57 -41.88
N PHE G 575 -15.93 -2.93 -40.99
CA PHE G 575 -16.25 -2.10 -39.83
C PHE G 575 -16.17 -2.94 -38.57
N PHE G 576 -15.22 -2.61 -37.69
CA PHE G 576 -15.07 -3.26 -36.39
C PHE G 576 -15.69 -2.36 -35.34
N ASP G 577 -16.80 -2.80 -34.76
CA ASP G 577 -17.51 -2.01 -33.77
C ASP G 577 -16.97 -2.32 -32.37
N GLU G 578 -16.84 -1.27 -31.57
CA GLU G 578 -16.27 -1.35 -30.23
C GLU G 578 -15.09 -2.34 -30.18
N LEU G 579 -14.10 -2.06 -31.01
CA LEU G 579 -12.91 -2.90 -31.03
C LEU G 579 -12.09 -2.76 -29.76
N ASP G 580 -12.43 -1.81 -28.88
CA ASP G 580 -11.80 -1.72 -27.57
C ASP G 580 -12.38 -2.68 -26.56
N SER G 581 -13.35 -3.51 -26.97
CA SER G 581 -14.00 -4.42 -26.05
C SER G 581 -13.00 -5.40 -25.44
N ILE G 582 -12.01 -5.81 -26.22
CA ILE G 582 -11.00 -6.74 -25.70
C ILE G 582 -10.24 -6.11 -24.54
N ALA G 583 -9.83 -4.85 -24.70
CA ALA G 583 -9.08 -4.19 -23.64
C ALA G 583 -9.98 -3.86 -22.46
N LYS G 584 -11.26 -3.58 -22.72
CA LYS G 584 -12.20 -3.38 -21.62
C LYS G 584 -12.36 -4.65 -20.79
N ALA G 585 -12.47 -5.80 -21.46
CA ALA G 585 -12.60 -7.07 -20.77
C ALA G 585 -11.31 -7.52 -20.11
N ARG G 586 -10.17 -7.08 -20.62
CA ARG G 586 -8.87 -7.41 -20.03
C ARG G 586 -8.53 -6.53 -18.84
N GLY G 587 -9.30 -5.49 -18.57
CA GLY G 587 -9.04 -4.61 -17.45
C GLY G 587 -10.24 -3.78 -17.07
N GLY G 594 0.25 -6.58 -17.12
CA GLY G 594 -0.04 -6.96 -18.49
C GLY G 594 -0.30 -5.75 -19.38
N GLY G 595 0.42 -5.69 -20.49
CA GLY G 595 0.30 -4.57 -21.41
C GLY G 595 -0.88 -4.72 -22.35
N ALA G 596 -1.12 -3.66 -23.12
CA ALA G 596 -2.23 -3.62 -24.07
C ALA G 596 -1.88 -4.47 -25.28
N ALA G 597 -2.34 -5.72 -25.27
CA ALA G 597 -2.13 -6.62 -26.41
C ALA G 597 -2.94 -7.88 -26.18
N ASP G 598 -3.62 -8.33 -27.25
CA ASP G 598 -4.36 -9.57 -27.22
C ASP G 598 -4.14 -10.30 -28.54
N ARG G 599 -4.19 -11.64 -28.48
CA ARG G 599 -3.89 -12.43 -29.65
C ARG G 599 -4.79 -12.05 -30.83
N VAL G 600 -6.06 -11.76 -30.55
CA VAL G 600 -6.96 -11.35 -31.63
C VAL G 600 -6.52 -10.03 -32.22
N ILE G 601 -6.08 -9.10 -31.37
CA ILE G 601 -5.59 -7.81 -31.87
C ILE G 601 -4.41 -8.02 -32.79
N ASN G 602 -3.44 -8.84 -32.36
CA ASN G 602 -2.25 -9.02 -33.17
C ASN G 602 -2.59 -9.71 -34.49
N GLN G 603 -3.53 -10.65 -34.47
CA GLN G 603 -3.91 -11.31 -35.72
C GLN G 603 -4.62 -10.34 -36.64
N ILE G 604 -5.47 -9.47 -36.08
CA ILE G 604 -6.09 -8.43 -36.91
C ILE G 604 -5.01 -7.57 -37.52
N LEU G 605 -3.99 -7.21 -36.75
CA LEU G 605 -2.91 -6.38 -37.28
C LEU G 605 -2.14 -7.10 -38.37
N THR G 606 -1.90 -8.40 -38.20
CA THR G 606 -1.20 -9.18 -39.22
C THR G 606 -2.00 -9.20 -40.51
N GLU G 607 -3.30 -9.49 -40.41
CA GLU G 607 -4.14 -9.49 -41.61
C GLU G 607 -4.23 -8.11 -42.24
N MET G 608 -4.22 -7.07 -41.42
CA MET G 608 -4.30 -5.71 -41.95
C MET G 608 -3.02 -5.33 -42.69
N ASP G 609 -1.87 -5.65 -42.13
CA ASP G 609 -0.62 -5.38 -42.81
C ASP G 609 -0.52 -6.21 -44.10
N GLY G 610 -0.96 -7.46 -44.04
CA GLY G 610 -0.90 -8.32 -45.21
C GLY G 610 -1.81 -7.88 -46.34
N MET G 611 -2.83 -7.08 -46.06
CA MET G 611 -3.72 -6.62 -47.11
C MET G 611 -2.91 -5.90 -48.18
N SER G 612 -3.16 -6.26 -49.44
CA SER G 612 -2.37 -5.74 -50.54
C SER G 612 -2.42 -4.22 -50.60
N THR G 613 -3.56 -3.62 -50.26
CA THR G 613 -3.88 -2.22 -50.40
C THR G 613 -4.16 -1.86 -51.86
N LYS G 614 -3.93 -2.76 -52.81
CA LYS G 614 -4.41 -2.54 -54.17
C LYS G 614 -5.91 -2.73 -54.26
N LYS G 615 -6.43 -3.70 -53.50
CA LYS G 615 -7.87 -3.87 -53.38
C LYS G 615 -8.49 -2.60 -52.83
N ASN G 616 -9.82 -2.54 -52.88
CA ASN G 616 -10.56 -1.40 -52.37
C ASN G 616 -11.06 -1.63 -50.95
N VAL G 617 -10.55 -2.65 -50.25
CA VAL G 617 -10.98 -2.90 -48.88
C VAL G 617 -10.48 -1.77 -48.00
N PHE G 618 -11.40 -1.16 -47.25
CA PHE G 618 -11.11 -0.02 -46.40
C PHE G 618 -11.68 -0.29 -45.03
N ILE G 619 -10.83 -0.28 -44.01
CA ILE G 619 -11.21 -0.67 -42.67
C ILE G 619 -11.63 0.57 -41.89
N ILE G 620 -12.66 0.42 -41.06
CA ILE G 620 -13.09 1.44 -40.13
C ILE G 620 -13.30 0.78 -38.78
N GLY G 621 -12.87 1.45 -37.72
CA GLY G 621 -13.03 0.93 -36.38
C GLY G 621 -13.59 1.98 -35.43
N ALA G 622 -14.72 1.69 -34.80
CA ALA G 622 -15.38 2.62 -33.90
C ALA G 622 -15.07 2.25 -32.46
N THR G 623 -14.72 3.25 -31.66
CA THR G 623 -14.35 3.02 -30.27
C THR G 623 -15.00 4.09 -29.40
N ASN G 624 -15.34 3.71 -28.17
CA ASN G 624 -15.78 4.65 -27.17
C ASN G 624 -14.68 5.04 -26.20
N ARG G 625 -13.62 4.25 -26.11
CA ARG G 625 -12.53 4.48 -25.16
C ARG G 625 -11.20 4.40 -25.91
N PRO G 626 -10.88 5.41 -26.70
CA PRO G 626 -9.61 5.37 -27.44
C PRO G 626 -8.39 5.36 -26.55
N ASP G 627 -8.53 5.77 -25.28
CA ASP G 627 -7.38 5.84 -24.40
C ASP G 627 -6.81 4.46 -24.08
N ILE G 628 -7.66 3.42 -24.06
CA ILE G 628 -7.18 2.08 -23.74
C ILE G 628 -6.87 1.25 -24.98
N ILE G 629 -7.09 1.80 -26.18
CA ILE G 629 -6.75 1.06 -27.39
C ILE G 629 -5.27 0.73 -27.38
N ASP G 630 -4.92 -0.44 -27.92
CA ASP G 630 -3.52 -0.79 -28.07
C ASP G 630 -2.85 0.19 -29.02
N PRO G 631 -1.72 0.80 -28.64
CA PRO G 631 -1.07 1.74 -29.56
C PRO G 631 -0.62 1.11 -30.86
N ALA G 632 -0.42 -0.22 -30.88
CA ALA G 632 0.02 -0.87 -32.10
C ALA G 632 -0.92 -0.61 -33.27
N ILE G 633 -2.22 -0.46 -32.99
CA ILE G 633 -3.18 -0.21 -34.06
C ILE G 633 -3.01 1.20 -34.61
N LEU G 634 -2.61 2.15 -33.77
CA LEU G 634 -2.44 3.54 -34.20
C LEU G 634 -1.05 3.71 -34.80
N ARG G 635 -0.87 3.13 -35.98
CA ARG G 635 0.39 3.15 -36.70
C ARG G 635 0.10 3.40 -38.17
N PRO G 636 1.04 4.00 -38.89
CA PRO G 636 0.87 4.10 -40.35
C PRO G 636 0.78 2.70 -40.97
N GLY G 637 -0.04 2.59 -42.01
CA GLY G 637 -0.39 1.31 -42.56
C GLY G 637 -1.48 0.58 -41.81
N ARG G 638 -2.06 1.21 -40.78
CA ARG G 638 -3.12 0.62 -39.98
C ARG G 638 -4.12 1.74 -39.72
N LEU G 639 -5.01 1.55 -38.75
CA LEU G 639 -5.89 2.64 -38.36
C LEU G 639 -5.03 3.82 -37.94
N ASP G 640 -4.96 4.84 -38.79
CA ASP G 640 -4.13 6.01 -38.54
C ASP G 640 -4.94 7.28 -38.41
N GLN G 641 -5.87 7.52 -39.32
CA GLN G 641 -6.72 8.70 -39.22
C GLN G 641 -7.71 8.51 -38.08
N LEU G 642 -7.55 9.28 -37.02
CA LEU G 642 -8.49 9.29 -35.91
C LEU G 642 -9.48 10.43 -36.13
N ILE G 643 -10.76 10.08 -36.23
CA ILE G 643 -11.82 11.06 -36.46
C ILE G 643 -12.66 11.15 -35.20
N TYR G 644 -12.91 12.37 -34.74
CA TYR G 644 -13.71 12.60 -33.54
C TYR G 644 -15.14 12.88 -33.94
N ILE G 645 -16.07 12.12 -33.36
CA ILE G 645 -17.50 12.31 -33.63
C ILE G 645 -18.15 12.85 -32.37
N PRO G 646 -18.40 14.15 -32.28
CA PRO G 646 -18.97 14.73 -31.07
C PRO G 646 -20.48 14.49 -31.01
N LEU G 647 -21.10 15.02 -29.95
CA LEU G 647 -22.53 14.92 -29.80
C LEU G 647 -23.23 15.74 -30.89
N PRO G 648 -24.44 15.34 -31.28
CA PRO G 648 -25.14 16.07 -32.35
C PRO G 648 -25.39 17.52 -31.96
N ASP G 649 -25.35 18.38 -32.97
CA ASP G 649 -25.73 19.77 -32.82
C ASP G 649 -27.19 19.95 -33.23
N GLU G 650 -27.69 21.19 -33.15
CA GLU G 650 -29.13 21.40 -33.32
C GLU G 650 -29.61 20.92 -34.69
N LYS G 651 -28.88 21.26 -35.75
CA LYS G 651 -29.26 20.78 -37.07
C LYS G 651 -29.15 19.27 -37.15
N SER G 652 -28.07 18.71 -36.60
CA SER G 652 -27.93 17.26 -36.56
C SER G 652 -29.04 16.64 -35.72
N ARG G 653 -29.42 17.29 -34.63
CA ARG G 653 -30.48 16.75 -33.78
C ARG G 653 -31.81 16.70 -34.53
N VAL G 654 -32.16 17.78 -35.22
CA VAL G 654 -33.42 17.79 -35.94
C VAL G 654 -33.40 16.76 -37.06
N ALA G 655 -32.24 16.58 -37.70
CA ALA G 655 -32.14 15.54 -38.72
C ALA G 655 -32.32 14.15 -38.13
N ILE G 656 -31.70 13.90 -36.97
CA ILE G 656 -31.79 12.60 -36.32
C ILE G 656 -33.21 12.35 -35.82
N LEU G 657 -33.96 13.41 -35.55
CA LEU G 657 -35.38 13.24 -35.21
C LEU G 657 -36.19 12.91 -36.46
N LYS G 658 -36.07 13.75 -37.49
CA LYS G 658 -36.82 13.54 -38.72
C LYS G 658 -36.63 12.12 -39.23
N ALA G 659 -35.38 11.69 -39.34
CA ALA G 659 -35.11 10.27 -39.56
C ALA G 659 -35.31 9.52 -38.26
N ASN G 660 -35.95 8.36 -38.33
CA ASN G 660 -36.36 7.54 -37.21
C ASN G 660 -37.63 8.07 -36.55
N LEU G 661 -38.13 9.24 -36.93
CA LEU G 661 -39.48 9.65 -36.55
C LEU G 661 -40.43 9.74 -37.72
N ARG G 662 -39.91 9.98 -38.93
CA ARG G 662 -40.79 10.16 -40.09
C ARG G 662 -41.60 8.91 -40.39
N LYS G 663 -41.08 7.73 -40.03
CA LYS G 663 -41.83 6.50 -40.28
C LYS G 663 -43.17 6.54 -39.56
N SER G 664 -43.17 6.90 -38.27
CA SER G 664 -44.39 6.95 -37.51
C SER G 664 -45.27 8.11 -37.99
N PRO G 665 -46.58 8.03 -37.76
CA PRO G 665 -47.46 9.15 -38.11
C PRO G 665 -47.44 10.22 -37.02
N VAL G 666 -46.89 11.39 -37.36
CA VAL G 666 -46.84 12.53 -36.47
C VAL G 666 -47.64 13.65 -37.11
N ALA G 667 -48.45 14.32 -36.30
CA ALA G 667 -49.36 15.34 -36.82
C ALA G 667 -49.51 16.42 -35.76
N LYS G 668 -50.55 17.25 -35.88
CA LYS G 668 -50.75 18.39 -35.01
C LYS G 668 -49.63 19.40 -35.27
N ASP G 669 -49.13 20.05 -34.21
CA ASP G 669 -48.04 21.00 -34.32
C ASP G 669 -46.80 20.52 -33.59
N VAL G 670 -46.44 19.25 -33.79
CA VAL G 670 -45.18 18.74 -33.26
C VAL G 670 -44.07 19.47 -34.00
N ASP G 671 -43.39 20.37 -33.31
CA ASP G 671 -42.32 21.19 -33.90
C ASP G 671 -41.00 20.54 -33.52
N LEU G 672 -40.50 19.67 -34.41
CA LEU G 672 -39.24 18.98 -34.13
C LEU G 672 -38.10 19.97 -33.97
N GLU G 673 -38.21 21.15 -34.56
CA GLU G 673 -37.17 22.16 -34.36
C GLU G 673 -37.11 22.60 -32.90
N PHE G 674 -38.27 22.74 -32.25
CA PHE G 674 -38.28 23.11 -30.85
C PHE G 674 -37.63 22.03 -30.00
N LEU G 675 -37.93 20.76 -30.28
CA LEU G 675 -37.28 19.68 -29.55
C LEU G 675 -35.77 19.71 -29.77
N ALA G 676 -35.34 19.93 -31.01
CA ALA G 676 -33.91 20.03 -31.28
C ALA G 676 -33.28 21.14 -30.46
N LYS G 677 -33.95 22.29 -30.37
CA LYS G 677 -33.43 23.38 -29.55
C LYS G 677 -33.34 22.98 -28.09
N MET G 678 -34.39 22.33 -27.57
CA MET G 678 -34.42 22.01 -26.14
C MET G 678 -33.33 21.02 -25.78
N THR G 679 -33.20 19.94 -26.56
CA THR G 679 -32.23 18.89 -26.26
C THR G 679 -30.87 19.35 -26.72
N ASN G 680 -29.97 19.60 -25.77
CA ASN G 680 -28.64 20.12 -26.06
C ASN G 680 -27.53 19.11 -25.81
N GLY G 681 -27.48 18.51 -24.64
CA GLY G 681 -26.50 17.50 -24.34
C GLY G 681 -26.91 16.10 -24.75
N PHE G 682 -28.03 15.97 -25.45
CA PHE G 682 -28.55 14.67 -25.84
C PHE G 682 -27.74 14.09 -27.00
N SER G 683 -27.73 12.77 -27.07
CA SER G 683 -27.10 12.02 -28.15
C SER G 683 -28.18 11.44 -29.05
N GLY G 684 -27.75 10.74 -30.09
CA GLY G 684 -28.71 10.08 -30.97
C GLY G 684 -29.55 9.06 -30.23
N ALA G 685 -28.93 8.31 -29.32
CA ALA G 685 -29.68 7.31 -28.57
C ALA G 685 -30.75 7.95 -27.70
N ASP G 686 -30.45 9.11 -27.10
CA ASP G 686 -31.43 9.78 -26.26
C ASP G 686 -32.63 10.24 -27.06
N LEU G 687 -32.39 10.82 -28.24
CA LEU G 687 -33.51 11.25 -29.08
C LEU G 687 -34.30 10.04 -29.57
N THR G 688 -33.61 8.95 -29.92
CA THR G 688 -34.31 7.74 -30.31
C THR G 688 -35.20 7.25 -29.18
N GLU G 689 -34.70 7.31 -27.95
CA GLU G 689 -35.51 6.89 -26.80
C GLU G 689 -36.70 7.81 -26.60
N ILE G 690 -36.53 9.11 -26.83
CA ILE G 690 -37.66 10.03 -26.71
C ILE G 690 -38.74 9.67 -27.71
N CYS G 691 -38.36 9.48 -28.97
CA CYS G 691 -39.33 9.12 -29.99
C CYS G 691 -39.98 7.78 -29.69
N GLN G 692 -39.19 6.83 -29.18
CA GLN G 692 -39.72 5.53 -28.81
C GLN G 692 -40.78 5.66 -27.72
N ARG G 693 -40.50 6.48 -26.71
CA ARG G 693 -41.45 6.67 -25.62
C ARG G 693 -42.72 7.35 -26.12
N ALA G 694 -42.59 8.33 -27.02
CA ALA G 694 -43.78 8.97 -27.57
C ALA G 694 -44.64 7.98 -28.34
N CYS G 695 -44.00 7.15 -29.18
CA CYS G 695 -44.75 6.13 -29.91
C CYS G 695 -45.43 5.16 -28.95
N LYS G 696 -44.73 4.76 -27.88
CA LYS G 696 -45.32 3.83 -26.93
C LYS G 696 -46.51 4.45 -26.23
N LEU G 697 -46.43 5.73 -25.88
CA LEU G 697 -47.56 6.41 -25.25
C LEU G 697 -48.74 6.45 -26.20
N ALA G 698 -48.50 6.77 -27.47
CA ALA G 698 -49.58 6.78 -28.45
C ALA G 698 -50.22 5.41 -28.57
N ILE G 699 -49.40 4.36 -28.62
CA ILE G 699 -49.93 3.01 -28.74
C ILE G 699 -50.77 2.66 -27.52
N ARG G 700 -50.30 3.03 -26.32
CA ARG G 700 -51.06 2.75 -25.11
C ARG G 700 -52.40 3.45 -25.14
N GLU G 701 -52.42 4.73 -25.54
CA GLU G 701 -53.68 5.47 -25.60
C GLU G 701 -54.63 4.83 -26.60
N SER G 702 -54.11 4.46 -27.78
CA SER G 702 -54.97 3.85 -28.79
C SER G 702 -55.54 2.53 -28.29
N ILE G 703 -54.72 1.71 -27.64
CA ILE G 703 -55.20 0.43 -27.13
C ILE G 703 -56.29 0.67 -26.09
N GLU G 704 -56.05 1.59 -25.16
CA GLU G 704 -57.06 1.89 -24.15
C GLU G 704 -58.36 2.34 -24.82
N SER G 705 -58.24 3.12 -25.90
CA SER G 705 -59.44 3.54 -26.63
C SER G 705 -60.17 2.35 -27.22
N GLU G 706 -59.43 1.42 -27.84
CA GLU G 706 -60.08 0.23 -28.40
C GLU G 706 -60.72 -0.61 -27.29
N ILE G 707 -59.97 -0.87 -26.23
CA ILE G 707 -60.48 -1.66 -25.12
C ILE G 707 -61.30 -0.77 -24.20
N PRO G 727 -59.13 5.16 -33.45
CA PRO G 727 -58.88 6.57 -33.79
C PRO G 727 -57.47 7.01 -33.39
N VAL G 728 -57.27 8.32 -33.29
CA VAL G 728 -55.97 8.91 -32.97
C VAL G 728 -54.86 8.18 -33.72
N PRO G 729 -54.90 8.13 -35.05
CA PRO G 729 -53.83 7.46 -35.80
C PRO G 729 -52.59 8.31 -35.97
N GLU G 730 -52.47 9.39 -35.20
CA GLU G 730 -51.31 10.26 -35.25
C GLU G 730 -50.79 10.49 -33.84
N ILE G 731 -49.49 10.75 -33.74
CA ILE G 731 -48.86 11.04 -32.45
C ILE G 731 -49.07 12.53 -32.17
N ARG G 732 -49.91 12.83 -31.19
CA ARG G 732 -50.23 14.21 -30.86
C ARG G 732 -49.04 14.89 -30.18
N ARG G 733 -49.06 16.23 -30.20
CA ARG G 733 -48.03 16.98 -29.48
C ARG G 733 -48.07 16.66 -27.99
N ASP G 734 -49.23 16.27 -27.47
CA ASP G 734 -49.32 15.91 -26.07
C ASP G 734 -48.43 14.72 -25.74
N HIS G 735 -48.37 13.73 -26.65
CA HIS G 735 -47.53 12.57 -26.42
C HIS G 735 -46.07 12.97 -26.28
N PHE G 736 -45.58 13.81 -27.19
CA PHE G 736 -44.19 14.24 -27.12
C PHE G 736 -43.93 15.06 -25.87
N GLU G 737 -44.82 16.00 -25.56
CA GLU G 737 -44.59 16.88 -24.41
C GLU G 737 -44.73 16.13 -23.09
N GLU G 738 -45.40 14.98 -23.10
CA GLU G 738 -45.44 14.13 -21.91
C GLU G 738 -44.23 13.21 -21.84
N ALA G 739 -43.77 12.70 -22.98
CA ALA G 739 -42.61 11.83 -23.00
C ALA G 739 -41.32 12.58 -22.70
N MET G 740 -41.28 13.89 -22.97
CA MET G 740 -40.04 14.63 -22.78
C MET G 740 -39.61 14.63 -21.32
N ARG G 741 -40.54 14.76 -20.38
CA ARG G 741 -40.15 14.90 -18.98
C ARG G 741 -39.45 13.67 -18.44
N PHE G 742 -39.58 12.53 -19.12
CA PHE G 742 -38.78 11.35 -18.80
C PHE G 742 -37.46 11.32 -19.56
N ALA G 743 -37.20 12.31 -20.40
CA ALA G 743 -35.98 12.33 -21.18
C ALA G 743 -34.76 12.45 -20.27
N ARG G 744 -33.74 11.65 -20.56
CA ARG G 744 -32.51 11.62 -19.78
C ARG G 744 -31.32 11.65 -20.73
N ARG G 745 -30.24 12.28 -20.28
CA ARG G 745 -29.00 12.33 -21.05
C ARG G 745 -28.11 11.16 -20.66
N SER G 746 -27.52 10.53 -21.67
CA SER G 746 -26.73 9.33 -21.46
C SER G 746 -25.28 9.61 -21.15
N VAL G 747 -24.72 10.69 -21.69
CA VAL G 747 -23.30 11.03 -21.52
C VAL G 747 -23.21 12.23 -20.60
N SER G 748 -22.51 12.06 -19.49
CA SER G 748 -22.31 13.16 -18.56
C SER G 748 -21.25 14.11 -19.08
N ASP G 749 -21.36 15.38 -18.70
CA ASP G 749 -20.46 16.39 -19.21
C ASP G 749 -19.01 16.13 -18.84
N ASN G 750 -18.76 15.32 -17.81
CA ASN G 750 -17.38 14.93 -17.50
C ASN G 750 -16.81 14.07 -18.62
N ASP G 751 -17.57 13.10 -19.11
CA ASP G 751 -17.11 12.29 -20.22
C ASP G 751 -16.92 13.13 -21.47
N ILE G 752 -17.83 14.08 -21.71
CA ILE G 752 -17.68 14.97 -22.85
C ILE G 752 -16.39 15.76 -22.74
N ARG G 753 -16.09 16.26 -21.54
CA ARG G 753 -14.85 17.00 -21.34
C ARG G 753 -13.64 16.11 -21.58
N LYS G 754 -13.70 14.85 -21.15
CA LYS G 754 -12.60 13.93 -21.38
C LYS G 754 -12.39 13.69 -22.87
N TYR G 755 -13.47 13.49 -23.62
CA TYR G 755 -13.34 13.30 -25.06
C TYR G 755 -12.78 14.54 -25.72
N GLU G 756 -13.21 15.72 -25.28
CA GLU G 756 -12.69 16.96 -25.85
C GLU G 756 -11.21 17.10 -25.56
N MET G 757 -10.79 16.72 -24.36
CA MET G 757 -9.37 16.79 -24.01
C MET G 757 -8.55 15.85 -24.88
N PHE G 758 -9.07 14.64 -25.12
CA PHE G 758 -8.41 13.72 -26.05
C PHE G 758 -8.30 14.32 -27.44
N ALA G 759 -9.40 14.88 -27.95
CA ALA G 759 -9.39 15.45 -29.28
C ALA G 759 -8.39 16.58 -29.39
N GLN G 760 -8.32 17.42 -28.36
CA GLN G 760 -7.33 18.50 -28.35
C GLN G 760 -5.91 17.94 -28.32
N THR G 761 -5.69 16.87 -27.54
CA THR G 761 -4.39 16.23 -27.54
C THR G 761 -4.02 15.72 -28.94
N LEU G 762 -5.02 15.36 -29.74
CA LEU G 762 -4.77 14.90 -31.11
C LEU G 762 -4.86 16.02 -32.14
N GLN G 763 -5.03 17.27 -31.71
CA GLN G 763 -5.20 18.38 -32.66
C GLN G 763 -4.14 18.36 -33.75
N GLY G 767 1.46 25.87 -32.28
CA GLY G 767 2.23 25.26 -33.34
C GLY G 767 2.69 26.26 -34.39
N PHE G 768 2.80 25.80 -35.64
CA PHE G 768 3.25 26.68 -36.71
C PHE G 768 2.25 27.80 -36.95
N GLY G 769 0.97 27.46 -37.12
CA GLY G 769 -0.08 28.44 -37.23
C GLY G 769 -0.06 29.19 -38.54
N SER G 770 1.04 29.89 -38.81
CA SER G 770 1.22 30.66 -40.04
C SER G 770 2.61 30.37 -40.57
N PHE G 771 2.74 29.30 -41.35
CA PHE G 771 3.98 28.94 -42.01
C PHE G 771 3.91 29.40 -43.47
N ARG G 772 4.94 30.10 -43.91
CA ARG G 772 4.98 30.61 -45.27
C ARG G 772 6.38 30.45 -45.83
N PHE G 773 6.48 30.26 -47.13
CA PHE G 773 7.76 30.13 -47.77
C PHE G 773 8.44 31.49 -47.85
N PRO G 774 9.77 31.52 -47.97
CA PRO G 774 10.47 32.81 -47.95
C PRO G 774 10.00 33.76 -49.04
N SER G 775 9.62 33.25 -50.20
CA SER G 775 9.13 34.08 -51.30
C SER G 775 10.17 35.14 -51.68
N GLU H 466 4.21 -16.01 -47.25
CA GLU H 466 5.37 -16.45 -46.49
C GLU H 466 6.43 -15.36 -46.45
N THR H 467 7.61 -15.69 -45.92
CA THR H 467 8.68 -14.71 -45.82
C THR H 467 9.18 -14.33 -47.21
N VAL H 468 9.43 -13.05 -47.40
CA VAL H 468 9.99 -12.54 -48.65
C VAL H 468 11.50 -12.35 -48.44
N VAL H 469 12.30 -13.00 -49.26
CA VAL H 469 13.75 -13.00 -49.12
C VAL H 469 14.31 -12.39 -50.40
N GLU H 470 14.52 -11.08 -50.40
CA GLU H 470 14.98 -10.37 -51.58
C GLU H 470 15.96 -9.29 -51.17
N VAL H 471 16.86 -8.94 -52.10
CA VAL H 471 17.81 -7.85 -51.90
C VAL H 471 17.06 -6.53 -51.97
N PRO H 472 17.08 -5.70 -50.93
CA PRO H 472 16.29 -4.46 -50.97
C PRO H 472 16.86 -3.45 -51.94
N GLN H 473 15.99 -2.55 -52.38
CA GLN H 473 16.34 -1.53 -53.36
C GLN H 473 16.60 -0.16 -52.76
N VAL H 474 16.08 0.11 -51.55
CA VAL H 474 16.40 1.36 -50.89
C VAL H 474 17.90 1.43 -50.65
N THR H 475 18.45 2.64 -50.73
CA THR H 475 19.89 2.85 -50.63
C THR H 475 20.18 3.87 -49.53
N TRP H 476 21.47 4.15 -49.35
CA TRP H 476 21.89 5.12 -48.34
C TRP H 476 21.38 6.52 -48.67
N GLU H 477 21.40 6.88 -49.95
CA GLU H 477 20.99 8.22 -50.36
C GLU H 477 19.58 8.53 -49.91
N ASP H 478 18.74 7.52 -49.70
CA ASP H 478 17.38 7.75 -49.25
C ASP H 478 17.39 8.33 -47.84
N ILE H 479 18.34 7.92 -47.00
CA ILE H 479 18.56 8.51 -45.69
C ILE H 479 19.92 9.20 -45.73
N GLY H 480 19.90 10.52 -45.91
CA GLY H 480 21.12 11.24 -46.21
C GLY H 480 22.13 11.20 -45.08
N GLY H 481 21.68 11.39 -43.85
CA GLY H 481 22.55 11.54 -42.71
C GLY H 481 23.01 10.23 -42.13
N LEU H 482 23.43 10.28 -40.87
CA LEU H 482 23.88 9.10 -40.13
C LEU H 482 25.06 8.45 -40.83
N GLU H 483 26.00 9.27 -41.30
CA GLU H 483 27.21 8.74 -41.93
C GLU H 483 28.06 7.97 -40.94
N ASP H 484 28.06 8.38 -39.67
CA ASP H 484 28.85 7.68 -38.67
C ASP H 484 28.36 6.24 -38.49
N VAL H 485 27.06 6.08 -38.25
CA VAL H 485 26.53 4.73 -38.09
C VAL H 485 26.56 4.00 -39.43
N LYS H 486 26.51 4.73 -40.54
CA LYS H 486 26.67 4.08 -41.85
C LYS H 486 28.03 3.41 -41.94
N ARG H 487 29.09 4.13 -41.58
CA ARG H 487 30.42 3.53 -41.59
C ARG H 487 30.51 2.39 -40.60
N GLU H 488 29.93 2.57 -39.41
CA GLU H 488 29.96 1.50 -38.41
C GLU H 488 29.32 0.23 -38.94
N LEU H 489 28.15 0.35 -39.56
CA LEU H 489 27.50 -0.82 -40.14
C LEU H 489 28.33 -1.40 -41.27
N GLN H 490 28.93 -0.54 -42.09
CA GLN H 490 29.79 -1.03 -43.16
C GLN H 490 30.89 -1.92 -42.60
N GLU H 491 31.44 -1.55 -41.45
CA GLU H 491 32.51 -2.36 -40.86
C GLU H 491 32.00 -3.50 -40.00
N LEU H 492 30.68 -3.66 -39.85
CA LEU H 492 30.13 -4.81 -39.16
C LEU H 492 29.59 -5.88 -40.10
N VAL H 493 29.21 -5.53 -41.33
CA VAL H 493 28.65 -6.46 -42.29
C VAL H 493 29.51 -6.55 -43.55
N GLN H 494 29.91 -5.40 -44.10
CA GLN H 494 30.66 -5.42 -45.34
C GLN H 494 32.06 -5.99 -45.15
N TYR H 495 32.79 -5.56 -44.11
CA TYR H 495 34.18 -6.02 -43.99
C TYR H 495 34.26 -7.51 -43.79
N PRO H 496 33.46 -8.15 -42.92
CA PRO H 496 33.55 -9.62 -42.81
C PRO H 496 33.29 -10.35 -44.11
N VAL H 497 32.45 -9.81 -44.98
CA VAL H 497 32.03 -10.57 -46.16
C VAL H 497 33.01 -10.36 -47.31
N GLU H 498 33.37 -9.10 -47.59
CA GLU H 498 34.30 -8.83 -48.68
C GLU H 498 35.72 -9.28 -48.35
N HIS H 499 36.14 -9.18 -47.09
CA HIS H 499 37.53 -9.45 -46.72
C HIS H 499 37.61 -10.42 -45.54
N PRO H 500 37.14 -11.65 -45.72
CA PRO H 500 37.40 -12.67 -44.70
C PRO H 500 38.87 -13.00 -44.55
N ASP H 501 39.65 -12.89 -45.63
CA ASP H 501 41.07 -13.22 -45.57
C ASP H 501 41.82 -12.30 -44.63
N LYS H 502 41.25 -11.13 -44.33
CA LYS H 502 41.85 -10.25 -43.34
C LYS H 502 41.35 -10.56 -41.94
N PHE H 503 40.12 -11.08 -41.82
CA PHE H 503 39.60 -11.42 -40.51
C PHE H 503 40.30 -12.65 -39.94
N LEU H 504 40.58 -13.64 -40.78
CA LEU H 504 41.31 -14.80 -40.28
C LEU H 504 42.79 -14.53 -40.14
N LYS H 505 43.29 -13.40 -40.66
CA LYS H 505 44.68 -13.03 -40.46
C LYS H 505 44.94 -12.66 -39.00
N PHE H 506 44.09 -11.80 -38.43
CA PHE H 506 44.25 -11.35 -37.06
C PHE H 506 43.51 -12.23 -36.06
N GLY H 507 42.84 -13.29 -36.51
CA GLY H 507 42.10 -14.13 -35.61
C GLY H 507 40.88 -13.48 -35.00
N MET H 508 40.49 -12.30 -35.48
CA MET H 508 39.31 -11.63 -34.96
C MET H 508 38.06 -12.33 -35.45
N THR H 509 37.17 -12.66 -34.54
CA THR H 509 35.88 -13.24 -34.90
C THR H 509 34.86 -12.12 -35.10
N PRO H 510 34.26 -12.00 -36.28
CA PRO H 510 33.31 -10.90 -36.50
C PRO H 510 32.07 -11.05 -35.61
N SER H 511 31.51 -9.90 -35.25
CA SER H 511 30.25 -9.91 -34.51
C SER H 511 29.10 -10.27 -35.45
N LYS H 512 28.16 -11.05 -34.94
CA LYS H 512 27.02 -11.52 -35.72
C LYS H 512 25.70 -10.92 -35.24
N GLY H 513 25.75 -9.82 -34.50
CA GLY H 513 24.53 -9.22 -33.98
C GLY H 513 24.65 -7.74 -33.75
N VAL H 514 23.55 -7.02 -33.93
CA VAL H 514 23.48 -5.58 -33.72
C VAL H 514 22.08 -5.23 -33.27
N LEU H 515 21.97 -4.27 -32.37
CA LEU H 515 20.68 -3.82 -31.85
C LEU H 515 20.51 -2.35 -32.15
N PHE H 516 19.54 -2.02 -32.99
CA PHE H 516 19.16 -0.64 -33.25
C PHE H 516 18.16 -0.19 -32.20
N TYR H 517 18.43 0.94 -31.56
CA TYR H 517 17.48 1.51 -30.62
C TYR H 517 17.40 3.01 -30.83
N GLY H 518 16.21 3.56 -30.57
CA GLY H 518 15.97 4.98 -30.74
C GLY H 518 14.49 5.28 -30.83
N PRO H 519 14.16 6.55 -30.99
CA PRO H 519 12.75 6.94 -31.05
C PRO H 519 12.09 6.37 -32.30
N PRO H 520 10.78 6.14 -32.26
CA PRO H 520 10.11 5.53 -33.40
C PRO H 520 10.14 6.42 -34.64
N GLY H 521 10.07 5.78 -35.80
CA GLY H 521 10.00 6.49 -37.06
C GLY H 521 11.26 7.24 -37.43
N CYS H 522 12.43 6.65 -37.20
CA CYS H 522 13.70 7.27 -37.53
C CYS H 522 14.42 6.59 -38.67
N GLY H 523 13.88 5.49 -39.20
CA GLY H 523 14.50 4.77 -40.29
C GLY H 523 15.34 3.59 -39.90
N LYS H 524 15.02 2.91 -38.79
CA LYS H 524 15.77 1.72 -38.42
C LYS H 524 15.57 0.61 -39.44
N THR H 525 14.31 0.35 -39.83
CA THR H 525 14.06 -0.60 -40.89
C THR H 525 14.73 -0.17 -42.18
N LEU H 526 14.66 1.13 -42.47
CA LEU H 526 15.32 1.65 -43.67
C LEU H 526 16.82 1.45 -43.59
N LEU H 527 17.41 1.64 -42.41
CA LEU H 527 18.84 1.41 -42.25
C LEU H 527 19.19 -0.06 -42.49
N ALA H 528 18.39 -0.98 -41.96
CA ALA H 528 18.65 -2.40 -42.17
C ALA H 528 18.59 -2.73 -43.66
N LYS H 529 17.56 -2.22 -44.34
CA LYS H 529 17.45 -2.47 -45.78
C LYS H 529 18.63 -1.85 -46.53
N ALA H 530 19.06 -0.66 -46.13
CA ALA H 530 20.16 -0.01 -46.81
C ALA H 530 21.46 -0.80 -46.66
N ILE H 531 21.75 -1.28 -45.45
CA ILE H 531 22.97 -2.05 -45.27
C ILE H 531 22.88 -3.37 -46.03
N ALA H 532 21.70 -3.98 -46.07
CA ALA H 532 21.55 -5.19 -46.87
C ALA H 532 21.80 -4.89 -48.35
N ASN H 533 21.36 -3.71 -48.81
CA ASN H 533 21.56 -3.34 -50.22
C ASN H 533 23.03 -3.09 -50.52
N GLU H 534 23.76 -2.49 -49.58
CA GLU H 534 25.17 -2.19 -49.84
C GLU H 534 25.95 -3.45 -50.14
N CYS H 535 25.72 -4.51 -49.37
CA CYS H 535 26.41 -5.77 -49.57
C CYS H 535 25.65 -6.71 -50.50
N GLN H 536 24.50 -6.29 -51.02
CA GLN H 536 23.68 -7.13 -51.88
C GLN H 536 23.32 -8.44 -51.18
N ALA H 537 23.15 -8.36 -49.86
CA ALA H 537 22.73 -9.49 -49.06
C ALA H 537 21.21 -9.57 -49.01
N ASN H 538 20.69 -10.78 -48.90
CA ASN H 538 19.25 -10.96 -48.81
C ASN H 538 18.74 -10.37 -47.50
N PHE H 539 17.49 -9.92 -47.52
CA PHE H 539 16.86 -9.29 -46.38
C PHE H 539 15.63 -10.07 -45.98
N ILE H 540 15.58 -10.53 -44.73
CA ILE H 540 14.42 -11.20 -44.17
C ILE H 540 13.92 -10.35 -43.01
N SER H 541 12.64 -9.98 -43.06
CA SER H 541 12.05 -9.07 -42.09
C SER H 541 10.96 -9.81 -41.31
N ILE H 542 11.14 -9.89 -40.00
CA ILE H 542 10.14 -10.47 -39.10
C ILE H 542 9.53 -9.33 -38.30
N LYS H 543 8.20 -9.27 -38.28
CA LYS H 543 7.51 -8.15 -37.67
C LYS H 543 7.16 -8.46 -36.21
N GLY H 544 6.84 -7.40 -35.46
CA GLY H 544 6.38 -7.54 -34.10
C GLY H 544 5.10 -8.32 -33.93
N PRO H 545 4.08 -8.08 -34.75
CA PRO H 545 2.89 -8.94 -34.67
C PRO H 545 3.19 -10.41 -34.86
N GLU H 546 4.13 -10.75 -35.73
CA GLU H 546 4.51 -12.15 -35.90
C GLU H 546 5.10 -12.72 -34.63
N LEU H 547 5.98 -11.95 -33.99
CA LEU H 547 6.58 -12.38 -32.73
C LEU H 547 5.52 -12.56 -31.66
N LEU H 548 4.58 -11.61 -31.57
CA LEU H 548 3.55 -11.69 -30.55
C LEU H 548 2.60 -12.85 -30.81
N THR H 549 2.34 -13.19 -32.08
CA THR H 549 1.44 -14.32 -32.35
C THR H 549 2.13 -15.65 -32.06
N MET H 550 3.42 -15.76 -32.38
CA MET H 550 4.09 -17.00 -32.01
C MET H 550 4.39 -17.06 -30.51
N TRP H 551 4.26 -15.94 -29.81
CA TRP H 551 4.28 -15.96 -28.35
C TRP H 551 2.94 -16.43 -27.80
N PHE H 552 1.85 -15.80 -28.24
CA PHE H 552 0.52 -16.16 -27.76
C PHE H 552 0.14 -17.57 -28.19
N GLY H 553 0.59 -18.00 -29.37
CA GLY H 553 0.30 -19.32 -29.86
C GLY H 553 0.74 -20.42 -28.90
N SER H 555 3.37 -21.49 -29.98
CA SER H 555 3.87 -21.92 -31.29
C SER H 555 5.18 -21.22 -31.61
N GLU H 556 6.15 -21.37 -30.69
CA GLU H 556 7.43 -20.70 -30.82
C GLU H 556 8.43 -21.46 -31.67
N ALA H 557 8.09 -22.65 -32.13
CA ALA H 557 9.06 -23.45 -32.89
C ALA H 557 9.29 -22.90 -34.29
N ASN H 558 8.47 -21.95 -34.74
CA ASN H 558 8.63 -21.39 -36.07
C ASN H 558 9.91 -20.56 -36.19
N VAL H 559 10.51 -20.20 -35.05
CA VAL H 559 11.76 -19.45 -35.03
C VAL H 559 12.82 -20.26 -35.77
N ARG H 560 12.83 -21.57 -35.54
CA ARG H 560 13.81 -22.42 -36.20
C ARG H 560 13.60 -22.45 -37.71
N GLU H 561 12.35 -22.47 -38.15
CA GLU H 561 12.08 -22.38 -39.58
C GLU H 561 12.59 -21.08 -40.16
N ILE H 562 12.37 -19.98 -39.43
CA ILE H 562 12.82 -18.68 -39.92
C ILE H 562 14.33 -18.65 -40.04
N PHE H 563 15.02 -19.13 -39.02
CA PHE H 563 16.48 -19.13 -39.04
C PHE H 563 17.01 -20.06 -40.12
N ASP H 564 16.29 -21.14 -40.40
CA ASP H 564 16.67 -22.02 -41.50
C ASP H 564 16.54 -21.29 -42.83
N LYS H 565 15.43 -20.59 -43.03
CA LYS H 565 15.26 -19.77 -44.23
C LYS H 565 16.44 -18.82 -44.38
N ALA H 566 16.85 -18.18 -43.29
CA ALA H 566 18.01 -17.29 -43.35
C ALA H 566 19.27 -18.07 -43.70
N ARG H 567 19.46 -19.25 -43.11
CA ARG H 567 20.64 -20.06 -43.38
C ARG H 567 20.75 -20.43 -44.84
N GLN H 568 19.63 -20.70 -45.49
CA GLN H 568 19.68 -21.07 -46.92
C GLN H 568 20.37 -19.99 -47.74
N ALA H 569 20.07 -18.72 -47.47
CA ALA H 569 20.74 -17.61 -48.13
C ALA H 569 21.90 -17.18 -47.24
N ALA H 570 23.13 -17.49 -47.65
CA ALA H 570 24.28 -17.19 -46.81
C ALA H 570 24.43 -15.72 -46.53
N PRO H 571 24.42 -14.82 -47.53
CA PRO H 571 24.52 -13.38 -47.22
C PRO H 571 23.15 -12.81 -46.88
N CYS H 572 22.75 -12.95 -45.62
CA CYS H 572 21.42 -12.58 -45.17
C CYS H 572 21.51 -11.65 -43.97
N VAL H 573 20.75 -10.56 -44.03
CA VAL H 573 20.58 -9.66 -42.89
C VAL H 573 19.23 -9.99 -42.28
N LEU H 574 19.21 -10.91 -41.32
CA LEU H 574 17.99 -11.20 -40.60
C LEU H 574 17.63 -10.01 -39.72
N PHE H 575 16.39 -9.55 -39.82
CA PHE H 575 15.96 -8.32 -39.17
C PHE H 575 14.72 -8.60 -38.33
N PHE H 576 14.86 -8.54 -37.01
CA PHE H 576 13.75 -8.65 -36.08
C PHE H 576 13.31 -7.24 -35.69
N ASP H 577 12.07 -6.90 -36.02
CA ASP H 577 11.56 -5.56 -35.79
C ASP H 577 10.73 -5.54 -34.52
N GLU H 578 10.93 -4.49 -33.72
CA GLU H 578 10.31 -4.34 -32.40
C GLU H 578 10.24 -5.68 -31.67
N LEU H 579 11.41 -6.27 -31.47
CA LEU H 579 11.49 -7.50 -30.69
C LEU H 579 11.20 -7.26 -29.21
N ASP H 580 11.12 -5.99 -28.78
CA ASP H 580 10.63 -5.67 -27.44
C ASP H 580 9.12 -5.80 -27.35
N SER H 581 8.45 -6.21 -28.42
CA SER H 581 7.00 -6.30 -28.41
C SER H 581 6.51 -7.31 -27.38
N ILE H 582 7.22 -8.44 -27.24
CA ILE H 582 6.80 -9.45 -26.27
C ILE H 582 6.87 -8.89 -24.87
N ALA H 583 7.96 -8.19 -24.54
CA ALA H 583 8.09 -7.61 -23.21
C ALA H 583 7.05 -6.51 -22.99
N LYS H 584 6.74 -5.75 -24.03
CA LYS H 584 5.69 -4.73 -23.92
C LYS H 584 4.34 -5.37 -23.62
N ALA H 585 4.01 -6.46 -24.31
CA ALA H 585 2.76 -7.15 -24.08
C ALA H 585 2.73 -7.93 -22.77
N ARG H 586 3.90 -8.23 -22.20
CA ARG H 586 3.99 -8.93 -20.92
C ARG H 586 3.92 -7.98 -19.74
N GLY H 587 3.95 -6.67 -19.97
CA GLY H 587 3.88 -5.71 -18.89
C GLY H 587 3.49 -4.32 -19.37
N GLY H 594 6.44 -11.60 -13.08
CA GLY H 594 7.57 -12.39 -13.52
C GLY H 594 8.71 -11.53 -14.03
N GLY H 595 9.83 -12.19 -14.36
CA GLY H 595 11.00 -11.50 -14.86
C GLY H 595 11.01 -11.38 -16.38
N ALA H 596 12.07 -10.77 -16.89
CA ALA H 596 12.22 -10.55 -18.32
C ALA H 596 12.67 -11.85 -18.97
N ALA H 597 11.74 -12.59 -19.53
CA ALA H 597 12.04 -13.83 -20.22
C ALA H 597 10.77 -14.33 -20.91
N ASP H 598 10.94 -14.89 -22.11
CA ASP H 598 9.83 -15.39 -22.89
C ASP H 598 10.29 -16.60 -23.67
N ARG H 599 9.40 -17.58 -23.84
CA ARG H 599 9.79 -18.80 -24.52
C ARG H 599 10.25 -18.51 -25.95
N VAL H 600 9.57 -17.62 -26.64
CA VAL H 600 10.00 -17.27 -28.00
C VAL H 600 11.38 -16.61 -27.96
N ILE H 601 11.59 -15.71 -27.01
CA ILE H 601 12.88 -15.03 -26.92
C ILE H 601 13.99 -16.03 -26.60
N ASN H 602 13.74 -16.96 -25.68
CA ASN H 602 14.77 -17.94 -25.36
C ASN H 602 15.06 -18.85 -26.53
N GLN H 603 14.03 -19.22 -27.30
CA GLN H 603 14.28 -20.05 -28.47
C GLN H 603 15.05 -19.28 -29.53
N ILE H 604 14.78 -17.99 -29.66
CA ILE H 604 15.58 -17.16 -30.55
C ILE H 604 17.03 -17.16 -30.10
N LEU H 605 17.26 -17.04 -28.79
CA LEU H 605 18.62 -17.06 -28.27
C LEU H 605 19.30 -18.39 -28.55
N THR H 606 18.57 -19.49 -28.37
CA THR H 606 19.12 -20.82 -28.66
C THR H 606 19.53 -20.93 -30.12
N GLU H 607 18.63 -20.55 -31.03
CA GLU H 607 18.94 -20.61 -32.45
C GLU H 607 20.07 -19.66 -32.82
N MET H 608 20.20 -18.55 -32.11
CA MET H 608 21.26 -17.60 -32.42
C MET H 608 22.62 -18.11 -31.96
N ASP H 609 22.67 -18.72 -30.77
CA ASP H 609 23.90 -19.34 -30.32
C ASP H 609 24.28 -20.50 -31.24
N GLY H 610 23.29 -21.27 -31.68
CA GLY H 610 23.57 -22.40 -32.55
C GLY H 610 24.15 -22.02 -33.89
N MET H 611 23.94 -20.78 -34.33
CA MET H 611 24.47 -20.35 -35.61
C MET H 611 25.98 -20.54 -35.65
N SER H 612 26.46 -21.17 -36.73
CA SER H 612 27.88 -21.48 -36.83
C SER H 612 28.74 -20.23 -36.80
N THR H 613 28.22 -19.12 -37.31
CA THR H 613 28.97 -17.88 -37.46
C THR H 613 29.95 -17.97 -38.62
N LYS H 614 30.10 -19.15 -39.21
CA LYS H 614 30.85 -19.27 -40.45
C LYS H 614 30.02 -18.76 -41.62
N LYS H 615 28.72 -19.01 -41.59
CA LYS H 615 27.82 -18.42 -42.57
C LYS H 615 27.88 -16.90 -42.50
N ASN H 616 27.29 -16.26 -43.50
CA ASN H 616 27.19 -14.81 -43.54
C ASN H 616 25.87 -14.30 -43.00
N VAL H 617 25.26 -15.02 -42.06
CA VAL H 617 23.99 -14.60 -41.47
C VAL H 617 24.28 -13.57 -40.39
N PHE H 618 23.72 -12.37 -40.55
CA PHE H 618 23.95 -11.26 -39.64
C PHE H 618 22.59 -10.78 -39.14
N ILE H 619 22.42 -10.76 -37.83
CA ILE H 619 21.13 -10.46 -37.21
C ILE H 619 21.12 -9.00 -36.79
N ILE H 620 20.03 -8.31 -37.10
CA ILE H 620 19.80 -6.95 -36.65
C ILE H 620 18.44 -6.90 -35.97
N GLY H 621 18.38 -6.27 -34.81
CA GLY H 621 17.14 -6.13 -34.08
C GLY H 621 16.86 -4.68 -33.72
N ALA H 622 15.71 -4.18 -34.15
CA ALA H 622 15.33 -2.80 -33.88
C ALA H 622 14.36 -2.76 -32.71
N THR H 623 14.50 -1.72 -31.88
CA THR H 623 13.68 -1.59 -30.69
C THR H 623 13.46 -0.12 -30.38
N ASN H 624 12.27 0.21 -29.89
CA ASN H 624 11.98 1.55 -29.39
C ASN H 624 12.12 1.65 -27.88
N ARG H 625 12.14 0.52 -27.18
CA ARG H 625 12.19 0.49 -25.72
C ARG H 625 13.30 -0.44 -25.27
N PRO H 626 14.57 -0.03 -25.46
CA PRO H 626 15.67 -0.90 -25.05
C PRO H 626 15.73 -1.14 -23.56
N ASP H 627 15.06 -0.32 -22.75
CA ASP H 627 15.14 -0.46 -21.31
C ASP H 627 14.45 -1.72 -20.82
N ILE H 628 13.42 -2.19 -21.52
CA ILE H 628 12.69 -3.38 -21.12
C ILE H 628 13.17 -4.64 -21.84
N ILE H 629 14.14 -4.52 -22.73
CA ILE H 629 14.67 -5.71 -23.38
C ILE H 629 15.21 -6.66 -22.34
N ASP H 630 14.99 -7.95 -22.56
CA ASP H 630 15.57 -8.96 -21.68
C ASP H 630 17.09 -8.89 -21.78
N PRO H 631 17.80 -8.77 -20.66
CA PRO H 631 19.27 -8.72 -20.74
C PRO H 631 19.89 -9.96 -21.35
N ALA H 632 19.14 -11.07 -21.41
CA ALA H 632 19.66 -12.28 -22.03
C ALA H 632 20.14 -12.00 -23.45
N ILE H 633 19.45 -11.14 -24.18
CA ILE H 633 19.82 -10.84 -25.55
C ILE H 633 21.17 -10.12 -25.60
N LEU H 634 21.39 -9.17 -24.70
CA LEU H 634 22.59 -8.34 -24.74
C LEU H 634 23.75 -9.13 -24.14
N ARG H 635 24.60 -9.67 -25.00
CA ARG H 635 25.74 -10.46 -24.55
C ARG H 635 26.61 -10.82 -25.76
N PRO H 636 27.91 -11.07 -25.58
CA PRO H 636 28.71 -11.53 -26.71
C PRO H 636 28.16 -12.82 -27.28
N GLY H 637 28.25 -12.96 -28.60
CA GLY H 637 27.61 -14.04 -29.30
C GLY H 637 26.15 -13.79 -29.61
N ARG H 638 25.62 -12.63 -29.25
CA ARG H 638 24.24 -12.26 -29.47
C ARG H 638 24.23 -10.80 -29.89
N LEU H 639 23.07 -10.16 -29.82
CA LEU H 639 23.02 -8.74 -30.12
C LEU H 639 23.83 -8.00 -29.06
N ASP H 640 25.04 -7.59 -29.41
CA ASP H 640 25.96 -6.95 -28.48
C ASP H 640 26.24 -5.50 -28.84
N GLN H 641 26.42 -5.19 -30.11
CA GLN H 641 26.61 -3.81 -30.53
C GLN H 641 25.28 -3.08 -30.50
N LEU H 642 25.07 -2.26 -29.49
CA LEU H 642 23.90 -1.40 -29.41
C LEU H 642 24.22 -0.09 -30.12
N ILE H 643 23.40 0.27 -31.10
CA ILE H 643 23.62 1.46 -31.91
C ILE H 643 22.44 2.38 -31.73
N TYR H 644 22.72 3.67 -31.49
CA TYR H 644 21.69 4.66 -31.26
C TYR H 644 21.37 5.39 -32.57
N ILE H 645 20.08 5.45 -32.91
CA ILE H 645 19.64 6.15 -34.10
C ILE H 645 18.79 7.34 -33.67
N PRO H 646 19.34 8.54 -33.62
CA PRO H 646 18.58 9.70 -33.15
C PRO H 646 17.66 10.25 -34.23
N LEU H 647 16.99 11.35 -33.90
CA LEU H 647 16.12 12.00 -34.86
C LEU H 647 16.94 12.57 -36.01
N PRO H 648 16.35 12.70 -37.19
CA PRO H 648 17.11 13.20 -38.35
C PRO H 648 17.67 14.60 -38.12
N ASP H 649 18.83 14.86 -38.70
CA ASP H 649 19.40 16.18 -38.76
C ASP H 649 18.88 16.92 -40.00
N GLU H 650 19.22 18.20 -40.10
CA GLU H 650 18.68 19.01 -41.18
C GLU H 650 19.05 18.43 -42.55
N LYS H 651 20.31 18.03 -42.72
CA LYS H 651 20.70 17.38 -43.97
C LYS H 651 19.97 16.06 -44.14
N SER H 652 19.86 15.28 -43.07
CA SER H 652 19.09 14.05 -43.12
C SER H 652 17.62 14.34 -43.41
N ARG H 653 17.09 15.42 -42.85
CA ARG H 653 15.69 15.76 -43.10
C ARG H 653 15.45 16.10 -44.56
N VAL H 654 16.34 16.89 -45.16
CA VAL H 654 16.15 17.24 -46.57
C VAL H 654 16.32 16.01 -47.44
N ALA H 655 17.22 15.10 -47.06
CA ALA H 655 17.34 13.85 -47.82
C ALA H 655 16.08 13.01 -47.72
N ILE H 656 15.50 12.93 -46.52
CA ILE H 656 14.28 12.15 -46.32
C ILE H 656 13.11 12.78 -47.06
N LEU H 657 13.11 14.10 -47.22
CA LEU H 657 12.09 14.73 -48.05
C LEU H 657 12.31 14.43 -49.52
N LYS H 658 13.53 14.63 -50.00
CA LYS H 658 13.84 14.40 -51.41
C LYS H 658 13.43 12.98 -51.81
N ALA H 659 13.91 11.99 -51.07
CA ALA H 659 13.28 10.68 -51.14
C ALA H 659 11.89 10.79 -50.54
N ASN H 660 10.96 9.98 -51.03
CA ASN H 660 9.58 9.94 -50.58
C ASN H 660 8.81 11.17 -51.07
N LEU H 661 9.49 12.18 -51.62
CA LEU H 661 8.81 13.26 -52.32
C LEU H 661 9.13 13.33 -53.80
N ARG H 662 10.34 12.91 -54.21
CA ARG H 662 10.73 13.04 -55.60
C ARG H 662 9.80 12.26 -56.52
N LYS H 663 9.17 11.20 -56.03
CA LYS H 663 8.25 10.45 -56.87
C LYS H 663 7.09 11.32 -57.33
N SER H 664 6.53 12.13 -56.45
CA SER H 664 5.43 13.00 -56.80
C SER H 664 5.94 14.18 -57.62
N PRO H 665 5.06 14.80 -58.41
CA PRO H 665 5.45 16.00 -59.17
C PRO H 665 5.38 17.26 -58.30
N VAL H 666 6.55 17.80 -57.98
CA VAL H 666 6.66 19.03 -57.21
C VAL H 666 7.34 20.09 -58.07
N ALA H 667 6.79 21.30 -58.06
CA ALA H 667 7.30 22.37 -58.91
C ALA H 667 7.10 23.68 -58.16
N LYS H 668 7.16 24.79 -58.91
CA LYS H 668 7.11 26.13 -58.32
C LYS H 668 8.38 26.38 -57.52
N ASP H 669 8.28 27.02 -56.37
CA ASP H 669 9.42 27.32 -55.52
C ASP H 669 9.33 26.56 -54.20
N VAL H 670 8.96 25.29 -54.26
CA VAL H 670 9.00 24.44 -53.06
C VAL H 670 10.46 24.28 -52.67
N ASP H 671 10.86 24.92 -51.57
CA ASP H 671 12.24 24.90 -51.11
C ASP H 671 12.33 23.86 -50.00
N LEU H 672 12.68 22.63 -50.39
CA LEU H 672 12.79 21.55 -49.41
C LEU H 672 13.80 21.88 -48.33
N GLU H 673 14.82 22.68 -48.66
CA GLU H 673 15.79 23.08 -47.65
C GLU H 673 15.13 23.91 -46.56
N PHE H 674 14.21 24.80 -46.95
CA PHE H 674 13.50 25.60 -45.95
C PHE H 674 12.69 24.72 -45.02
N LEU H 675 11.98 23.73 -45.58
CA LEU H 675 11.23 22.81 -44.73
C LEU H 675 12.16 22.05 -43.80
N ALA H 676 13.29 21.59 -44.32
CA ALA H 676 14.25 20.89 -43.47
C ALA H 676 14.71 21.79 -42.32
N LYS H 677 14.96 23.06 -42.61
CA LYS H 677 15.35 23.99 -41.55
C LYS H 677 14.25 24.14 -40.51
N MET H 678 13.00 24.29 -40.97
CA MET H 678 11.91 24.59 -40.05
C MET H 678 11.61 23.39 -39.15
N THR H 679 11.50 22.21 -39.74
CA THR H 679 11.20 20.99 -38.99
C THR H 679 12.45 20.55 -38.26
N ASN H 680 12.48 20.70 -36.94
CA ASN H 680 13.66 20.43 -36.14
C ASN H 680 13.52 19.17 -35.29
N GLY H 681 12.45 19.06 -34.51
CA GLY H 681 12.20 17.88 -33.72
C GLY H 681 11.44 16.80 -34.44
N PHE H 682 11.21 16.95 -35.74
CA PHE H 682 10.44 16.00 -36.51
C PHE H 682 11.24 14.75 -36.78
N SER H 683 10.54 13.65 -36.98
CA SER H 683 11.11 12.37 -37.36
C SER H 683 10.78 12.08 -38.82
N GLY H 684 11.27 10.94 -39.31
CA GLY H 684 10.96 10.56 -40.68
C GLY H 684 9.46 10.40 -40.91
N ALA H 685 8.77 9.80 -39.94
CA ALA H 685 7.33 9.61 -40.08
C ALA H 685 6.61 10.94 -40.17
N ASP H 686 7.04 11.93 -39.40
CA ASP H 686 6.38 13.24 -39.44
C ASP H 686 6.56 13.90 -40.79
N LEU H 687 7.76 13.86 -41.36
CA LEU H 687 7.98 14.42 -42.69
C LEU H 687 7.19 13.66 -43.74
N THR H 688 7.12 12.34 -43.61
CA THR H 688 6.31 11.56 -44.53
C THR H 688 4.85 11.97 -44.45
N GLU H 689 4.35 12.21 -43.23
CA GLU H 689 2.97 12.65 -43.08
C GLU H 689 2.76 14.01 -43.71
N ILE H 690 3.74 14.92 -43.57
CA ILE H 690 3.63 16.22 -44.20
C ILE H 690 3.52 16.07 -45.72
N CYS H 691 4.41 15.28 -46.31
CA CYS H 691 4.38 15.10 -47.76
C CYS H 691 3.09 14.45 -48.22
N GLN H 692 2.61 13.45 -47.48
CA GLN H 692 1.36 12.81 -47.84
C GLN H 692 0.19 13.78 -47.76
N ARG H 693 0.18 14.64 -46.73
CA ARG H 693 -0.88 15.62 -46.62
C ARG H 693 -0.85 16.59 -47.79
N ALA H 694 0.35 17.03 -48.20
CA ALA H 694 0.45 17.92 -49.35
C ALA H 694 -0.06 17.25 -50.61
N CYS H 695 0.32 15.99 -50.83
CA CYS H 695 -0.18 15.27 -52.00
C CYS H 695 -1.69 15.14 -51.96
N LYS H 696 -2.24 14.85 -50.79
CA LYS H 696 -3.69 14.71 -50.66
C LYS H 696 -4.40 16.02 -50.94
N LEU H 697 -3.84 17.14 -50.48
CA LEU H 697 -4.43 18.44 -50.78
C LEU H 697 -4.41 18.71 -52.28
N ALA H 698 -3.29 18.40 -52.93
CA ALA H 698 -3.21 18.59 -54.38
C ALA H 698 -4.25 17.72 -55.10
N ILE H 699 -4.40 16.47 -54.66
CA ILE H 699 -5.38 15.59 -55.28
C ILE H 699 -6.78 16.14 -55.10
N ARG H 700 -7.09 16.64 -53.90
CA ARG H 700 -8.41 17.21 -53.65
C ARG H 700 -8.66 18.40 -54.56
N GLU H 701 -7.68 19.29 -54.69
CA GLU H 701 -7.85 20.45 -55.58
C GLU H 701 -8.07 20.01 -57.02
N SER H 702 -7.27 19.06 -57.50
CA SER H 702 -7.43 18.63 -58.88
C SER H 702 -8.78 17.98 -59.11
N ILE H 703 -9.23 17.15 -58.18
CA ILE H 703 -10.52 16.48 -58.34
C ILE H 703 -11.64 17.51 -58.33
N GLU H 704 -11.56 18.51 -57.46
CA GLU H 704 -12.56 19.56 -57.45
C GLU H 704 -12.57 20.30 -58.78
N SER H 705 -11.37 20.55 -59.33
CA SER H 705 -11.29 21.22 -60.63
C SER H 705 -11.97 20.40 -61.71
N GLU H 706 -11.72 19.09 -61.74
CA GLU H 706 -12.38 18.23 -62.73
C GLU H 706 -13.89 18.23 -62.51
N ILE H 707 -14.32 18.10 -61.27
CA ILE H 707 -15.74 18.09 -60.95
C ILE H 707 -16.24 19.53 -60.83
N PRO H 727 -5.36 19.77 -65.32
CA PRO H 727 -4.22 20.69 -65.19
C PRO H 727 -3.51 20.53 -63.86
N VAL H 728 -2.73 21.53 -63.48
CA VAL H 728 -2.03 21.57 -62.18
C VAL H 728 -1.43 20.20 -61.88
N PRO H 729 -0.48 19.71 -62.68
CA PRO H 729 0.07 18.39 -62.45
C PRO H 729 1.22 18.39 -61.48
N GLU H 730 1.33 19.46 -60.70
CA GLU H 730 2.42 19.66 -59.76
C GLU H 730 1.86 20.10 -58.41
N ILE H 731 2.62 19.82 -57.35
CA ILE H 731 2.26 20.21 -56.00
C ILE H 731 2.82 21.60 -55.75
N ARG H 732 1.94 22.60 -55.73
CA ARG H 732 2.37 23.98 -55.59
C ARG H 732 2.83 24.26 -54.15
N ARG H 733 3.65 25.30 -54.01
CA ARG H 733 4.14 25.66 -52.69
C ARG H 733 3.00 26.02 -51.74
N ASP H 734 1.86 26.47 -52.28
CA ASP H 734 0.70 26.72 -51.43
C ASP H 734 0.24 25.44 -50.75
N HIS H 735 0.21 24.33 -51.49
CA HIS H 735 -0.18 23.06 -50.89
C HIS H 735 0.69 22.71 -49.70
N PHE H 736 2.01 22.83 -49.85
CA PHE H 736 2.90 22.56 -48.74
C PHE H 736 2.63 23.52 -47.59
N GLU H 737 2.85 24.81 -47.82
CA GLU H 737 2.71 25.78 -46.73
C GLU H 737 1.34 25.71 -46.07
N GLU H 738 0.34 25.10 -46.72
CA GLU H 738 -0.93 24.85 -46.06
C GLU H 738 -0.92 23.57 -45.25
N ALA H 739 -0.30 22.51 -45.77
CA ALA H 739 -0.22 21.25 -45.03
C ALA H 739 0.67 21.37 -43.80
N MET H 740 1.61 22.33 -43.82
CA MET H 740 2.58 22.42 -42.73
C MET H 740 1.89 22.73 -41.40
N ARG H 741 0.89 23.61 -41.41
CA ARG H 741 0.28 24.02 -40.15
C ARG H 741 -0.43 22.88 -39.44
N PHE H 742 -0.73 21.80 -40.14
CA PHE H 742 -1.24 20.58 -39.49
C PHE H 742 -0.12 19.67 -39.01
N ALA H 743 1.14 20.02 -39.28
CA ALA H 743 2.25 19.16 -38.91
C ALA H 743 2.40 19.09 -37.39
N ARG H 744 2.60 17.87 -36.88
CA ARG H 744 2.79 17.63 -35.46
C ARG H 744 4.02 16.74 -35.27
N ARG H 745 4.70 16.96 -34.15
CA ARG H 745 5.83 16.12 -33.78
C ARG H 745 5.34 14.87 -33.06
N SER H 746 5.92 13.73 -33.42
CA SER H 746 5.48 12.46 -32.88
C SER H 746 6.17 12.08 -31.57
N VAL H 747 7.41 12.52 -31.38
CA VAL H 747 8.20 12.17 -30.21
C VAL H 747 8.38 13.42 -29.35
N SER H 748 7.89 13.34 -28.11
CA SER H 748 8.03 14.45 -27.19
C SER H 748 9.47 14.53 -26.68
N ASP H 749 9.91 15.75 -26.36
CA ASP H 749 11.30 15.94 -25.97
C ASP H 749 11.64 15.19 -24.69
N ASN H 750 10.65 14.80 -23.89
CA ASN H 750 10.94 13.96 -22.74
C ASN H 750 11.44 12.59 -23.18
N ASP H 751 10.81 12.00 -24.19
CA ASP H 751 11.28 10.73 -24.72
C ASP H 751 12.66 10.87 -25.33
N ILE H 752 12.90 11.98 -26.03
CA ILE H 752 14.22 12.20 -26.59
C ILE H 752 15.26 12.30 -25.48
N ARG H 753 14.90 12.97 -24.38
CA ARG H 753 15.83 13.06 -23.25
C ARG H 753 16.09 11.68 -22.66
N LYS H 754 15.06 10.86 -22.56
CA LYS H 754 15.25 9.50 -22.04
C LYS H 754 16.18 8.69 -22.92
N TYR H 755 15.98 8.77 -24.24
CA TYR H 755 16.85 8.04 -25.16
C TYR H 755 18.29 8.55 -25.06
N GLU H 756 18.46 9.86 -24.93
CA GLU H 756 19.80 10.42 -24.78
C GLU H 756 20.45 9.94 -23.50
N MET H 757 19.69 9.87 -22.42
CA MET H 757 20.25 9.38 -21.16
C MET H 757 20.65 7.92 -21.27
N PHE H 758 19.84 7.11 -21.96
CA PHE H 758 20.23 5.73 -22.22
C PHE H 758 21.53 5.66 -23.02
N ALA H 759 21.62 6.45 -24.09
CA ALA H 759 22.81 6.42 -24.92
C ALA H 759 24.04 6.83 -24.13
N GLN H 760 23.91 7.84 -23.28
CA GLN H 760 25.02 8.25 -22.43
C GLN H 760 25.39 7.15 -21.45
N THR H 761 24.39 6.46 -20.89
CA THR H 761 24.68 5.36 -19.99
C THR H 761 25.46 4.26 -20.69
N LEU H 762 25.17 4.01 -21.97
CA LEU H 762 25.94 3.05 -22.73
C LEU H 762 27.28 3.61 -23.22
N GLN H 763 27.52 4.90 -23.07
CA GLN H 763 28.76 5.51 -23.50
C GLN H 763 29.95 4.89 -22.77
N GLY H 767 36.31 8.76 -17.92
CA GLY H 767 37.02 7.51 -18.16
C GLY H 767 38.50 7.72 -18.44
N PHE H 768 39.07 6.84 -19.26
CA PHE H 768 40.49 6.93 -19.57
C PHE H 768 40.81 8.21 -20.33
N GLY H 769 40.07 8.48 -21.40
CA GLY H 769 40.20 9.72 -22.12
C GLY H 769 41.48 9.80 -22.93
N SER H 770 42.62 9.87 -22.25
CA SER H 770 43.93 9.96 -22.88
C SER H 770 44.80 8.88 -22.25
N PHE H 771 44.72 7.66 -22.81
CA PHE H 771 45.56 6.55 -22.40
C PHE H 771 46.69 6.42 -23.40
N ARG H 772 47.92 6.38 -22.90
CA ARG H 772 49.10 6.28 -23.75
C ARG H 772 50.08 5.30 -23.12
N PHE H 773 50.83 4.62 -23.98
CA PHE H 773 51.84 3.69 -23.51
C PHE H 773 53.01 4.44 -22.90
N PRO H 774 53.78 3.80 -22.02
CA PRO H 774 54.87 4.52 -21.35
C PRO H 774 55.89 5.11 -22.32
N SER H 775 56.12 4.46 -23.45
CA SER H 775 57.06 4.96 -24.46
C SER H 775 58.45 5.13 -23.86
N GLU I 466 23.11 -31.75 -31.03
CA GLU I 466 22.96 -32.38 -29.74
C GLU I 466 24.12 -31.99 -28.82
N THR I 467 24.17 -32.60 -27.64
CA THR I 467 25.22 -32.27 -26.68
C THR I 467 26.58 -32.70 -27.21
N VAL I 468 27.57 -31.86 -26.99
CA VAL I 468 28.96 -32.14 -27.36
C VAL I 468 29.66 -32.66 -26.11
N VAL I 469 30.13 -33.91 -26.17
CA VAL I 469 30.82 -34.53 -25.04
C VAL I 469 32.28 -34.75 -25.43
N GLU I 470 33.13 -33.79 -25.13
CA GLU I 470 34.52 -33.84 -25.56
C GLU I 470 35.40 -33.22 -24.50
N VAL I 471 36.65 -33.67 -24.44
CA VAL I 471 37.64 -33.15 -23.50
C VAL I 471 38.04 -31.75 -23.92
N PRO I 472 37.89 -30.74 -23.06
CA PRO I 472 38.24 -29.38 -23.49
C PRO I 472 39.73 -29.21 -23.71
N GLN I 473 40.06 -28.29 -24.61
CA GLN I 473 41.45 -27.98 -24.93
C GLN I 473 41.98 -26.77 -24.18
N VAL I 474 41.11 -25.92 -23.64
CA VAL I 474 41.56 -24.82 -22.80
C VAL I 474 42.26 -25.39 -21.58
N THR I 475 43.27 -24.67 -21.10
CA THR I 475 44.09 -25.12 -19.98
C THR I 475 44.09 -24.06 -18.89
N TRP I 476 44.83 -24.33 -17.82
CA TRP I 476 44.92 -23.40 -16.70
C TRP I 476 45.63 -22.11 -17.10
N GLU I 477 46.56 -22.19 -18.05
CA GLU I 477 47.34 -21.01 -18.41
C GLU I 477 46.48 -19.92 -19.01
N ASP I 478 45.27 -20.24 -19.49
CA ASP I 478 44.40 -19.22 -20.04
C ASP I 478 43.90 -18.25 -18.96
N ILE I 479 44.03 -18.61 -17.69
CA ILE I 479 43.83 -17.70 -16.58
C ILE I 479 44.87 -18.01 -15.52
N GLY I 480 45.89 -17.16 -15.41
CA GLY I 480 47.04 -17.43 -14.58
C GLY I 480 46.82 -17.27 -13.09
N GLY I 481 45.73 -16.65 -12.69
CA GLY I 481 45.43 -16.42 -11.29
C GLY I 481 44.57 -17.51 -10.70
N LEU I 482 43.95 -17.19 -9.57
CA LEU I 482 43.03 -18.10 -8.90
C LEU I 482 43.71 -19.44 -8.57
N GLU I 483 44.94 -19.36 -8.06
CA GLU I 483 45.65 -20.58 -7.68
C GLU I 483 44.97 -21.26 -6.50
N ASP I 484 44.37 -20.48 -5.59
CA ASP I 484 43.69 -21.07 -4.45
C ASP I 484 42.51 -21.92 -4.92
N VAL I 485 41.63 -21.35 -5.74
CA VAL I 485 40.49 -22.12 -6.23
C VAL I 485 40.95 -23.20 -7.18
N LYS I 486 42.08 -22.99 -7.87
CA LYS I 486 42.63 -24.04 -8.71
C LYS I 486 42.96 -25.27 -7.89
N ARG I 487 43.68 -25.08 -6.77
CA ARG I 487 43.99 -26.21 -5.91
C ARG I 487 42.73 -26.80 -5.29
N GLU I 488 41.78 -25.94 -4.91
CA GLU I 488 40.53 -26.45 -4.34
C GLU I 488 39.81 -27.36 -5.33
N LEU I 489 39.75 -26.96 -6.60
CA LEU I 489 39.14 -27.80 -7.61
C LEU I 489 39.96 -29.06 -7.87
N GLN I 490 41.28 -28.94 -7.83
CA GLN I 490 42.12 -30.11 -8.02
C GLN I 490 41.84 -31.17 -6.98
N GLU I 491 41.69 -30.76 -5.72
CA GLU I 491 41.41 -31.71 -4.65
C GLU I 491 39.96 -32.15 -4.59
N LEU I 492 39.12 -31.68 -5.52
CA LEU I 492 37.72 -32.08 -5.56
C LEU I 492 37.36 -32.94 -6.75
N VAL I 493 38.19 -32.95 -7.80
CA VAL I 493 37.97 -33.78 -8.98
C VAL I 493 39.15 -34.70 -9.24
N GLN I 494 40.37 -34.17 -9.18
CA GLN I 494 41.55 -34.98 -9.45
C GLN I 494 41.74 -36.05 -8.37
N TYR I 495 41.71 -35.65 -7.11
CA TYR I 495 42.02 -36.60 -6.03
C TYR I 495 41.04 -37.77 -5.99
N PRO I 496 39.73 -37.57 -6.06
CA PRO I 496 38.84 -38.73 -6.09
C PRO I 496 39.09 -39.67 -7.24
N VAL I 497 39.58 -39.16 -8.37
CA VAL I 497 39.71 -39.96 -9.58
C VAL I 497 41.05 -40.67 -9.65
N GLU I 498 42.14 -39.96 -9.40
CA GLU I 498 43.46 -40.58 -9.48
C GLU I 498 43.74 -41.49 -8.29
N HIS I 499 43.19 -41.17 -7.12
CA HIS I 499 43.52 -41.89 -5.88
C HIS I 499 42.25 -42.29 -5.15
N PRO I 500 41.40 -43.11 -5.76
CA PRO I 500 40.29 -43.70 -5.01
C PRO I 500 40.76 -44.59 -3.87
N ASP I 501 41.91 -45.25 -4.04
CA ASP I 501 42.44 -46.14 -3.02
C ASP I 501 42.78 -45.40 -1.74
N LYS I 502 42.92 -44.08 -1.79
CA LYS I 502 43.10 -43.28 -0.60
C LYS I 502 41.77 -42.83 -0.01
N PHE I 503 40.75 -42.67 -0.86
CA PHE I 503 39.45 -42.25 -0.35
C PHE I 503 38.75 -43.38 0.38
N LEU I 504 38.83 -44.60 -0.15
CA LEU I 504 38.24 -45.72 0.59
C LEU I 504 39.04 -46.09 1.82
N LYS I 505 40.27 -45.55 1.95
CA LYS I 505 41.07 -45.82 3.13
C LYS I 505 40.47 -45.17 4.37
N PHE I 506 40.13 -43.89 4.28
CA PHE I 506 39.60 -43.13 5.40
C PHE I 506 38.07 -43.14 5.45
N GLY I 507 37.41 -43.87 4.56
CA GLY I 507 35.97 -43.82 4.51
C GLY I 507 35.42 -42.48 4.05
N MET I 508 36.27 -41.59 3.56
CA MET I 508 35.83 -40.32 3.02
C MET I 508 35.01 -40.54 1.76
N THR I 509 33.82 -39.94 1.72
CA THR I 509 33.00 -39.95 0.53
C THR I 509 33.21 -38.64 -0.22
N PRO I 510 33.74 -38.66 -1.44
CA PRO I 510 33.99 -37.40 -2.15
C PRO I 510 32.70 -36.66 -2.44
N SER I 511 32.80 -35.33 -2.43
CA SER I 511 31.67 -34.50 -2.81
C SER I 511 31.48 -34.55 -4.33
N LYS I 512 30.23 -34.57 -4.76
CA LYS I 512 29.88 -34.64 -6.17
C LYS I 512 29.15 -33.39 -6.64
N GLY I 513 29.60 -32.23 -6.17
CA GLY I 513 28.94 -31.00 -6.54
C GLY I 513 29.68 -29.76 -6.11
N VAL I 514 29.68 -28.74 -6.97
CA VAL I 514 30.31 -27.47 -6.68
C VAL I 514 29.50 -26.38 -7.36
N LEU I 515 29.38 -25.23 -6.71
CA LEU I 515 28.65 -24.10 -7.25
C LEU I 515 29.62 -22.92 -7.40
N PHE I 516 29.88 -22.54 -8.64
CA PHE I 516 30.66 -21.35 -8.94
C PHE I 516 29.73 -20.14 -8.90
N TYR I 517 30.10 -19.13 -8.13
CA TYR I 517 29.34 -17.89 -8.11
C TYR I 517 30.30 -16.71 -8.12
N GLY I 518 29.85 -15.62 -8.73
CA GLY I 518 30.65 -14.42 -8.85
C GLY I 518 30.13 -13.50 -9.94
N PRO I 519 30.81 -12.38 -10.13
CA PRO I 519 30.34 -11.42 -11.14
C PRO I 519 30.45 -12.00 -12.53
N PRO I 520 29.60 -11.55 -13.46
CA PRO I 520 29.62 -12.13 -14.81
C PRO I 520 30.94 -11.88 -15.53
N GLY I 521 31.24 -12.79 -16.46
CA GLY I 521 32.43 -12.65 -17.29
C GLY I 521 33.74 -12.76 -16.56
N CYS I 522 33.85 -13.71 -15.63
CA CYS I 522 35.06 -13.89 -14.85
C CYS I 522 35.79 -15.19 -15.16
N GLY I 523 35.26 -16.01 -16.05
CA GLY I 523 35.89 -17.26 -16.42
C GLY I 523 35.39 -18.48 -15.71
N LYS I 524 34.13 -18.48 -15.25
CA LYS I 524 33.59 -19.68 -14.61
C LYS I 524 33.51 -20.84 -15.59
N THR I 525 33.01 -20.57 -16.80
CA THR I 525 32.99 -21.60 -17.82
C THR I 525 34.40 -22.06 -18.16
N LEU I 526 35.32 -21.10 -18.28
CA LEU I 526 36.71 -21.45 -18.56
C LEU I 526 37.29 -22.28 -17.43
N LEU I 527 36.92 -21.96 -16.18
CA LEU I 527 37.40 -22.76 -15.05
C LEU I 527 36.88 -24.19 -15.12
N ALA I 528 35.60 -24.36 -15.44
CA ALA I 528 35.06 -25.70 -15.56
C ALA I 528 35.77 -26.48 -16.66
N LYS I 529 35.98 -25.84 -17.81
CA LYS I 529 36.68 -26.50 -18.90
C LYS I 529 38.11 -26.83 -18.51
N ALA I 530 38.77 -25.94 -17.79
CA ALA I 530 40.15 -26.18 -17.39
C ALA I 530 40.27 -27.35 -16.44
N ILE I 531 39.37 -27.44 -15.45
CA ILE I 531 39.43 -28.57 -14.53
C ILE I 531 39.11 -29.86 -15.27
N ALA I 532 38.15 -29.82 -16.21
CA ALA I 532 37.89 -31.01 -17.00
C ALA I 532 39.10 -31.40 -17.83
N ASN I 533 39.86 -30.42 -18.30
CA ASN I 533 41.03 -30.72 -19.12
C ASN I 533 42.15 -31.32 -18.28
N GLU I 534 42.39 -30.80 -17.08
CA GLU I 534 43.49 -31.32 -16.27
C GLU I 534 43.25 -32.78 -15.90
N CYS I 535 42.01 -33.14 -15.58
CA CYS I 535 41.67 -34.53 -15.31
C CYS I 535 41.41 -35.33 -16.58
N GLN I 536 41.42 -34.69 -17.74
CA GLN I 536 41.11 -35.35 -19.01
C GLN I 536 39.73 -35.99 -18.96
N ALA I 537 38.81 -35.35 -18.24
CA ALA I 537 37.43 -35.80 -18.15
C ALA I 537 36.59 -35.12 -19.23
N ASN I 538 35.56 -35.83 -19.69
CA ASN I 538 34.67 -35.27 -20.68
C ASN I 538 33.91 -34.09 -20.09
N PHE I 539 33.53 -33.16 -20.97
CA PHE I 539 32.84 -31.94 -20.55
C PHE I 539 31.49 -31.87 -21.27
N ILE I 540 30.43 -31.74 -20.49
CA ILE I 540 29.08 -31.55 -21.02
C ILE I 540 28.58 -30.21 -20.49
N SER I 541 28.16 -29.33 -21.39
CA SER I 541 27.76 -27.98 -21.05
C SER I 541 26.28 -27.79 -21.39
N ILE I 542 25.48 -27.46 -20.38
CA ILE I 542 24.07 -27.14 -20.55
C ILE I 542 23.89 -25.65 -20.29
N LYS I 543 23.21 -24.97 -21.19
CA LYS I 543 23.11 -23.52 -21.13
C LYS I 543 21.83 -23.09 -20.44
N GLY I 544 21.80 -21.81 -20.03
CA GLY I 544 20.62 -21.21 -19.45
C GLY I 544 19.42 -21.17 -20.35
N PRO I 545 19.55 -20.77 -21.61
CA PRO I 545 18.39 -20.86 -22.51
C PRO I 545 17.83 -22.26 -22.61
N GLU I 546 18.69 -23.29 -22.56
CA GLU I 546 18.20 -24.65 -22.65
C GLU I 546 17.39 -25.00 -21.39
N LEU I 547 17.88 -24.57 -20.22
CA LEU I 547 17.09 -24.75 -19.00
C LEU I 547 15.75 -24.03 -19.09
N LEU I 548 15.75 -22.80 -19.60
CA LEU I 548 14.51 -22.03 -19.67
C LEU I 548 13.54 -22.65 -20.67
N THR I 549 14.03 -23.32 -21.72
CA THR I 549 13.12 -24.00 -22.63
C THR I 549 12.60 -25.31 -22.05
N MET I 550 13.39 -26.03 -21.24
CA MET I 550 12.76 -27.13 -20.50
C MET I 550 11.70 -26.59 -19.56
N TRP I 551 11.95 -25.45 -18.91
CA TRP I 551 10.99 -24.90 -17.97
C TRP I 551 9.70 -24.48 -18.68
N PHE I 552 9.83 -23.67 -19.73
CA PHE I 552 8.65 -23.18 -20.44
C PHE I 552 7.93 -24.29 -21.18
N GLY I 553 8.68 -25.26 -21.71
CA GLY I 553 8.09 -26.36 -22.43
C GLY I 553 7.18 -27.20 -21.55
N SER I 555 8.61 -29.73 -20.60
CA SER I 555 9.49 -30.74 -21.18
C SER I 555 10.74 -30.91 -20.33
N GLU I 556 10.54 -31.23 -19.05
CA GLU I 556 11.63 -31.34 -18.10
C GLU I 556 12.23 -32.74 -18.04
N ALA I 557 11.63 -33.73 -18.70
CA ALA I 557 12.16 -35.08 -18.67
C ALA I 557 13.45 -35.23 -19.47
N ASN I 558 13.83 -34.19 -20.23
CA ASN I 558 15.08 -34.25 -20.97
C ASN I 558 16.29 -34.22 -20.04
N VAL I 559 16.10 -33.75 -18.81
CA VAL I 559 17.15 -33.69 -17.81
C VAL I 559 17.67 -35.10 -17.55
N ARG I 560 16.75 -36.07 -17.50
CA ARG I 560 17.15 -37.44 -17.21
C ARG I 560 18.07 -37.98 -18.30
N GLU I 561 17.75 -37.70 -19.56
CA GLU I 561 18.61 -38.18 -20.64
C GLU I 561 19.93 -37.42 -20.67
N ILE I 562 19.93 -36.15 -20.27
CA ILE I 562 21.18 -35.42 -20.16
C ILE I 562 22.09 -36.09 -19.13
N PHE I 563 21.53 -36.41 -17.96
CA PHE I 563 22.32 -37.08 -16.94
C PHE I 563 22.73 -38.47 -17.39
N ASP I 564 21.89 -39.13 -18.20
CA ASP I 564 22.27 -40.43 -18.75
C ASP I 564 23.48 -40.29 -19.67
N LYS I 565 23.45 -39.29 -20.55
CA LYS I 565 24.59 -39.01 -21.41
C LYS I 565 25.85 -38.80 -20.59
N ALA I 566 25.74 -38.03 -19.50
CA ALA I 566 26.88 -37.84 -18.62
C ALA I 566 27.34 -39.16 -18.02
N ARG I 567 26.39 -39.99 -17.58
CA ARG I 567 26.71 -41.27 -16.98
C ARG I 567 27.44 -42.19 -17.94
N GLN I 568 27.13 -42.09 -19.24
CA GLN I 568 27.82 -42.94 -20.22
C GLN I 568 29.33 -42.72 -20.16
N ALA I 569 29.75 -41.46 -20.06
CA ALA I 569 31.17 -41.13 -19.89
C ALA I 569 31.44 -41.00 -18.40
N ALA I 570 32.14 -41.98 -17.83
CA ALA I 570 32.37 -41.97 -16.39
C ALA I 570 33.14 -40.74 -15.94
N PRO I 571 34.29 -40.40 -16.53
CA PRO I 571 34.98 -39.17 -16.11
C PRO I 571 34.39 -37.94 -16.78
N CYS I 572 33.31 -37.42 -16.20
CA CYS I 572 32.56 -36.33 -16.79
C CYS I 572 32.41 -35.18 -15.82
N VAL I 573 32.51 -33.97 -16.33
CA VAL I 573 32.22 -32.76 -15.56
C VAL I 573 30.96 -32.14 -16.14
N LEU I 574 29.81 -32.52 -15.60
CA LEU I 574 28.55 -31.90 -16.01
C LEU I 574 28.52 -30.45 -15.54
N PHE I 575 28.25 -29.54 -16.46
CA PHE I 575 28.33 -28.11 -16.18
C PHE I 575 27.00 -27.46 -16.53
N PHE I 576 26.29 -26.97 -15.51
CA PHE I 576 25.04 -26.24 -15.70
C PHE I 576 25.36 -24.75 -15.62
N ASP I 577 25.25 -24.06 -16.74
CA ASP I 577 25.56 -22.64 -16.79
C ASP I 577 24.32 -21.81 -16.47
N GLU I 578 24.50 -20.80 -15.62
CA GLU I 578 23.44 -19.92 -15.17
C GLU I 578 22.16 -20.71 -14.87
N LEU I 579 22.28 -21.64 -13.92
CA LEU I 579 21.10 -22.37 -13.47
C LEU I 579 20.16 -21.50 -12.66
N ASP I 580 20.56 -20.28 -12.32
CA ASP I 580 19.64 -19.30 -11.74
C ASP I 580 18.73 -18.68 -12.77
N SER I 581 18.85 -19.07 -14.05
CA SER I 581 18.05 -18.47 -15.09
C SER I 581 16.57 -18.70 -14.86
N ILE I 582 16.21 -19.89 -14.37
CA ILE I 582 14.80 -20.18 -14.13
C ILE I 582 14.24 -19.25 -13.06
N ALA I 583 14.98 -19.07 -11.97
CA ALA I 583 14.53 -18.18 -10.90
C ALA I 583 14.48 -16.73 -11.38
N LYS I 584 15.42 -16.34 -12.23
CA LYS I 584 15.38 -15.00 -12.81
C LYS I 584 14.13 -14.80 -13.65
N ALA I 585 13.79 -15.79 -14.47
CA ALA I 585 12.60 -15.70 -15.32
C ALA I 585 11.32 -15.80 -14.51
N ARG I 586 11.37 -16.39 -13.32
CA ARG I 586 10.21 -16.49 -12.45
C ARG I 586 10.02 -15.26 -11.57
N GLY I 587 10.95 -14.31 -11.61
CA GLY I 587 10.83 -13.11 -10.81
C GLY I 587 11.77 -12.01 -11.27
N GLY I 594 4.92 -17.22 -4.27
CA GLY I 594 5.65 -18.26 -4.98
C GLY I 594 7.08 -18.39 -4.50
N GLY I 595 7.42 -19.57 -3.97
CA GLY I 595 8.74 -19.82 -3.45
C GLY I 595 9.72 -20.31 -4.50
N ALA I 596 10.94 -20.56 -4.05
CA ALA I 596 12.02 -21.01 -4.94
C ALA I 596 11.82 -22.49 -5.21
N ALA I 597 11.22 -22.80 -6.37
CA ALA I 597 11.00 -24.18 -6.77
C ALA I 597 10.55 -24.20 -8.22
N ASP I 598 11.10 -25.13 -8.99
CA ASP I 598 10.78 -25.23 -10.41
C ASP I 598 10.81 -26.70 -10.79
N ARG I 599 9.83 -27.12 -11.60
CA ARG I 599 9.75 -28.52 -11.99
C ARG I 599 11.07 -29.03 -12.53
N VAL I 600 11.72 -28.23 -13.39
CA VAL I 600 13.00 -28.64 -13.95
C VAL I 600 14.06 -28.73 -12.85
N ILE I 601 14.07 -27.77 -11.94
CA ILE I 601 15.08 -27.78 -10.88
C ILE I 601 14.87 -28.98 -9.96
N ASN I 602 13.62 -29.27 -9.62
CA ASN I 602 13.38 -30.42 -8.74
C ASN I 602 13.72 -31.72 -9.45
N GLN I 603 13.46 -31.81 -10.75
CA GLN I 603 13.83 -33.01 -11.47
C GLN I 603 15.34 -33.16 -11.54
N ILE I 604 16.06 -32.05 -11.70
CA ILE I 604 17.51 -32.09 -11.62
C ILE I 604 17.96 -32.59 -10.26
N LEU I 605 17.32 -32.12 -9.19
CA LEU I 605 17.67 -32.57 -7.85
C LEU I 605 17.42 -34.05 -7.69
N THR I 606 16.30 -34.55 -8.21
CA THR I 606 16.00 -35.97 -8.15
C THR I 606 17.08 -36.78 -8.86
N GLU I 607 17.41 -36.38 -10.09
CA GLU I 607 18.42 -37.11 -10.86
C GLU I 607 19.78 -37.03 -10.18
N MET I 608 20.06 -35.92 -9.51
CA MET I 608 21.37 -35.77 -8.86
C MET I 608 21.46 -36.62 -7.61
N ASP I 609 20.40 -36.64 -6.79
CA ASP I 609 20.40 -37.50 -5.61
C ASP I 609 20.44 -38.97 -6.01
N GLY I 610 19.68 -39.35 -7.03
CA GLY I 610 19.64 -40.74 -7.43
C GLY I 610 20.96 -41.26 -7.95
N MET I 611 21.83 -40.39 -8.44
CA MET I 611 23.10 -40.82 -9.00
C MET I 611 23.89 -41.61 -7.96
N SER I 612 24.46 -42.72 -8.40
CA SER I 612 25.13 -43.64 -7.48
C SER I 612 26.22 -42.94 -6.69
N THR I 613 26.93 -42.02 -7.32
CA THR I 613 28.14 -41.36 -6.81
C THR I 613 29.35 -42.27 -6.91
N LYS I 614 29.17 -43.56 -7.24
CA LYS I 614 30.32 -44.41 -7.52
C LYS I 614 30.97 -44.02 -8.84
N LYS I 615 30.16 -43.61 -9.80
CA LYS I 615 30.68 -43.09 -11.06
C LYS I 615 31.55 -41.86 -10.79
N ASN I 616 32.26 -41.43 -11.83
CA ASN I 616 33.12 -40.26 -11.74
C ASN I 616 32.43 -39.00 -12.22
N VAL I 617 31.12 -39.04 -12.47
CA VAL I 617 30.40 -37.86 -12.92
C VAL I 617 30.39 -36.83 -11.80
N PHE I 618 30.81 -35.61 -12.11
CA PHE I 618 30.96 -34.52 -11.16
C PHE I 618 30.25 -33.29 -11.72
N ILE I 619 29.40 -32.68 -10.92
CA ILE I 619 28.53 -31.60 -11.38
C ILE I 619 29.09 -30.27 -10.91
N ILE I 620 29.11 -29.30 -11.82
CA ILE I 620 29.49 -27.93 -11.51
C ILE I 620 28.40 -27.01 -12.03
N GLY I 621 27.97 -26.07 -11.20
CA GLY I 621 26.96 -25.12 -11.60
C GLY I 621 27.43 -23.70 -11.40
N ALA I 622 27.38 -22.89 -12.45
CA ALA I 622 27.82 -21.51 -12.40
C ALA I 622 26.63 -20.58 -12.28
N THR I 623 26.74 -19.58 -11.43
CA THR I 623 25.64 -18.66 -11.16
C THR I 623 26.18 -17.26 -10.96
N ASN I 624 25.48 -16.27 -11.51
CA ASN I 624 25.80 -14.87 -11.24
C ASN I 624 25.00 -14.30 -10.09
N ARG I 625 23.90 -14.95 -9.70
CA ARG I 625 23.00 -14.45 -8.67
C ARG I 625 22.72 -15.57 -7.67
N PRO I 626 23.69 -15.92 -6.84
CA PRO I 626 23.46 -17.01 -5.87
C PRO I 626 22.38 -16.69 -4.86
N ASP I 627 22.02 -15.43 -4.69
CA ASP I 627 21.05 -15.06 -3.66
C ASP I 627 19.66 -15.59 -3.97
N ILE I 628 19.32 -15.76 -5.25
CA ILE I 628 18.00 -16.23 -5.63
C ILE I 628 17.97 -17.72 -5.92
N ILE I 629 19.09 -18.43 -5.76
CA ILE I 629 19.08 -19.86 -5.96
C ILE I 629 18.14 -20.51 -4.95
N ASP I 630 17.48 -21.57 -5.39
CA ASP I 630 16.65 -22.34 -4.48
C ASP I 630 17.54 -23.03 -3.45
N PRO I 631 17.28 -22.87 -2.15
CA PRO I 631 18.16 -23.50 -1.15
C PRO I 631 18.20 -25.02 -1.26
N ALA I 632 17.20 -25.64 -1.89
CA ALA I 632 17.22 -27.09 -2.04
C ALA I 632 18.51 -27.56 -2.72
N ILE I 633 19.02 -26.76 -3.66
CA ILE I 633 20.26 -27.13 -4.33
C ILE I 633 21.43 -27.11 -3.36
N LEU I 634 21.41 -26.17 -2.41
CA LEU I 634 22.52 -26.02 -1.46
C LEU I 634 22.31 -26.95 -0.27
N ARG I 635 22.52 -28.23 -0.52
CA ARG I 635 22.34 -29.28 0.47
C ARG I 635 23.48 -30.28 0.32
N PRO I 636 23.87 -30.96 1.40
CA PRO I 636 24.81 -32.07 1.24
C PRO I 636 24.25 -33.14 0.33
N GLY I 637 25.14 -33.76 -0.44
CA GLY I 637 24.73 -34.65 -1.50
C GLY I 637 24.32 -33.95 -2.78
N ARG I 638 24.44 -32.63 -2.83
CA ARG I 638 24.10 -31.83 -4.00
C ARG I 638 25.19 -30.78 -4.13
N LEU I 639 24.92 -29.74 -4.91
CA LEU I 639 25.87 -28.63 -4.95
C LEU I 639 26.02 -28.09 -3.53
N ASP I 640 27.18 -28.31 -2.93
CA ASP I 640 27.42 -27.92 -1.54
C ASP I 640 28.60 -26.97 -1.42
N GLN I 641 29.73 -27.28 -2.05
CA GLN I 641 30.88 -26.39 -2.03
C GLN I 641 30.59 -25.18 -2.90
N LEU I 642 30.34 -24.04 -2.26
CA LEU I 642 30.20 -22.78 -2.97
C LEU I 642 31.58 -22.12 -3.08
N ILE I 643 31.99 -21.83 -4.30
CA ILE I 643 33.31 -21.26 -4.56
C ILE I 643 33.11 -19.89 -5.19
N TYR I 644 33.82 -18.90 -4.66
CA TYR I 644 33.70 -17.52 -5.12
C TYR I 644 34.80 -17.24 -6.14
N ILE I 645 34.40 -16.74 -7.31
CA ILE I 645 35.35 -16.39 -8.36
C ILE I 645 35.32 -14.87 -8.54
N PRO I 646 36.27 -14.13 -7.97
CA PRO I 646 36.25 -12.67 -8.06
C PRO I 646 36.77 -12.18 -9.40
N LEU I 647 36.84 -10.86 -9.53
CA LEU I 647 37.37 -10.26 -10.74
C LEU I 647 38.85 -10.62 -10.90
N PRO I 648 39.36 -10.66 -12.12
CA PRO I 648 40.77 -11.04 -12.31
C PRO I 648 41.71 -10.10 -11.58
N ASP I 649 42.80 -10.67 -11.09
CA ASP I 649 43.88 -9.90 -10.48
C ASP I 649 44.88 -9.50 -11.56
N GLU I 650 45.95 -8.81 -11.14
CA GLU I 650 46.91 -8.28 -12.09
C GLU I 650 47.53 -9.39 -12.93
N LYS I 651 48.07 -10.42 -12.26
CA LYS I 651 48.64 -11.55 -12.99
C LYS I 651 47.57 -12.26 -13.81
N SER I 652 46.38 -12.43 -13.22
CA SER I 652 45.29 -13.03 -13.97
C SER I 652 44.92 -12.18 -15.18
N ARG I 653 44.93 -10.86 -15.04
CA ARG I 653 44.59 -10.00 -16.16
C ARG I 653 45.61 -10.13 -17.28
N VAL I 654 46.90 -10.12 -16.94
CA VAL I 654 47.91 -10.23 -17.99
C VAL I 654 47.83 -11.60 -18.66
N ALA I 655 47.53 -12.65 -17.89
CA ALA I 655 47.36 -13.96 -18.50
C ALA I 655 46.15 -14.00 -19.43
N ILE I 656 45.05 -13.38 -19.02
CA ILE I 656 43.85 -13.37 -19.84
C ILE I 656 44.09 -12.58 -21.12
N LEU I 657 44.93 -11.54 -21.06
CA LEU I 657 45.30 -10.83 -22.28
C LEU I 657 46.18 -11.70 -23.17
N LYS I 658 47.23 -12.29 -22.58
CA LYS I 658 48.15 -13.11 -23.34
C LYS I 658 47.42 -14.19 -24.09
N ALA I 659 46.59 -14.97 -23.39
CA ALA I 659 45.58 -15.75 -24.07
C ALA I 659 44.55 -14.82 -24.68
N ASN I 660 43.94 -15.23 -25.78
CA ASN I 660 42.91 -14.44 -26.43
C ASN I 660 43.55 -13.24 -27.15
N LEU I 661 44.84 -12.98 -26.91
CA LEU I 661 45.57 -12.03 -27.73
C LEU I 661 46.70 -12.66 -28.51
N ARG I 662 47.29 -13.74 -28.01
CA ARG I 662 48.46 -14.33 -28.67
C ARG I 662 48.11 -14.83 -30.07
N LYS I 663 46.86 -15.18 -30.32
CA LYS I 663 46.47 -15.63 -31.65
C LYS I 663 46.72 -14.55 -32.69
N SER I 664 46.31 -13.31 -32.39
CA SER I 664 46.49 -12.22 -33.31
C SER I 664 47.97 -11.82 -33.37
N PRO I 665 48.41 -11.20 -34.47
CA PRO I 665 49.79 -10.70 -34.55
C PRO I 665 49.93 -9.36 -33.85
N VAL I 666 50.65 -9.36 -32.73
CA VAL I 666 50.93 -8.15 -31.97
C VAL I 666 52.44 -7.95 -31.93
N ALA I 667 52.88 -6.72 -32.15
CA ALA I 667 54.30 -6.41 -32.22
C ALA I 667 54.49 -4.99 -31.69
N LYS I 668 55.65 -4.39 -32.00
CA LYS I 668 56.02 -3.10 -31.46
C LYS I 668 56.32 -3.25 -29.97
N ASP I 669 55.94 -2.25 -29.18
CA ASP I 669 56.12 -2.30 -27.73
C ASP I 669 54.78 -2.35 -27.01
N VAL I 670 53.85 -3.16 -27.52
CA VAL I 670 52.60 -3.37 -26.80
C VAL I 670 52.93 -4.08 -25.50
N ASP I 671 52.83 -3.35 -24.39
CA ASP I 671 53.23 -3.86 -23.08
C ASP I 671 51.96 -4.34 -22.38
N LEU I 672 51.62 -5.61 -22.59
CA LEU I 672 50.43 -6.16 -21.96
C LEU I 672 50.49 -6.03 -20.45
N GLU I 673 51.69 -6.01 -19.88
CA GLU I 673 51.81 -5.78 -18.44
C GLU I 673 51.27 -4.42 -18.06
N PHE I 674 51.54 -3.40 -18.88
CA PHE I 674 51.02 -2.08 -18.58
C PHE I 674 49.51 -2.06 -18.62
N LEU I 675 48.91 -2.70 -19.64
CA LEU I 675 47.46 -2.77 -19.71
C LEU I 675 46.89 -3.49 -18.50
N ALA I 676 47.53 -4.59 -18.09
CA ALA I 676 47.08 -5.30 -16.90
C ALA I 676 47.13 -4.39 -15.68
N LYS I 677 48.20 -3.59 -15.56
CA LYS I 677 48.30 -2.65 -14.46
C LYS I 677 47.15 -1.65 -14.48
N MET I 678 46.85 -1.09 -15.66
CA MET I 678 45.90 0.02 -15.72
C MET I 678 44.47 -0.47 -15.54
N THR I 679 44.11 -1.58 -16.18
CA THR I 679 42.76 -2.14 -16.04
C THR I 679 42.68 -2.84 -14.71
N ASN I 680 41.95 -2.23 -13.76
CA ASN I 680 41.90 -2.74 -12.39
C ASN I 680 40.56 -3.38 -12.05
N GLY I 681 39.46 -2.71 -12.34
CA GLY I 681 38.15 -3.26 -12.10
C GLY I 681 37.57 -4.04 -13.25
N PHE I 682 38.37 -4.30 -14.28
CA PHE I 682 37.89 -4.98 -15.48
C PHE I 682 37.74 -6.47 -15.24
N SER I 683 36.83 -7.08 -16.00
CA SER I 683 36.63 -8.51 -16.00
C SER I 683 37.24 -9.11 -17.26
N GLY I 684 37.15 -10.43 -17.39
CA GLY I 684 37.66 -11.07 -18.59
C GLY I 684 36.95 -10.60 -19.84
N ALA I 685 35.63 -10.40 -19.76
CA ALA I 685 34.88 -9.95 -20.91
C ALA I 685 35.33 -8.56 -21.35
N ASP I 686 35.65 -7.69 -20.39
CA ASP I 686 36.09 -6.34 -20.73
C ASP I 686 37.42 -6.36 -21.47
N LEU I 687 38.36 -7.18 -20.99
CA LEU I 687 39.65 -7.30 -21.68
C LEU I 687 39.48 -7.92 -23.06
N THR I 688 38.58 -8.91 -23.17
CA THR I 688 38.29 -9.48 -24.47
C THR I 688 37.75 -8.43 -25.42
N GLU I 689 36.86 -7.56 -24.92
CA GLU I 689 36.33 -6.49 -25.75
C GLU I 689 37.42 -5.54 -26.18
N ILE I 690 38.35 -5.22 -25.27
CA ILE I 690 39.47 -4.34 -25.63
C ILE I 690 40.27 -4.97 -26.78
N CYS I 691 40.62 -6.24 -26.64
CA CYS I 691 41.42 -6.90 -27.67
C CYS I 691 40.67 -6.97 -28.99
N GLN I 692 39.37 -7.27 -28.94
CA GLN I 692 38.58 -7.32 -30.18
C GLN I 692 38.53 -5.95 -30.83
N ARG I 693 38.38 -4.89 -30.04
CA ARG I 693 38.35 -3.55 -30.61
C ARG I 693 39.68 -3.21 -31.27
N ALA I 694 40.79 -3.58 -30.64
CA ALA I 694 42.10 -3.33 -31.24
C ALA I 694 42.25 -4.08 -32.55
N CYS I 695 41.86 -5.35 -32.58
CA CYS I 695 41.93 -6.12 -33.81
C CYS I 695 41.06 -5.50 -34.90
N LYS I 696 39.86 -5.05 -34.52
CA LYS I 696 38.96 -4.43 -35.49
C LYS I 696 39.54 -3.14 -36.04
N LEU I 697 40.18 -2.34 -35.20
CA LEU I 697 40.83 -1.13 -35.68
C LEU I 697 41.95 -1.46 -36.66
N ALA I 698 42.75 -2.48 -36.34
CA ALA I 698 43.82 -2.89 -37.24
C ALA I 698 43.25 -3.35 -38.58
N ILE I 699 42.17 -4.14 -38.54
CA ILE I 699 41.56 -4.63 -39.77
C ILE I 699 41.05 -3.45 -40.60
N ARG I 700 40.40 -2.48 -39.95
CA ARG I 700 39.91 -1.32 -40.68
C ARG I 700 41.05 -0.56 -41.33
N GLU I 701 42.15 -0.35 -40.61
CA GLU I 701 43.28 0.35 -41.19
C GLU I 701 43.85 -0.41 -42.37
N SER I 702 43.99 -1.73 -42.26
CA SER I 702 44.52 -2.51 -43.36
C SER I 702 43.61 -2.44 -44.58
N ILE I 703 42.29 -2.52 -44.37
CA ILE I 703 41.36 -2.43 -45.49
C ILE I 703 41.48 -1.07 -46.17
N GLU I 704 41.49 0.00 -45.37
CA GLU I 704 41.60 1.33 -45.96
C GLU I 704 42.90 1.46 -46.74
N SER I 705 43.99 0.88 -46.24
CA SER I 705 45.24 0.90 -46.98
C SER I 705 45.10 0.16 -48.30
N GLU I 706 44.49 -1.01 -48.29
CA GLU I 706 44.30 -1.76 -49.53
C GLU I 706 43.38 -1.00 -50.49
N ILE I 707 42.26 -0.50 -49.97
CA ILE I 707 41.32 0.25 -50.79
C ILE I 707 41.78 1.70 -50.89
N PRO I 727 50.42 -4.73 -46.02
CA PRO I 727 51.37 -4.39 -44.98
C PRO I 727 50.74 -4.44 -43.59
N VAL I 728 51.35 -3.77 -42.61
CA VAL I 728 50.84 -3.66 -41.26
C VAL I 728 50.34 -5.02 -40.78
N PRO I 729 51.18 -6.05 -40.75
CA PRO I 729 50.71 -7.39 -40.39
C PRO I 729 50.63 -7.59 -38.88
N GLU I 730 50.68 -6.50 -38.12
CA GLU I 730 50.71 -6.55 -36.67
C GLU I 730 49.83 -5.44 -36.11
N ILE I 731 49.37 -5.65 -34.88
CA ILE I 731 48.56 -4.67 -34.17
C ILE I 731 49.52 -3.73 -33.42
N ARG I 732 49.55 -2.47 -33.84
CA ARG I 732 50.50 -1.51 -33.30
C ARG I 732 50.00 -0.94 -31.98
N ARG I 733 50.91 -0.24 -31.28
CA ARG I 733 50.56 0.36 -30.00
C ARG I 733 49.46 1.40 -30.17
N ASP I 734 49.46 2.11 -31.30
CA ASP I 734 48.39 3.07 -31.57
C ASP I 734 47.03 2.40 -31.51
N HIS I 735 46.91 1.22 -32.13
CA HIS I 735 45.61 0.54 -32.14
C HIS I 735 45.12 0.28 -30.73
N PHE I 736 45.98 -0.27 -29.87
CA PHE I 736 45.59 -0.52 -28.50
C PHE I 736 45.24 0.78 -27.79
N GLU I 737 46.21 1.68 -27.64
CA GLU I 737 45.99 2.90 -26.89
C GLU I 737 44.83 3.73 -27.44
N GLU I 738 44.37 3.46 -28.66
CA GLU I 738 43.16 4.09 -29.16
C GLU I 738 41.92 3.31 -28.77
N ALA I 739 41.98 1.99 -28.78
CA ALA I 739 40.84 1.19 -28.36
C ALA I 739 40.59 1.31 -26.86
N MET I 740 41.63 1.64 -26.08
CA MET I 740 41.49 1.66 -24.64
C MET I 740 40.47 2.69 -24.18
N ARG I 741 40.47 3.87 -24.80
CA ARG I 741 39.60 4.93 -24.33
C ARG I 741 38.12 4.61 -24.50
N PHE I 742 37.78 3.62 -25.31
CA PHE I 742 36.42 3.12 -25.38
C PHE I 742 36.15 2.01 -24.36
N ALA I 743 37.16 1.61 -23.60
CA ALA I 743 37.00 0.52 -22.66
C ALA I 743 36.09 0.93 -21.51
N ARG I 744 35.20 0.01 -21.12
CA ARG I 744 34.26 0.25 -20.04
C ARG I 744 34.25 -0.96 -19.11
N ARG I 745 33.90 -0.72 -17.85
CA ARG I 745 33.80 -1.78 -16.86
C ARG I 745 32.37 -2.33 -16.85
N SER I 746 32.25 -3.65 -16.97
CA SER I 746 30.94 -4.27 -17.04
C SER I 746 30.26 -4.36 -15.67
N VAL I 747 31.03 -4.55 -14.61
CA VAL I 747 30.49 -4.79 -13.27
C VAL I 747 30.75 -3.54 -12.44
N SER I 748 29.68 -2.94 -11.93
CA SER I 748 29.80 -1.78 -11.06
C SER I 748 30.27 -2.21 -9.68
N ASP I 749 30.98 -1.30 -9.00
CA ASP I 749 31.55 -1.65 -7.72
C ASP I 749 30.50 -1.96 -6.67
N ASN I 750 29.26 -1.53 -6.87
CA ASN I 750 28.19 -1.93 -5.96
C ASN I 750 27.91 -3.43 -6.07
N ASP I 751 27.89 -3.95 -7.29
CA ASP I 751 27.73 -5.40 -7.46
C ASP I 751 28.90 -6.15 -6.85
N ILE I 752 30.11 -5.63 -7.04
CA ILE I 752 31.27 -6.26 -6.42
C ILE I 752 31.13 -6.27 -4.91
N ARG I 753 30.63 -5.17 -4.34
CA ARG I 753 30.42 -5.11 -2.90
C ARG I 753 29.40 -6.15 -2.46
N LYS I 754 28.33 -6.31 -3.23
CA LYS I 754 27.32 -7.31 -2.89
C LYS I 754 27.89 -8.71 -2.93
N TYR I 755 28.68 -9.02 -3.96
CA TYR I 755 29.30 -10.34 -4.04
C TYR I 755 30.25 -10.57 -2.88
N GLU I 756 31.02 -9.55 -2.51
CA GLU I 756 31.92 -9.68 -1.37
C GLU I 756 31.14 -9.91 -0.08
N MET I 757 30.01 -9.22 0.08
CA MET I 757 29.18 -9.44 1.25
C MET I 757 28.67 -10.87 1.31
N PHE I 758 28.24 -11.40 0.16
CA PHE I 758 27.81 -12.80 0.10
C PHE I 758 28.95 -13.74 0.49
N ALA I 759 30.14 -13.50 -0.08
CA ALA I 759 31.27 -14.37 0.20
C ALA I 759 31.62 -14.34 1.68
N GLN I 760 31.59 -13.16 2.29
CA GLN I 760 31.86 -13.05 3.72
C GLN I 760 30.78 -13.77 4.53
N THR I 761 29.52 -13.66 4.10
CA THR I 761 28.45 -14.36 4.79
C THR I 761 28.67 -15.87 4.76
N LEU I 762 29.16 -16.41 3.65
CA LEU I 762 29.49 -17.82 3.59
C LEU I 762 30.79 -18.16 4.29
N GLN I 763 31.58 -17.16 4.67
CA GLN I 763 32.84 -17.40 5.37
C GLN I 763 32.58 -18.12 6.69
N GLY I 767 34.95 -16.30 15.01
CA GLY I 767 34.78 -17.73 15.20
C GLY I 767 35.83 -18.33 16.11
N PHE I 768 36.13 -19.62 15.88
CA PHE I 768 37.10 -20.31 16.72
C PHE I 768 38.49 -19.70 16.56
N GLY I 769 38.93 -19.50 15.33
CA GLY I 769 40.18 -18.81 15.07
C GLY I 769 41.38 -19.64 15.42
N SER I 770 41.58 -19.88 16.72
CA SER I 770 42.70 -20.68 17.22
C SER I 770 42.13 -21.73 18.16
N PHE I 771 41.70 -22.85 17.58
CA PHE I 771 41.25 -24.00 18.35
C PHE I 771 42.42 -24.97 18.50
N ARG I 772 42.69 -25.38 19.73
CA ARG I 772 43.79 -26.29 19.99
C ARG I 772 43.34 -27.33 21.02
N PHE I 773 43.88 -28.54 20.88
CA PHE I 773 43.55 -29.60 21.80
C PHE I 773 44.20 -29.32 23.16
N PRO I 774 43.64 -29.89 24.23
CA PRO I 774 44.19 -29.59 25.57
C PRO I 774 45.66 -29.94 25.71
N SER I 775 46.12 -30.98 25.02
CA SER I 775 47.52 -31.37 25.07
C SER I 775 47.94 -31.69 26.50
N GLU J 466 13.24 -47.53 -8.19
CA GLU J 466 11.97 -47.53 -7.48
C GLU J 466 12.20 -47.42 -5.98
N THR J 467 11.13 -47.53 -5.21
CA THR J 467 11.23 -47.41 -3.76
C THR J 467 12.02 -48.58 -3.18
N VAL J 468 12.87 -48.28 -2.21
CA VAL J 468 13.65 -49.29 -1.49
C VAL J 468 12.91 -49.61 -0.19
N VAL J 469 12.51 -50.87 -0.03
CA VAL J 469 11.80 -51.30 1.15
C VAL J 469 12.68 -52.29 1.92
N GLU J 470 13.47 -51.78 2.86
CA GLU J 470 14.44 -52.60 3.57
C GLU J 470 14.52 -52.15 5.02
N VAL J 471 14.90 -53.08 5.89
CA VAL J 471 15.09 -52.79 7.31
C VAL J 471 16.37 -51.98 7.49
N PRO J 472 16.31 -50.77 8.06
CA PRO J 472 17.54 -49.98 8.19
C PRO J 472 18.54 -50.63 9.13
N GLN J 473 19.82 -50.34 8.88
CA GLN J 473 20.91 -50.87 9.69
C GLN J 473 21.39 -49.89 10.75
N VAL J 474 21.11 -48.60 10.60
CA VAL J 474 21.45 -47.65 11.65
C VAL J 474 20.66 -47.99 12.90
N THR J 475 21.25 -47.71 14.06
CA THR J 475 20.66 -48.07 15.34
C THR J 475 20.59 -46.84 16.24
N TRP J 476 20.07 -47.04 17.45
CA TRP J 476 19.98 -45.95 18.41
C TRP J 476 21.36 -45.45 18.81
N GLU J 477 22.33 -46.36 18.93
CA GLU J 477 23.67 -45.96 19.33
C GLU J 477 24.28 -44.94 18.36
N ASP J 478 23.78 -44.87 17.13
CA ASP J 478 24.31 -43.90 16.18
C ASP J 478 24.09 -42.48 16.69
N ILE J 479 22.92 -42.21 17.28
CA ILE J 479 22.64 -40.93 17.92
C ILE J 479 22.42 -41.20 19.40
N GLY J 480 23.32 -40.70 20.24
CA GLY J 480 23.36 -41.14 21.63
C GLY J 480 22.31 -40.52 22.52
N GLY J 481 21.88 -39.30 22.20
CA GLY J 481 20.96 -38.56 23.04
C GLY J 481 19.52 -38.84 22.70
N LEU J 482 18.65 -37.92 23.13
CA LEU J 482 17.23 -38.00 22.84
C LEU J 482 16.62 -39.29 23.40
N GLU J 483 16.92 -39.60 24.65
CA GLU J 483 16.36 -40.79 25.28
C GLU J 483 14.87 -40.63 25.52
N ASP J 484 14.42 -39.41 25.83
CA ASP J 484 13.01 -39.16 26.05
C ASP J 484 12.20 -39.46 24.80
N VAL J 485 12.60 -38.87 23.67
CA VAL J 485 11.87 -39.11 22.43
C VAL J 485 12.10 -40.54 21.97
N LYS J 486 13.25 -41.14 22.32
CA LYS J 486 13.45 -42.56 22.01
C LYS J 486 12.39 -43.41 22.69
N ARG J 487 12.17 -43.19 23.98
CA ARG J 487 11.14 -43.94 24.69
C ARG J 487 9.77 -43.64 24.10
N GLU J 488 9.49 -42.37 23.79
CA GLU J 488 8.20 -42.02 23.23
C GLU J 488 7.95 -42.75 21.91
N LEU J 489 8.94 -42.78 21.03
CA LEU J 489 8.80 -43.51 19.77
C LEU J 489 8.67 -45.00 20.02
N GLN J 490 9.36 -45.52 21.03
CA GLN J 490 9.23 -46.93 21.36
C GLN J 490 7.79 -47.26 21.73
N GLU J 491 7.14 -46.40 22.49
CA GLU J 491 5.76 -46.66 22.90
C GLU J 491 4.74 -46.29 21.84
N LEU J 492 5.15 -45.65 20.75
CA LEU J 492 4.24 -45.36 19.64
C LEU J 492 4.28 -46.40 18.54
N VAL J 493 5.39 -47.13 18.39
CA VAL J 493 5.54 -48.11 17.33
C VAL J 493 5.80 -49.50 17.87
N GLN J 494 6.68 -49.63 18.87
CA GLN J 494 7.07 -50.95 19.34
C GLN J 494 6.01 -51.60 20.23
N TYR J 495 5.22 -50.81 20.94
CA TYR J 495 4.24 -51.39 21.85
C TYR J 495 3.02 -51.89 21.10
N PRO J 496 2.48 -51.15 20.13
CA PRO J 496 1.35 -51.68 19.36
C PRO J 496 1.68 -52.96 18.64
N VAL J 497 2.93 -53.19 18.28
CA VAL J 497 3.30 -54.31 17.43
C VAL J 497 3.61 -55.57 18.25
N GLU J 498 4.44 -55.45 19.28
CA GLU J 498 4.78 -56.60 20.09
C GLU J 498 3.63 -57.03 21.00
N HIS J 499 2.81 -56.09 21.46
CA HIS J 499 1.78 -56.38 22.46
C HIS J 499 0.42 -55.83 22.02
N PRO J 500 -0.11 -56.30 20.89
CA PRO J 500 -1.50 -55.97 20.56
C PRO J 500 -2.49 -56.51 21.59
N ASP J 501 -2.15 -57.62 22.24
CA ASP J 501 -3.03 -58.21 23.24
C ASP J 501 -3.23 -57.29 24.44
N LYS J 502 -2.36 -56.32 24.64
CA LYS J 502 -2.57 -55.32 25.67
C LYS J 502 -3.39 -54.15 25.16
N PHE J 503 -3.29 -53.86 23.86
CA PHE J 503 -4.06 -52.75 23.30
C PHE J 503 -5.53 -53.10 23.17
N LEU J 504 -5.85 -54.35 22.81
CA LEU J 504 -7.26 -54.72 22.77
C LEU J 504 -7.85 -54.92 24.16
N LYS J 505 -7.01 -54.98 25.19
CA LYS J 505 -7.51 -55.07 26.55
C LYS J 505 -8.25 -53.81 26.96
N PHE J 506 -7.61 -52.65 26.77
CA PHE J 506 -8.16 -51.37 27.20
C PHE J 506 -8.94 -50.66 26.12
N GLY J 507 -9.12 -51.28 24.95
CA GLY J 507 -9.80 -50.61 23.86
C GLY J 507 -9.07 -49.41 23.32
N MET J 508 -7.79 -49.25 23.68
CA MET J 508 -7.00 -48.14 23.16
C MET J 508 -6.65 -48.38 21.70
N THR J 509 -6.94 -47.41 20.85
CA THR J 509 -6.56 -47.49 19.45
C THR J 509 -5.20 -46.83 19.27
N PRO J 510 -4.17 -47.55 18.80
CA PRO J 510 -2.86 -46.93 18.66
C PRO J 510 -2.88 -45.81 17.63
N SER J 511 -2.04 -44.81 17.87
CA SER J 511 -1.86 -43.74 16.89
C SER J 511 -1.06 -44.26 15.71
N LYS J 512 -1.42 -43.80 14.51
CA LYS J 512 -0.77 -44.24 13.27
C LYS J 512 -0.01 -43.11 12.58
N GLY J 513 0.39 -42.09 13.33
CA GLY J 513 1.09 -40.97 12.73
C GLY J 513 1.87 -40.12 13.72
N VAL J 514 3.06 -39.71 13.32
CA VAL J 514 3.91 -38.85 14.14
C VAL J 514 4.57 -37.83 13.22
N LEU J 515 4.67 -36.59 13.67
CA LEU J 515 5.30 -35.53 12.92
C LEU J 515 6.56 -35.07 13.65
N PHE J 516 7.71 -35.30 13.01
CA PHE J 516 8.98 -34.79 13.52
C PHE J 516 9.18 -33.37 13.03
N TYR J 517 9.52 -32.46 13.94
CA TYR J 517 9.84 -31.10 13.54
C TYR J 517 11.01 -30.59 14.37
N GLY J 518 11.79 -29.71 13.76
CA GLY J 518 12.96 -29.16 14.40
C GLY J 518 13.92 -28.57 13.39
N PRO J 519 15.05 -28.04 13.87
CA PRO J 519 16.00 -27.41 12.97
C PRO J 519 16.62 -28.44 12.03
N PRO J 520 17.05 -28.03 10.84
CA PRO J 520 17.59 -28.99 9.87
C PRO J 520 18.84 -29.67 10.36
N GLY J 521 19.07 -30.88 9.86
CA GLY J 521 20.28 -31.61 10.16
C GLY J 521 20.42 -32.04 11.61
N CYS J 522 19.34 -32.53 12.21
CA CYS J 522 19.36 -32.96 13.60
C CYS J 522 19.15 -34.46 13.76
N GLY J 523 18.96 -35.19 12.67
CA GLY J 523 18.79 -36.62 12.73
C GLY J 523 17.37 -37.12 12.69
N LYS J 524 16.45 -36.37 12.08
CA LYS J 524 15.08 -36.84 11.98
C LYS J 524 14.99 -38.09 11.11
N THR J 525 15.65 -38.07 9.96
CA THR J 525 15.72 -39.27 9.13
C THR J 525 16.41 -40.40 9.88
N LEU J 526 17.49 -40.08 10.57
CA LEU J 526 18.19 -41.09 11.36
C LEU J 526 17.27 -41.65 12.45
N LEU J 527 16.46 -40.79 13.07
CA LEU J 527 15.52 -41.27 14.08
C LEU J 527 14.50 -42.21 13.49
N ALA J 528 13.95 -41.87 12.32
CA ALA J 528 12.98 -42.75 11.68
C ALA J 528 13.61 -44.10 11.36
N LYS J 529 14.82 -44.09 10.80
CA LYS J 529 15.49 -45.34 10.49
C LYS J 529 15.79 -46.13 11.76
N ALA J 530 16.17 -45.45 12.84
CA ALA J 530 16.49 -46.14 14.08
C ALA J 530 15.25 -46.82 14.67
N ILE J 531 14.11 -46.12 14.68
CA ILE J 531 12.90 -46.73 15.21
C ILE J 531 12.46 -47.89 14.33
N ALA J 532 12.62 -47.76 13.01
CA ALA J 532 12.32 -48.88 12.14
C ALA J 532 13.22 -50.07 12.46
N ASN J 533 14.51 -49.81 12.72
CA ASN J 533 15.44 -50.89 13.02
C ASN J 533 15.08 -51.58 14.34
N GLU J 534 14.70 -50.81 15.36
CA GLU J 534 14.41 -51.40 16.65
C GLU J 534 13.23 -52.37 16.56
N CYS J 535 12.20 -51.98 15.81
CA CYS J 535 11.06 -52.86 15.59
C CYS J 535 11.28 -53.84 14.44
N GLN J 536 12.41 -53.73 13.72
CA GLN J 536 12.68 -54.56 12.56
C GLN J 536 11.57 -54.44 11.52
N ALA J 537 11.03 -53.22 11.39
CA ALA J 537 9.99 -52.91 10.43
C ALA J 537 10.63 -52.35 9.17
N ASN J 538 10.02 -52.66 8.03
CA ASN J 538 10.53 -52.14 6.76
C ASN J 538 10.43 -50.62 6.74
N PHE J 539 11.38 -49.99 6.06
CA PHE J 539 11.45 -48.54 5.99
C PHE J 539 11.27 -48.10 4.54
N ILE J 540 10.29 -47.24 4.30
CA ILE J 540 10.05 -46.65 2.99
C ILE J 540 10.23 -45.15 3.14
N SER J 541 11.10 -44.58 2.32
CA SER J 541 11.47 -43.16 2.42
C SER J 541 11.06 -42.45 1.14
N ILE J 542 10.22 -41.43 1.29
CA ILE J 542 9.79 -40.57 0.19
C ILE J 542 10.42 -39.20 0.39
N LYS J 543 11.07 -38.69 -0.64
CA LYS J 543 11.83 -37.46 -0.53
C LYS J 543 10.98 -36.26 -0.92
N GLY J 544 11.48 -35.08 -0.57
CA GLY J 544 10.82 -33.84 -0.89
C GLY J 544 10.74 -33.58 -2.38
N PRO J 545 11.87 -33.77 -3.09
CA PRO J 545 11.81 -33.64 -4.55
C PRO J 545 10.77 -34.53 -5.20
N GLU J 546 10.61 -35.75 -4.69
CA GLU J 546 9.57 -36.63 -5.23
C GLU J 546 8.18 -36.04 -5.00
N LEU J 547 7.94 -35.50 -3.82
CA LEU J 547 6.66 -34.88 -3.53
C LEU J 547 6.41 -33.69 -4.44
N LEU J 548 7.44 -32.86 -4.65
CA LEU J 548 7.29 -31.67 -5.48
C LEU J 548 7.08 -32.05 -6.94
N THR J 549 7.67 -33.15 -7.42
CA THR J 549 7.41 -33.56 -8.79
C THR J 549 6.01 -34.15 -8.93
N MET J 550 5.51 -34.84 -7.89
CA MET J 550 4.11 -35.22 -7.92
C MET J 550 3.21 -33.99 -7.98
N TRP J 551 3.55 -32.95 -7.21
CA TRP J 551 2.75 -31.73 -7.21
C TRP J 551 2.78 -31.05 -8.58
N PHE J 552 3.98 -30.80 -9.10
CA PHE J 552 4.10 -30.10 -10.38
C PHE J 552 3.55 -30.93 -11.53
N GLY J 553 3.75 -32.25 -11.48
CA GLY J 553 3.28 -33.13 -12.53
C GLY J 553 1.79 -33.00 -12.76
N SER J 555 0.28 -35.32 -11.53
CA SER J 555 0.58 -36.74 -11.45
C SER J 555 0.66 -37.18 -10.01
N GLU J 556 -0.40 -36.90 -9.25
CA GLU J 556 -0.43 -37.18 -7.81
C GLU J 556 -1.01 -38.56 -7.48
N ALA J 557 -1.39 -39.34 -8.50
CA ALA J 557 -2.00 -40.64 -8.23
C ALA J 557 -0.99 -41.66 -7.73
N ASN J 558 0.31 -41.37 -7.87
CA ASN J 558 1.33 -42.32 -7.43
C ASN J 558 1.37 -42.45 -5.91
N VAL J 559 0.71 -41.53 -5.20
CA VAL J 559 0.65 -41.63 -3.74
C VAL J 559 -0.01 -42.93 -3.34
N ARG J 560 -1.08 -43.32 -4.05
CA ARG J 560 -1.76 -44.56 -3.75
C ARG J 560 -0.85 -45.75 -4.02
N GLU J 561 -0.04 -45.68 -5.07
CA GLU J 561 0.93 -46.75 -5.32
C GLU J 561 1.92 -46.86 -4.16
N ILE J 562 2.38 -45.72 -3.66
CA ILE J 562 3.34 -45.73 -2.55
C ILE J 562 2.71 -46.34 -1.31
N PHE J 563 1.48 -45.94 -1.01
CA PHE J 563 0.81 -46.49 0.18
C PHE J 563 0.52 -47.97 0.00
N ASP J 564 0.28 -48.41 -1.24
CA ASP J 564 0.12 -49.84 -1.50
C ASP J 564 1.42 -50.59 -1.23
N LYS J 565 2.55 -50.05 -1.70
CA LYS J 565 3.85 -50.63 -1.38
C LYS J 565 4.01 -50.78 0.12
N ALA J 566 3.64 -49.73 0.86
CA ALA J 566 3.72 -49.81 2.33
C ALA J 566 2.79 -50.90 2.87
N ARG J 567 1.59 -51.01 2.31
CA ARG J 567 0.63 -52.00 2.78
C ARG J 567 1.17 -53.42 2.60
N GLN J 568 1.85 -53.66 1.49
CA GLN J 568 2.37 -55.01 1.23
C GLN J 568 3.23 -55.49 2.39
N ALA J 569 4.06 -54.62 2.94
CA ALA J 569 4.86 -54.94 4.12
C ALA J 569 4.11 -54.43 5.34
N ALA J 570 3.57 -55.36 6.13
CA ALA J 570 2.75 -54.94 7.28
C ALA J 570 3.56 -54.13 8.28
N PRO J 571 4.73 -54.56 8.74
CA PRO J 571 5.51 -53.71 9.66
C PRO J 571 6.33 -52.68 8.89
N CYS J 572 5.69 -51.57 8.55
CA CYS J 572 6.28 -50.54 7.70
C CYS J 572 6.25 -49.20 8.41
N VAL J 573 7.40 -48.52 8.42
CA VAL J 573 7.49 -47.14 8.88
C VAL J 573 7.56 -46.28 7.62
N LEU J 574 6.41 -45.85 7.13
CA LEU J 574 6.38 -44.92 6.01
C LEU J 574 6.88 -43.56 6.46
N PHE J 575 7.82 -42.99 5.72
CA PHE J 575 8.51 -41.78 6.14
C PHE J 575 8.47 -40.75 5.01
N PHE J 576 7.71 -39.68 5.21
CA PHE J 576 7.67 -38.55 4.29
C PHE J 576 8.63 -37.50 4.79
N ASP J 577 9.68 -37.22 4.02
CA ASP J 577 10.71 -36.28 4.44
C ASP J 577 10.43 -34.92 3.84
N GLU J 578 10.67 -33.87 4.63
CA GLU J 578 10.33 -32.49 4.27
C GLU J 578 9.00 -32.42 3.54
N LEU J 579 7.94 -32.92 4.17
CA LEU J 579 6.63 -32.87 3.54
C LEU J 579 6.08 -31.45 3.46
N ASP J 580 6.74 -30.48 4.08
CA ASP J 580 6.38 -29.08 3.92
C ASP J 580 6.92 -28.48 2.63
N SER J 581 7.58 -29.28 1.81
CA SER J 581 8.17 -28.75 0.57
C SER J 581 7.11 -28.20 -0.35
N ILE J 582 5.93 -28.82 -0.38
CA ILE J 582 4.86 -28.34 -1.24
C ILE J 582 4.46 -26.92 -0.84
N ALA J 583 4.29 -26.70 0.46
CA ALA J 583 3.88 -25.37 0.92
C ALA J 583 5.00 -24.37 0.78
N LYS J 584 6.26 -24.82 0.91
CA LYS J 584 7.39 -23.93 0.66
C LYS J 584 7.41 -23.48 -0.80
N ALA J 585 7.17 -24.41 -1.72
CA ALA J 585 7.16 -24.08 -3.15
C ALA J 585 5.92 -23.28 -3.54
N ARG J 586 4.82 -23.42 -2.82
CA ARG J 586 3.61 -22.66 -3.10
C ARG J 586 3.65 -21.25 -2.52
N GLY J 587 4.64 -20.93 -1.69
CA GLY J 587 4.75 -19.60 -1.12
C GLY J 587 6.15 -19.28 -0.66
N GLY J 594 -4.61 -17.70 -1.47
CA GLY J 594 -4.48 -19.14 -1.55
C GLY J 594 -4.16 -19.76 -0.21
N GLY J 595 -5.04 -20.64 0.27
CA GLY J 595 -4.87 -21.28 1.55
C GLY J 595 -3.93 -22.47 1.51
N ALA J 596 -3.65 -23.00 2.69
CA ALA J 596 -2.74 -24.14 2.82
C ALA J 596 -3.45 -25.40 2.37
N ALA J 597 -3.24 -25.79 1.11
CA ALA J 597 -3.80 -27.03 0.59
C ALA J 597 -3.20 -27.30 -0.79
N ASP J 598 -2.93 -28.56 -1.08
CA ASP J 598 -2.47 -28.99 -2.38
C ASP J 598 -3.07 -30.35 -2.70
N ARG J 599 -3.27 -30.61 -3.99
CA ARG J 599 -3.91 -31.85 -4.39
C ARG J 599 -3.16 -33.06 -3.85
N VAL J 600 -1.83 -33.01 -3.88
CA VAL J 600 -1.05 -34.12 -3.35
C VAL J 600 -1.30 -34.28 -1.85
N ILE J 601 -1.36 -33.16 -1.12
CA ILE J 601 -1.61 -33.23 0.31
C ILE J 601 -2.95 -33.91 0.57
N ASN J 602 -3.99 -33.49 -0.15
CA ASN J 602 -5.31 -34.06 0.09
C ASN J 602 -5.35 -35.54 -0.27
N GLN J 603 -4.64 -35.94 -1.32
CA GLN J 603 -4.62 -37.35 -1.66
C GLN J 603 -3.88 -38.16 -0.61
N ILE J 604 -2.78 -37.61 -0.07
CA ILE J 604 -2.11 -38.28 1.04
C ILE J 604 -3.08 -38.42 2.21
N LEU J 605 -3.84 -37.36 2.50
CA LEU J 605 -4.80 -37.43 3.60
C LEU J 605 -5.87 -38.47 3.35
N THR J 606 -6.36 -38.57 2.12
CA THR J 606 -7.36 -39.57 1.79
C THR J 606 -6.81 -40.98 1.98
N GLU J 607 -5.62 -41.24 1.45
CA GLU J 607 -5.02 -42.56 1.61
C GLU J 607 -4.72 -42.86 3.08
N MET J 608 -4.40 -41.83 3.85
CA MET J 608 -4.09 -42.04 5.26
C MET J 608 -5.34 -42.36 6.06
N ASP J 609 -6.43 -41.64 5.79
CA ASP J 609 -7.70 -41.94 6.46
C ASP J 609 -8.20 -43.32 6.06
N GLY J 610 -8.06 -43.67 4.78
CA GLY J 610 -8.54 -44.96 4.32
C GLY J 610 -7.77 -46.13 4.89
N MET J 611 -6.55 -45.90 5.38
CA MET J 611 -5.75 -46.98 5.93
C MET J 611 -6.52 -47.67 7.05
N SER J 612 -6.59 -49.00 7.01
CA SER J 612 -7.41 -49.75 7.95
C SER J 612 -6.99 -49.47 9.39
N THR J 613 -5.69 -49.25 9.61
CA THR J 613 -5.13 -49.08 10.96
C THR J 613 -5.04 -50.43 11.67
N LYS J 614 -5.59 -51.48 11.07
CA LYS J 614 -5.35 -52.82 11.57
C LYS J 614 -3.96 -53.29 11.17
N LYS J 615 -3.52 -52.92 9.96
CA LYS J 615 -2.15 -53.18 9.55
C LYS J 615 -1.18 -52.49 10.50
N ASN J 616 0.09 -52.83 10.36
CA ASN J 616 1.14 -52.25 11.18
C ASN J 616 1.82 -51.07 10.50
N VAL J 617 1.30 -50.62 9.37
CA VAL J 617 1.90 -49.47 8.69
C VAL J 617 1.75 -48.24 9.56
N PHE J 618 2.86 -47.56 9.82
CA PHE J 618 2.93 -46.43 10.72
C PHE J 618 3.66 -45.29 10.01
N ILE J 619 3.01 -44.14 9.91
CA ILE J 619 3.50 -43.03 9.11
C ILE J 619 4.31 -42.10 10.00
N ILE J 620 5.40 -41.57 9.44
CA ILE J 620 6.20 -40.54 10.10
C ILE J 620 6.49 -39.46 9.08
N GLY J 621 6.38 -38.21 9.51
CA GLY J 621 6.66 -37.08 8.64
C GLY J 621 7.59 -36.08 9.27
N ALA J 622 8.70 -35.78 8.61
CA ALA J 622 9.70 -34.86 9.14
C ALA J 622 9.56 -33.51 8.44
N THR J 623 9.59 -32.44 9.23
CA THR J 623 9.42 -31.10 8.70
C THR J 623 10.40 -30.16 9.38
N ASN J 624 10.87 -29.17 8.61
CA ASN J 624 11.68 -28.09 9.17
C ASN J 624 10.86 -26.85 9.47
N ARG J 625 9.70 -26.70 8.86
CA ARG J 625 8.86 -25.51 8.99
C ARG J 625 7.44 -25.95 9.34
N PRO J 626 7.21 -26.39 10.57
CA PRO J 626 5.86 -26.83 10.94
C PRO J 626 4.83 -25.71 10.89
N ASP J 627 5.27 -24.46 10.90
CA ASP J 627 4.33 -23.34 10.94
C ASP J 627 3.53 -23.23 9.63
N ILE J 628 4.10 -23.67 8.51
CA ILE J 628 3.40 -23.58 7.23
C ILE J 628 2.73 -24.88 6.83
N ILE J 629 2.84 -25.93 7.64
CA ILE J 629 2.16 -27.17 7.34
C ILE J 629 0.66 -26.93 7.26
N ASP J 630 0.00 -27.63 6.36
CA ASP J 630 -1.46 -27.56 6.28
C ASP J 630 -2.05 -28.09 7.58
N PRO J 631 -2.94 -27.34 8.25
CA PRO J 631 -3.51 -27.85 9.50
C PRO J 631 -4.30 -29.12 9.33
N ALA J 632 -4.77 -29.43 8.12
CA ALA J 632 -5.54 -30.65 7.90
C ALA J 632 -4.78 -31.88 8.36
N ILE J 633 -3.46 -31.90 8.15
CA ILE J 633 -2.66 -33.05 8.55
C ILE J 633 -2.64 -33.19 10.07
N LEU J 634 -2.63 -32.06 10.79
CA LEU J 634 -2.58 -32.09 12.25
C LEU J 634 -3.98 -32.31 12.81
N ARG J 635 -4.47 -33.54 12.62
CA ARG J 635 -5.79 -33.93 13.04
C ARG J 635 -5.71 -35.33 13.62
N PRO J 636 -6.61 -35.67 14.56
CA PRO J 636 -6.67 -37.06 15.01
C PRO J 636 -6.97 -38.00 13.84
N GLY J 637 -6.38 -39.18 13.89
CA GLY J 637 -6.41 -40.09 12.76
C GLY J 637 -5.38 -39.81 11.71
N ARG J 638 -4.52 -38.82 11.93
CA ARG J 638 -3.47 -38.44 10.98
C ARG J 638 -2.23 -38.13 11.82
N LEU J 639 -1.25 -37.46 11.23
CA LEU J 639 -0.12 -37.03 12.02
C LEU J 639 -0.62 -36.11 13.14
N ASP J 640 -0.59 -36.60 14.37
CA ASP J 640 -1.11 -35.85 15.52
C ASP J 640 -0.10 -35.71 16.63
N GLN J 641 0.74 -36.72 16.85
CA GLN J 641 1.84 -36.56 17.80
C GLN J 641 2.95 -35.75 17.15
N LEU J 642 3.11 -34.51 17.58
CA LEU J 642 4.21 -33.67 17.13
C LEU J 642 5.36 -33.82 18.11
N ILE J 643 6.50 -34.29 17.61
CA ILE J 643 7.70 -34.51 18.42
C ILE J 643 8.73 -33.48 18.04
N TYR J 644 9.32 -32.82 19.02
CA TYR J 644 10.34 -31.81 18.79
C TYR J 644 11.72 -32.43 18.92
N ILE J 645 12.55 -32.24 17.90
CA ILE J 645 13.91 -32.76 17.91
C ILE J 645 14.87 -31.58 17.95
N PRO J 646 15.41 -31.22 19.11
CA PRO J 646 16.31 -30.07 19.20
C PRO J 646 17.71 -30.43 18.72
N LEU J 647 18.61 -29.46 18.83
CA LEU J 647 19.99 -29.69 18.43
C LEU J 647 20.64 -30.70 19.39
N PRO J 648 21.67 -31.41 18.92
CA PRO J 648 22.30 -32.43 19.78
C PRO J 648 22.85 -31.81 21.05
N ASP J 649 22.76 -32.58 22.14
CA ASP J 649 23.39 -32.22 23.40
C ASP J 649 24.82 -32.76 23.42
N GLU J 650 25.52 -32.54 24.54
CA GLU J 650 26.93 -32.91 24.60
C GLU J 650 27.10 -34.42 24.37
N LYS J 651 26.36 -35.23 25.12
CA LYS J 651 26.45 -36.68 24.93
C LYS J 651 26.01 -37.06 23.52
N SER J 652 24.94 -36.44 23.03
CA SER J 652 24.50 -36.69 21.67
C SER J 652 25.57 -36.29 20.67
N ARG J 653 26.24 -35.15 20.92
CA ARG J 653 27.28 -34.70 19.99
C ARG J 653 28.43 -35.70 19.95
N VAL J 654 28.89 -36.17 21.09
CA VAL J 654 30.00 -37.11 21.10
C VAL J 654 29.59 -38.42 20.44
N ALA J 655 28.34 -38.85 20.64
CA ALA J 655 27.87 -40.05 19.96
C ALA J 655 27.84 -39.87 18.45
N ILE J 656 27.38 -38.70 17.99
CA ILE J 656 27.31 -38.43 16.56
C ILE J 656 28.69 -38.35 15.96
N LEU J 657 29.68 -37.90 16.74
CA LEU J 657 31.06 -37.93 16.26
C LEU J 657 31.59 -39.36 16.20
N LYS J 658 31.40 -40.12 17.27
CA LYS J 658 31.89 -41.49 17.31
C LYS J 658 31.36 -42.28 16.12
N ALA J 659 30.06 -42.26 15.93
CA ALA J 659 29.51 -42.63 14.63
C ALA J 659 29.91 -41.57 13.63
N ASN J 660 30.09 -41.99 12.38
CA ASN J 660 30.43 -41.09 11.29
C ASN J 660 31.90 -40.69 11.45
N LEU J 661 32.55 -41.11 12.54
CA LEU J 661 34.00 -40.98 12.60
C LEU J 661 34.70 -42.30 12.85
N ARG J 662 34.05 -43.27 13.47
CA ARG J 662 34.72 -44.53 13.79
C ARG J 662 35.19 -45.26 12.55
N LYS J 663 34.50 -45.08 11.42
CA LYS J 663 34.91 -45.76 10.20
C LYS J 663 36.31 -45.35 9.79
N SER J 664 36.60 -44.05 9.83
CA SER J 664 37.91 -43.57 9.45
C SER J 664 38.94 -43.95 10.52
N PRO J 665 40.22 -44.02 10.16
CA PRO J 665 41.27 -44.28 11.15
C PRO J 665 41.67 -43.00 11.88
N VAL J 666 41.36 -42.94 13.17
CA VAL J 666 41.72 -41.81 14.02
C VAL J 666 42.56 -42.34 15.18
N ALA J 667 43.65 -41.65 15.48
CA ALA J 667 44.56 -42.06 16.53
C ALA J 667 45.18 -40.81 17.15
N LYS J 668 46.29 -40.99 17.85
CA LYS J 668 46.91 -39.89 18.61
C LYS J 668 46.03 -39.54 19.79
N ASP J 669 45.96 -38.26 20.14
CA ASP J 669 45.16 -37.80 21.27
C ASP J 669 43.94 -37.02 20.79
N VAL J 670 43.31 -37.50 19.71
CA VAL J 670 42.03 -36.92 19.28
C VAL J 670 41.01 -37.25 20.36
N ASP J 671 40.60 -36.24 21.13
CA ASP J 671 39.67 -36.41 22.23
C ASP J 671 38.31 -35.90 21.76
N LEU J 672 37.50 -36.81 21.24
CA LEU J 672 36.18 -36.43 20.74
C LEU J 672 35.32 -35.79 21.83
N GLU J 673 35.59 -36.10 23.10
CA GLU J 673 34.84 -35.45 24.17
C GLU J 673 35.12 -33.96 24.20
N PHE J 674 36.38 -33.56 23.99
CA PHE J 674 36.70 -32.14 23.95
C PHE J 674 35.99 -31.46 22.78
N LEU J 675 35.97 -32.11 21.62
CA LEU J 675 35.26 -31.54 20.48
C LEU J 675 33.77 -31.40 20.79
N ALA J 676 33.18 -32.41 21.42
CA ALA J 676 31.78 -32.32 21.79
C ALA J 676 31.54 -31.15 22.73
N LYS J 677 32.43 -30.95 23.69
CA LYS J 677 32.28 -29.82 24.60
C LYS J 677 32.37 -28.50 23.85
N MET J 678 33.34 -28.38 22.93
CA MET J 678 33.54 -27.11 22.24
C MET J 678 32.33 -26.75 21.38
N THR J 679 31.87 -27.70 20.58
CA THR J 679 30.75 -27.46 19.67
C THR J 679 29.45 -27.50 20.46
N ASN J 680 28.80 -26.35 20.60
CA ASN J 680 27.61 -26.23 21.43
C ASN J 680 26.35 -25.96 20.61
N GLY J 681 26.39 -25.00 19.70
CA GLY J 681 25.27 -24.72 18.83
C GLY J 681 25.27 -25.52 17.55
N PHE J 682 26.18 -26.48 17.42
CA PHE J 682 26.32 -27.26 16.20
C PHE J 682 25.23 -28.31 16.10
N SER J 683 24.92 -28.68 14.87
CA SER J 683 23.98 -29.74 14.55
C SER J 683 24.74 -30.96 14.05
N GLY J 684 24.01 -32.03 13.74
CA GLY J 684 24.64 -33.21 13.20
C GLY J 684 25.36 -32.94 11.89
N ALA J 685 24.75 -32.11 11.03
CA ALA J 685 25.38 -31.80 9.75
C ALA J 685 26.69 -31.05 9.95
N ASP J 686 26.75 -30.15 10.92
CA ASP J 686 27.98 -29.40 11.17
C ASP J 686 29.10 -30.32 11.64
N LEU J 687 28.80 -31.25 12.54
CA LEU J 687 29.83 -32.20 12.98
C LEU J 687 30.24 -33.12 11.85
N THR J 688 29.29 -33.54 11.02
CA THR J 688 29.62 -34.34 9.85
C THR J 688 30.57 -33.58 8.94
N GLU J 689 30.31 -32.29 8.73
CA GLU J 689 31.18 -31.48 7.90
C GLU J 689 32.56 -31.34 8.52
N ILE J 690 32.63 -31.21 9.84
CA ILE J 690 33.94 -31.12 10.50
C ILE J 690 34.75 -32.40 10.24
N CYS J 691 34.12 -33.55 10.46
CA CYS J 691 34.82 -34.82 10.24
C CYS J 691 35.20 -34.98 8.77
N GLN J 692 34.31 -34.56 7.87
CA GLN J 692 34.61 -34.62 6.44
C GLN J 692 35.83 -33.79 6.10
N ARG J 693 35.91 -32.58 6.65
CA ARG J 693 37.04 -31.71 6.38
C ARG J 693 38.33 -32.30 6.94
N ALA J 694 38.26 -32.89 8.12
CA ALA J 694 39.45 -33.53 8.70
C ALA J 694 39.94 -34.67 7.82
N CYS J 695 39.01 -35.52 7.36
CA CYS J 695 39.39 -36.60 6.46
C CYS J 695 40.00 -36.06 5.17
N LYS J 696 39.41 -35.00 4.62
CA LYS J 696 39.94 -34.41 3.39
C LYS J 696 41.34 -33.88 3.60
N LEU J 697 41.60 -33.24 4.74
CA LEU J 697 42.94 -32.75 5.02
C LEU J 697 43.92 -33.89 5.12
N ALA J 698 43.55 -34.97 5.80
CA ALA J 698 44.43 -36.13 5.90
C ALA J 698 44.72 -36.70 4.53
N ILE J 699 43.70 -36.82 3.68
CA ILE J 699 43.89 -37.35 2.34
C ILE J 699 44.82 -36.47 1.54
N ARG J 700 44.66 -35.15 1.64
CA ARG J 700 45.52 -34.23 0.91
C ARG J 700 46.97 -34.38 1.37
N GLU J 701 47.20 -34.45 2.69
CA GLU J 701 48.55 -34.62 3.18
C GLU J 701 49.16 -35.93 2.70
N SER J 702 48.38 -37.02 2.75
CA SER J 702 48.90 -38.30 2.30
C SER J 702 49.25 -38.26 0.83
N ILE J 703 48.39 -37.66 0.01
CA ILE J 703 48.67 -37.57 -1.43
C ILE J 703 49.94 -36.77 -1.66
N GLU J 704 50.06 -35.62 -1.00
CA GLU J 704 51.28 -34.83 -1.13
C GLU J 704 52.51 -35.64 -0.74
N SER J 705 52.39 -36.47 0.29
CA SER J 705 53.50 -37.32 0.69
C SER J 705 53.85 -38.31 -0.42
N GLU J 706 52.84 -38.96 -1.00
CA GLU J 706 53.10 -39.91 -2.09
C GLU J 706 53.70 -39.20 -3.28
N ILE J 707 53.14 -38.06 -3.67
CA ILE J 707 53.63 -37.31 -4.80
C ILE J 707 54.78 -36.40 -4.35
N PRO J 727 52.37 -43.80 4.46
CA PRO J 727 52.39 -43.65 5.91
C PRO J 727 51.20 -42.86 6.42
N VAL J 728 51.30 -42.35 7.65
CA VAL J 728 50.25 -41.54 8.27
C VAL J 728 48.89 -42.18 7.99
N PRO J 729 48.64 -43.40 8.45
CA PRO J 729 47.38 -44.08 8.12
C PRO J 729 46.25 -43.71 9.06
N GLU J 730 46.44 -42.65 9.84
CA GLU J 730 45.44 -42.18 10.78
C GLU J 730 45.32 -40.67 10.67
N ILE J 731 44.21 -40.15 11.18
CA ILE J 731 43.93 -38.72 11.16
C ILE J 731 44.54 -38.10 12.43
N ARG J 732 45.61 -37.32 12.24
CA ARG J 732 46.30 -36.72 13.37
C ARG J 732 45.44 -35.66 14.03
N ARG J 733 45.68 -35.43 15.32
CA ARG J 733 44.94 -34.39 16.03
C ARG J 733 45.16 -33.03 15.39
N ASP J 734 46.29 -32.85 14.71
CA ASP J 734 46.51 -31.60 14.00
C ASP J 734 45.48 -31.40 12.90
N HIS J 735 45.10 -32.48 12.22
CA HIS J 735 44.08 -32.37 11.19
C HIS J 735 42.77 -31.85 11.76
N PHE J 736 42.33 -32.41 12.89
CA PHE J 736 41.09 -31.95 13.51
C PHE J 736 41.21 -30.51 13.99
N GLU J 737 42.32 -30.17 14.64
CA GLU J 737 42.46 -28.84 15.19
C GLU J 737 42.64 -27.78 14.11
N GLU J 738 43.04 -28.20 12.90
CA GLU J 738 43.09 -27.28 11.78
C GLU J 738 41.74 -27.19 11.06
N ALA J 739 41.01 -28.30 11.00
CA ALA J 739 39.70 -28.29 10.38
C ALA J 739 38.67 -27.56 11.22
N MET J 740 38.87 -27.48 12.54
CA MET J 740 37.87 -26.86 13.40
C MET J 740 37.68 -25.38 13.05
N ARG J 741 38.76 -24.66 12.75
CA ARG J 741 38.64 -23.23 12.57
C ARG J 741 37.80 -22.85 11.36
N PHE J 742 37.54 -23.79 10.45
CA PHE J 742 36.60 -23.56 9.37
C PHE J 742 35.18 -23.99 9.74
N ALA J 743 34.97 -24.47 10.96
CA ALA J 743 33.66 -24.95 11.35
C ALA J 743 32.68 -23.80 11.52
N ARG J 744 31.48 -23.97 10.99
CA ARG J 744 30.43 -22.97 11.08
C ARG J 744 29.14 -23.64 11.51
N ARG J 745 28.29 -22.87 12.20
CA ARG J 745 26.99 -23.35 12.64
C ARG J 745 25.95 -23.07 11.58
N SER J 746 25.15 -24.09 11.27
CA SER J 746 24.15 -23.98 10.21
C SER J 746 22.87 -23.28 10.65
N VAL J 747 22.48 -23.41 11.91
CA VAL J 747 21.23 -22.88 12.41
C VAL J 747 21.55 -21.70 13.32
N SER J 748 21.04 -20.52 12.97
CA SER J 748 21.23 -19.34 13.79
C SER J 748 20.32 -19.41 15.02
N ASP J 749 20.77 -18.77 16.10
CA ASP J 749 20.03 -18.84 17.35
C ASP J 749 18.65 -18.22 17.23
N ASN J 750 18.41 -17.38 16.22
CA ASN J 750 17.06 -16.88 15.99
C ASN J 750 16.12 -18.00 15.59
N ASP J 751 16.56 -18.87 14.67
CA ASP J 751 15.74 -20.00 14.29
C ASP J 751 15.54 -20.95 15.45
N ILE J 752 16.58 -21.16 16.26
CA ILE J 752 16.42 -22.00 17.44
C ILE J 752 15.39 -21.40 18.37
N ARG J 753 15.41 -20.08 18.54
CA ARG J 753 14.42 -19.44 19.39
C ARG J 753 13.01 -19.63 18.83
N LYS J 754 12.86 -19.53 17.51
CA LYS J 754 11.55 -19.72 16.90
C LYS J 754 11.06 -21.15 17.12
N TYR J 755 11.94 -22.14 16.96
CA TYR J 755 11.54 -23.52 17.19
C TYR J 755 11.16 -23.74 18.64
N GLU J 756 11.90 -23.13 19.57
CA GLU J 756 11.56 -23.25 20.97
C GLU J 756 10.21 -22.62 21.26
N MET J 757 9.92 -21.48 20.64
CA MET J 757 8.61 -20.85 20.82
C MET J 757 7.50 -21.76 20.31
N PHE J 758 7.71 -22.39 19.15
CA PHE J 758 6.72 -23.33 18.65
C PHE J 758 6.52 -24.49 19.62
N ALA J 759 7.61 -25.06 20.11
CA ALA J 759 7.51 -26.19 21.02
C ALA J 759 6.76 -25.80 22.30
N GLN J 760 7.04 -24.61 22.82
CA GLN J 760 6.32 -24.13 24.00
C GLN J 760 4.85 -23.93 23.69
N THR J 761 4.54 -23.40 22.51
CA THR J 761 3.14 -23.22 22.14
C THR J 761 2.41 -24.55 22.08
N LEU J 762 3.08 -25.61 21.64
CA LEU J 762 2.48 -26.94 21.66
C LEU J 762 2.50 -27.58 23.04
N GLN J 763 3.24 -27.02 23.99
CA GLN J 763 3.32 -27.57 25.33
C GLN J 763 1.94 -27.58 25.99
N GLY J 767 -1.14 -24.22 33.57
CA GLY J 767 -2.21 -25.19 33.40
C GLY J 767 -2.61 -25.85 34.70
N PHE J 768 -3.04 -27.11 34.61
CA PHE J 768 -3.48 -27.84 35.80
C PHE J 768 -2.32 -28.04 36.78
N GLY J 769 -1.19 -28.52 36.28
CA GLY J 769 0.00 -28.63 37.11
C GLY J 769 -0.10 -29.75 38.12
N SER J 770 -0.97 -29.58 39.11
CA SER J 770 -1.17 -30.56 40.17
C SER J 770 -2.67 -30.82 40.28
N PHE J 771 -3.16 -31.73 39.44
CA PHE J 771 -4.54 -32.17 39.49
C PHE J 771 -4.61 -33.45 40.32
N ARG J 772 -5.53 -33.49 41.28
CA ARG J 772 -5.68 -34.65 42.14
C ARG J 772 -7.16 -34.90 42.38
N PHE J 773 -7.50 -36.16 42.58
CA PHE J 773 -8.87 -36.53 42.85
C PHE J 773 -9.24 -36.13 44.27
N PRO J 774 -10.54 -35.95 44.55
CA PRO J 774 -10.93 -35.48 45.89
C PRO J 774 -10.46 -36.38 47.01
N SER J 775 -10.39 -37.69 46.78
CA SER J 775 -9.93 -38.63 47.80
C SER J 775 -10.77 -38.50 49.07
N GLU K 466 -15.44 -47.69 -1.59
CA GLU K 466 -16.49 -46.79 -2.04
C GLU K 466 -17.28 -46.26 -0.86
N THR K 467 -18.35 -45.52 -1.15
CA THR K 467 -19.16 -44.94 -0.09
C THR K 467 -19.82 -46.03 0.74
N VAL K 468 -19.81 -45.84 2.06
CA VAL K 468 -20.47 -46.76 2.99
C VAL K 468 -21.84 -46.19 3.30
N VAL K 469 -22.87 -47.00 3.09
CA VAL K 469 -24.26 -46.59 3.31
C VAL K 469 -24.85 -47.55 4.32
N GLU K 470 -24.78 -47.19 5.60
CA GLU K 470 -25.25 -48.05 6.68
C GLU K 470 -25.91 -47.19 7.75
N VAL K 471 -26.81 -47.81 8.50
CA VAL K 471 -27.47 -47.16 9.63
C VAL K 471 -26.46 -47.08 10.78
N PRO K 472 -26.14 -45.89 11.29
CA PRO K 472 -25.11 -45.81 12.33
C PRO K 472 -25.59 -46.39 13.65
N GLN K 473 -24.61 -46.80 14.46
CA GLN K 473 -24.89 -47.42 15.76
C GLN K 473 -24.73 -46.46 16.93
N VAL K 474 -23.93 -45.41 16.78
CA VAL K 474 -23.86 -44.41 17.84
C VAL K 474 -25.26 -43.86 18.07
N THR K 475 -25.57 -43.59 19.34
CA THR K 475 -26.90 -43.15 19.73
C THR K 475 -26.79 -41.80 20.42
N TRP K 476 -27.94 -41.28 20.84
CA TRP K 476 -27.96 -39.99 21.53
C TRP K 476 -27.23 -40.07 22.86
N GLU K 477 -27.35 -41.20 23.55
CA GLU K 477 -26.70 -41.34 24.85
C GLU K 477 -25.20 -41.15 24.77
N ASP K 478 -24.62 -41.31 23.58
CA ASP K 478 -23.18 -41.08 23.43
C ASP K 478 -22.82 -39.64 23.76
N ILE K 479 -23.66 -38.69 23.36
CA ILE K 479 -23.50 -37.29 23.73
C ILE K 479 -24.72 -36.90 24.56
N GLY K 480 -24.50 -36.63 25.84
CA GLY K 480 -25.61 -36.51 26.76
C GLY K 480 -26.39 -35.21 26.66
N GLY K 481 -25.71 -34.12 26.31
CA GLY K 481 -26.32 -32.81 26.30
C GLY K 481 -26.98 -32.47 24.97
N LEU K 482 -27.15 -31.17 24.75
CA LEU K 482 -27.70 -30.67 23.50
C LEU K 482 -29.11 -31.22 23.26
N GLU K 483 -29.92 -31.23 24.31
CA GLU K 483 -31.30 -31.69 24.18
C GLU K 483 -32.13 -30.71 23.33
N ASP K 484 -31.78 -29.43 23.35
CA ASP K 484 -32.51 -28.46 22.53
C ASP K 484 -32.32 -28.77 21.05
N VAL K 485 -31.06 -28.87 20.62
CA VAL K 485 -30.81 -29.18 19.21
C VAL K 485 -31.25 -30.62 18.93
N LYS K 486 -31.22 -31.49 19.94
CA LYS K 486 -31.79 -32.82 19.78
C LYS K 486 -33.23 -32.75 19.32
N ARG K 487 -34.04 -31.98 20.05
CA ARG K 487 -35.44 -31.86 19.69
C ARG K 487 -35.60 -31.15 18.35
N GLU K 488 -34.76 -30.15 18.08
CA GLU K 488 -34.83 -29.44 16.81
C GLU K 488 -34.62 -30.40 15.65
N LEU K 489 -33.62 -31.27 15.76
CA LEU K 489 -33.37 -32.25 14.71
C LEU K 489 -34.50 -33.27 14.63
N GLN K 490 -35.04 -33.68 15.77
CA GLN K 490 -36.14 -34.63 15.76
C GLN K 490 -37.32 -34.08 14.97
N GLU K 491 -37.65 -32.80 15.19
CA GLU K 491 -38.74 -32.18 14.48
C GLU K 491 -38.36 -31.75 13.06
N LEU K 492 -37.17 -32.12 12.60
CA LEU K 492 -36.71 -31.75 11.26
C LEU K 492 -36.44 -32.95 10.38
N VAL K 493 -36.23 -34.15 10.95
CA VAL K 493 -36.04 -35.37 10.20
C VAL K 493 -37.05 -36.44 10.60
N GLN K 494 -37.29 -36.60 11.90
CA GLN K 494 -38.20 -37.65 12.35
C GLN K 494 -39.66 -37.32 12.08
N TYR K 495 -40.00 -36.03 12.05
CA TYR K 495 -41.41 -35.66 11.91
C TYR K 495 -41.86 -35.79 10.46
N PRO K 496 -41.09 -35.31 9.48
CA PRO K 496 -41.50 -35.51 8.08
C PRO K 496 -41.63 -36.97 7.69
N VAL K 497 -40.84 -37.85 8.31
CA VAL K 497 -40.79 -39.25 7.88
C VAL K 497 -41.85 -40.08 8.57
N GLU K 498 -41.97 -39.94 9.90
CA GLU K 498 -42.96 -40.72 10.63
C GLU K 498 -44.38 -40.25 10.34
N HIS K 499 -44.59 -38.95 10.16
CA HIS K 499 -45.92 -38.37 10.04
C HIS K 499 -46.01 -37.47 8.82
N PRO K 500 -45.84 -38.02 7.61
CA PRO K 500 -46.15 -37.24 6.41
C PRO K 500 -47.61 -36.86 6.32
N ASP K 501 -48.50 -37.69 6.86
CA ASP K 501 -49.94 -37.43 6.80
C ASP K 501 -50.32 -36.17 7.55
N LYS K 502 -49.45 -35.68 8.43
CA LYS K 502 -49.68 -34.41 9.08
C LYS K 502 -49.04 -33.26 8.32
N PHE K 503 -47.98 -33.53 7.57
CA PHE K 503 -47.35 -32.48 6.78
C PHE K 503 -48.21 -32.11 5.59
N LEU K 504 -48.83 -33.09 4.93
CA LEU K 504 -49.71 -32.74 3.82
C LEU K 504 -51.02 -32.15 4.30
N LYS K 505 -51.33 -32.24 5.58
CA LYS K 505 -52.56 -31.65 6.10
C LYS K 505 -52.48 -30.13 6.07
N PHE K 506 -51.39 -29.56 6.58
CA PHE K 506 -51.21 -28.12 6.63
C PHE K 506 -50.52 -27.55 5.42
N GLY K 507 -50.21 -28.36 4.41
CA GLY K 507 -49.47 -27.88 3.27
C GLY K 507 -48.05 -27.48 3.58
N MET K 508 -47.56 -27.82 4.77
CA MET K 508 -46.18 -27.50 5.14
C MET K 508 -45.22 -28.36 4.33
N THR K 509 -44.26 -27.71 3.68
CA THR K 509 -43.20 -28.42 2.98
C THR K 509 -42.01 -28.58 3.91
N PRO K 510 -41.59 -29.80 4.23
CA PRO K 510 -40.46 -29.95 5.16
C PRO K 510 -39.17 -29.40 4.57
N SER K 511 -38.31 -28.91 5.45
CA SER K 511 -36.98 -28.47 5.03
C SER K 511 -36.12 -29.69 4.75
N LYS K 512 -35.28 -29.59 3.71
CA LYS K 512 -34.41 -30.68 3.29
C LYS K 512 -32.94 -30.35 3.50
N GLY K 513 -32.62 -29.42 4.39
CA GLY K 513 -31.25 -29.04 4.60
C GLY K 513 -30.99 -28.42 5.96
N VAL K 514 -29.84 -28.72 6.54
CA VAL K 514 -29.43 -28.19 7.83
C VAL K 514 -27.92 -27.99 7.79
N LEU K 515 -27.45 -26.92 8.43
CA LEU K 515 -26.03 -26.61 8.48
C LEU K 515 -25.59 -26.57 9.93
N PHE K 516 -24.72 -27.49 10.31
CA PHE K 516 -24.10 -27.50 11.63
C PHE K 516 -22.87 -26.62 11.60
N TYR K 517 -22.77 -25.68 12.55
CA TYR K 517 -21.57 -24.87 12.67
C TYR K 517 -21.20 -24.73 14.13
N GLY K 518 -19.91 -24.62 14.39
CA GLY K 518 -19.39 -24.51 15.73
C GLY K 518 -17.93 -24.84 15.80
N PRO K 519 -17.34 -24.75 16.99
CA PRO K 519 -15.92 -25.03 17.12
C PRO K 519 -15.61 -26.48 16.82
N PRO K 520 -14.39 -26.79 16.38
CA PRO K 520 -14.08 -28.17 16.00
C PRO K 520 -14.12 -29.12 17.18
N GLY K 521 -14.40 -30.38 16.87
CA GLY K 521 -14.38 -31.43 17.88
C GLY K 521 -15.48 -31.33 18.91
N CYS K 522 -16.69 -30.99 18.49
CA CYS K 522 -17.82 -30.87 19.40
C CYS K 522 -18.88 -31.94 19.18
N GLY K 523 -18.70 -32.83 18.21
CA GLY K 523 -19.63 -33.89 17.95
C GLY K 523 -20.63 -33.63 16.85
N LYS K 524 -20.28 -32.82 15.85
CA LYS K 524 -21.19 -32.60 14.74
C LYS K 524 -21.42 -33.87 13.94
N THR K 525 -20.33 -34.58 13.62
CA THR K 525 -20.47 -35.87 12.96
C THR K 525 -21.25 -36.85 13.84
N LEU K 526 -20.94 -36.84 15.14
CA LEU K 526 -21.69 -37.69 16.06
C LEU K 526 -23.16 -37.32 16.08
N LEU K 527 -23.47 -36.02 16.02
CA LEU K 527 -24.87 -35.60 15.98
C LEU K 527 -25.56 -36.10 14.72
N ALA K 528 -24.89 -35.99 13.57
CA ALA K 528 -25.49 -36.47 12.33
C ALA K 528 -25.75 -37.97 12.41
N LYS K 529 -24.78 -38.74 12.90
CA LYS K 529 -24.97 -40.17 13.04
C LYS K 529 -26.09 -40.49 14.02
N ALA K 530 -26.18 -39.73 15.11
CA ALA K 530 -27.22 -39.99 16.10
C ALA K 530 -28.60 -39.74 15.52
N ILE K 531 -28.78 -38.64 14.78
CA ILE K 531 -30.09 -38.37 14.20
C ILE K 531 -30.42 -39.42 13.15
N ALA K 532 -29.43 -39.87 12.38
CA ALA K 532 -29.68 -40.95 11.45
C ALA K 532 -30.11 -42.22 12.18
N ASN K 533 -29.49 -42.49 13.33
CA ASN K 533 -29.84 -43.70 14.08
C ASN K 533 -31.25 -43.61 14.65
N GLU K 534 -31.66 -42.42 15.13
CA GLU K 534 -32.99 -42.30 15.71
C GLU K 534 -34.07 -42.63 14.68
N CYS K 535 -33.91 -42.15 13.46
CA CYS K 535 -34.86 -42.43 12.39
C CYS K 535 -34.54 -43.73 11.68
N GLN K 536 -33.44 -44.40 12.02
CA GLN K 536 -33.00 -45.62 11.34
C GLN K 536 -32.81 -45.36 9.85
N ALA K 537 -32.41 -44.15 9.52
CA ALA K 537 -32.11 -43.76 8.14
C ALA K 537 -30.66 -44.07 7.83
N ASN K 538 -30.40 -44.38 6.57
CA ASN K 538 -29.02 -44.64 6.14
C ASN K 538 -28.19 -43.38 6.26
N PHE K 539 -26.89 -43.56 6.45
CA PHE K 539 -25.96 -42.46 6.63
C PHE K 539 -24.87 -42.54 5.57
N ILE K 540 -24.74 -41.47 4.79
CA ILE K 540 -23.67 -41.34 3.80
C ILE K 540 -22.81 -40.16 4.21
N SER K 541 -21.51 -40.39 4.36
CA SER K 541 -20.58 -39.39 4.86
C SER K 541 -19.56 -39.06 3.77
N ILE K 542 -19.51 -37.80 3.37
CA ILE K 542 -18.53 -37.30 2.41
C ILE K 542 -17.57 -36.40 3.18
N LYS K 543 -16.27 -36.63 2.99
CA LYS K 543 -15.26 -35.95 3.77
C LYS K 543 -14.74 -34.71 3.05
N GLY K 544 -14.06 -33.86 3.81
CA GLY K 544 -13.45 -32.67 3.28
C GLY K 544 -12.40 -32.97 2.22
N PRO K 545 -11.50 -33.91 2.49
CA PRO K 545 -10.53 -34.28 1.45
C PRO K 545 -11.18 -34.75 0.18
N GLU K 546 -12.31 -35.45 0.26
CA GLU K 546 -13.00 -35.88 -0.95
C GLU K 546 -13.49 -34.68 -1.74
N LEU K 547 -14.07 -33.69 -1.05
CA LEU K 547 -14.50 -32.47 -1.72
C LEU K 547 -13.33 -31.75 -2.35
N LEU K 548 -12.21 -31.65 -1.64
CA LEU K 548 -11.06 -30.93 -2.17
C LEU K 548 -10.44 -31.65 -3.36
N THR K 549 -10.49 -32.99 -3.39
CA THR K 549 -9.97 -33.69 -4.56
C THR K 549 -10.91 -33.59 -5.75
N MET K 550 -12.22 -33.57 -5.53
CA MET K 550 -13.12 -33.25 -6.64
C MET K 550 -12.87 -31.85 -7.16
N TRP K 551 -12.59 -30.91 -6.26
CA TRP K 551 -12.31 -29.54 -6.68
C TRP K 551 -11.02 -29.47 -7.50
N PHE K 552 -9.93 -30.02 -6.96
CA PHE K 552 -8.65 -29.96 -7.65
C PHE K 552 -8.65 -30.77 -8.93
N GLY K 553 -9.31 -31.93 -8.91
CA GLY K 553 -9.39 -32.78 -10.08
C GLY K 553 -10.05 -32.08 -11.26
N SER K 555 -12.94 -32.75 -11.90
CA SER K 555 -13.65 -34.02 -11.74
C SER K 555 -14.79 -33.86 -10.74
N GLU K 556 -15.63 -32.85 -10.97
CA GLU K 556 -16.70 -32.51 -10.05
C GLU K 556 -18.01 -33.25 -10.37
N ALA K 557 -18.04 -34.05 -11.44
CA ALA K 557 -19.29 -34.71 -11.82
C ALA K 557 -19.63 -35.86 -10.87
N ASN K 558 -18.72 -36.24 -9.99
CA ASN K 558 -19.00 -37.36 -9.07
C ASN K 558 -20.05 -36.98 -8.03
N VAL K 559 -20.36 -35.69 -7.92
CA VAL K 559 -21.38 -35.22 -7.00
C VAL K 559 -22.70 -35.88 -7.36
N ARG K 560 -22.99 -35.96 -8.67
CA ARG K 560 -24.24 -36.56 -9.11
C ARG K 560 -24.28 -38.04 -8.76
N GLU K 561 -23.15 -38.73 -8.87
CA GLU K 561 -23.09 -40.13 -8.45
C GLU K 561 -23.38 -40.26 -6.96
N ILE K 562 -22.81 -39.36 -6.15
CA ILE K 562 -23.04 -39.43 -4.71
C ILE K 562 -24.51 -39.21 -4.39
N PHE K 563 -25.11 -38.20 -5.02
CA PHE K 563 -26.52 -37.91 -4.76
C PHE K 563 -27.40 -39.04 -5.26
N ASP K 564 -26.99 -39.72 -6.34
CA ASP K 564 -27.73 -40.88 -6.80
C ASP K 564 -27.68 -42.01 -5.77
N LYS K 565 -26.48 -42.26 -5.23
CA LYS K 565 -26.35 -43.24 -4.16
C LYS K 565 -27.30 -42.90 -3.02
N ALA K 566 -27.37 -41.62 -2.64
CA ALA K 566 -28.29 -41.22 -1.59
C ALA K 566 -29.74 -41.48 -2.01
N ARG K 567 -30.07 -41.16 -3.25
CA ARG K 567 -31.44 -41.35 -3.75
C ARG K 567 -31.86 -42.80 -3.69
N GLN K 568 -30.93 -43.73 -3.94
CA GLN K 568 -31.29 -45.15 -3.90
C GLN K 568 -31.88 -45.52 -2.55
N ALA K 569 -31.29 -45.03 -1.46
CA ALA K 569 -31.82 -45.23 -0.12
C ALA K 569 -32.69 -44.04 0.24
N ALA K 570 -34.01 -44.22 0.26
CA ALA K 570 -34.90 -43.09 0.51
C ALA K 570 -34.66 -42.45 1.86
N PRO K 571 -34.63 -43.19 2.97
CA PRO K 571 -34.35 -42.54 4.26
C PRO K 571 -32.85 -42.39 4.48
N CYS K 572 -32.30 -41.30 3.93
CA CYS K 572 -30.85 -41.08 3.95
C CYS K 572 -30.54 -39.72 4.52
N VAL K 573 -29.58 -39.68 5.43
CA VAL K 573 -29.03 -38.43 5.95
C VAL K 573 -27.69 -38.24 5.24
N LEU K 574 -27.73 -37.55 4.12
CA LEU K 574 -26.49 -37.19 3.43
C LEU K 574 -25.74 -36.15 4.26
N PHE K 575 -24.46 -36.41 4.52
CA PHE K 575 -23.67 -35.60 5.44
C PHE K 575 -22.40 -35.14 4.74
N PHE K 576 -22.32 -33.85 4.44
CA PHE K 576 -21.11 -33.23 3.91
C PHE K 576 -20.32 -32.63 5.05
N ASP K 577 -19.11 -33.14 5.28
CA ASP K 577 -18.28 -32.70 6.39
C ASP K 577 -17.28 -31.66 5.92
N GLU K 578 -17.12 -30.61 6.71
CA GLU K 578 -16.28 -29.46 6.40
C GLU K 578 -16.38 -29.10 4.92
N LEU K 579 -17.61 -28.81 4.49
CA LEU K 579 -17.82 -28.32 3.13
C LEU K 579 -17.23 -26.94 2.92
N ASP K 580 -16.82 -26.25 3.98
CA ASP K 580 -16.06 -25.01 3.86
C ASP K 580 -14.60 -25.27 3.46
N SER K 581 -14.22 -26.54 3.27
CA SER K 581 -12.84 -26.85 2.94
C SER K 581 -12.43 -26.23 1.63
N ILE K 582 -13.33 -26.20 0.65
CA ILE K 582 -13.01 -25.63 -0.65
C ILE K 582 -12.68 -24.14 -0.50
N ALA K 583 -13.51 -23.42 0.25
CA ALA K 583 -13.27 -22.00 0.45
C ALA K 583 -12.01 -21.76 1.28
N LYS K 584 -11.74 -22.64 2.23
CA LYS K 584 -10.51 -22.54 3.01
C LYS K 584 -9.28 -22.70 2.12
N ALA K 585 -9.31 -23.68 1.21
CA ALA K 585 -8.20 -23.91 0.31
C ALA K 585 -8.12 -22.88 -0.80
N ARG K 586 -9.20 -22.17 -1.09
CA ARG K 586 -9.20 -21.11 -2.09
C ARG K 586 -8.75 -19.76 -1.54
N GLY K 587 -8.60 -19.64 -0.23
CA GLY K 587 -8.17 -18.39 0.37
C GLY K 587 -7.53 -18.59 1.73
N GLY K 594 -10.89 -13.57 -6.40
CA GLY K 594 -12.19 -14.09 -6.79
C GLY K 594 -13.18 -14.10 -5.65
N GLY K 595 -14.46 -14.30 -5.98
CA GLY K 595 -15.52 -14.34 -4.99
C GLY K 595 -15.80 -15.74 -4.50
N ALA K 596 -16.80 -15.84 -3.62
CA ALA K 596 -17.19 -17.12 -3.02
C ALA K 596 -17.98 -17.92 -4.05
N ALA K 597 -17.31 -18.85 -4.72
CA ALA K 597 -17.95 -19.72 -5.69
C ALA K 597 -16.96 -20.79 -6.11
N ASP K 598 -17.45 -22.00 -6.31
CA ASP K 598 -16.61 -23.12 -6.71
C ASP K 598 -17.45 -24.06 -7.56
N ARG K 599 -16.81 -24.65 -8.58
CA ARG K 599 -17.55 -25.51 -9.49
C ARG K 599 -18.19 -26.68 -8.76
N VAL K 600 -17.45 -27.29 -7.82
CA VAL K 600 -18.02 -28.39 -7.06
C VAL K 600 -19.20 -27.91 -6.23
N ILE K 601 -19.06 -26.75 -5.58
CA ILE K 601 -20.14 -26.25 -4.74
C ILE K 601 -21.37 -25.93 -5.59
N ASN K 602 -21.16 -25.32 -6.76
CA ASN K 602 -22.31 -25.01 -7.60
C ASN K 602 -22.98 -26.28 -8.11
N GLN K 603 -22.21 -27.31 -8.43
CA GLN K 603 -22.82 -28.56 -8.86
C GLN K 603 -23.57 -29.22 -7.71
N ILE K 604 -23.05 -29.11 -6.50
CA ILE K 604 -23.80 -29.58 -5.33
C ILE K 604 -25.12 -28.83 -5.22
N LEU K 605 -25.09 -27.51 -5.42
CA LEU K 605 -26.33 -26.73 -5.37
C LEU K 605 -27.31 -27.15 -6.45
N THR K 606 -26.81 -27.41 -7.66
CA THR K 606 -27.67 -27.87 -8.74
C THR K 606 -28.32 -29.20 -8.38
N GLU K 607 -27.53 -30.16 -7.91
CA GLU K 607 -28.09 -31.45 -7.53
C GLU K 607 -29.04 -31.34 -6.35
N MET K 608 -28.81 -30.36 -5.47
CA MET K 608 -29.68 -30.19 -4.32
C MET K 608 -31.02 -29.59 -4.71
N ASP K 609 -30.99 -28.59 -5.59
CA ASP K 609 -32.24 -28.04 -6.12
C ASP K 609 -33.01 -29.10 -6.91
N GLY K 610 -32.29 -29.90 -7.69
CA GLY K 610 -32.94 -30.92 -8.49
C GLY K 610 -33.62 -32.00 -7.68
N MET K 611 -33.21 -32.19 -6.43
CA MET K 611 -33.82 -33.22 -5.59
C MET K 611 -35.31 -32.97 -5.49
N SER K 612 -36.09 -34.03 -5.73
CA SER K 612 -37.54 -33.89 -5.78
C SER K 612 -38.11 -33.34 -4.48
N THR K 613 -37.49 -33.69 -3.35
CA THR K 613 -37.94 -33.41 -2.00
C THR K 613 -39.10 -34.34 -1.60
N LYS K 614 -39.64 -35.12 -2.53
CA LYS K 614 -40.60 -36.16 -2.14
C LYS K 614 -39.88 -37.31 -1.44
N LYS K 615 -38.67 -37.63 -1.90
CA LYS K 615 -37.85 -38.61 -1.21
C LYS K 615 -37.58 -38.17 0.22
N ASN K 616 -37.03 -39.09 1.00
CA ASN K 616 -36.62 -38.80 2.36
C ASN K 616 -35.14 -38.46 2.47
N VAL K 617 -34.56 -37.87 1.43
CA VAL K 617 -33.15 -37.50 1.46
C VAL K 617 -33.02 -36.17 2.19
N PHE K 618 -32.25 -36.16 3.26
CA PHE K 618 -32.05 -34.99 4.10
C PHE K 618 -30.57 -34.70 4.19
N ILE K 619 -30.18 -33.48 3.81
CA ILE K 619 -28.77 -33.12 3.72
C ILE K 619 -28.37 -32.37 4.98
N ILE K 620 -27.24 -32.74 5.56
CA ILE K 620 -26.65 -32.05 6.69
C ILE K 620 -25.21 -31.69 6.34
N GLY K 621 -24.85 -30.44 6.57
CA GLY K 621 -23.49 -29.99 6.30
C GLY K 621 -22.85 -29.39 7.53
N ALA K 622 -21.71 -29.92 7.94
CA ALA K 622 -21.00 -29.47 9.13
C ALA K 622 -19.85 -28.56 8.71
N THR K 623 -19.68 -27.45 9.42
CA THR K 623 -18.64 -26.48 9.11
C THR K 623 -18.04 -25.95 10.40
N ASN K 624 -16.76 -25.61 10.34
CA ASN K 624 -16.11 -24.89 11.44
C ASN K 624 -15.97 -23.40 11.15
N ARG K 625 -16.13 -22.99 9.91
CA ARG K 625 -15.94 -21.60 9.49
C ARG K 625 -17.14 -21.14 8.67
N PRO K 626 -18.29 -20.96 9.32
CA PRO K 626 -19.48 -20.53 8.56
C PRO K 626 -19.33 -19.16 7.93
N ASP K 627 -18.36 -18.36 8.38
CA ASP K 627 -18.21 -17.01 7.87
C ASP K 627 -17.70 -16.98 6.44
N ILE K 628 -17.04 -18.04 5.97
CA ILE K 628 -16.52 -18.08 4.61
C ILE K 628 -17.35 -18.96 3.70
N ILE K 629 -18.43 -19.55 4.20
CA ILE K 629 -19.31 -20.35 3.35
C ILE K 629 -19.86 -19.46 2.23
N ASP K 630 -20.00 -20.04 1.06
CA ASP K 630 -20.64 -19.33 -0.04
C ASP K 630 -22.08 -19.03 0.33
N PRO K 631 -22.54 -17.78 0.24
CA PRO K 631 -23.93 -17.48 0.62
C PRO K 631 -24.96 -18.21 -0.21
N ALA K 632 -24.59 -18.68 -1.41
CA ALA K 632 -25.55 -19.41 -2.23
C ALA K 632 -26.09 -20.62 -1.50
N ILE K 633 -25.27 -21.27 -0.67
CA ILE K 633 -25.73 -22.42 0.09
C ILE K 633 -26.82 -22.02 1.07
N LEU K 634 -26.69 -20.85 1.69
CA LEU K 634 -27.64 -20.39 2.71
C LEU K 634 -28.83 -19.72 2.03
N ARG K 635 -29.68 -20.56 1.44
CA ARG K 635 -30.86 -20.11 0.72
C ARG K 635 -32.00 -21.07 1.03
N PRO K 636 -33.25 -20.61 0.98
CA PRO K 636 -34.36 -21.56 1.08
C PRO K 636 -34.31 -22.57 -0.06
N GLY K 637 -34.71 -23.80 0.25
CA GLY K 637 -34.53 -24.91 -0.66
C GLY K 637 -33.15 -25.52 -0.62
N ARG K 638 -32.27 -25.05 0.27
CA ARG K 638 -30.92 -25.55 0.41
C ARG K 638 -30.64 -25.59 1.91
N LEU K 639 -29.37 -25.72 2.28
CA LEU K 639 -29.03 -25.61 3.69
C LEU K 639 -29.51 -24.26 4.20
N ASP K 640 -30.57 -24.27 5.02
CA ASP K 640 -31.19 -23.05 5.49
C ASP K 640 -31.25 -22.96 7.00
N GLN K 641 -31.48 -24.08 7.68
CA GLN K 641 -31.49 -24.10 9.14
C GLN K 641 -30.06 -24.13 9.64
N LEU K 642 -29.59 -23.02 10.20
CA LEU K 642 -28.28 -22.94 10.82
C LEU K 642 -28.41 -23.33 12.29
N ILE K 643 -27.73 -24.40 12.69
CA ILE K 643 -27.75 -24.88 14.06
C ILE K 643 -26.37 -24.68 14.66
N TYR K 644 -26.33 -24.11 15.85
CA TYR K 644 -25.07 -23.86 16.55
C TYR K 644 -24.81 -24.98 17.55
N ILE K 645 -23.63 -25.58 17.46
CA ILE K 645 -23.23 -26.64 18.38
C ILE K 645 -22.10 -26.10 19.26
N PRO K 646 -22.36 -25.67 20.48
CA PRO K 646 -21.31 -25.11 21.33
C PRO K 646 -20.49 -26.21 21.99
N LEU K 647 -19.54 -25.78 22.80
CA LEU K 647 -18.71 -26.72 23.54
C LEU K 647 -19.56 -27.50 24.54
N PRO K 648 -19.17 -28.73 24.86
CA PRO K 648 -19.96 -29.53 25.79
C PRO K 648 -20.12 -28.87 27.14
N ASP K 649 -21.29 -29.06 27.75
CA ASP K 649 -21.53 -28.67 29.13
C ASP K 649 -21.15 -29.81 30.06
N GLU K 650 -21.21 -29.53 31.37
CA GLU K 650 -20.72 -30.50 32.35
C GLU K 650 -21.42 -31.84 32.20
N LYS K 651 -22.75 -31.83 32.09
CA LYS K 651 -23.47 -33.08 31.89
C LYS K 651 -23.07 -33.73 30.57
N SER K 652 -22.97 -32.92 29.51
CA SER K 652 -22.51 -33.43 28.23
C SER K 652 -21.09 -33.96 28.34
N ARG K 653 -20.23 -33.28 29.12
CA ARG K 653 -18.86 -33.74 29.27
C ARG K 653 -18.81 -35.11 29.95
N VAL K 654 -19.58 -35.30 31.02
CA VAL K 654 -19.56 -36.58 31.70
C VAL K 654 -20.13 -37.66 30.80
N ALA K 655 -21.15 -37.33 30.00
CA ALA K 655 -21.66 -38.31 29.05
C ALA K 655 -20.61 -38.69 28.01
N ILE K 656 -19.87 -37.70 27.50
CA ILE K 656 -18.84 -37.97 26.50
C ILE K 656 -17.71 -38.78 27.10
N LEU K 657 -17.44 -38.60 28.40
CA LEU K 657 -16.44 -39.45 29.05
C LEU K 657 -16.95 -40.87 29.21
N LYS K 658 -18.17 -41.02 29.74
CA LYS K 658 -18.74 -42.35 29.94
C LYS K 658 -18.71 -43.14 28.65
N ALA K 659 -19.25 -42.55 27.57
CA ALA K 659 -18.94 -43.07 26.25
C ALA K 659 -17.47 -42.82 25.98
N ASN K 660 -16.86 -43.71 25.18
CA ASN K 660 -15.47 -43.55 24.79
C ASN K 660 -14.55 -43.88 25.97
N LEU K 661 -15.09 -44.01 27.18
CA LEU K 661 -14.32 -44.56 28.29
C LEU K 661 -14.85 -45.87 28.82
N ARG K 662 -16.16 -46.10 28.74
CA ARG K 662 -16.73 -47.31 29.32
C ARG K 662 -16.17 -48.57 28.69
N LYS K 663 -15.71 -48.48 27.44
CA LYS K 663 -15.15 -49.66 26.79
C LYS K 663 -13.93 -50.17 27.54
N SER K 664 -13.06 -49.27 27.96
CA SER K 664 -11.86 -49.67 28.69
C SER K 664 -12.23 -50.08 30.12
N PRO K 665 -11.37 -50.87 30.78
CA PRO K 665 -11.60 -51.20 32.19
C PRO K 665 -11.14 -50.08 33.10
N VAL K 666 -12.10 -49.38 33.71
CA VAL K 666 -11.83 -48.32 34.67
C VAL K 666 -12.39 -48.75 36.01
N ALA K 667 -11.61 -48.55 37.06
CA ALA K 667 -11.95 -49.02 38.40
C ALA K 667 -11.40 -48.02 39.40
N LYS K 668 -11.29 -48.45 40.66
CA LYS K 668 -10.84 -47.57 41.74
C LYS K 668 -11.87 -46.47 41.93
N ASP K 669 -11.46 -45.30 42.41
CA ASP K 669 -12.37 -44.18 42.65
C ASP K 669 -12.28 -43.14 41.56
N VAL K 670 -12.14 -43.55 40.30
CA VAL K 670 -12.17 -42.62 39.19
C VAL K 670 -13.56 -41.97 39.18
N ASP K 671 -13.62 -40.68 39.46
CA ASP K 671 -14.88 -39.95 39.54
C ASP K 671 -15.00 -39.13 38.27
N LEU K 672 -15.67 -39.70 37.27
CA LEU K 672 -15.84 -39.00 36.01
C LEU K 672 -16.58 -37.69 36.19
N GLU K 673 -17.43 -37.59 37.21
CA GLU K 673 -18.12 -36.34 37.48
C GLU K 673 -17.12 -35.25 37.87
N PHE K 674 -16.11 -35.60 38.64
CA PHE K 674 -15.10 -34.62 39.02
C PHE K 674 -14.35 -34.11 37.79
N LEU K 675 -13.98 -35.02 36.89
CA LEU K 675 -13.31 -34.60 35.66
C LEU K 675 -14.22 -33.70 34.83
N ALA K 676 -15.50 -34.05 34.74
CA ALA K 676 -16.44 -33.21 34.01
C ALA K 676 -16.49 -31.82 34.63
N LYS K 677 -16.51 -31.74 35.95
CA LYS K 677 -16.52 -30.43 36.61
C LYS K 677 -15.26 -29.64 36.29
N MET K 678 -14.10 -30.30 36.35
CA MET K 678 -12.84 -29.58 36.20
C MET K 678 -12.63 -29.11 34.76
N THR K 679 -12.86 -29.98 33.80
CA THR K 679 -12.71 -29.62 32.39
C THR K 679 -13.89 -28.76 31.97
N ASN K 680 -13.65 -27.47 31.74
CA ASN K 680 -14.71 -26.52 31.45
C ASN K 680 -14.67 -26.01 30.02
N GLY K 681 -13.53 -25.55 29.54
CA GLY K 681 -13.39 -25.11 28.17
C GLY K 681 -13.03 -26.22 27.21
N PHE K 682 -13.03 -27.46 27.67
CA PHE K 682 -12.64 -28.59 26.84
C PHE K 682 -13.74 -28.97 25.86
N SER K 683 -13.34 -29.58 24.76
CA SER K 683 -14.24 -30.11 23.75
C SER K 683 -14.23 -31.63 23.82
N GLY K 684 -15.00 -32.26 22.94
CA GLY K 684 -15.01 -33.71 22.89
C GLY K 684 -13.65 -34.27 22.55
N ALA K 685 -12.94 -33.63 21.63
CA ALA K 685 -11.62 -34.12 21.24
C ALA K 685 -10.65 -34.07 22.41
N ASP K 686 -10.72 -33.01 23.22
CA ASP K 686 -9.82 -32.89 24.36
C ASP K 686 -10.08 -33.99 25.38
N LEU K 687 -11.34 -34.28 25.68
CA LEU K 687 -11.66 -35.37 26.61
C LEU K 687 -11.24 -36.71 26.04
N THR K 688 -11.42 -36.90 24.74
CA THR K 688 -10.97 -38.13 24.10
C THR K 688 -9.46 -38.28 24.24
N GLU K 689 -8.73 -37.18 24.06
CA GLU K 689 -7.28 -37.22 24.21
C GLU K 689 -6.89 -37.55 25.64
N ILE K 690 -7.62 -37.00 26.62
CA ILE K 690 -7.34 -37.32 28.03
C ILE K 690 -7.51 -38.81 28.27
N CYS K 691 -8.64 -39.36 27.82
CA CYS K 691 -8.91 -40.78 28.04
C CYS K 691 -7.88 -41.65 27.35
N GLN K 692 -7.50 -41.29 26.11
CA GLN K 692 -6.50 -42.07 25.40
C GLN K 692 -5.15 -42.00 26.10
N ARG K 693 -4.79 -40.84 26.63
CA ARG K 693 -3.54 -40.72 27.36
C ARG K 693 -3.55 -41.60 28.60
N ALA K 694 -4.67 -41.62 29.32
CA ALA K 694 -4.77 -42.48 30.50
C ALA K 694 -4.63 -43.95 30.12
N CYS K 695 -5.31 -44.37 29.05
CA CYS K 695 -5.19 -45.75 28.60
C CYS K 695 -3.76 -46.07 28.21
N LYS K 696 -3.08 -45.14 27.52
CA LYS K 696 -1.70 -45.37 27.12
C LYS K 696 -0.79 -45.48 28.32
N LEU K 697 -1.00 -44.66 29.35
CA LEU K 697 -0.20 -44.77 30.57
C LEU K 697 -0.42 -46.12 31.24
N ALA K 698 -1.68 -46.57 31.30
CA ALA K 698 -1.94 -47.89 31.88
C ALA K 698 -1.26 -48.99 31.09
N ILE K 699 -1.30 -48.90 29.75
CA ILE K 699 -0.65 -49.90 28.92
C ILE K 699 0.85 -49.91 29.17
N ARG K 700 1.44 -48.72 29.26
CA ARG K 700 2.89 -48.64 29.52
C ARG K 700 3.23 -49.28 30.86
N GLU K 701 2.45 -48.98 31.89
CA GLU K 701 2.72 -49.57 33.20
C GLU K 701 2.60 -51.09 33.14
N SER K 702 1.55 -51.60 32.51
CA SER K 702 1.36 -53.05 32.45
C SER K 702 2.49 -53.71 31.67
N ILE K 703 2.90 -53.13 30.55
CA ILE K 703 3.95 -53.73 29.75
C ILE K 703 5.27 -53.72 30.53
N GLU K 704 5.55 -52.63 31.24
CA GLU K 704 6.75 -52.59 32.06
C GLU K 704 6.70 -53.66 33.15
N SER K 705 5.51 -53.87 33.73
CA SER K 705 5.37 -54.92 34.73
C SER K 705 5.66 -56.29 34.14
N GLU K 706 5.13 -56.57 32.95
CA GLU K 706 5.42 -57.85 32.31
C GLU K 706 6.91 -57.99 32.01
N ILE K 707 7.49 -56.97 31.38
CA ILE K 707 8.91 -56.98 31.06
C ILE K 707 9.72 -56.65 32.31
N PRO K 727 -1.07 -58.26 35.62
CA PRO K 727 -1.91 -57.61 36.62
C PRO K 727 -2.38 -56.23 36.18
N VAL K 728 -2.81 -55.41 37.14
CA VAL K 728 -3.31 -54.06 36.89
C VAL K 728 -4.24 -54.06 35.68
N PRO K 729 -5.29 -54.87 35.66
CA PRO K 729 -6.19 -54.90 34.51
C PRO K 729 -7.21 -53.76 34.50
N GLU K 730 -6.99 -52.73 35.32
CA GLU K 730 -7.89 -51.59 35.38
C GLU K 730 -7.07 -50.31 35.31
N ILE K 731 -7.71 -49.25 34.84
CA ILE K 731 -7.10 -47.92 34.78
C ILE K 731 -7.32 -47.26 36.14
N ARG K 732 -6.26 -47.18 36.94
CA ARG K 732 -6.37 -46.61 38.28
C ARG K 732 -6.52 -45.09 38.21
N ARG K 733 -7.01 -44.51 39.31
CA ARG K 733 -7.19 -43.07 39.36
C ARG K 733 -5.88 -42.33 39.22
N ASP K 734 -4.76 -42.96 39.61
CA ASP K 734 -3.46 -42.34 39.43
C ASP K 734 -3.18 -42.09 37.96
N HIS K 735 -3.52 -43.06 37.09
CA HIS K 735 -3.31 -42.87 35.66
C HIS K 735 -4.03 -41.62 35.16
N PHE K 736 -5.29 -41.46 35.54
CA PHE K 736 -6.03 -40.27 35.14
C PHE K 736 -5.37 -39.02 35.69
N GLU K 737 -5.34 -38.89 37.02
CA GLU K 737 -4.82 -37.67 37.62
C GLU K 737 -3.40 -37.35 37.16
N GLU K 738 -2.69 -38.32 36.57
CA GLU K 738 -1.41 -38.02 35.96
C GLU K 738 -1.57 -37.54 34.52
N ALA K 739 -2.45 -38.17 33.74
CA ALA K 739 -2.67 -37.75 32.37
C ALA K 739 -3.32 -36.37 32.30
N MET K 740 -4.01 -35.94 33.35
CA MET K 740 -4.73 -34.69 33.30
C MET K 740 -3.79 -33.51 33.12
N ARG K 741 -2.63 -33.53 33.79
CA ARG K 741 -1.75 -32.38 33.75
C ARG K 741 -1.19 -32.12 32.36
N PHE K 742 -1.26 -33.09 31.45
CA PHE K 742 -0.94 -32.86 30.06
C PHE K 742 -2.13 -32.40 29.24
N ALA K 743 -3.30 -32.28 29.87
CA ALA K 743 -4.50 -31.89 29.14
C ALA K 743 -4.40 -30.44 28.68
N ARG K 744 -4.78 -30.20 27.43
CA ARG K 744 -4.78 -28.87 26.83
C ARG K 744 -6.10 -28.63 26.13
N ARG K 745 -6.57 -27.39 26.16
CA ARG K 745 -7.78 -27.01 25.43
C ARG K 745 -7.44 -26.71 23.98
N SER K 746 -8.29 -27.18 23.08
CA SER K 746 -8.05 -27.05 21.65
C SER K 746 -8.57 -25.75 21.07
N VAL K 747 -9.63 -25.19 21.63
CA VAL K 747 -10.28 -24.00 21.10
C VAL K 747 -10.03 -22.86 22.09
N SER K 748 -9.36 -21.81 21.61
CA SER K 748 -9.12 -20.64 22.44
C SER K 748 -10.41 -19.84 22.61
N ASP K 749 -10.50 -19.17 23.75
CA ASP K 749 -11.73 -18.45 24.07
C ASP K 749 -12.02 -17.33 23.07
N ASN K 750 -11.02 -16.88 22.32
CA ASN K 750 -11.27 -15.92 21.25
C ASN K 750 -12.13 -16.53 20.16
N ASP K 751 -11.80 -17.76 19.75
CA ASP K 751 -12.62 -18.45 18.75
C ASP K 751 -14.02 -18.70 19.29
N ILE K 752 -14.13 -19.06 20.58
CA ILE K 752 -15.45 -19.26 21.17
C ILE K 752 -16.24 -17.97 21.13
N ARG K 753 -15.60 -16.84 21.43
CA ARG K 753 -16.28 -15.57 21.36
C ARG K 753 -16.74 -15.26 19.93
N LYS K 754 -15.90 -15.57 18.95
CA LYS K 754 -16.28 -15.34 17.56
C LYS K 754 -17.50 -16.18 17.18
N TYR K 755 -17.51 -17.46 17.57
CA TYR K 755 -18.67 -18.30 17.27
C TYR K 755 -19.91 -17.78 17.97
N GLU K 756 -19.77 -17.31 19.21
CA GLU K 756 -20.91 -16.76 19.93
C GLU K 756 -21.44 -15.51 19.24
N MET K 757 -20.54 -14.67 18.74
CA MET K 757 -20.97 -13.46 18.03
C MET K 757 -21.71 -13.83 16.75
N PHE K 758 -21.21 -14.84 16.03
CA PHE K 758 -21.95 -15.33 14.86
C PHE K 758 -23.33 -15.81 15.23
N ALA K 759 -23.42 -16.64 16.27
CA ALA K 759 -24.71 -17.19 16.68
C ALA K 759 -25.67 -16.08 17.07
N GLN K 760 -25.19 -15.07 17.78
CA GLN K 760 -26.03 -13.93 18.12
C GLN K 760 -26.46 -13.17 16.88
N THR K 761 -25.56 -13.02 15.90
CA THR K 761 -25.93 -12.37 14.65
C THR K 761 -27.04 -13.14 13.95
N LEU K 762 -27.10 -14.45 14.13
CA LEU K 762 -28.16 -15.25 13.53
C LEU K 762 -29.40 -15.35 14.40
N GLN K 763 -29.44 -14.65 15.53
CA GLN K 763 -30.61 -14.68 16.40
C GLN K 763 -31.87 -14.32 15.62
N GLY K 767 -36.02 -7.04 19.27
CA GLY K 767 -37.01 -7.39 18.26
C GLY K 767 -38.43 -7.28 18.76
N PHE K 768 -39.31 -8.15 18.24
CA PHE K 768 -40.71 -8.13 18.63
C PHE K 768 -40.86 -8.49 20.11
N GLY K 769 -40.26 -9.59 20.53
CA GLY K 769 -40.23 -9.95 21.93
C GLY K 769 -41.58 -10.44 22.44
N SER K 770 -42.55 -9.54 22.51
CA SER K 770 -43.88 -9.85 22.99
C SER K 770 -44.87 -9.33 21.94
N PHE K 771 -45.15 -10.15 20.94
CA PHE K 771 -46.14 -9.87 19.93
C PHE K 771 -47.44 -10.56 20.32
N ARG K 772 -48.54 -9.82 20.25
CA ARG K 772 -49.84 -10.38 20.60
C ARG K 772 -50.89 -9.80 19.67
N PHE K 773 -51.91 -10.60 19.39
CA PHE K 773 -53.00 -10.15 18.55
C PHE K 773 -53.85 -9.13 19.30
N PRO K 774 -54.58 -8.28 18.58
CA PRO K 774 -55.37 -7.24 19.26
C PRO K 774 -56.38 -7.81 20.24
N SER K 775 -56.93 -8.98 19.97
CA SER K 775 -57.88 -9.62 20.87
C SER K 775 -59.10 -8.73 21.10
N GLU L 466 -34.28 -31.85 -17.75
CA GLU L 466 -34.08 -30.80 -18.74
C GLU L 466 -34.94 -29.58 -18.41
N THR L 467 -34.93 -28.61 -19.32
CA THR L 467 -35.71 -27.40 -19.09
C THR L 467 -37.20 -27.69 -19.12
N VAL L 468 -37.94 -27.05 -18.23
CA VAL L 468 -39.38 -27.16 -18.16
C VAL L 468 -39.96 -25.95 -18.89
N VAL L 469 -40.69 -26.20 -19.98
CA VAL L 469 -41.29 -25.14 -20.76
C VAL L 469 -42.80 -25.24 -20.64
N GLU L 470 -43.38 -24.54 -19.66
CA GLU L 470 -44.80 -24.66 -19.37
C GLU L 470 -45.34 -23.30 -18.92
N VAL L 471 -46.62 -23.10 -19.16
CA VAL L 471 -47.31 -21.86 -18.78
C VAL L 471 -47.47 -21.84 -17.26
N PRO L 472 -46.95 -20.82 -16.56
CA PRO L 472 -47.06 -20.83 -15.10
C PRO L 472 -48.50 -20.68 -14.63
N GLN L 473 -48.77 -21.21 -13.44
CA GLN L 473 -50.09 -21.14 -12.84
C GLN L 473 -50.21 -20.04 -11.80
N VAL L 474 -49.09 -19.56 -11.25
CA VAL L 474 -49.13 -18.41 -10.36
C VAL L 474 -49.71 -17.22 -11.11
N THR L 475 -50.53 -16.44 -10.43
CA THR L 475 -51.21 -15.30 -11.03
C THR L 475 -50.78 -14.01 -10.35
N TRP L 476 -51.33 -12.89 -10.83
CA TRP L 476 -51.01 -11.59 -10.24
C TRP L 476 -51.46 -11.52 -8.79
N GLU L 477 -52.61 -12.13 -8.49
CA GLU L 477 -53.17 -12.03 -7.14
C GLU L 477 -52.24 -12.62 -6.08
N ASP L 478 -51.30 -13.50 -6.47
CA ASP L 478 -50.35 -14.02 -5.50
C ASP L 478 -49.39 -12.95 -5.00
N ILE L 479 -49.35 -11.79 -5.64
CA ILE L 479 -48.64 -10.62 -5.13
C ILE L 479 -49.53 -9.41 -5.38
N GLY L 480 -50.14 -8.90 -4.30
CA GLY L 480 -51.21 -7.93 -4.45
C GLY L 480 -50.78 -6.59 -5.01
N GLY L 481 -49.64 -6.08 -4.55
CA GLY L 481 -49.21 -4.74 -4.87
C GLY L 481 -48.49 -4.66 -6.20
N LEU L 482 -47.70 -3.59 -6.34
CA LEU L 482 -46.89 -3.38 -7.53
C LEU L 482 -47.77 -3.25 -8.78
N GLU L 483 -48.79 -2.38 -8.68
CA GLU L 483 -49.65 -2.13 -9.83
C GLU L 483 -48.94 -1.33 -10.90
N ASP L 484 -48.02 -0.44 -10.51
CA ASP L 484 -47.28 0.35 -11.49
C ASP L 484 -46.44 -0.57 -12.38
N VAL L 485 -45.63 -1.44 -11.75
CA VAL L 485 -44.83 -2.35 -12.55
C VAL L 485 -45.71 -3.39 -13.22
N LYS L 486 -46.85 -3.72 -12.61
CA LYS L 486 -47.82 -4.59 -13.27
C LYS L 486 -48.19 -4.03 -14.64
N ARG L 487 -48.60 -2.76 -14.66
CA ARG L 487 -49.00 -2.14 -15.92
C ARG L 487 -47.80 -1.99 -16.85
N GLU L 488 -46.64 -1.64 -16.31
CA GLU L 488 -45.44 -1.50 -17.14
C GLU L 488 -45.12 -2.79 -17.86
N LEU L 489 -45.19 -3.93 -17.15
CA LEU L 489 -44.97 -5.22 -17.79
C LEU L 489 -46.09 -5.54 -18.76
N GLN L 490 -47.34 -5.22 -18.43
CA GLN L 490 -48.44 -5.48 -19.33
C GLN L 490 -48.23 -4.80 -20.67
N GLU L 491 -47.71 -3.58 -20.65
CA GLU L 491 -47.49 -2.85 -21.89
C GLU L 491 -46.17 -3.21 -22.55
N LEU L 492 -45.39 -4.13 -21.98
CA LEU L 492 -44.13 -4.55 -22.58
C LEU L 492 -44.17 -5.96 -23.16
N VAL L 493 -45.10 -6.80 -22.71
CA VAL L 493 -45.25 -8.15 -23.23
C VAL L 493 -46.64 -8.38 -23.82
N GLN L 494 -47.69 -7.94 -23.14
CA GLN L 494 -49.03 -8.17 -23.64
C GLN L 494 -49.32 -7.35 -24.89
N TYR L 495 -49.02 -6.06 -24.87
CA TYR L 495 -49.37 -5.21 -25.99
C TYR L 495 -48.69 -5.63 -27.29
N PRO L 496 -47.39 -5.92 -27.32
CA PRO L 496 -46.78 -6.40 -28.57
C PRO L 496 -47.41 -7.67 -29.09
N VAL L 497 -47.97 -8.50 -28.23
CA VAL L 497 -48.47 -9.81 -28.63
C VAL L 497 -49.92 -9.75 -29.07
N GLU L 498 -50.78 -9.12 -28.27
CA GLU L 498 -52.19 -9.05 -28.62
C GLU L 498 -52.46 -8.09 -29.77
N HIS L 499 -51.67 -7.02 -29.88
CA HIS L 499 -51.93 -5.95 -30.84
C HIS L 499 -50.68 -5.62 -31.64
N PRO L 500 -50.15 -6.58 -32.40
CA PRO L 500 -49.08 -6.23 -33.35
C PRO L 500 -49.54 -5.26 -34.42
N ASP L 501 -50.81 -5.32 -34.79
CA ASP L 501 -51.34 -4.43 -35.83
C ASP L 501 -51.29 -2.97 -35.40
N LYS L 502 -51.17 -2.70 -34.10
CA LYS L 502 -50.96 -1.35 -33.62
C LYS L 502 -49.49 -0.97 -33.59
N PHE L 503 -48.61 -1.96 -33.40
CA PHE L 503 -47.18 -1.66 -33.36
C PHE L 503 -46.63 -1.37 -34.75
N LEU L 504 -47.06 -2.14 -35.75
CA LEU L 504 -46.61 -1.83 -37.10
C LEU L 504 -47.26 -0.57 -37.65
N LYS L 505 -48.30 -0.06 -36.99
CA LYS L 505 -48.93 1.17 -37.43
C LYS L 505 -48.02 2.37 -37.23
N PHE L 506 -47.43 2.49 -36.05
CA PHE L 506 -46.55 3.61 -35.73
C PHE L 506 -45.09 3.33 -36.00
N GLY L 507 -44.76 2.16 -36.54
CA GLY L 507 -43.37 1.80 -36.73
C GLY L 507 -42.61 1.57 -35.43
N MET L 508 -43.31 1.52 -34.32
CA MET L 508 -42.68 1.22 -33.04
C MET L 508 -42.15 -0.20 -33.03
N THR L 509 -40.88 -0.36 -32.67
CA THR L 509 -40.30 -1.69 -32.50
C THR L 509 -40.34 -2.05 -31.03
N PRO L 510 -41.07 -3.09 -30.62
CA PRO L 510 -41.15 -3.39 -29.20
C PRO L 510 -39.80 -3.79 -28.61
N SER L 511 -39.60 -3.46 -27.35
CA SER L 511 -38.42 -3.90 -26.64
C SER L 511 -38.54 -5.39 -26.30
N LYS L 512 -37.40 -6.09 -26.36
CA LYS L 512 -37.37 -7.52 -26.12
C LYS L 512 -36.54 -7.89 -24.89
N GLY L 513 -36.41 -6.98 -23.94
CA GLY L 513 -35.61 -7.25 -22.77
C GLY L 513 -36.02 -6.37 -21.60
N VAL L 514 -35.91 -6.93 -20.40
CA VAL L 514 -36.21 -6.21 -19.17
C VAL L 514 -35.30 -6.77 -18.08
N LEU L 515 -34.84 -5.89 -17.19
CA LEU L 515 -33.98 -6.29 -16.08
C LEU L 515 -34.69 -5.95 -14.77
N PHE L 516 -35.04 -6.98 -14.01
CA PHE L 516 -35.59 -6.81 -12.67
C PHE L 516 -34.43 -6.69 -11.69
N TYR L 517 -34.43 -5.63 -10.88
CA TYR L 517 -33.43 -5.49 -9.83
C TYR L 517 -34.10 -5.03 -8.55
N GLY L 518 -33.54 -5.45 -7.43
CA GLY L 518 -34.08 -5.12 -6.14
C GLY L 518 -33.57 -6.05 -5.06
N PRO L 519 -34.00 -5.82 -3.82
CA PRO L 519 -33.51 -6.66 -2.72
C PRO L 519 -33.97 -8.10 -2.88
N PRO L 520 -33.23 -9.06 -2.35
CA PRO L 520 -33.60 -10.46 -2.53
C PRO L 520 -34.93 -10.80 -1.88
N GLY L 521 -35.58 -11.81 -2.44
CA GLY L 521 -36.83 -12.31 -1.88
C GLY L 521 -37.99 -11.35 -1.95
N CYS L 522 -38.15 -10.66 -3.09
CA CYS L 522 -39.23 -9.70 -3.27
C CYS L 522 -40.26 -10.15 -4.29
N GLY L 523 -40.07 -11.29 -4.94
CA GLY L 523 -41.01 -11.79 -5.90
C GLY L 523 -40.67 -11.52 -7.35
N LYS L 524 -39.38 -11.37 -7.69
CA LYS L 524 -39.01 -11.16 -9.07
C LYS L 524 -39.36 -12.38 -9.91
N THR L 525 -39.02 -13.57 -9.42
CA THR L 525 -39.41 -14.79 -10.12
C THR L 525 -40.93 -14.90 -10.20
N LEU L 526 -41.61 -14.58 -9.11
CA LEU L 526 -43.07 -14.60 -9.13
C LEU L 526 -43.60 -13.59 -10.14
N LEU L 527 -42.97 -12.42 -10.25
CA LEU L 527 -43.42 -11.45 -11.24
C LEU L 527 -43.25 -11.97 -12.66
N ALA L 528 -42.11 -12.59 -12.95
CA ALA L 528 -41.89 -13.15 -14.28
C ALA L 528 -42.93 -14.22 -14.59
N LYS L 529 -43.18 -15.11 -13.64
CA LYS L 529 -44.18 -16.15 -13.86
C LYS L 529 -45.57 -15.54 -14.03
N ALA L 530 -45.89 -14.50 -13.27
CA ALA L 530 -47.21 -13.88 -13.37
C ALA L 530 -47.40 -13.23 -14.73
N ILE L 531 -46.40 -12.51 -15.23
CA ILE L 531 -46.54 -11.88 -16.54
C ILE L 531 -46.64 -12.95 -17.62
N ALA L 532 -45.89 -14.04 -17.48
CA ALA L 532 -46.04 -15.13 -18.44
C ALA L 532 -47.44 -15.72 -18.39
N ASN L 533 -48.00 -15.85 -17.19
CA ASN L 533 -49.34 -16.42 -17.06
C ASN L 533 -50.40 -15.51 -17.67
N GLU L 534 -50.28 -14.19 -17.47
CA GLU L 534 -51.32 -13.28 -17.97
C GLU L 534 -51.41 -13.35 -19.48
N CYS L 535 -50.28 -13.49 -20.16
CA CYS L 535 -50.24 -13.61 -21.61
C CYS L 535 -50.30 -15.07 -22.07
N GLN L 536 -50.36 -16.02 -21.14
CA GLN L 536 -50.38 -17.44 -21.49
C GLN L 536 -49.18 -17.81 -22.35
N ALA L 537 -48.03 -17.21 -22.04
CA ALA L 537 -46.79 -17.47 -22.73
C ALA L 537 -45.97 -18.51 -21.95
N ASN L 538 -45.26 -19.36 -22.68
CA ASN L 538 -44.43 -20.36 -22.02
C ASN L 538 -43.33 -19.69 -21.21
N PHE L 539 -42.97 -20.34 -20.11
CA PHE L 539 -41.97 -19.82 -19.18
C PHE L 539 -40.78 -20.76 -19.16
N ILE L 540 -39.60 -20.25 -19.46
CA ILE L 540 -38.34 -20.99 -19.36
C ILE L 540 -37.48 -20.28 -18.32
N SER L 541 -37.04 -21.03 -17.31
CA SER L 541 -36.30 -20.47 -16.19
C SER L 541 -34.90 -21.07 -16.16
N ILE L 542 -33.90 -20.21 -16.25
CA ILE L 542 -32.50 -20.61 -16.13
C ILE L 542 -31.96 -20.05 -14.82
N LYS L 543 -31.31 -20.90 -14.04
CA LYS L 543 -30.88 -20.54 -12.70
C LYS L 543 -29.43 -20.08 -12.69
N GLY L 544 -29.04 -19.44 -11.58
CA GLY L 544 -27.68 -19.02 -11.36
C GLY L 544 -26.67 -20.16 -11.30
N PRO L 545 -26.94 -21.24 -10.56
CA PRO L 545 -26.02 -22.38 -10.59
C PRO L 545 -25.80 -22.92 -12.00
N GLU L 546 -26.84 -22.95 -12.83
CA GLU L 546 -26.68 -23.39 -14.21
C GLU L 546 -25.75 -22.45 -14.97
N LEU L 547 -25.92 -21.14 -14.76
CA LEU L 547 -25.05 -20.17 -15.41
C LEU L 547 -23.61 -20.35 -14.97
N LEU L 548 -23.40 -20.57 -13.66
CA LEU L 548 -22.05 -20.70 -13.14
C LEU L 548 -21.40 -22.01 -13.59
N THR L 549 -22.19 -23.06 -13.81
CA THR L 549 -21.60 -24.29 -14.34
C THR L 549 -21.27 -24.15 -15.82
N MET L 550 -22.07 -23.38 -16.57
CA MET L 550 -21.64 -23.05 -17.92
C MET L 550 -20.35 -22.26 -17.90
N TRP L 551 -20.23 -21.31 -16.97
CA TRP L 551 -19.03 -20.49 -16.89
C TRP L 551 -17.81 -21.33 -16.53
N PHE L 552 -17.90 -22.11 -15.45
CA PHE L 552 -16.78 -22.91 -15.00
C PHE L 552 -16.45 -24.03 -15.97
N GLY L 553 -17.45 -24.59 -16.64
CA GLY L 553 -17.23 -25.65 -17.59
C GLY L 553 -16.30 -25.25 -18.71
N SER L 555 -17.99 -24.75 -21.20
CA SER L 555 -19.18 -25.36 -21.81
C SER L 555 -20.28 -24.32 -21.94
N GLU L 556 -19.97 -23.22 -22.63
CA GLU L 556 -20.91 -22.11 -22.75
C GLU L 556 -21.78 -22.19 -23.99
N ALA L 557 -21.61 -23.21 -24.83
CA ALA L 557 -22.41 -23.33 -26.04
C ALA L 557 -23.82 -23.83 -25.78
N ASN L 558 -24.14 -24.18 -24.52
CA ASN L 558 -25.48 -24.63 -24.19
C ASN L 558 -26.48 -23.48 -24.24
N VAL L 559 -25.99 -22.25 -24.14
CA VAL L 559 -26.83 -21.06 -24.20
C VAL L 559 -27.57 -21.04 -25.53
N ARG L 560 -26.88 -21.41 -26.60
CA ARG L 560 -27.50 -21.37 -27.92
C ARG L 560 -28.69 -22.32 -27.99
N GLU L 561 -28.55 -23.53 -27.43
CA GLU L 561 -29.66 -24.47 -27.46
C GLU L 561 -30.77 -24.04 -26.50
N ILE L 562 -30.42 -23.35 -25.42
CA ILE L 562 -31.44 -22.79 -24.54
C ILE L 562 -32.29 -21.79 -25.31
N PHE L 563 -31.62 -20.88 -26.03
CA PHE L 563 -32.35 -19.89 -26.82
C PHE L 563 -33.13 -20.57 -27.94
N ASP L 564 -32.60 -21.67 -28.47
CA ASP L 564 -33.33 -22.42 -29.48
C ASP L 564 -34.63 -22.99 -28.90
N LYS L 565 -34.55 -23.57 -27.70
CA LYS L 565 -35.74 -24.08 -27.04
C LYS L 565 -36.75 -22.96 -26.84
N ALA L 566 -36.28 -21.78 -26.42
CA ALA L 566 -37.18 -20.64 -26.31
C ALA L 566 -37.81 -20.28 -27.65
N ARG L 567 -37.01 -20.30 -28.71
CA ARG L 567 -37.50 -19.95 -30.04
C ARG L 567 -38.56 -20.93 -30.53
N GLN L 568 -38.46 -22.20 -30.13
CA GLN L 568 -39.46 -23.18 -30.56
C GLN L 568 -40.85 -22.76 -30.11
N ALA L 569 -40.98 -22.27 -28.87
CA ALA L 569 -42.24 -21.72 -28.38
C ALA L 569 -42.22 -20.21 -28.62
N ALA L 570 -43.03 -19.75 -29.56
CA ALA L 570 -42.99 -18.33 -29.91
C ALA L 570 -43.35 -17.44 -28.73
N PRO L 571 -44.46 -17.65 -28.02
CA PRO L 571 -44.75 -16.81 -26.85
C PRO L 571 -44.01 -17.30 -25.62
N CYS L 572 -42.75 -16.88 -25.49
CA CYS L 572 -41.87 -17.37 -24.44
C CYS L 572 -41.32 -16.21 -23.64
N VAL L 573 -41.40 -16.32 -22.33
CA VAL L 573 -40.75 -15.39 -21.41
C VAL L 573 -39.51 -16.10 -20.90
N LEU L 574 -38.39 -15.90 -21.60
CA LEU L 574 -37.12 -16.43 -21.12
C LEU L 574 -36.67 -15.65 -19.90
N PHE L 575 -36.35 -16.36 -18.82
CA PHE L 575 -36.06 -15.75 -17.54
C PHE L 575 -34.71 -16.22 -17.04
N PHE L 576 -33.76 -15.30 -16.94
CA PHE L 576 -32.43 -15.58 -16.41
C PHE L 576 -32.38 -15.09 -14.96
N ASP L 577 -32.35 -16.03 -14.02
CA ASP L 577 -32.35 -15.69 -12.61
C ASP L 577 -30.93 -15.46 -12.12
N GLU L 578 -30.75 -14.41 -11.32
CA GLU L 578 -29.45 -14.01 -10.78
C GLU L 578 -28.34 -14.16 -11.82
N LEU L 579 -28.52 -13.45 -12.94
CA LEU L 579 -27.49 -13.45 -13.97
C LEU L 579 -26.24 -12.69 -13.54
N ASP L 580 -26.28 -12.02 -12.38
CA ASP L 580 -25.07 -11.42 -11.83
C ASP L 580 -24.19 -12.44 -11.12
N SER L 581 -24.59 -13.70 -11.09
CA SER L 581 -23.84 -14.72 -10.38
C SER L 581 -22.44 -14.86 -10.95
N ILE L 582 -22.29 -14.70 -12.28
CA ILE L 582 -20.97 -14.82 -12.89
C ILE L 582 -20.04 -13.74 -12.34
N ALA L 583 -20.53 -12.50 -12.24
CA ALA L 583 -19.70 -11.42 -11.76
C ALA L 583 -19.45 -11.54 -10.26
N LYS L 584 -20.41 -12.08 -9.53
CA LYS L 584 -20.20 -12.36 -8.11
C LYS L 584 -19.10 -13.39 -7.92
N ALA L 585 -19.11 -14.44 -8.73
CA ALA L 585 -18.09 -15.48 -8.64
C ALA L 585 -16.73 -15.01 -9.17
N ARG L 586 -16.71 -14.03 -10.06
CA ARG L 586 -15.47 -13.49 -10.59
C ARG L 586 -14.88 -12.40 -9.71
N GLY L 587 -15.57 -12.02 -8.64
CA GLY L 587 -15.07 -10.99 -7.74
C GLY L 587 -15.82 -10.95 -6.42
N GLY L 594 -9.10 -7.17 -14.28
CA GLY L 594 -10.15 -7.83 -15.03
C GLY L 594 -11.45 -7.05 -15.04
N GLY L 595 -12.01 -6.85 -16.23
CA GLY L 595 -13.23 -6.09 -16.39
C GLY L 595 -14.46 -6.97 -16.38
N ALA L 596 -15.61 -6.30 -16.53
CA ALA L 596 -16.91 -6.98 -16.50
C ALA L 596 -17.12 -7.66 -17.85
N ALA L 597 -16.78 -8.94 -17.92
CA ALA L 597 -16.99 -9.72 -19.12
C ALA L 597 -16.73 -11.20 -18.86
N ASP L 598 -17.60 -12.07 -19.38
CA ASP L 598 -17.44 -13.50 -19.25
C ASP L 598 -17.92 -14.16 -20.54
N ARG L 599 -17.23 -15.24 -20.93
CA ARG L 599 -17.56 -15.90 -22.19
C ARG L 599 -19.06 -16.22 -22.28
N VAL L 600 -19.65 -16.67 -21.17
CA VAL L 600 -21.07 -16.96 -21.18
C VAL L 600 -21.88 -15.70 -21.40
N ILE L 601 -21.47 -14.60 -20.77
CA ILE L 601 -22.19 -13.33 -20.95
C ILE L 601 -22.17 -12.91 -22.41
N ASN L 602 -20.99 -12.94 -23.03
CA ASN L 602 -20.91 -12.48 -24.41
C ASN L 602 -21.65 -13.42 -25.35
N GLN L 603 -21.65 -14.71 -25.07
CA GLN L 603 -22.41 -15.63 -25.91
C GLN L 603 -23.91 -15.37 -25.75
N ILE L 604 -24.35 -15.08 -24.54
CA ILE L 604 -25.75 -14.70 -24.35
C ILE L 604 -26.06 -13.44 -25.13
N LEU L 605 -25.16 -12.47 -25.10
CA LEU L 605 -25.38 -11.23 -25.85
C LEU L 605 -25.46 -11.49 -27.35
N THR L 606 -24.58 -12.36 -27.85
CA THR L 606 -24.60 -12.70 -29.26
C THR L 606 -25.94 -13.34 -29.64
N GLU L 607 -26.37 -14.34 -28.86
CA GLU L 607 -27.64 -15.00 -29.16
C GLU L 607 -28.81 -14.03 -29.03
N MET L 608 -28.71 -13.06 -28.12
CA MET L 608 -29.81 -12.13 -27.92
C MET L 608 -29.89 -11.13 -29.06
N ASP L 609 -28.75 -10.60 -29.50
CA ASP L 609 -28.75 -9.70 -30.64
C ASP L 609 -29.20 -10.42 -31.90
N GLY L 610 -28.75 -11.67 -32.09
CA GLY L 610 -29.14 -12.41 -33.26
C GLY L 610 -30.61 -12.74 -33.33
N MET L 611 -31.31 -12.71 -32.20
CA MET L 611 -32.73 -13.01 -32.19
C MET L 611 -33.47 -12.07 -33.15
N SER L 612 -34.33 -12.65 -33.99
CA SER L 612 -34.99 -11.86 -35.03
C SER L 612 -35.80 -10.73 -34.43
N THR L 613 -36.37 -10.93 -33.24
CA THR L 613 -37.27 -9.97 -32.60
C THR L 613 -38.63 -9.98 -33.27
N LYS L 614 -38.76 -10.71 -34.38
CA LYS L 614 -40.09 -10.94 -34.95
C LYS L 614 -40.85 -11.96 -34.13
N LYS L 615 -40.15 -12.97 -33.61
CA LYS L 615 -40.75 -13.91 -32.69
C LYS L 615 -41.28 -13.18 -31.47
N ASN L 616 -42.04 -13.90 -30.66
CA ASN L 616 -42.58 -13.36 -29.42
C ASN L 616 -41.69 -13.66 -28.21
N VAL L 617 -40.51 -14.22 -28.43
CA VAL L 617 -39.61 -14.51 -27.32
C VAL L 617 -39.20 -13.20 -26.66
N PHE L 618 -39.37 -13.14 -25.34
CA PHE L 618 -39.17 -11.93 -24.56
C PHE L 618 -38.31 -12.29 -23.35
N ILE L 619 -37.17 -11.62 -23.21
CA ILE L 619 -36.19 -11.98 -22.20
C ILE L 619 -36.41 -11.13 -20.95
N ILE L 620 -36.29 -11.77 -19.78
CA ILE L 620 -36.32 -11.08 -18.50
C ILE L 620 -35.14 -11.59 -17.68
N GLY L 621 -34.46 -10.66 -17.01
CA GLY L 621 -33.34 -11.03 -16.18
C GLY L 621 -33.42 -10.39 -14.81
N ALA L 622 -33.40 -11.21 -13.76
CA ALA L 622 -33.50 -10.74 -12.39
C ALA L 622 -32.13 -10.68 -11.75
N THR L 623 -31.89 -9.63 -10.98
CA THR L 623 -30.60 -9.41 -10.34
C THR L 623 -30.80 -8.78 -8.98
N ASN L 624 -29.95 -9.17 -8.03
CA ASN L 624 -29.90 -8.51 -6.73
C ASN L 624 -28.81 -7.45 -6.66
N ARG L 625 -27.85 -7.49 -7.56
CA ARG L 625 -26.69 -6.60 -7.53
C ARG L 625 -26.49 -5.98 -8.90
N PRO L 626 -27.37 -5.07 -9.30
CA PRO L 626 -27.23 -4.44 -10.63
C PRO L 626 -25.95 -3.64 -10.79
N ASP L 627 -25.29 -3.27 -9.69
CA ASP L 627 -24.11 -2.43 -9.78
C ASP L 627 -22.93 -3.15 -10.44
N ILE L 628 -22.86 -4.49 -10.31
CA ILE L 628 -21.76 -5.26 -10.87
C ILE L 628 -22.10 -5.87 -12.21
N ILE L 629 -23.32 -5.67 -12.71
CA ILE L 629 -23.67 -6.19 -14.02
C ILE L 629 -22.76 -5.59 -15.08
N ASP L 630 -22.40 -6.39 -16.06
CA ASP L 630 -21.62 -5.89 -17.19
C ASP L 630 -22.45 -4.87 -17.95
N PRO L 631 -21.94 -3.66 -18.19
CA PRO L 631 -22.75 -2.66 -18.93
C PRO L 631 -23.13 -3.10 -20.32
N ALA L 632 -22.41 -4.06 -20.91
CA ALA L 632 -22.77 -4.54 -22.25
C ALA L 632 -24.21 -5.02 -22.29
N ILE L 633 -24.69 -5.62 -21.20
CA ILE L 633 -26.08 -6.07 -21.15
C ILE L 633 -27.03 -4.88 -21.20
N LEU L 634 -26.68 -3.77 -20.57
CA LEU L 634 -27.55 -2.59 -20.50
C LEU L 634 -27.33 -1.73 -21.76
N ARG L 635 -27.89 -2.21 -22.86
CA ARG L 635 -27.77 -1.56 -24.15
C ARG L 635 -29.11 -1.68 -24.87
N PRO L 636 -29.44 -0.74 -25.75
CA PRO L 636 -30.62 -0.93 -26.59
C PRO L 636 -30.46 -2.18 -27.46
N GLY L 637 -31.58 -2.86 -27.69
CA GLY L 637 -31.55 -4.16 -28.31
C GLY L 637 -31.22 -5.30 -27.36
N ARG L 638 -31.06 -5.00 -26.08
CA ARG L 638 -30.76 -6.00 -25.06
C ARG L 638 -31.59 -5.63 -23.84
N LEU L 639 -31.26 -6.20 -22.68
CA LEU L 639 -31.94 -5.77 -21.47
C LEU L 639 -31.73 -4.27 -21.31
N ASP L 640 -32.78 -3.49 -21.52
CA ASP L 640 -32.70 -2.03 -21.46
C ASP L 640 -33.62 -1.45 -20.40
N GLN L 641 -34.87 -1.89 -20.34
CA GLN L 641 -35.79 -1.41 -19.31
C GLN L 641 -35.38 -2.01 -17.97
N LEU L 642 -34.78 -1.20 -17.11
CA LEU L 642 -34.49 -1.60 -15.74
C LEU L 642 -35.68 -1.25 -14.87
N ILE L 643 -36.23 -2.25 -14.19
CA ILE L 643 -37.41 -2.08 -13.36
C ILE L 643 -37.03 -2.39 -11.92
N TYR L 644 -37.40 -1.50 -11.00
CA TYR L 644 -37.07 -1.64 -9.60
C TYR L 644 -38.23 -2.30 -8.87
N ILE L 645 -37.93 -3.38 -8.13
CA ILE L 645 -38.93 -4.09 -7.36
C ILE L 645 -38.60 -3.91 -5.88
N PRO L 646 -39.27 -3.02 -5.17
CA PRO L 646 -38.94 -2.76 -3.77
C PRO L 646 -39.57 -3.80 -2.85
N LEU L 647 -39.38 -3.60 -1.55
CA LEU L 647 -39.96 -4.48 -0.57
C LEU L 647 -41.49 -4.38 -0.63
N PRO L 648 -42.20 -5.43 -0.25
CA PRO L 648 -43.66 -5.40 -0.31
C PRO L 648 -44.24 -4.28 0.54
N ASP L 649 -45.34 -3.70 0.05
CA ASP L 649 -46.10 -2.73 0.82
C ASP L 649 -47.14 -3.44 1.67
N GLU L 650 -47.90 -2.65 2.44
CA GLU L 650 -48.88 -3.24 3.36
C GLU L 650 -49.88 -4.13 2.62
N LYS L 651 -50.50 -3.59 1.57
CA LYS L 651 -51.43 -4.40 0.78
C LYS L 651 -50.71 -5.57 0.14
N SER L 652 -49.51 -5.34 -0.39
CA SER L 652 -48.74 -6.42 -0.96
C SER L 652 -48.39 -7.46 0.09
N ARG L 653 -48.08 -7.02 1.30
CA ARG L 653 -47.74 -7.97 2.37
C ARG L 653 -48.94 -8.85 2.71
N VAL L 654 -50.12 -8.25 2.85
CA VAL L 654 -51.29 -9.05 3.19
C VAL L 654 -51.63 -10.01 2.06
N ALA L 655 -51.44 -9.58 0.81
CA ALA L 655 -51.68 -10.48 -0.31
C ALA L 655 -50.68 -11.64 -0.31
N ILE L 656 -49.41 -11.35 -0.02
CA ILE L 656 -48.40 -12.39 0.01
C ILE L 656 -48.65 -13.36 1.15
N LEU L 657 -49.25 -12.88 2.24
CA LEU L 657 -49.63 -13.80 3.31
C LEU L 657 -50.82 -14.67 2.89
N LYS L 658 -51.86 -14.04 2.35
CA LYS L 658 -53.04 -14.79 1.92
C LYS L 658 -52.64 -15.90 0.97
N ALA L 659 -51.91 -15.57 -0.09
CA ALA L 659 -51.19 -16.59 -0.83
C ALA L 659 -50.10 -17.16 0.06
N ASN L 660 -49.80 -18.44 -0.13
CA ASN L 660 -48.76 -19.10 0.66
C ASN L 660 -49.21 -19.35 2.10
N LEU L 661 -50.38 -18.82 2.48
CA LEU L 661 -51.01 -19.22 3.74
C LEU L 661 -52.37 -19.85 3.54
N ARG L 662 -53.10 -19.49 2.48
CA ARG L 662 -54.46 -19.99 2.31
C ARG L 662 -54.49 -21.51 2.16
N LYS L 663 -53.41 -22.10 1.67
CA LYS L 663 -53.37 -23.56 1.54
C LYS L 663 -53.54 -24.23 2.90
N SER L 664 -52.81 -23.75 3.90
CA SER L 664 -52.91 -24.32 5.23
C SER L 664 -54.25 -23.96 5.87
N PRO L 665 -54.72 -24.76 6.83
CA PRO L 665 -55.97 -24.42 7.54
C PRO L 665 -55.70 -23.42 8.66
N VAL L 666 -56.18 -22.20 8.48
CA VAL L 666 -56.07 -21.14 9.49
C VAL L 666 -57.47 -20.77 9.94
N ALA L 667 -57.63 -20.57 11.23
CA ALA L 667 -58.94 -20.30 11.81
C ALA L 667 -58.75 -19.36 13.01
N LYS L 668 -59.77 -19.30 13.86
CA LYS L 668 -59.77 -18.36 14.99
C LYS L 668 -59.84 -16.94 14.46
N ASP L 669 -59.16 -16.01 15.11
CA ASP L 669 -59.12 -14.61 14.68
C ASP L 669 -57.72 -14.22 14.23
N VAL L 670 -57.06 -15.10 13.48
CA VAL L 670 -55.78 -14.74 12.89
C VAL L 670 -56.03 -13.59 11.93
N ASP L 671 -55.55 -12.41 12.29
CA ASP L 671 -55.81 -11.20 11.53
C ASP L 671 -54.60 -10.95 10.64
N LEU L 672 -54.63 -11.50 9.43
CA LEU L 672 -53.52 -11.30 8.51
C LEU L 672 -53.29 -9.83 8.24
N GLU L 673 -54.34 -9.01 8.31
CA GLU L 673 -54.17 -7.58 8.16
C GLU L 673 -53.28 -7.02 9.27
N PHE L 674 -53.47 -7.49 10.51
CA PHE L 674 -52.63 -7.01 11.60
C PHE L 674 -51.18 -7.39 11.38
N LEU L 675 -50.92 -8.64 10.96
CA LEU L 675 -49.56 -9.05 10.68
C LEU L 675 -48.96 -8.20 9.57
N ALA L 676 -49.73 -7.94 8.52
CA ALA L 676 -49.22 -7.10 7.44
C ALA L 676 -48.88 -5.71 7.94
N LYS L 677 -49.72 -5.16 8.82
CA LYS L 677 -49.42 -3.85 9.39
C LYS L 677 -48.12 -3.88 10.19
N MET L 678 -47.94 -4.93 11.01
CA MET L 678 -46.80 -4.95 11.92
C MET L 678 -45.50 -5.19 11.18
N THR L 679 -45.48 -6.15 10.26
CA THR L 679 -44.28 -6.42 9.48
C THR L 679 -44.11 -5.34 8.43
N ASN L 680 -43.13 -4.46 8.62
CA ASN L 680 -42.95 -3.29 7.76
C ASN L 680 -41.75 -3.42 6.85
N GLY L 681 -40.59 -3.78 7.38
CA GLY L 681 -39.39 -3.96 6.57
C GLY L 681 -39.21 -5.37 6.05
N PHE L 682 -40.21 -6.22 6.22
CA PHE L 682 -40.10 -7.62 5.82
C PHE L 682 -40.25 -7.77 4.31
N SER L 683 -39.62 -8.81 3.79
CA SER L 683 -39.74 -9.18 2.39
C SER L 683 -40.67 -10.38 2.26
N GLY L 684 -40.89 -10.81 1.01
CA GLY L 684 -41.71 -11.98 0.78
C GLY L 684 -41.13 -13.22 1.44
N ALA L 685 -39.82 -13.37 1.38
CA ALA L 685 -39.18 -14.53 1.98
C ALA L 685 -39.39 -14.55 3.49
N ASP L 686 -39.35 -13.39 4.14
CA ASP L 686 -39.56 -13.33 5.58
C ASP L 686 -40.96 -13.77 5.96
N LEU L 687 -41.96 -13.32 5.20
CA LEU L 687 -43.34 -13.74 5.48
C LEU L 687 -43.52 -15.23 5.19
N THR L 688 -42.91 -15.72 4.13
CA THR L 688 -42.94 -17.15 3.87
C THR L 688 -42.35 -17.91 5.04
N GLU L 689 -41.23 -17.43 5.58
CA GLU L 689 -40.58 -18.11 6.69
C GLU L 689 -41.43 -18.09 7.94
N ILE L 690 -42.11 -16.97 8.20
CA ILE L 690 -42.93 -16.89 9.41
C ILE L 690 -44.15 -17.80 9.30
N CYS L 691 -44.78 -17.85 8.12
CA CYS L 691 -45.87 -18.80 7.93
C CYS L 691 -45.38 -20.23 8.06
N GLN L 692 -44.18 -20.51 7.54
CA GLN L 692 -43.59 -21.84 7.70
C GLN L 692 -43.41 -22.18 9.16
N ARG L 693 -42.92 -21.23 9.95
CA ARG L 693 -42.70 -21.48 11.38
C ARG L 693 -44.03 -21.75 12.07
N ALA L 694 -45.08 -20.99 11.73
CA ALA L 694 -46.38 -21.22 12.35
C ALA L 694 -46.91 -22.61 12.01
N CYS L 695 -46.80 -23.02 10.75
CA CYS L 695 -47.25 -24.35 10.36
C CYS L 695 -46.45 -25.42 11.11
N LYS L 696 -45.13 -25.21 11.24
CA LYS L 696 -44.30 -26.20 11.93
C LYS L 696 -44.71 -26.30 13.40
N LEU L 697 -45.00 -25.17 14.03
CA LEU L 697 -45.45 -25.21 15.43
C LEU L 697 -46.77 -25.96 15.55
N ALA L 698 -47.70 -25.71 14.64
CA ALA L 698 -48.97 -26.44 14.67
C ALA L 698 -48.74 -27.94 14.50
N ILE L 699 -47.87 -28.32 13.57
CA ILE L 699 -47.58 -29.73 13.35
C ILE L 699 -46.99 -30.35 14.59
N ARG L 700 -46.06 -29.65 15.24
CA ARG L 700 -45.45 -30.16 16.45
C ARG L 700 -46.49 -30.37 17.54
N GLU L 701 -47.38 -29.40 17.72
CA GLU L 701 -48.42 -29.54 18.74
C GLU L 701 -49.33 -30.73 18.42
N SER L 702 -49.73 -30.88 17.16
CA SER L 702 -50.60 -31.99 16.81
C SER L 702 -49.91 -33.33 17.05
N ILE L 703 -48.63 -33.43 16.69
CA ILE L 703 -47.90 -34.67 16.91
C ILE L 703 -47.83 -34.99 18.40
N GLU L 704 -47.46 -33.99 19.20
CA GLU L 704 -47.38 -34.22 20.65
C GLU L 704 -48.73 -34.65 21.21
N SER L 705 -49.82 -34.07 20.70
CA SER L 705 -51.15 -34.49 21.13
C SER L 705 -51.42 -35.94 20.77
N GLU L 706 -51.08 -36.33 19.54
CA GLU L 706 -51.28 -37.72 19.13
C GLU L 706 -50.41 -38.66 19.94
N ILE L 707 -49.13 -38.32 20.09
CA ILE L 707 -48.21 -39.15 20.87
C ILE L 707 -48.36 -38.83 22.35
N PRO L 727 -57.21 -33.87 16.46
CA PRO L 727 -57.94 -32.62 16.60
C PRO L 727 -57.15 -31.43 16.05
N VAL L 728 -57.51 -30.22 16.48
CA VAL L 728 -56.81 -28.99 16.11
C VAL L 728 -56.41 -29.01 14.64
N PRO L 729 -57.37 -29.06 13.72
CA PRO L 729 -57.02 -28.99 12.30
C PRO L 729 -56.86 -27.57 11.77
N GLU L 730 -56.63 -26.62 12.68
CA GLU L 730 -56.46 -25.22 12.30
C GLU L 730 -55.21 -24.68 12.99
N ILE L 731 -54.65 -23.62 12.41
CA ILE L 731 -53.53 -22.92 13.01
C ILE L 731 -54.09 -21.81 13.88
N ARG L 732 -53.93 -21.96 15.20
CA ARG L 732 -54.51 -21.00 16.14
C ARG L 732 -53.71 -19.71 16.14
N ARG L 733 -54.34 -18.67 16.71
CA ARG L 733 -53.62 -17.40 16.88
C ARG L 733 -52.39 -17.57 17.75
N ASP L 734 -52.42 -18.52 18.67
CA ASP L 734 -51.26 -18.76 19.52
C ASP L 734 -50.05 -19.13 18.68
N HIS L 735 -50.24 -19.98 17.67
CA HIS L 735 -49.11 -20.39 16.84
C HIS L 735 -48.48 -19.19 16.15
N PHE L 736 -49.30 -18.32 15.57
CA PHE L 736 -48.77 -17.16 14.85
C PHE L 736 -48.08 -16.21 15.80
N GLU L 737 -48.73 -15.88 16.92
CA GLU L 737 -48.15 -14.90 17.83
C GLU L 737 -46.92 -15.46 18.55
N GLU L 738 -46.76 -16.78 18.57
CA GLU L 738 -45.52 -17.37 19.07
C GLU L 738 -44.43 -17.38 18.01
N ALA L 739 -44.78 -17.68 16.76
CA ALA L 739 -43.83 -17.64 15.67
C ALA L 739 -43.32 -16.24 15.39
N MET L 740 -44.10 -15.21 15.73
CA MET L 740 -43.71 -13.85 15.39
C MET L 740 -42.40 -13.45 16.07
N ARG L 741 -42.21 -13.82 17.34
CA ARG L 741 -41.03 -13.34 18.04
C ARG L 741 -39.73 -13.88 17.46
N PHE L 742 -39.79 -14.94 16.65
CA PHE L 742 -38.62 -15.39 15.90
C PHE L 742 -38.49 -14.71 14.55
N ALA L 743 -39.44 -13.85 14.19
CA ALA L 743 -39.41 -13.19 12.89
C ALA L 743 -38.19 -12.30 12.77
N ARG L 744 -37.52 -12.38 11.63
CA ARG L 744 -36.30 -11.63 11.37
C ARG L 744 -36.40 -11.00 9.99
N ARG L 745 -35.74 -9.84 9.84
CA ARG L 745 -35.70 -9.13 8.56
C ARG L 745 -34.45 -9.54 7.79
N SER L 746 -34.65 -9.96 6.54
CA SER L 746 -33.53 -10.45 5.74
C SER L 746 -32.67 -9.32 5.21
N VAL L 747 -33.28 -8.19 4.83
CA VAL L 747 -32.59 -7.10 4.17
C VAL L 747 -32.43 -5.97 5.17
N SER L 748 -31.19 -5.58 5.42
CA SER L 748 -30.91 -4.45 6.30
C SER L 748 -31.21 -3.13 5.59
N ASP L 749 -31.56 -2.13 6.38
CA ASP L 749 -31.99 -0.85 5.80
C ASP L 749 -30.86 -0.17 5.03
N ASN L 750 -29.60 -0.53 5.30
CA ASN L 750 -28.51 0.00 4.49
C ASN L 750 -28.60 -0.50 3.05
N ASP L 751 -28.88 -1.79 2.88
CA ASP L 751 -29.07 -2.33 1.53
C ASP L 751 -30.27 -1.68 0.85
N ILE L 752 -31.36 -1.47 1.59
CA ILE L 752 -32.51 -0.80 1.03
C ILE L 752 -32.14 0.60 0.57
N ARG L 753 -31.34 1.30 1.39
CA ARG L 753 -30.89 2.63 1.01
C ARG L 753 -30.05 2.59 -0.26
N LYS L 754 -29.17 1.60 -0.37
CA LYS L 754 -28.35 1.48 -1.58
C LYS L 754 -29.21 1.23 -2.81
N TYR L 755 -30.21 0.35 -2.70
CA TYR L 755 -31.09 0.10 -3.83
C TYR L 755 -31.87 1.36 -4.19
N GLU L 756 -32.31 2.13 -3.20
CA GLU L 756 -33.03 3.37 -3.47
C GLU L 756 -32.12 4.36 -4.18
N MET L 757 -30.85 4.45 -3.77
CA MET L 757 -29.92 5.34 -4.43
C MET L 757 -29.71 4.93 -5.88
N PHE L 758 -29.61 3.63 -6.13
CA PHE L 758 -29.51 3.15 -7.51
C PHE L 758 -30.74 3.54 -8.31
N ALA L 759 -31.92 3.32 -7.75
CA ALA L 759 -33.15 3.63 -8.48
C ALA L 759 -33.24 5.11 -8.78
N GLN L 760 -32.84 5.97 -7.82
CA GLN L 760 -32.82 7.40 -8.07
C GLN L 760 -31.80 7.76 -9.14
N THR L 761 -30.65 7.10 -9.14
CA THR L 761 -29.66 7.34 -10.18
C THR L 761 -30.21 7.00 -11.56
N LEU L 762 -31.06 5.99 -11.65
CA LEU L 762 -31.66 5.61 -12.92
C LEU L 762 -32.88 6.45 -13.28
N GLN L 763 -33.33 7.33 -12.39
CA GLN L 763 -34.49 8.17 -12.68
C GLN L 763 -34.23 9.06 -13.87
N GLY L 767 -34.68 18.00 -13.68
CA GLY L 767 -34.75 17.84 -15.12
C GLY L 767 -35.74 18.77 -15.78
N PHE L 768 -36.34 18.31 -16.88
CA PHE L 768 -37.29 19.14 -17.61
C PHE L 768 -38.50 19.46 -16.76
N GLY L 769 -39.09 18.44 -16.14
CA GLY L 769 -40.18 18.65 -15.20
C GLY L 769 -41.47 19.04 -15.89
N SER L 770 -41.50 20.25 -16.46
CA SER L 770 -42.66 20.76 -17.18
C SER L 770 -42.18 21.28 -18.53
N PHE L 771 -42.09 20.38 -19.50
CA PHE L 771 -41.79 20.75 -20.87
C PHE L 771 -43.09 20.91 -21.63
N ARG L 772 -43.21 22.00 -22.37
CA ARG L 772 -44.42 22.27 -23.14
C ARG L 772 -44.04 22.90 -24.46
N PHE L 773 -44.86 22.64 -25.47
CA PHE L 773 -44.64 23.20 -26.79
C PHE L 773 -44.97 24.69 -26.76
N PRO L 774 -44.41 25.46 -27.70
CA PRO L 774 -44.65 26.92 -27.68
C PRO L 774 -46.12 27.27 -27.79
N SER L 775 -46.90 26.48 -28.51
CA SER L 775 -48.33 26.74 -28.65
C SER L 775 -48.59 28.12 -29.25
N1 A1AC1 M . 0.81 19.80 -12.93
C4 A1AC1 M . 3.35 22.13 -15.57
C5 A1AC1 M . 2.07 22.43 -15.45
C6 A1AC1 M . 1.18 21.60 -14.52
C7 A1AC1 M . -1.38 21.73 -15.94
C8 A1AC1 M . -2.69 22.43 -15.93
C10 A1AC1 M . -0.01 17.51 -11.97
C13 A1AC1 M . -3.45 18.39 -14.75
C15 A1AC1 M . -1.79 16.96 -14.92
C17 A1AC1 M . -4.83 19.51 -16.49
C20 A1AC1 M . -1.38 15.42 -11.84
C1 A1AC1 M . 1.70 20.59 -13.83
C11 A1AC1 M . -0.71 16.41 -12.80
C12 A1AC1 M . -2.79 17.88 -13.28
C14 A1AC1 M . -2.70 17.72 -15.69
C16 A1AC1 M . -4.57 19.34 -15.19
C18 A1AC1 M . -3.99 18.75 -17.57
C19 A1AC1 M . -3.01 17.92 -17.18
C2 A1AC1 M . 3.20 20.25 -13.95
C3 A1AC1 M . 3.96 20.96 -14.76
C9 A1AC1 M . 0.91 18.33 -12.91
N2 A1AC1 M . -1.71 17.01 -13.66
O1 A1AC1 M . 1.69 17.80 -13.59
O2 A1AC1 M . -3.20 18.23 -11.98
S1 A1AC1 M . -0.58 21.99 -14.35
N1 A1AC1 N . -18.19 14.97 -2.28
C4 A1AC1 N . -19.87 18.02 -4.88
C5 A1AC1 N . -20.58 17.54 -3.88
C6 A1AC1 N . -19.99 16.46 -2.96
C7 A1AC1 N . -22.37 14.89 -2.25
C8 A1AC1 N . -23.35 14.68 -1.17
C10 A1AC1 N . -16.85 12.75 -1.92
C13 A1AC1 N . -21.01 11.15 -1.29
C15 A1AC1 N . -19.63 10.93 -2.98
C17 A1AC1 N . -23.50 11.06 -1.18
C20 A1AC1 N . -16.46 10.29 -1.72
C1 A1AC1 N . -18.75 16.01 -3.18
C11 A1AC1 N . -17.28 11.36 -2.44
C12 A1AC1 N . -19.38 11.28 -0.89
C14 A1AC1 N . -21.01 10.92 -2.63
C16 A1AC1 N . -22.34 11.22 -0.52
C18 A1AC1 N . -23.49 10.81 -2.71
C19 A1AC1 N . -22.33 10.75 -3.38
C2 A1AC1 N . -17.92 16.57 -4.35
C3 A1AC1 N . -18.43 17.50 -5.13
C9 A1AC1 N . -17.44 13.85 -2.85
N2 A1AC1 N . -18.70 11.14 -2.16
O1 A1AC1 N . -17.27 13.77 -4.00
O2 A1AC1 N . -18.80 11.47 0.38
S1 A1AC1 N . -20.95 15.80 -1.59
N1 A1AC1 O . -18.01 1.34 15.48
C4 A1AC1 O . -22.17 2.63 15.65
C5 A1AC1 O . -21.64 1.97 16.67
C6 A1AC1 O . -20.18 1.51 16.61
C7 A1AC1 O . -20.05 -1.08 18.02
C8 A1AC1 O . -19.61 -1.74 19.27
C10 A1AC1 O . -15.98 0.36 14.17
C13 A1AC1 O . -16.87 -3.30 16.57
C15 A1AC1 O . -17.28 -2.85 14.47
C17 A1AC1 O . -18.04 -4.80 18.18
C20 A1AC1 O . -14.46 -1.31 13.08
C1 A1AC1 O . -19.43 1.78 15.54
C11 A1AC1 O . -15.90 -1.04 13.54
C12 A1AC1 O . -15.79 -2.22 15.85
C14 A1AC1 O . -17.73 -3.61 15.56
C16 A1AC1 O . -17.03 -3.94 17.96
C18 A1AC1 O . -19.04 -5.15 17.03
C19 A1AC1 O . -18.89 -4.59 15.83
C2 A1AC1 O . -20.05 2.55 14.35
C3 A1AC1 O . -21.31 2.94 14.40
C9 A1AC1 O . -17.45 0.83 14.23
N2 A1AC1 O . -16.30 -2.05 14.51
O1 A1AC1 O . -18.12 0.77 13.27
O2 A1AC1 O . -14.65 -1.61 16.42
S1 A1AC1 O . -19.47 0.63 18.01
N1 A1AC1 P . 1.37 -7.45 22.42
C4 A1AC1 P . -1.04 -8.83 25.77
C5 A1AC1 P . 0.29 -8.94 25.81
C6 A1AC1 P . 1.13 -8.45 24.63
C7 A1AC1 P . 3.39 -10.33 24.69
C8 A1AC1 P . 4.80 -10.45 25.13
C10 A1AC1 P . 1.82 -7.26 19.85
C13 A1AC1 P . 4.85 -10.45 20.88
C15 A1AC1 P . 2.92 -10.57 19.84
C17 A1AC1 P . 6.12 -12.13 22.19
C20 A1AC1 P . 2.71 -7.91 17.61
C1 A1AC1 P . 0.53 -7.91 23.56
C11 A1AC1 P . 2.12 -8.45 18.92
C12 A1AC1 P . 4.36 -9.03 20.10
C14 A1AC1 P . 3.84 -11.31 20.62
C16 A1AC1 P . 6.06 -10.87 21.71
C18 A1AC1 P . 4.96 -13.14 21.89
C19 A1AC1 P . 3.92 -12.75 21.16
C2 A1AC1 P . -0.99 -7.80 23.51
C3 A1AC1 P . -1.72 -8.21 24.53
C9 A1AC1 P . 0.96 -7.74 21.05
N2 A1AC1 P . 3.07 -9.35 19.54
O1 A1AC1 P . -0.02 -8.34 20.84
O2 A1AC1 P . 5.06 -7.80 20.00
S1 A1AC1 P . 2.93 -8.57 24.68
N1 A1AC1 Q . 20.35 -2.61 11.78
C4 A1AC1 Q . 22.22 -4.73 15.09
C5 A1AC1 Q . 22.97 -4.04 14.22
C6 A1AC1 Q . 22.31 -3.30 13.06
C7 A1AC1 Q . 24.38 -3.50 11.00
C8 A1AC1 Q . 25.46 -2.74 10.34
C10 A1AC1 Q . 18.65 -2.48 9.80
C13 A1AC1 Q . 22.40 -3.16 7.42
C15 A1AC1 Q . 20.75 -4.51 7.91
C17 A1AC1 Q . 24.79 -3.62 6.89
C20 A1AC1 Q . 17.76 -2.77 7.48
C1 A1AC1 Q . 20.98 -3.33 12.91
C11 A1AC1 Q . 18.67 -3.38 8.56
C12 A1AC1 Q . 20.92 -2.41 7.71
C14 A1AC1 Q . 22.12 -4.49 7.58
C16 A1AC1 Q . 23.82 -2.71 7.05
C18 A1AC1 Q . 24.47 -5.14 7.07
C19 A1AC1 Q . 23.24 -5.53 7.39
C2 A1AC1 Q . 20.11 -4.12 13.91
C3 A1AC1 Q . 20.69 -4.77 14.92
C9 A1AC1 Q . 19.30 -3.25 11.00
N2 A1AC1 Q . 20.03 -3.48 8.04
O1 A1AC1 Q . 18.95 -4.32 11.26
O2 A1AC1 Q . 20.62 -1.03 7.64
S1 A1AC1 Q . 23.31 -2.36 11.90
N1 A1AC1 R . 20.11 11.02 -5.90
C4 A1AC1 R . 24.45 10.77 -5.61
C5 A1AC1 R . 23.88 11.65 -6.42
C6 A1AC1 R . 22.36 11.74 -6.51
C7 A1AC1 R . 21.99 12.53 -9.33
C8 A1AC1 R . 21.67 13.68 -10.20
C10 A1AC1 R . 17.76 9.90 -6.09
C13 A1AC1 R . 18.24 11.23 -10.37
C15 A1AC1 R . 18.39 9.24 -9.45
C17 A1AC1 R . 19.28 12.18 -12.42
C20 A1AC1 R . 15.76 8.90 -7.20
C1 A1AC1 R . 21.60 10.92 -5.79
C11 A1AC1 R . 17.29 9.04 -7.28
C12 A1AC1 R . 17.35 11.03 -8.95
C14 A1AC1 R . 18.84 10.02 -10.55
C16 A1AC1 R . 18.48 12.38 -11.36
C18 A1AC1 R . 19.96 10.80 -12.63
C19 A1AC1 R . 19.76 9.80 -11.77
C2 A1AC1 R . 22.24 9.90 -4.84
C3 A1AC1 R . 23.57 9.82 -4.76
C9 A1AC1 R . 19.31 9.80 -5.97
N2 A1AC1 R . 17.64 9.69 -8.54
O1 A1AC1 R . 19.82 8.76 -5.95
O2 A1AC1 R . 16.50 11.96 -8.31
S1 A1AC1 R . 21.59 12.95 -7.61
N1 A1AC1 S . -11.45 6.98 -19.54
C4 A1AC1 S . -15.39 8.08 -21.01
C5 A1AC1 S . -14.32 8.30 -21.76
C6 A1AC1 S . -12.93 7.91 -21.23
C7 A1AC1 S . -11.20 9.99 -22.39
C8 A1AC1 S . -10.19 10.24 -23.44
C10 A1AC1 S . -9.67 6.87 -17.63
C13 A1AC1 S . -7.87 10.24 -19.97
C15 A1AC1 S . -9.01 10.24 -18.09
C17 A1AC1 S . -7.63 11.98 -21.74
C20 A1AC1 S . -7.83 7.61 -16.10
C1 A1AC1 S . -12.80 7.35 -20.03
C11 A1AC1 S . -9.04 8.09 -16.93
C12 A1AC1 S . -7.75 8.83 -19.06
C14 A1AC1 S . -8.70 11.03 -19.22
C16 A1AC1 S . -7.31 10.74 -21.30
C18 A1AC1 S . -8.58 12.88 -20.89
C19 A1AC1 S . -9.06 12.44 -19.73
C2 A1AC1 S . -14.04 7.09 -19.17
C3 A1AC1 S . -15.25 7.43 -19.62
C9 A1AC1 S . -11.08 7.26 -18.15
N2 A1AC1 S . -8.59 9.06 -17.92
O1 A1AC1 S . -11.84 7.77 -17.43
O2 A1AC1 S . -6.98 7.67 -19.34
S1 A1AC1 S . -11.48 8.20 -22.25
N1 A1AC1 T . 10.58 4.02 -20.78
C4 A1AC1 T . 10.30 6.26 -24.49
C5 A1AC1 T . 11.44 5.66 -24.16
C6 A1AC1 T . 11.53 4.87 -22.85
C7 A1AC1 T . 14.36 5.29 -22.18
C8 A1AC1 T . 15.67 4.62 -22.16
C10 A1AC1 T . 10.22 3.84 -18.19
C13 A1AC1 T . 14.60 4.75 -18.08
C15 A1AC1 T . 12.85 6.01 -17.64
C17 A1AC1 T . 16.86 5.32 -18.93
C20 A1AC1 T . 10.62 4.08 -15.74
C1 A1AC1 T . 10.47 4.79 -22.04
C11 A1AC1 T . 10.82 4.75 -17.11
C12 A1AC1 T . 13.24 3.92 -17.52
C14 A1AC1 T . 14.19 6.05 -18.11
C16 A1AC1 T . 16.01 4.37 -18.52
C18 A1AC1 T . 16.40 6.81 -18.96
C19 A1AC1 T . 15.17 7.14 -18.58
C2 A1AC1 T . 9.16 5.49 -22.43
C3 A1AC1 T . 9.08 6.17 -23.56
C9 A1AC1 T . 10.11 4.63 -19.53
N2 A1AC1 T . 12.25 4.94 -17.35
O1 A1AC1 T . 9.67 5.70 -19.54
O2 A1AC1 T . 13.11 2.53 -17.26
S1 A1AC1 T . 13.06 4.04 -22.41
N1 A1AC1 U . 21.01 -9.11 -6.01
C4 A1AC1 U . 24.47 -8.48 -8.58
C5 A1AC1 U . 24.51 -9.40 -7.62
C6 A1AC1 U . 23.29 -9.61 -6.71
C7 A1AC1 U . 24.54 -10.33 -4.15
C8 A1AC1 U . 24.85 -11.48 -3.27
C10 A1AC1 U . 19.05 -8.20 -4.56
C13 A1AC1 U . 21.84 -9.36 -1.24
C15 A1AC1 U . 21.31 -7.40 -2.03
C17 A1AC1 U . 23.90 -10.15 -0.08
C20 A1AC1 U . 17.86 -7.31 -2.54
C1 A1AC1 U . 22.19 -8.89 -6.90
C11 A1AC1 U . 19.21 -7.35 -3.29
C12 A1AC1 U . 20.32 -9.27 -1.95
C14 A1AC1 U . 22.34 -8.09 -1.36
C16 A1AC1 U . 22.67 -10.44 -0.55
C18 A1AC1 U . 24.46 -8.71 -0.23
C19 A1AC1 U . 23.73 -7.76 -0.82
C2 A1AC1 U . 22.13 -7.83 -8.02
C3 A1AC1 U . 23.20 -7.65 -8.80
C9 A1AC1 U . 20.27 -7.97 -5.49
N2 A1AC1 U . 20.23 -7.92 -2.42
O1 A1AC1 U . 20.60 -6.89 -5.76
O2 A1AC1 U . 19.34 -10.29 -2.06
S1 A1AC1 U . 23.35 -10.85 -5.41
N1 A1AC1 V . 9.27 -19.37 10.02
C4 A1AC1 V . 13.07 -21.35 10.80
C5 A1AC1 V . 11.97 -21.78 11.38
C6 A1AC1 V . 10.63 -21.08 11.11
C7 A1AC1 V . 9.20 -21.31 13.68
C8 A1AC1 V . 8.12 -22.04 14.37
C10 A1AC1 V . 7.82 -17.22 9.70
C13 A1AC1 V . 6.50 -18.25 13.87
C15 A1AC1 V . 7.87 -16.70 13.14
C17 A1AC1 V . 6.38 -19.44 16.06
C20 A1AC1 V . 6.44 -15.22 10.32
C1 A1AC1 V . 10.57 -20.04 10.28
C11 A1AC1 V . 7.59 -16.13 10.78
C12 A1AC1 V . 6.21 -17.72 12.30
C14 A1AC1 V . 7.58 -17.51 14.26
C16 A1AC1 V . 5.88 -19.27 14.82
C18 A1AC1 V . 7.61 -18.59 16.51
C19 A1AC1 V . 8.16 -17.70 15.68
C2 A1AC1 V . 11.85 -19.54 9.60
C3 A1AC1 V . 13.01 -20.14 9.83
C9 A1AC1 V . 9.20 -17.92 9.97
N2 A1AC1 V . 7.25 -16.75 12.05
O1 A1AC1 V . 10.15 -17.28 10.13
O2 A1AC1 V . 5.18 -18.12 11.42
S1 A1AC1 V . 9.12 -21.68 11.90
N1 A1AC1 W . -12.77 -16.45 11.22
C4 A1AC1 W . -12.62 -19.50 14.31
C5 A1AC1 W . -13.79 -19.09 13.84
C6 A1AC1 W . -13.84 -18.01 12.75
C7 A1AC1 W . -16.36 -16.67 13.45
C8 A1AC1 W . -17.78 -16.53 13.05
C10 A1AC1 W . -12.05 -14.11 10.27
C13 A1AC1 W . -16.03 -12.86 11.86
C15 A1AC1 W . -14.01 -12.52 12.64
C17 A1AC1 W . -18.22 -13.04 13.03
C20 A1AC1 W . -11.98 -11.64 9.91
C1 A1AC1 W . -12.71 -17.49 12.27
C11 A1AC1 W . -12.25 -12.75 10.95
C12 A1AC1 W . -14.82 -12.81 10.69
C14 A1AC1 W . -15.36 -12.66 13.04
C16 A1AC1 W . -17.55 -13.06 11.87
C18 A1AC1 W . -17.46 -12.82 14.37
C19 A1AC1 W . -16.13 -12.65 14.36
C2 A1AC1 W . -11.35 -17.97 12.81
C3 A1AC1 W . -11.31 -18.91 13.75
C9 A1AC1 W . -11.99 -15.22 11.38
N2 A1AC1 W . -13.61 -12.62 11.44
O1 A1AC1 W . -11.33 -15.07 12.31
O2 A1AC1 W . -14.96 -12.92 9.28
S1 A1AC1 W . -15.43 -17.44 12.11
N1 A1AC1 X . -23.21 -3.26 -3.50
C4 A1AC1 X . -26.82 -4.81 -1.62
C5 A1AC1 X . -26.90 -4.10 -2.75
C6 A1AC1 X . -25.63 -3.55 -3.40
C7 A1AC1 X . -26.55 -1.01 -4.57
C8 A1AC1 X . -26.93 -0.38 -5.84
C10 A1AC1 X . -20.86 -2.11 -3.35
C13 A1AC1 X . -23.19 1.37 -4.94
C15 A1AC1 X . -22.43 0.96 -2.93
C17 A1AC1 X . -25.16 2.69 -5.71
C20 A1AC1 X . -19.17 -0.28 -3.21
C1 A1AC1 X . -24.43 -3.80 -2.86
C11 A1AC1 X . -20.61 -0.68 -2.85
C12 A1AC1 X . -21.81 0.40 -4.88
C14 A1AC1 X . -23.46 1.63 -3.62
C16 A1AC1 X . -24.10 1.92 -6.04
C18 A1AC1 X . -25.46 2.99 -4.21
C19 A1AC1 X . -24.67 2.49 -3.25
C2 A1AC1 X . -24.34 -4.62 -1.55
C3 A1AC1 X . -25.44 -5.09 -0.99
C9 A1AC1 X . -22.15 -2.68 -2.68
N2 A1AC1 X . -21.54 0.26 -3.48
O1 A1AC1 X . -22.27 -2.62 -1.52
O2 A1AC1 X . -21.08 -0.13 -5.96
S1 A1AC1 X . -25.73 -2.59 -4.93
#